data_9AYW
#
_entry.id   9AYW
#
_cell.length_a   1.00
_cell.length_b   1.00
_cell.length_c   1.00
_cell.angle_alpha   90.00
_cell.angle_beta   90.00
_cell.angle_gamma   90.00
#
_symmetry.space_group_name_H-M   'P 1'
#
loop_
_entity.id
_entity.type
_entity.pdbx_description
1 polymer 'Spike glycoprotein'
2 non-polymer 2-acetamido-2-deoxy-beta-D-glucopyranose
#
_entity_poly.entity_id   1
_entity_poly.type   'polypeptide(L)'
_entity_poly.pdbx_seq_one_letter_code
;MFVFLVLLPLVSSQCVNLITRTQSYTNSFTRGVYYPDKVFRSSVLHSTHDLFLPFFSNVTWFHAIHVSGTNGTKRFDNPA
LPFNDGVYFASTEKSNIIRGWIFGTTLDSKTQSLLIVNNATNVVIKVCEFQFCNDPFLDVYQKNNKSWMESEFRVYSSAN
NCTFEYVSQPFLMDLEGKEGNFKNLREFVFKNIDGYFKIYSKHTPINLERDLPQGFSALEPLVDLPIGINITRFQTLLAL
HRSYLTPVDSSSGWTAGAAAYYVGYLQPRTFLLKYNENGTITDAVDCALDPLSETKCTLKSFTVEKGIYQTSNFRVQPTE
SIVRFPNITNLCPFHEVFNATTFASVYAWNRKRISNCVADYSVIYNFAPFFAFKCYGVSPTKLNDLCFTNVYADSFVIRG
NEVSQIAPGQTGNIADYNYKLPDDFTGCVIAWNSNKLDSKPSGNYNYLYRLLRKSKLKPFERDISTEIYQAGNKPCNGVA
GPNCYSPLQSYGFRPTYGVGHQPYRVVVLSFELLHAPATVCGPKKSTNLVKNKCVNFNFNGLTGTGVLTESNKKFLPFQQ
FGRDIADTTDAVRDPQTLEILDITPCSFGGVSVITPGTNTSNQVAVLYQGVNCTEVPVAIHADQLTPTWRVYSTGSNVFQ
TRAGCLIGAEYVNNSYECDIPIGAGICASYQTQTKSHGSASSVASQSIIAYTMSLGAENSVAYSNNSIAIPTNFTISVTT
EILPVSMTKTSVDCTMYICGDSTECSNLLLQYGSFCTQLKRALTGIAVEQDKNTQEVFAQVKQIYKTPPIKYFGGFNFSQ
ILPDPSKPSKRSFIEDLLFNKVTLADAGFIKQYGDCLGDIAARDLICAQKFNGLTVLPPLLTDEMIAQYTSALLAGTITS
GWTFGAGAALQIPFAMQMAYRFNGIGVTQNVLYENQKLIANQFNSAIGKIQDSLSSTASALGKLQDVVNHNAQALNTLVK
QLSSKFGAISSVLNDILSRLDKVEAEVQIDRLITGRLQSLQTYVTQQLIRAAEIRASANLAATKMSECVLGQSKRVDFCG
KGYHLMSFPQSAPHGVVFLHVTYVPAQEKNFTTAPAICHDGKAHFPREGVFVSNGTHWFVTQRNFYEPQIITTDNTFVSG
NCDVVIGIVNNTVYDPLQPELDSFKEELDKYFKNHTSPDVDLGDISGINASVVNIQKEIDRLNEVAKNLNESLIDLQELG
KYEQGSGYIPEAPRDGQAYVRKDGEWVLLSTFLGRSLEVLFQGPGHHHHHHHHSAWSHPQFEKGGGSGGGGSGGSAWSHP
QFEK
;
_entity_poly.pdbx_strand_id   A,B,C
#
loop_
_chem_comp.id
_chem_comp.type
_chem_comp.name
_chem_comp.formula
NAG D-saccharide, beta linking 2-acetamido-2-deoxy-beta-D-glucopyranose 'C8 H15 N O6'
#
# COMPACT_ATOMS: atom_id res chain seq x y z
N ARG A 21 -55.86 3.40 -34.97
CA ARG A 21 -55.01 4.46 -35.49
C ARG A 21 -53.84 3.88 -36.29
N THR A 22 -53.30 4.68 -37.21
CA THR A 22 -52.25 4.23 -38.11
C THR A 22 -50.92 4.15 -37.37
N GLN A 23 -50.18 3.06 -37.59
CA GLN A 23 -48.90 2.83 -36.95
C GLN A 23 -47.77 2.82 -37.98
N SER A 24 -46.64 3.39 -37.60
CA SER A 24 -45.41 3.31 -38.36
C SER A 24 -44.26 3.16 -37.38
N TYR A 25 -43.09 2.78 -37.89
CA TYR A 25 -41.91 2.63 -37.04
C TYR A 25 -40.78 3.48 -37.59
N THR A 26 -40.05 4.14 -36.71
CA THR A 26 -38.96 5.00 -37.13
C THR A 26 -37.84 4.97 -36.11
N ASN A 27 -36.73 5.60 -36.46
CA ASN A 27 -35.53 5.59 -35.64
C ASN A 27 -35.54 6.78 -34.68
N SER A 28 -34.89 6.58 -33.53
CA SER A 28 -34.93 7.60 -32.48
C SER A 28 -34.02 8.78 -32.81
N PHE A 29 -32.88 8.52 -33.45
CA PHE A 29 -31.92 9.54 -33.91
C PHE A 29 -31.39 10.39 -32.76
N THR A 30 -30.75 9.71 -31.80
CA THR A 30 -30.07 10.26 -30.60
C THR A 30 -30.84 11.39 -29.89
N ARG A 31 -32.15 11.18 -29.75
CA ARG A 31 -33.01 12.10 -29.01
C ARG A 31 -33.38 11.51 -27.65
N GLY A 32 -33.81 12.39 -26.75
CA GLY A 32 -34.33 11.96 -25.46
C GLY A 32 -33.32 11.96 -24.33
N VAL A 33 -32.49 13.01 -24.26
CA VAL A 33 -31.50 13.18 -23.21
C VAL A 33 -31.97 14.31 -22.31
N TYR A 34 -31.99 14.06 -21.00
CA TYR A 34 -32.49 15.03 -20.04
C TYR A 34 -31.43 15.30 -18.98
N TYR A 35 -31.62 16.39 -18.25
CA TYR A 35 -30.73 16.72 -17.14
C TYR A 35 -31.01 15.79 -15.97
N PRO A 36 -30.03 15.04 -15.49
CA PRO A 36 -30.30 14.07 -14.41
C PRO A 36 -30.29 14.67 -13.01
N ASP A 37 -29.85 15.92 -12.84
CA ASP A 37 -29.80 16.54 -11.54
C ASP A 37 -29.88 18.05 -11.68
N LYS A 38 -30.22 18.72 -10.58
CA LYS A 38 -30.31 20.18 -10.55
C LYS A 38 -29.00 20.77 -10.01
N VAL A 39 -27.90 20.43 -10.67
CA VAL A 39 -26.57 20.87 -10.30
C VAL A 39 -25.89 21.43 -11.54
N PHE A 40 -25.36 22.65 -11.44
CA PHE A 40 -24.67 23.28 -12.55
C PHE A 40 -23.25 22.72 -12.67
N ARG A 41 -22.95 22.10 -13.80
CA ARG A 41 -21.61 21.68 -14.14
C ARG A 41 -21.22 22.32 -15.47
N SER A 42 -19.98 22.79 -15.56
CA SER A 42 -19.52 23.52 -16.72
C SER A 42 -18.19 22.95 -17.19
N SER A 43 -18.13 22.61 -18.49
CA SER A 43 -16.93 22.11 -19.19
C SER A 43 -16.35 20.87 -18.52
N VAL A 44 -17.13 19.79 -18.54
CA VAL A 44 -16.78 18.56 -17.85
C VAL A 44 -17.45 17.40 -18.57
N LEU A 45 -16.92 16.19 -18.37
CA LEU A 45 -17.54 14.96 -18.86
C LEU A 45 -18.02 14.17 -17.65
N HIS A 46 -19.33 13.92 -17.58
CA HIS A 46 -19.96 13.32 -16.42
C HIS A 46 -20.65 12.02 -16.81
N SER A 47 -20.45 10.97 -16.03
CA SER A 47 -21.03 9.67 -16.29
C SER A 47 -22.18 9.43 -15.32
N THR A 48 -23.37 9.13 -15.86
CA THR A 48 -24.56 8.88 -15.05
C THR A 48 -25.20 7.58 -15.47
N HIS A 49 -25.99 6.99 -14.57
CA HIS A 49 -26.70 5.76 -14.82
C HIS A 49 -28.16 5.96 -14.40
N ASP A 50 -29.06 5.98 -15.38
CA ASP A 50 -30.45 6.33 -15.12
C ASP A 50 -31.31 5.76 -16.25
N LEU A 51 -32.62 5.92 -16.11
CA LEU A 51 -33.57 5.49 -17.14
C LEU A 51 -33.50 6.45 -18.31
N PHE A 52 -32.79 6.07 -19.36
CA PHE A 52 -32.60 6.87 -20.55
C PHE A 52 -33.20 6.17 -21.76
N LEU A 53 -33.58 6.95 -22.76
CA LEU A 53 -33.97 6.40 -24.05
C LEU A 53 -32.70 6.09 -24.84
N PRO A 54 -32.49 4.83 -25.26
CA PRO A 54 -31.25 4.49 -25.96
C PRO A 54 -31.15 5.11 -27.34
N PHE A 55 -29.91 5.31 -27.78
CA PHE A 55 -29.65 5.97 -29.06
C PHE A 55 -29.97 5.03 -30.21
N PHE A 56 -30.49 5.60 -31.30
CA PHE A 56 -30.88 4.88 -32.52
C PHE A 56 -31.88 3.75 -32.22
N SER A 57 -32.83 4.04 -31.34
CA SER A 57 -33.82 3.07 -30.91
C SER A 57 -34.98 3.03 -31.90
N ASN A 58 -35.85 2.04 -31.71
CA ASN A 58 -36.99 1.82 -32.58
C ASN A 58 -38.22 2.43 -31.91
N VAL A 59 -38.50 3.69 -32.22
CA VAL A 59 -39.67 4.34 -31.65
C VAL A 59 -40.82 4.21 -32.64
N THR A 60 -42.04 4.37 -32.14
CA THR A 60 -43.22 4.13 -32.96
C THR A 60 -44.01 5.43 -33.16
N TRP A 61 -44.63 5.53 -34.33
CA TRP A 61 -45.28 6.74 -34.80
C TRP A 61 -46.76 6.45 -34.97
N PHE A 62 -47.61 7.25 -34.33
CA PHE A 62 -49.05 7.05 -34.34
C PHE A 62 -49.72 8.21 -35.06
N HIS A 63 -50.58 7.89 -36.02
CA HIS A 63 -51.48 8.84 -36.67
C HIS A 63 -52.89 8.53 -36.21
N ALA A 64 -53.44 9.37 -35.34
CA ALA A 64 -54.75 9.13 -34.75
C ALA A 64 -55.83 9.84 -35.56
N ILE A 65 -56.16 9.24 -36.71
CA ILE A 65 -57.33 9.65 -37.47
C ILE A 65 -58.58 8.94 -36.99
N HIS A 66 -58.43 7.89 -36.18
CA HIS A 66 -59.54 7.07 -35.72
C HIS A 66 -60.26 7.71 -34.55
N ASN A 78 -59.02 1.86 -30.02
CA ASN A 78 -57.90 2.62 -29.48
C ASN A 78 -57.59 2.23 -28.03
N PRO A 79 -56.90 1.12 -27.82
CA PRO A 79 -56.55 0.70 -26.46
C PRO A 79 -55.41 1.52 -25.88
N ALA A 80 -55.17 1.31 -24.59
CA ALA A 80 -54.15 2.04 -23.87
C ALA A 80 -52.75 1.54 -24.22
N LEU A 81 -51.82 2.46 -24.35
CA LEU A 81 -50.43 2.10 -24.58
C LEU A 81 -49.81 1.58 -23.28
N PRO A 82 -48.82 0.71 -23.35
CA PRO A 82 -48.07 0.33 -22.15
C PRO A 82 -47.20 1.47 -21.66
N PHE A 83 -46.95 1.48 -20.35
CA PHE A 83 -46.02 2.40 -19.68
C PHE A 83 -44.89 1.52 -19.16
N ASN A 84 -43.86 1.35 -19.99
CA ASN A 84 -42.82 0.34 -19.74
C ASN A 84 -41.59 1.04 -19.20
N ASP A 85 -41.58 1.24 -17.86
CA ASP A 85 -40.49 1.87 -17.11
C ASP A 85 -40.15 3.26 -17.61
N GLY A 86 -41.17 4.03 -17.95
CA GLY A 86 -40.94 5.38 -18.43
C GLY A 86 -41.27 5.51 -19.91
N VAL A 87 -41.61 6.72 -20.32
CA VAL A 87 -42.10 6.98 -21.67
C VAL A 87 -41.44 8.24 -22.20
N TYR A 88 -40.87 8.16 -23.39
CA TYR A 88 -40.52 9.34 -24.18
C TYR A 88 -41.65 9.63 -25.15
N PHE A 89 -42.10 10.88 -25.17
CA PHE A 89 -43.22 11.33 -25.97
C PHE A 89 -42.79 12.50 -26.84
N ALA A 90 -43.20 12.51 -28.10
CA ALA A 90 -42.84 13.60 -28.98
C ALA A 90 -44.03 13.98 -29.85
N SER A 91 -44.20 15.28 -30.09
CA SER A 91 -45.29 15.76 -30.94
C SER A 91 -44.82 16.99 -31.70
N THR A 92 -44.96 16.96 -33.02
CA THR A 92 -44.43 18.02 -33.88
C THR A 92 -45.51 18.95 -34.41
N GLU A 93 -46.72 18.89 -33.87
CA GLU A 93 -47.83 19.68 -34.40
C GLU A 93 -47.89 21.03 -33.69
N LYS A 94 -48.94 21.80 -33.97
CA LYS A 94 -49.11 23.12 -33.37
C LYS A 94 -50.47 23.25 -32.72
N SER A 95 -50.83 24.47 -32.32
CA SER A 95 -52.11 24.88 -31.71
C SER A 95 -52.29 24.11 -30.40
N ASN A 96 -53.54 23.84 -30.03
CA ASN A 96 -53.87 23.14 -28.80
C ASN A 96 -54.61 21.84 -29.09
N ILE A 97 -54.26 21.16 -30.18
CA ILE A 97 -54.93 19.92 -30.55
C ILE A 97 -54.50 18.78 -29.64
N ILE A 98 -53.32 18.86 -29.03
CA ILE A 98 -52.82 17.84 -28.12
C ILE A 98 -52.76 18.42 -26.72
N ARG A 99 -53.29 17.67 -25.75
CA ARG A 99 -53.36 18.07 -24.36
C ARG A 99 -53.68 16.84 -23.51
N GLY A 100 -53.09 16.78 -22.32
CA GLY A 100 -53.50 15.81 -21.33
C GLY A 100 -53.01 14.40 -21.55
N TRP A 101 -52.91 13.65 -20.45
CA TRP A 101 -52.50 12.26 -20.45
C TRP A 101 -53.22 11.52 -19.33
N ILE A 102 -53.34 10.21 -19.50
CA ILE A 102 -53.94 9.32 -18.52
C ILE A 102 -52.92 8.23 -18.21
N PHE A 103 -52.59 8.06 -16.94
CA PHE A 103 -51.70 7.02 -16.47
C PHE A 103 -52.46 6.15 -15.47
N GLY A 104 -52.24 4.84 -15.52
CA GLY A 104 -52.90 3.99 -14.54
C GLY A 104 -52.55 2.54 -14.74
N THR A 105 -53.38 1.66 -14.17
CA THR A 105 -53.28 0.23 -14.46
C THR A 105 -54.62 -0.44 -14.72
N THR A 106 -55.74 0.12 -14.28
CA THR A 106 -57.09 -0.35 -14.64
C THR A 106 -57.92 0.92 -14.75
N LEU A 107 -58.01 1.47 -15.97
CA LEU A 107 -58.57 2.80 -16.16
C LEU A 107 -60.08 2.82 -16.00
N ASP A 108 -60.75 1.68 -16.10
CA ASP A 108 -62.21 1.61 -15.92
C ASP A 108 -62.49 1.40 -14.43
N SER A 109 -62.38 2.50 -13.68
CA SER A 109 -62.65 2.60 -12.24
C SER A 109 -61.82 1.62 -11.42
N LYS A 110 -62.28 1.37 -10.18
CA LYS A 110 -61.80 0.34 -9.23
C LYS A 110 -60.29 0.43 -8.91
N THR A 111 -59.64 1.54 -9.27
CA THR A 111 -58.21 1.77 -9.08
C THR A 111 -57.96 3.25 -9.35
N GLN A 112 -57.22 3.92 -8.46
CA GLN A 112 -56.86 5.30 -8.68
C GLN A 112 -55.92 5.45 -9.87
N SER A 113 -56.13 6.51 -10.65
CA SER A 113 -55.35 6.78 -11.84
C SER A 113 -54.98 8.25 -11.88
N LEU A 114 -53.90 8.54 -12.60
CA LEU A 114 -53.35 9.88 -12.71
C LEU A 114 -53.86 10.54 -13.99
N LEU A 115 -54.34 11.77 -13.88
CA LEU A 115 -54.90 12.52 -14.99
C LEU A 115 -54.25 13.88 -15.07
N ILE A 116 -53.73 14.23 -16.24
CA ILE A 116 -53.20 15.57 -16.51
C ILE A 116 -54.04 16.19 -17.62
N VAL A 117 -54.64 17.34 -17.36
CA VAL A 117 -55.37 18.06 -18.40
C VAL A 117 -54.82 19.48 -18.50
N ASN A 118 -54.71 19.95 -19.74
CA ASN A 118 -54.07 21.20 -20.10
C ASN A 118 -55.12 22.13 -20.71
N ASN A 119 -54.87 23.43 -20.61
CA ASN A 119 -55.59 24.41 -21.41
C ASN A 119 -54.64 25.59 -21.65
N ALA A 120 -55.18 26.72 -22.10
CA ALA A 120 -54.36 27.89 -22.39
C ALA A 120 -53.98 28.67 -21.14
N THR A 121 -54.49 28.29 -19.98
CA THR A 121 -54.26 29.02 -18.75
C THR A 121 -53.72 28.14 -17.62
N ASN A 122 -54.20 26.90 -17.51
CA ASN A 122 -54.03 26.15 -16.27
C ASN A 122 -53.78 24.67 -16.56
N VAL A 123 -53.05 24.02 -15.66
CA VAL A 123 -52.84 22.58 -15.68
C VAL A 123 -53.50 22.00 -14.43
N VAL A 124 -54.37 21.02 -14.63
CA VAL A 124 -55.01 20.31 -13.53
C VAL A 124 -54.49 18.89 -13.54
N ILE A 125 -53.91 18.48 -12.41
CA ILE A 125 -53.35 17.14 -12.23
C ILE A 125 -54.10 16.50 -11.06
N LYS A 126 -54.79 15.40 -11.33
CA LYS A 126 -55.65 14.79 -10.32
C LYS A 126 -55.37 13.30 -10.22
N VAL A 127 -55.34 12.78 -8.99
CA VAL A 127 -55.16 11.35 -8.77
C VAL A 127 -56.42 10.86 -8.07
N CYS A 128 -57.40 10.39 -8.83
CA CYS A 128 -58.62 9.81 -8.28
C CYS A 128 -58.94 8.53 -9.02
N GLU A 129 -60.05 7.89 -8.63
CA GLU A 129 -60.43 6.61 -9.20
C GLU A 129 -60.90 6.75 -10.65
N PHE A 130 -61.71 7.78 -10.92
CA PHE A 130 -62.21 8.19 -12.23
C PHE A 130 -63.09 7.16 -12.93
N GLN A 131 -63.66 7.54 -14.06
CA GLN A 131 -64.62 6.71 -14.80
C GLN A 131 -64.30 6.76 -16.29
N PHE A 132 -63.05 6.45 -16.63
CA PHE A 132 -62.61 6.46 -18.03
C PHE A 132 -63.34 5.42 -18.86
N CYS A 133 -63.77 5.83 -20.04
CA CYS A 133 -64.49 4.96 -20.96
C CYS A 133 -63.50 4.27 -21.89
N ASN A 134 -64.02 3.62 -22.94
CA ASN A 134 -63.16 2.96 -23.91
C ASN A 134 -62.40 3.96 -24.77
N ASP A 135 -63.00 5.11 -25.06
CA ASP A 135 -62.36 6.17 -25.85
C ASP A 135 -62.47 7.48 -25.10
N PRO A 136 -61.55 7.73 -24.16
CA PRO A 136 -61.60 8.99 -23.40
C PRO A 136 -61.05 10.15 -24.22
N PHE A 137 -61.84 11.23 -24.30
CA PHE A 137 -61.43 12.42 -25.02
C PHE A 137 -62.18 13.62 -24.45
N LEU A 138 -61.69 14.81 -24.77
CA LEU A 138 -62.18 16.05 -24.18
C LEU A 138 -63.07 16.78 -25.16
N ASP A 139 -64.23 17.23 -24.68
CA ASP A 139 -65.18 17.99 -25.50
C ASP A 139 -64.79 19.46 -25.45
N VAL A 140 -64.37 19.99 -26.60
CA VAL A 140 -63.96 21.40 -26.66
C VAL A 140 -65.18 22.31 -26.55
N TYR A 141 -66.24 22.00 -27.29
CA TYR A 141 -67.43 22.83 -27.31
C TYR A 141 -68.58 22.18 -26.55
N ALA A 159 -63.47 11.28 -9.42
CA ALA A 159 -64.91 11.06 -9.33
C ALA A 159 -65.25 10.15 -8.15
N ASN A 160 -64.29 9.98 -7.25
CA ASN A 160 -64.48 9.15 -6.07
C ASN A 160 -63.61 9.71 -4.95
N ASN A 161 -63.42 8.92 -3.90
CA ASN A 161 -62.59 9.34 -2.77
C ASN A 161 -61.11 9.37 -3.15
N CYS A 162 -60.47 10.51 -2.94
CA CYS A 162 -59.10 10.71 -3.41
C CYS A 162 -58.43 11.85 -2.67
N THR A 163 -57.11 11.95 -2.88
CA THR A 163 -56.26 12.85 -2.11
C THR A 163 -55.57 13.91 -2.96
N PHE A 164 -54.86 13.52 -4.00
CA PHE A 164 -53.92 14.41 -4.67
C PHE A 164 -54.60 15.21 -5.77
N GLU A 165 -54.51 16.53 -5.68
CA GLU A 165 -54.97 17.44 -6.70
C GLU A 165 -53.97 18.57 -6.80
N TYR A 166 -53.74 19.07 -8.02
CA TYR A 166 -52.64 19.98 -8.26
C TYR A 166 -53.03 20.96 -9.37
N VAL A 167 -52.72 22.24 -9.16
CA VAL A 167 -53.00 23.32 -10.10
C VAL A 167 -51.69 24.01 -10.42
N SER A 168 -51.37 24.15 -11.71
CA SER A 168 -50.06 24.68 -12.07
C SER A 168 -50.11 25.48 -13.36
N GLN A 169 -48.98 26.11 -13.66
CA GLN A 169 -48.77 26.88 -14.88
C GLN A 169 -48.79 25.94 -16.10
N PRO A 170 -49.11 26.45 -17.30
CA PRO A 170 -49.28 25.57 -18.47
C PRO A 170 -48.01 24.84 -18.88
N PHE A 171 -48.16 23.53 -19.08
CA PHE A 171 -47.06 22.69 -19.55
C PHE A 171 -46.67 23.06 -20.97
N LEU A 172 -47.65 23.41 -21.79
CA LEU A 172 -47.47 23.67 -23.21
C LEU A 172 -47.41 25.17 -23.46
N MET A 173 -46.83 25.54 -24.60
CA MET A 173 -46.68 26.94 -24.96
C MET A 173 -47.70 27.32 -26.04
N LYS A 183 -42.77 23.25 -37.18
CA LYS A 183 -41.77 24.18 -36.68
C LYS A 183 -41.79 24.25 -35.16
N ASN A 184 -42.48 23.29 -34.53
CA ASN A 184 -42.59 23.26 -33.07
C ASN A 184 -42.67 21.79 -32.64
N LEU A 185 -41.52 21.24 -32.28
CA LEU A 185 -41.44 19.87 -31.80
C LEU A 185 -41.32 19.90 -30.28
N ARG A 186 -42.22 19.19 -29.60
CA ARG A 186 -42.31 19.18 -28.15
C ARG A 186 -42.03 17.77 -27.65
N GLU A 187 -41.05 17.65 -26.77
CA GLU A 187 -40.58 16.37 -26.26
C GLU A 187 -40.80 16.30 -24.76
N PHE A 188 -41.28 15.17 -24.28
CA PHE A 188 -41.61 14.93 -22.89
C PHE A 188 -41.00 13.60 -22.45
N VAL A 189 -40.57 13.54 -21.20
CA VAL A 189 -40.09 12.32 -20.58
C VAL A 189 -40.87 12.12 -19.29
N PHE A 190 -41.57 11.00 -19.18
CA PHE A 190 -42.33 10.63 -17.99
C PHE A 190 -41.63 9.47 -17.29
N LYS A 191 -41.39 9.62 -16.00
CA LYS A 191 -40.70 8.62 -15.21
C LYS A 191 -41.43 8.43 -13.89
N ASN A 192 -41.42 7.21 -13.37
CA ASN A 192 -42.10 6.87 -12.12
C ASN A 192 -41.14 6.09 -11.22
N ILE A 193 -40.47 6.78 -10.31
CA ILE A 193 -39.43 6.19 -9.48
C ILE A 193 -39.70 6.52 -8.03
N ASP A 194 -39.76 5.47 -7.18
CA ASP A 194 -39.86 5.57 -5.71
C ASP A 194 -41.08 6.36 -5.26
N GLY A 195 -42.21 6.15 -5.94
CA GLY A 195 -43.42 6.88 -5.62
C GLY A 195 -43.44 8.30 -6.10
N TYR A 196 -42.48 8.71 -6.93
CA TYR A 196 -42.42 10.06 -7.48
C TYR A 196 -42.59 10.01 -8.98
N PHE A 197 -43.49 10.84 -9.50
CA PHE A 197 -43.69 11.01 -10.93
C PHE A 197 -42.93 12.24 -11.40
N LYS A 198 -41.99 12.05 -12.32
CA LYS A 198 -41.12 13.12 -12.80
C LYS A 198 -41.39 13.37 -14.28
N ILE A 199 -41.57 14.64 -14.62
CA ILE A 199 -41.90 15.07 -15.98
C ILE A 199 -40.84 16.07 -16.42
N TYR A 200 -40.12 15.72 -17.49
CA TYR A 200 -39.14 16.57 -18.15
C TYR A 200 -39.69 16.96 -19.52
N SER A 201 -39.29 18.13 -20.03
CA SER A 201 -39.77 18.52 -21.35
C SER A 201 -38.81 19.51 -22.01
N LYS A 202 -39.02 19.69 -23.31
CA LYS A 202 -38.30 20.65 -24.13
C LYS A 202 -39.15 20.98 -25.35
N HIS A 203 -38.98 22.19 -25.88
CA HIS A 203 -39.56 22.59 -27.15
C HIS A 203 -38.46 23.11 -28.06
N THR A 204 -38.43 22.64 -29.29
CA THR A 204 -37.41 23.04 -30.25
C THR A 204 -38.03 23.29 -31.62
N PRO A 205 -37.47 24.22 -32.40
CA PRO A 205 -37.87 24.32 -33.81
C PRO A 205 -37.44 23.08 -34.59
N ILE A 206 -38.25 22.69 -35.56
CA ILE A 206 -38.04 21.48 -36.33
C ILE A 206 -38.23 21.82 -37.81
N ASN A 207 -37.33 21.31 -38.66
CA ASN A 207 -37.40 21.60 -40.09
C ASN A 207 -38.42 20.71 -40.79
N LEU A 208 -38.18 19.39 -40.77
CA LEU A 208 -39.03 18.43 -41.45
C LEU A 208 -39.82 17.62 -40.41
N GLU A 209 -41.11 17.46 -40.65
CA GLU A 209 -41.99 16.76 -39.73
C GLU A 209 -42.15 15.28 -40.06
N ARG A 210 -41.38 14.76 -41.03
CA ARG A 210 -41.46 13.34 -41.35
C ARG A 210 -40.78 12.49 -40.28
N ASP A 211 -39.60 12.89 -39.82
CA ASP A 211 -38.82 12.12 -38.87
C ASP A 211 -38.30 13.03 -37.76
N LEU A 212 -37.72 12.41 -36.74
CA LEU A 212 -37.11 13.15 -35.65
C LEU A 212 -35.81 13.79 -36.14
N PRO A 213 -35.47 14.99 -35.66
CA PRO A 213 -34.31 15.72 -36.20
C PRO A 213 -32.99 15.12 -35.72
N GLN A 214 -31.91 15.63 -36.31
CA GLN A 214 -30.55 15.26 -35.96
C GLN A 214 -29.97 16.31 -35.02
N GLY A 215 -29.25 15.85 -34.00
CA GLY A 215 -28.58 16.74 -33.07
C GLY A 215 -28.96 16.41 -31.65
N PHE A 216 -28.66 17.35 -30.76
CA PHE A 216 -28.93 17.21 -29.33
C PHE A 216 -29.74 18.39 -28.83
N SER A 217 -30.73 18.10 -27.98
CA SER A 217 -31.50 19.13 -27.30
C SER A 217 -31.89 18.58 -25.94
N ALA A 218 -31.19 19.01 -24.90
CA ALA A 218 -31.38 18.45 -23.57
C ALA A 218 -32.69 18.93 -22.96
N LEU A 219 -33.33 18.04 -22.20
CA LEU A 219 -34.65 18.27 -21.64
C LEU A 219 -34.53 18.68 -20.18
N GLU A 220 -34.95 19.91 -19.88
CA GLU A 220 -34.88 20.46 -18.53
C GLU A 220 -35.99 19.88 -17.65
N PRO A 221 -35.72 19.66 -16.36
CA PRO A 221 -36.76 19.09 -15.49
C PRO A 221 -37.86 20.10 -15.18
N LEU A 222 -39.11 19.62 -15.22
CA LEU A 222 -40.23 20.53 -15.13
C LEU A 222 -41.10 20.30 -13.89
N VAL A 223 -41.64 19.10 -13.68
CA VAL A 223 -42.48 18.87 -12.50
C VAL A 223 -42.16 17.53 -11.85
N ASP A 224 -41.90 17.54 -10.55
CA ASP A 224 -41.80 16.33 -9.73
C ASP A 224 -43.00 16.30 -8.80
N LEU A 225 -43.68 15.15 -8.71
CA LEU A 225 -44.88 14.98 -7.91
C LEU A 225 -44.77 13.75 -7.03
N PRO A 226 -45.35 13.80 -5.82
CA PRO A 226 -45.50 12.59 -4.99
C PRO A 226 -46.84 11.88 -5.23
N ILE A 227 -46.94 11.21 -6.38
CA ILE A 227 -48.20 10.58 -6.76
C ILE A 227 -48.41 9.27 -6.01
N GLY A 228 -47.45 8.37 -6.10
CA GLY A 228 -47.49 7.12 -5.37
C GLY A 228 -48.57 6.13 -5.77
N ILE A 229 -48.75 5.90 -7.07
CA ILE A 229 -49.69 4.88 -7.54
C ILE A 229 -48.96 3.88 -8.42
N ASN A 230 -49.69 2.88 -8.90
CA ASN A 230 -49.18 1.86 -9.80
C ASN A 230 -49.56 2.25 -11.23
N ILE A 231 -48.56 2.47 -12.08
CA ILE A 231 -48.78 2.87 -13.46
C ILE A 231 -48.29 1.75 -14.36
N THR A 232 -49.18 1.21 -15.16
CA THR A 232 -48.88 0.17 -16.14
C THR A 232 -49.26 0.57 -17.56
N ARG A 233 -50.40 1.24 -17.72
CA ARG A 233 -50.87 1.65 -19.02
C ARG A 233 -51.02 3.17 -19.12
N PHE A 234 -51.06 3.60 -20.38
CA PHE A 234 -50.88 4.98 -20.84
C PHE A 234 -51.91 5.30 -21.92
N GLN A 235 -52.53 6.47 -21.82
CA GLN A 235 -53.53 6.89 -22.78
C GLN A 235 -53.35 8.37 -23.07
N THR A 236 -53.56 8.76 -24.32
CA THR A 236 -53.40 10.15 -24.74
C THR A 236 -54.78 10.75 -25.02
N LEU A 237 -55.02 11.94 -24.48
CA LEU A 237 -56.26 12.66 -24.71
C LEU A 237 -56.17 13.49 -25.98
N LEU A 238 -57.22 13.42 -26.80
CA LEU A 238 -57.32 14.19 -28.03
C LEU A 238 -58.49 15.15 -27.92
N ALA A 239 -58.29 16.38 -28.35
CA ALA A 239 -59.32 17.40 -28.30
C ALA A 239 -60.18 17.32 -29.57
N LEU A 240 -61.49 17.14 -29.38
CA LEU A 240 -62.44 17.06 -30.48
C LEU A 240 -63.49 18.15 -30.31
N HIS A 241 -63.69 18.96 -31.35
CA HIS A 241 -64.67 20.03 -31.31
C HIS A 241 -66.08 19.52 -31.53
N ALA A 258 -56.76 14.53 -36.70
CA ALA A 258 -55.50 14.28 -37.39
C ALA A 258 -54.31 14.75 -36.55
N ALA A 259 -53.83 13.89 -35.67
CA ALA A 259 -52.69 14.20 -34.81
C ALA A 259 -51.73 13.02 -34.81
N ALA A 260 -50.43 13.32 -34.94
CA ALA A 260 -49.39 12.30 -34.99
C ALA A 260 -48.40 12.52 -33.87
N TYR A 261 -47.99 11.42 -33.24
CA TYR A 261 -47.07 11.51 -32.11
C TYR A 261 -46.15 10.30 -32.07
N TYR A 262 -44.97 10.50 -31.48
CA TYR A 262 -43.94 9.48 -31.36
C TYR A 262 -43.86 8.99 -29.92
N VAL A 263 -43.76 7.67 -29.75
CA VAL A 263 -43.68 7.04 -28.44
C VAL A 263 -42.47 6.12 -28.41
N GLY A 264 -41.62 6.29 -27.38
CA GLY A 264 -40.54 5.37 -27.13
C GLY A 264 -40.48 5.02 -25.65
N TYR A 265 -39.69 4.02 -25.31
CA TYR A 265 -39.65 3.49 -23.96
C TYR A 265 -38.24 3.57 -23.38
N LEU A 266 -38.16 3.88 -22.09
CA LEU A 266 -36.89 4.10 -21.41
C LEU A 266 -36.29 2.80 -20.91
N GLN A 267 -34.98 2.78 -20.76
CA GLN A 267 -34.23 1.63 -20.28
C GLN A 267 -33.15 2.11 -19.32
N PRO A 268 -32.81 1.31 -18.29
CA PRO A 268 -31.80 1.74 -17.32
C PRO A 268 -30.37 1.67 -17.84
N ARG A 269 -29.91 2.73 -18.50
CA ARG A 269 -28.62 2.70 -19.17
C ARG A 269 -27.67 3.73 -18.57
N THR A 270 -26.40 3.61 -18.95
CA THR A 270 -25.33 4.51 -18.53
C THR A 270 -24.98 5.43 -19.69
N PHE A 271 -24.94 6.73 -19.42
CA PHE A 271 -24.61 7.73 -20.42
C PHE A 271 -23.37 8.51 -19.97
N LEU A 272 -22.59 8.97 -20.95
CA LEU A 272 -21.50 9.89 -20.70
C LEU A 272 -21.83 11.21 -21.37
N LEU A 273 -21.99 12.26 -20.58
CA LEU A 273 -22.53 13.53 -21.05
C LEU A 273 -21.46 14.61 -20.99
N LYS A 274 -21.54 15.57 -21.89
CA LYS A 274 -20.58 16.64 -22.01
C LYS A 274 -21.25 17.97 -21.67
N TYR A 275 -20.73 18.66 -20.67
CA TYR A 275 -21.17 20.00 -20.32
C TYR A 275 -20.16 20.99 -20.86
N ASN A 276 -20.62 21.95 -21.65
CA ASN A 276 -19.71 22.91 -22.28
C ASN A 276 -19.39 24.03 -21.30
N GLU A 277 -18.78 25.11 -21.81
CA GLU A 277 -18.36 26.21 -20.94
C GLU A 277 -19.53 27.03 -20.42
N ASN A 278 -20.71 26.91 -21.03
CA ASN A 278 -21.91 27.60 -20.57
C ASN A 278 -22.82 26.71 -19.74
N GLY A 279 -22.37 25.50 -19.40
CA GLY A 279 -23.14 24.62 -18.55
C GLY A 279 -24.29 23.91 -19.23
N THR A 280 -24.26 23.79 -20.56
CA THR A 280 -25.31 23.16 -21.33
C THR A 280 -24.82 21.83 -21.88
N ILE A 281 -25.66 20.80 -21.80
CA ILE A 281 -25.30 19.50 -22.37
C ILE A 281 -25.38 19.60 -23.88
N THR A 282 -24.23 19.45 -24.55
CA THR A 282 -24.17 19.53 -26.00
C THR A 282 -23.90 18.19 -26.67
N ASP A 283 -23.49 17.18 -25.92
CA ASP A 283 -23.18 15.88 -26.51
C ASP A 283 -23.33 14.80 -25.44
N ALA A 284 -23.63 13.59 -25.89
CA ALA A 284 -23.75 12.45 -25.01
C ALA A 284 -23.46 11.17 -25.80
N VAL A 285 -22.94 10.18 -25.09
CA VAL A 285 -22.55 8.90 -25.67
C VAL A 285 -23.19 7.79 -24.84
N ASP A 286 -23.73 6.78 -25.52
CA ASP A 286 -24.24 5.56 -24.89
C ASP A 286 -23.10 4.75 -24.28
N CYS A 287 -23.45 3.60 -23.72
CA CYS A 287 -22.39 2.76 -23.19
C CYS A 287 -22.59 1.30 -23.56
N ALA A 288 -23.66 0.96 -24.27
CA ALA A 288 -23.91 -0.41 -24.72
C ALA A 288 -24.46 -0.45 -26.15
N LEU A 289 -24.28 0.62 -26.91
CA LEU A 289 -24.78 0.65 -28.29
C LEU A 289 -23.86 -0.15 -29.21
N ASP A 290 -22.61 0.27 -29.32
CA ASP A 290 -21.58 -0.37 -30.12
C ASP A 290 -20.31 -0.46 -29.28
N PRO A 291 -19.33 -1.30 -29.67
CA PRO A 291 -18.08 -1.38 -28.91
C PRO A 291 -17.28 -0.08 -28.80
N LEU A 292 -17.44 0.83 -29.76
CA LEU A 292 -16.78 2.13 -29.66
C LEU A 292 -17.34 2.96 -28.50
N SER A 293 -18.63 2.83 -28.21
CA SER A 293 -19.20 3.53 -27.06
C SER A 293 -18.69 2.97 -25.74
N GLU A 294 -18.47 1.65 -25.68
CA GLU A 294 -17.86 1.06 -24.50
C GLU A 294 -16.42 1.51 -24.33
N THR A 295 -15.69 1.66 -25.46
CA THR A 295 -14.34 2.19 -25.41
C THR A 295 -14.32 3.64 -24.92
N LYS A 296 -15.29 4.45 -25.37
CA LYS A 296 -15.38 5.82 -24.90
C LYS A 296 -15.85 5.92 -23.46
N CYS A 297 -16.63 4.96 -22.98
CA CYS A 297 -16.95 4.86 -21.55
C CYS A 297 -15.71 4.58 -20.72
N THR A 298 -14.88 3.64 -21.19
CA THR A 298 -13.69 3.26 -20.43
C THR A 298 -12.65 4.37 -20.44
N LEU A 299 -12.43 4.99 -21.60
CA LEU A 299 -11.42 6.04 -21.71
C LEU A 299 -11.88 7.39 -21.18
N LYS A 300 -13.19 7.55 -20.96
CA LYS A 300 -13.81 8.80 -20.48
C LYS A 300 -13.49 9.99 -21.39
N SER A 301 -13.51 9.75 -22.70
CA SER A 301 -13.20 10.79 -23.66
C SER A 301 -14.00 10.53 -24.93
N PHE A 302 -14.19 11.59 -25.71
CA PHE A 302 -14.98 11.48 -26.94
C PHE A 302 -14.13 11.17 -28.16
N THR A 303 -12.80 11.21 -28.02
CA THR A 303 -11.87 10.85 -29.08
C THR A 303 -11.06 9.64 -28.61
N VAL A 304 -10.87 8.68 -29.48
CA VAL A 304 -10.14 7.45 -29.18
C VAL A 304 -8.95 7.37 -30.12
N GLU A 305 -7.75 7.20 -29.54
CA GLU A 305 -6.53 7.08 -30.32
C GLU A 305 -6.37 5.67 -30.87
N LYS A 306 -5.42 5.51 -31.78
CA LYS A 306 -5.20 4.22 -32.42
C LYS A 306 -4.54 3.25 -31.45
N GLY A 307 -5.08 2.04 -31.39
CA GLY A 307 -4.51 1.01 -30.55
C GLY A 307 -5.54 -0.05 -30.22
N ILE A 308 -5.19 -0.88 -29.25
CA ILE A 308 -6.07 -1.91 -28.71
C ILE A 308 -6.35 -1.58 -27.25
N TYR A 309 -7.63 -1.63 -26.88
CA TYR A 309 -8.08 -1.23 -25.56
C TYR A 309 -8.91 -2.35 -24.95
N GLN A 310 -8.59 -2.71 -23.71
CA GLN A 310 -9.39 -3.67 -22.96
C GLN A 310 -10.63 -2.94 -22.42
N THR A 311 -11.80 -3.29 -22.94
CA THR A 311 -13.01 -2.56 -22.60
C THR A 311 -13.76 -3.20 -21.44
N SER A 312 -14.19 -4.45 -21.59
CA SER A 312 -15.05 -5.05 -20.60
C SER A 312 -14.92 -6.57 -20.65
N ASN A 313 -15.85 -7.25 -19.98
CA ASN A 313 -15.82 -8.69 -19.77
C ASN A 313 -17.22 -9.22 -20.00
N PHE A 314 -17.42 -9.99 -21.07
CA PHE A 314 -18.74 -10.51 -21.36
C PHE A 314 -19.03 -11.73 -20.48
N ARG A 315 -20.27 -11.82 -20.01
CA ARG A 315 -20.75 -12.91 -19.19
C ARG A 315 -22.11 -13.34 -19.72
N VAL A 316 -22.35 -14.65 -19.77
CA VAL A 316 -23.66 -15.16 -20.17
C VAL A 316 -24.62 -15.00 -18.99
N GLN A 317 -25.70 -14.25 -19.21
CA GLN A 317 -26.67 -13.99 -18.17
C GLN A 317 -27.56 -15.22 -17.93
N PRO A 318 -28.00 -15.45 -16.70
CA PRO A 318 -28.91 -16.57 -16.44
C PRO A 318 -30.28 -16.34 -17.04
N THR A 319 -30.93 -17.45 -17.39
CA THR A 319 -32.24 -17.42 -18.04
C THR A 319 -33.37 -17.89 -17.15
N GLU A 320 -33.14 -18.91 -16.33
CA GLU A 320 -34.17 -19.49 -15.47
C GLU A 320 -33.73 -19.36 -14.01
N SER A 321 -34.54 -19.93 -13.12
CA SER A 321 -34.22 -19.99 -11.70
C SER A 321 -34.56 -21.38 -11.18
N ILE A 322 -33.75 -21.87 -10.25
CA ILE A 322 -33.91 -23.21 -9.69
C ILE A 322 -33.93 -23.10 -8.17
N VAL A 323 -34.97 -23.67 -7.55
CA VAL A 323 -35.04 -23.81 -6.09
C VAL A 323 -35.16 -25.30 -5.80
N ARG A 324 -34.24 -25.83 -5.00
CA ARG A 324 -34.25 -27.24 -4.61
C ARG A 324 -34.30 -27.32 -3.09
N PHE A 325 -35.42 -27.81 -2.56
CA PHE A 325 -35.66 -27.97 -1.14
C PHE A 325 -36.08 -29.41 -0.89
N PRO A 326 -35.80 -29.96 0.30
CA PRO A 326 -36.25 -31.32 0.61
C PRO A 326 -37.77 -31.41 0.73
N ASN A 327 -38.30 -32.59 0.42
CA ASN A 327 -39.75 -32.80 0.39
C ASN A 327 -40.24 -33.14 1.79
N ILE A 328 -40.55 -32.10 2.55
CA ILE A 328 -41.12 -32.22 3.89
C ILE A 328 -42.39 -31.37 3.96
N THR A 329 -43.38 -31.87 4.70
CA THR A 329 -44.67 -31.20 4.83
C THR A 329 -45.12 -31.01 6.27
N ASN A 330 -44.34 -31.46 7.25
CA ASN A 330 -44.72 -31.29 8.65
C ASN A 330 -44.57 -29.83 9.06
N LEU A 331 -45.26 -29.48 10.14
CA LEU A 331 -45.21 -28.13 10.69
C LEU A 331 -44.55 -28.16 12.06
N CYS A 332 -43.67 -27.19 12.31
CA CYS A 332 -42.88 -27.18 13.54
C CYS A 332 -43.74 -26.74 14.72
N PRO A 333 -43.59 -27.40 15.86
CA PRO A 333 -44.42 -27.05 17.04
C PRO A 333 -43.88 -25.85 17.81
N PHE A 334 -43.95 -24.68 17.18
CA PHE A 334 -43.65 -23.44 17.88
C PHE A 334 -44.78 -23.01 18.80
N HIS A 335 -45.98 -23.56 18.63
CA HIS A 335 -47.12 -23.18 19.44
C HIS A 335 -47.09 -23.82 20.82
N GLU A 336 -46.58 -25.04 20.93
CA GLU A 336 -46.51 -25.72 22.21
C GLU A 336 -45.33 -25.29 23.04
N VAL A 337 -44.37 -24.56 22.47
CA VAL A 337 -43.25 -24.03 23.23
C VAL A 337 -43.47 -22.57 23.60
N PHE A 338 -44.35 -21.86 22.90
CA PHE A 338 -44.53 -20.44 23.16
C PHE A 338 -45.68 -20.13 24.13
N ASN A 339 -46.61 -21.03 24.39
CA ASN A 339 -47.44 -20.86 25.58
C ASN A 339 -47.18 -22.02 26.51
N ALA A 340 -47.05 -21.73 27.80
CA ALA A 340 -47.09 -22.74 28.84
C ALA A 340 -47.65 -22.08 30.08
N THR A 341 -48.35 -22.88 30.89
CA THR A 341 -48.83 -22.37 32.18
C THR A 341 -47.66 -22.08 33.11
N THR A 342 -46.65 -22.95 33.10
CA THR A 342 -45.44 -22.77 33.89
C THR A 342 -44.23 -23.01 32.99
N PHE A 343 -43.44 -21.97 32.75
CA PHE A 343 -42.11 -22.15 32.20
C PHE A 343 -41.17 -22.72 33.27
N ALA A 344 -40.02 -23.20 32.81
CA ALA A 344 -39.04 -23.77 33.72
C ALA A 344 -38.26 -22.67 34.42
N SER A 345 -37.49 -23.06 35.44
CA SER A 345 -36.64 -22.14 36.16
C SER A 345 -35.36 -21.88 35.36
N VAL A 346 -34.50 -21.00 35.89
CA VAL A 346 -33.35 -20.56 35.12
C VAL A 346 -32.26 -21.63 35.12
N TYR A 347 -31.95 -22.17 36.30
CA TYR A 347 -30.94 -23.22 36.42
C TYR A 347 -31.37 -24.53 35.79
N ALA A 348 -32.68 -24.76 35.67
CA ALA A 348 -33.20 -25.99 35.11
C ALA A 348 -33.99 -25.67 33.85
N TRP A 349 -33.38 -24.87 32.97
CA TRP A 349 -33.98 -24.48 31.70
C TRP A 349 -34.21 -25.70 30.83
N ASN A 350 -35.35 -25.74 30.15
CA ASN A 350 -35.69 -26.87 29.31
C ASN A 350 -35.41 -26.55 27.85
N ARG A 351 -34.94 -27.57 27.14
CA ARG A 351 -34.58 -27.48 25.73
C ARG A 351 -35.52 -28.35 24.91
N LYS A 352 -36.07 -27.78 23.86
CA LYS A 352 -36.90 -28.48 22.89
C LYS A 352 -36.10 -28.65 21.60
N ARG A 353 -36.12 -29.88 21.07
CA ARG A 353 -35.27 -30.30 19.95
C ARG A 353 -36.16 -30.42 18.72
N ILE A 354 -35.87 -29.58 17.71
CA ILE A 354 -36.77 -29.41 16.57
C ILE A 354 -36.05 -29.86 15.30
N SER A 355 -36.64 -30.85 14.62
CA SER A 355 -36.18 -31.36 13.34
C SER A 355 -37.37 -31.79 12.51
N ASN A 356 -37.14 -31.86 11.19
CA ASN A 356 -38.03 -32.49 10.21
C ASN A 356 -39.40 -31.83 10.12
N CYS A 357 -39.41 -30.52 9.89
CA CYS A 357 -40.67 -29.81 9.70
C CYS A 357 -40.42 -28.53 8.91
N VAL A 358 -41.51 -27.96 8.40
CA VAL A 358 -41.46 -26.69 7.68
C VAL A 358 -41.66 -25.57 8.70
N ALA A 359 -40.65 -24.71 8.85
CA ALA A 359 -40.62 -23.70 9.90
C ALA A 359 -41.13 -22.38 9.34
N ASP A 360 -42.21 -21.88 9.92
CA ASP A 360 -42.74 -20.56 9.61
C ASP A 360 -42.45 -19.65 10.80
N TYR A 361 -41.71 -18.57 10.57
CA TYR A 361 -41.32 -17.67 11.64
C TYR A 361 -42.19 -16.43 11.73
N SER A 362 -43.12 -16.24 10.79
CA SER A 362 -44.05 -15.12 10.88
C SER A 362 -45.21 -15.40 11.83
N VAL A 363 -45.43 -16.66 12.19
CA VAL A 363 -46.48 -17.00 13.15
C VAL A 363 -45.99 -16.90 14.59
N ILE A 364 -44.67 -16.79 14.81
CA ILE A 364 -44.14 -16.57 16.14
C ILE A 364 -44.55 -15.20 16.66
N TYR A 365 -44.66 -14.22 15.77
CA TYR A 365 -45.02 -12.86 16.14
C TYR A 365 -46.44 -12.74 16.68
N ASN A 366 -47.33 -13.65 16.30
CA ASN A 366 -48.71 -13.66 16.79
C ASN A 366 -48.89 -14.55 17.99
N PHE A 367 -47.81 -15.08 18.55
CA PHE A 367 -47.88 -16.12 19.58
C PHE A 367 -47.49 -15.62 20.96
N ALA A 368 -46.83 -14.47 21.04
CA ALA A 368 -46.46 -13.84 22.30
C ALA A 368 -46.28 -12.36 22.05
N PRO A 369 -46.62 -11.48 23.00
CA PRO A 369 -46.48 -10.02 22.76
C PRO A 369 -45.11 -9.48 23.10
N PHE A 370 -44.12 -9.83 22.29
CA PHE A 370 -42.74 -9.42 22.55
C PHE A 370 -42.34 -8.23 21.69
N PHE A 371 -41.17 -7.69 22.00
CA PHE A 371 -40.48 -6.71 21.17
C PHE A 371 -39.12 -7.18 20.70
N ALA A 372 -38.29 -7.71 21.60
CA ALA A 372 -36.89 -7.98 21.31
C ALA A 372 -36.75 -9.34 20.67
N PHE A 373 -36.81 -9.36 19.33
CA PHE A 373 -36.44 -10.52 18.53
C PHE A 373 -34.97 -10.41 18.14
N LYS A 374 -34.09 -10.41 19.14
CA LYS A 374 -32.71 -10.00 18.96
C LYS A 374 -31.90 -11.16 18.38
N CYS A 375 -31.48 -11.04 17.13
CA CYS A 375 -30.71 -12.08 16.46
C CYS A 375 -29.29 -11.60 16.18
N TYR A 376 -28.35 -12.54 16.14
CA TYR A 376 -26.94 -12.21 16.10
C TYR A 376 -26.27 -12.59 14.78
N GLY A 377 -26.31 -13.87 14.39
CA GLY A 377 -25.67 -14.29 13.18
C GLY A 377 -26.55 -14.25 11.95
N VAL A 378 -27.77 -13.73 12.07
CA VAL A 378 -28.77 -13.82 11.01
C VAL A 378 -29.73 -12.66 11.19
N SER A 379 -30.40 -12.27 10.12
CA SER A 379 -31.41 -11.24 10.27
C SER A 379 -32.76 -11.88 10.61
N PRO A 380 -33.55 -11.27 11.50
CA PRO A 380 -34.84 -11.89 11.90
C PRO A 380 -35.87 -11.92 10.79
N THR A 381 -35.74 -11.08 9.77
CA THR A 381 -36.69 -11.04 8.67
C THR A 381 -36.29 -11.94 7.51
N LYS A 382 -35.14 -12.59 7.58
CA LYS A 382 -34.65 -13.46 6.51
C LYS A 382 -34.69 -14.93 6.87
N LEU A 383 -35.42 -15.31 7.92
CA LEU A 383 -35.39 -16.68 8.41
C LEU A 383 -36.15 -17.65 7.51
N ASN A 384 -36.97 -17.15 6.59
CA ASN A 384 -37.78 -18.01 5.73
C ASN A 384 -37.15 -18.27 4.37
N ASP A 385 -36.34 -17.34 3.85
CA ASP A 385 -35.73 -17.53 2.53
C ASP A 385 -34.61 -18.56 2.60
N LEU A 386 -33.62 -18.33 3.44
CA LEU A 386 -32.61 -19.33 3.76
C LEU A 386 -33.25 -20.43 4.59
N CYS A 387 -32.55 -21.55 4.75
CA CYS A 387 -33.10 -22.50 5.68
C CYS A 387 -32.01 -23.28 6.40
N PHE A 388 -32.33 -23.73 7.62
CA PHE A 388 -31.39 -24.28 8.59
C PHE A 388 -31.27 -25.79 8.48
N THR A 389 -30.66 -26.39 9.51
CA THR A 389 -30.52 -27.83 9.67
C THR A 389 -31.25 -28.35 10.90
N ASN A 390 -31.09 -27.68 12.04
CA ASN A 390 -31.59 -28.20 13.32
C ASN A 390 -31.83 -27.03 14.26
N VAL A 391 -32.97 -27.05 14.97
CA VAL A 391 -33.34 -25.94 15.84
C VAL A 391 -33.40 -26.42 17.27
N TYR A 392 -32.90 -25.60 18.20
CA TYR A 392 -33.04 -25.85 19.63
C TYR A 392 -33.72 -24.65 20.27
N ALA A 393 -34.67 -24.90 21.17
CA ALA A 393 -35.43 -23.84 21.82
C ALA A 393 -35.30 -23.99 23.34
N ASP A 394 -34.62 -23.05 23.97
CA ASP A 394 -34.39 -23.07 25.41
C ASP A 394 -35.28 -22.06 26.09
N SER A 395 -36.03 -22.49 27.11
CA SER A 395 -37.06 -21.64 27.71
C SER A 395 -36.80 -21.48 29.21
N PHE A 396 -36.93 -20.24 29.70
CA PHE A 396 -36.85 -19.97 31.14
C PHE A 396 -37.53 -18.64 31.44
N VAL A 397 -37.58 -18.30 32.73
CA VAL A 397 -38.15 -17.04 33.22
C VAL A 397 -37.13 -16.39 34.13
N ILE A 398 -36.69 -15.18 33.78
CA ILE A 398 -35.71 -14.45 34.57
C ILE A 398 -36.32 -13.17 35.10
N ARG A 399 -35.54 -12.40 35.85
CA ARG A 399 -35.90 -11.03 36.19
C ARG A 399 -35.51 -10.13 35.02
N GLY A 400 -36.20 -8.99 34.88
CA GLY A 400 -35.95 -8.06 33.80
C GLY A 400 -34.60 -7.37 33.83
N ASN A 401 -33.86 -7.46 34.95
CA ASN A 401 -32.50 -6.93 35.01
C ASN A 401 -31.55 -7.73 34.13
N GLU A 402 -31.72 -9.05 34.08
CA GLU A 402 -30.75 -9.94 33.45
C GLU A 402 -31.10 -10.29 32.02
N VAL A 403 -31.96 -9.50 31.37
CA VAL A 403 -32.25 -9.73 29.96
C VAL A 403 -31.03 -9.40 29.11
N SER A 404 -30.24 -8.40 29.53
CA SER A 404 -29.01 -8.05 28.83
C SER A 404 -27.92 -9.10 28.98
N GLN A 405 -28.02 -9.98 29.98
CA GLN A 405 -27.01 -11.00 30.19
C GLN A 405 -27.17 -12.20 29.26
N ILE A 406 -28.31 -12.33 28.58
CA ILE A 406 -28.51 -13.43 27.62
C ILE A 406 -28.00 -12.90 26.28
N ALA A 407 -26.69 -12.98 26.10
CA ALA A 407 -26.00 -12.52 24.91
C ALA A 407 -24.63 -13.19 24.88
N PRO A 408 -24.04 -13.40 23.70
CA PRO A 408 -22.70 -14.01 23.65
C PRO A 408 -21.63 -13.10 24.23
N GLY A 409 -20.66 -13.71 24.90
CA GLY A 409 -19.56 -12.98 25.52
C GLY A 409 -19.96 -12.10 26.68
N GLN A 410 -20.81 -12.60 27.57
CA GLN A 410 -21.28 -11.85 28.72
C GLN A 410 -20.86 -12.54 30.01
N THR A 411 -20.73 -11.76 31.07
CA THR A 411 -20.51 -12.26 32.42
C THR A 411 -21.56 -11.66 33.36
N GLY A 412 -21.60 -12.20 34.57
CA GLY A 412 -22.57 -11.73 35.55
C GLY A 412 -23.01 -12.83 36.49
N ASN A 413 -24.31 -13.04 36.61
CA ASN A 413 -24.88 -14.08 37.46
C ASN A 413 -25.52 -15.20 36.65
N ILE A 414 -26.40 -14.84 35.71
CA ILE A 414 -27.03 -15.84 34.85
C ILE A 414 -26.01 -16.40 33.86
N ALA A 415 -25.19 -15.55 33.28
CA ALA A 415 -24.22 -15.99 32.28
C ALA A 415 -23.06 -16.76 32.90
N ASP A 416 -22.82 -16.62 34.20
CA ASP A 416 -21.71 -17.29 34.86
C ASP A 416 -22.10 -18.61 35.51
N TYR A 417 -23.30 -18.68 36.11
CA TYR A 417 -23.67 -19.84 36.91
C TYR A 417 -24.97 -20.51 36.46
N ASN A 418 -25.75 -19.87 35.59
CA ASN A 418 -27.06 -20.40 35.23
C ASN A 418 -27.17 -20.80 33.76
N TYR A 419 -26.90 -19.88 32.83
CA TYR A 419 -27.17 -20.15 31.42
C TYR A 419 -26.19 -19.34 30.58
N LYS A 420 -25.21 -20.02 29.98
CA LYS A 420 -24.14 -19.37 29.23
C LYS A 420 -24.31 -19.68 27.76
N LEU A 421 -24.23 -18.64 26.93
CA LEU A 421 -24.25 -18.72 25.49
C LEU A 421 -22.83 -18.85 24.95
N PRO A 422 -22.63 -19.54 23.82
CA PRO A 422 -21.30 -19.63 23.24
C PRO A 422 -20.87 -18.32 22.60
N ASP A 423 -19.55 -18.20 22.40
CA ASP A 423 -19.00 -16.98 21.79
C ASP A 423 -19.31 -16.91 20.30
N ASP A 424 -19.45 -18.06 19.64
CA ASP A 424 -19.79 -18.16 18.22
C ASP A 424 -21.27 -18.46 18.03
N PHE A 425 -22.12 -17.85 18.84
CA PHE A 425 -23.55 -18.16 18.86
C PHE A 425 -24.24 -17.63 17.60
N THR A 426 -25.04 -18.48 16.98
CA THR A 426 -25.88 -18.10 15.85
C THR A 426 -27.32 -18.48 16.19
N GLY A 427 -28.17 -17.47 16.31
CA GLY A 427 -29.55 -17.70 16.72
C GLY A 427 -30.21 -16.40 17.12
N CYS A 428 -31.33 -16.53 17.83
CA CYS A 428 -32.13 -15.40 18.26
C CYS A 428 -32.56 -15.57 19.71
N VAL A 429 -32.75 -14.44 20.38
CA VAL A 429 -33.22 -14.38 21.76
C VAL A 429 -34.50 -13.57 21.77
N ILE A 430 -35.55 -14.13 22.37
CA ILE A 430 -36.86 -13.48 22.47
C ILE A 430 -37.22 -13.39 23.94
N ALA A 431 -37.50 -12.19 24.42
CA ALA A 431 -37.86 -11.97 25.82
C ALA A 431 -39.06 -11.05 25.90
N TRP A 432 -40.04 -11.41 26.72
CA TRP A 432 -41.23 -10.57 26.87
C TRP A 432 -41.70 -10.57 28.32
N ASN A 433 -42.41 -9.49 28.67
CA ASN A 433 -42.91 -9.33 30.04
C ASN A 433 -44.04 -10.30 30.32
N SER A 434 -44.05 -10.84 31.54
CA SER A 434 -45.06 -11.77 32.00
C SER A 434 -45.53 -11.39 33.39
N ASN A 435 -45.85 -10.10 33.57
CA ASN A 435 -46.35 -9.62 34.85
C ASN A 435 -47.75 -10.15 35.16
N LYS A 436 -48.53 -10.48 34.13
CA LYS A 436 -49.90 -10.92 34.35
C LYS A 436 -49.96 -12.35 34.87
N LEU A 437 -48.96 -13.17 34.56
CA LEU A 437 -48.99 -14.60 34.87
C LEU A 437 -48.04 -15.01 35.98
N ASP A 438 -46.81 -14.48 35.99
CA ASP A 438 -45.77 -14.96 36.89
C ASP A 438 -45.66 -14.13 38.17
N SER A 439 -46.55 -13.17 38.38
CA SER A 439 -46.52 -12.32 39.55
C SER A 439 -47.73 -12.61 40.43
N LYS A 440 -47.49 -12.73 41.73
CA LYS A 440 -48.53 -12.95 42.72
C LYS A 440 -48.37 -11.94 43.84
N PRO A 441 -49.47 -11.49 44.45
CA PRO A 441 -49.36 -10.51 45.56
C PRO A 441 -48.63 -11.04 46.78
N SER A 442 -48.73 -12.32 47.08
CA SER A 442 -47.97 -12.89 48.18
C SER A 442 -46.51 -13.12 47.82
N GLY A 443 -46.19 -13.18 46.53
CA GLY A 443 -44.82 -13.42 46.09
C GLY A 443 -44.64 -14.78 45.45
N ASN A 444 -44.20 -14.78 44.19
CA ASN A 444 -44.00 -16.02 43.44
C ASN A 444 -42.68 -16.65 43.87
N TYR A 445 -42.76 -17.82 44.51
CA TYR A 445 -41.59 -18.53 44.98
C TYR A 445 -41.30 -19.79 44.17
N ASN A 446 -42.00 -20.00 43.06
CA ASN A 446 -41.81 -21.19 42.24
C ASN A 446 -40.61 -21.09 41.31
N TYR A 447 -40.06 -19.89 41.11
CA TYR A 447 -38.94 -19.68 40.21
C TYR A 447 -37.67 -19.46 41.05
N LEU A 448 -36.66 -20.27 40.77
CA LEU A 448 -35.45 -20.32 41.59
C LEU A 448 -34.24 -20.01 40.71
N TYR A 449 -33.27 -19.29 41.27
CA TYR A 449 -32.01 -19.03 40.59
C TYR A 449 -30.84 -19.31 41.52
N ARG A 450 -29.73 -19.74 40.92
CA ARG A 450 -28.55 -20.11 41.68
C ARG A 450 -27.70 -18.90 42.01
N LEU A 451 -27.16 -18.86 43.22
CA LEU A 451 -26.32 -17.75 43.63
C LEU A 451 -24.91 -17.88 43.07
N LEU A 452 -24.21 -18.96 43.43
CA LEU A 452 -22.79 -19.08 43.09
C LEU A 452 -22.40 -20.54 43.04
N ARG A 453 -21.30 -20.81 42.34
CA ARG A 453 -20.74 -22.14 42.19
C ARG A 453 -19.26 -22.09 42.56
N LYS A 454 -18.61 -23.25 42.52
CA LYS A 454 -17.17 -23.32 42.71
C LYS A 454 -16.39 -23.05 41.43
N SER A 455 -17.07 -22.95 40.28
CA SER A 455 -16.40 -22.75 39.01
C SER A 455 -17.39 -22.10 38.05
N LYS A 456 -16.86 -21.57 36.96
CA LYS A 456 -17.70 -21.01 35.91
C LYS A 456 -18.38 -22.13 35.14
N LEU A 457 -19.40 -21.75 34.37
CA LEU A 457 -20.21 -22.70 33.62
C LEU A 457 -19.83 -22.65 32.15
N LYS A 458 -19.65 -23.84 31.55
CA LYS A 458 -19.41 -23.93 30.13
C LYS A 458 -20.68 -23.55 29.35
N PRO A 459 -20.55 -23.10 28.10
CA PRO A 459 -21.74 -22.78 27.31
C PRO A 459 -22.61 -24.01 27.06
N PHE A 460 -23.93 -23.79 27.16
CA PHE A 460 -24.97 -24.82 27.03
C PHE A 460 -24.74 -25.98 28.00
N GLU A 461 -24.59 -25.65 29.28
CA GLU A 461 -24.45 -26.62 30.35
C GLU A 461 -25.57 -26.43 31.37
N ARG A 462 -26.17 -27.54 31.78
CA ARG A 462 -27.24 -27.54 32.76
C ARG A 462 -26.86 -28.41 33.95
N ASP A 463 -27.17 -27.93 35.15
CA ASP A 463 -26.92 -28.68 36.38
C ASP A 463 -28.17 -28.67 37.25
N ILE A 464 -28.52 -29.84 37.78
CA ILE A 464 -29.73 -30.00 38.56
C ILE A 464 -29.44 -30.21 40.05
N SER A 465 -28.32 -30.83 40.40
CA SER A 465 -28.08 -31.30 41.76
C SER A 465 -27.87 -30.14 42.73
N THR A 466 -28.46 -30.29 43.92
CA THR A 466 -28.43 -29.27 44.96
C THR A 466 -27.57 -29.77 46.11
N GLU A 467 -26.45 -29.10 46.33
CA GLU A 467 -25.56 -29.39 47.45
C GLU A 467 -25.29 -28.11 48.21
N ILE A 468 -25.03 -28.25 49.52
CA ILE A 468 -24.80 -27.09 50.37
C ILE A 468 -23.41 -26.53 50.06
N TYR A 469 -23.35 -25.24 49.73
CA TYR A 469 -22.10 -24.61 49.37
C TYR A 469 -21.23 -24.38 50.60
N GLN A 470 -19.92 -24.55 50.42
CA GLN A 470 -18.95 -24.38 51.49
C GLN A 470 -18.03 -23.22 51.15
N ALA A 471 -17.82 -22.33 52.11
CA ALA A 471 -16.94 -21.17 51.96
C ALA A 471 -15.96 -21.09 53.12
N GLY A 472 -15.36 -22.23 53.47
CA GLY A 472 -14.42 -22.26 54.57
C GLY A 472 -13.79 -23.62 54.71
N ASN A 473 -13.20 -23.86 55.88
CA ASN A 473 -12.55 -25.14 56.18
C ASN A 473 -13.45 -26.09 56.95
N LYS A 474 -14.37 -25.58 57.76
CA LYS A 474 -15.27 -26.45 58.50
C LYS A 474 -16.29 -27.09 57.56
N PRO A 475 -16.57 -28.38 57.71
CA PRO A 475 -17.54 -29.04 56.83
C PRO A 475 -18.97 -28.61 57.15
N CYS A 476 -19.81 -28.64 56.11
CA CYS A 476 -21.21 -28.29 56.29
C CYS A 476 -22.00 -29.41 56.95
N ASN A 477 -21.67 -30.67 56.61
CA ASN A 477 -22.31 -31.89 57.12
C ASN A 477 -23.81 -31.90 56.87
N GLY A 478 -24.22 -31.37 55.71
CA GLY A 478 -25.63 -31.31 55.37
C GLY A 478 -26.44 -30.27 56.10
N VAL A 479 -25.78 -29.35 56.81
CA VAL A 479 -26.46 -28.32 57.60
C VAL A 479 -26.04 -26.96 57.06
N ALA A 480 -27.02 -26.13 56.71
CA ALA A 480 -26.76 -24.78 56.22
C ALA A 480 -26.60 -23.82 57.41
N GLY A 481 -25.46 -23.95 58.08
CA GLY A 481 -25.16 -23.14 59.23
C GLY A 481 -24.22 -21.99 58.90
N PRO A 482 -23.21 -21.78 59.75
CA PRO A 482 -22.22 -20.73 59.45
C PRO A 482 -21.32 -21.14 58.29
N ASN A 483 -21.16 -20.22 57.32
CA ASN A 483 -20.41 -20.43 56.08
C ASN A 483 -20.94 -21.62 55.28
N CYS A 484 -22.25 -21.84 55.33
CA CYS A 484 -22.91 -22.92 54.60
C CYS A 484 -24.26 -22.40 54.12
N TYR A 485 -24.43 -22.30 52.80
CA TYR A 485 -25.62 -21.72 52.21
C TYR A 485 -26.16 -22.62 51.11
N SER A 486 -27.48 -22.62 50.97
CA SER A 486 -28.11 -23.25 49.82
C SER A 486 -27.94 -22.36 48.59
N PRO A 487 -27.61 -22.93 47.43
CA PRO A 487 -27.30 -22.09 46.27
C PRO A 487 -28.53 -21.46 45.63
N LEU A 488 -29.70 -22.08 45.75
CA LEU A 488 -30.89 -21.64 45.04
C LEU A 488 -31.70 -20.70 45.94
N GLN A 489 -31.97 -19.50 45.45
CA GLN A 489 -32.90 -18.58 46.08
C GLN A 489 -34.00 -18.17 45.11
N SER A 490 -35.16 -17.84 45.67
CA SER A 490 -36.30 -17.46 44.87
C SER A 490 -36.20 -16.01 44.43
N TYR A 491 -36.83 -15.71 43.30
CA TYR A 491 -36.89 -14.33 42.82
C TYR A 491 -37.86 -13.50 43.63
N GLY A 492 -39.02 -14.06 43.96
CA GLY A 492 -40.03 -13.34 44.71
C GLY A 492 -40.72 -12.26 43.92
N PHE A 493 -41.38 -12.63 42.82
CA PHE A 493 -42.01 -11.67 41.93
C PHE A 493 -43.31 -11.17 42.53
N ARG A 494 -43.52 -9.87 42.47
CA ARG A 494 -44.74 -9.21 42.93
C ARG A 494 -45.22 -8.22 41.88
N PRO A 495 -46.54 -8.00 41.78
CA PRO A 495 -47.03 -7.02 40.79
C PRO A 495 -46.75 -5.57 41.16
N THR A 496 -46.39 -5.29 42.41
CA THR A 496 -46.13 -3.94 42.85
C THR A 496 -44.70 -3.49 42.60
N TYR A 497 -43.87 -4.35 42.01
CA TYR A 497 -42.47 -4.02 41.79
C TYR A 497 -42.32 -3.04 40.63
N GLY A 498 -41.12 -2.51 40.48
CA GLY A 498 -40.81 -1.66 39.36
C GLY A 498 -40.66 -2.45 38.08
N VAL A 499 -40.52 -1.72 36.97
CA VAL A 499 -40.54 -2.35 35.65
C VAL A 499 -39.26 -3.15 35.39
N GLY A 500 -38.17 -2.85 36.10
CA GLY A 500 -36.95 -3.62 35.99
C GLY A 500 -36.87 -4.83 36.88
N HIS A 501 -37.91 -5.09 37.69
CA HIS A 501 -37.97 -6.27 38.53
C HIS A 501 -39.09 -7.21 38.14
N GLN A 502 -39.80 -6.93 37.05
CA GLN A 502 -40.87 -7.79 36.59
C GLN A 502 -40.31 -9.09 36.01
N PRO A 503 -41.05 -10.19 36.09
CA PRO A 503 -40.62 -11.43 35.43
C PRO A 503 -40.66 -11.30 33.91
N TYR A 504 -39.70 -11.96 33.26
CA TYR A 504 -39.57 -11.95 31.81
C TYR A 504 -39.39 -13.37 31.31
N ARG A 505 -40.23 -13.77 30.36
CA ARG A 505 -40.15 -15.08 29.73
C ARG A 505 -39.19 -14.99 28.55
N VAL A 506 -38.20 -15.89 28.52
CA VAL A 506 -37.14 -15.87 27.52
C VAL A 506 -37.12 -17.21 26.80
N VAL A 507 -37.15 -17.16 25.47
CA VAL A 507 -36.97 -18.31 24.59
C VAL A 507 -35.80 -18.01 23.68
N VAL A 508 -34.81 -18.90 23.66
CA VAL A 508 -33.63 -18.77 22.82
C VAL A 508 -33.70 -19.84 21.73
N LEU A 509 -33.67 -19.40 20.49
CA LEU A 509 -33.69 -20.30 19.33
C LEU A 509 -32.29 -20.35 18.73
N SER A 510 -31.64 -21.50 18.83
CA SER A 510 -30.29 -21.69 18.30
C SER A 510 -30.35 -22.62 17.10
N PHE A 511 -29.69 -22.22 16.02
CA PHE A 511 -29.71 -22.96 14.77
C PHE A 511 -28.35 -23.60 14.51
N GLU A 512 -28.37 -24.86 14.06
CA GLU A 512 -27.14 -25.51 13.62
C GLU A 512 -26.91 -25.14 12.16
N LEU A 513 -25.78 -24.50 11.88
CA LEU A 513 -25.38 -24.16 10.52
C LEU A 513 -24.18 -25.04 10.18
N LEU A 514 -24.47 -26.25 9.71
CA LEU A 514 -23.42 -27.23 9.46
C LEU A 514 -23.53 -27.83 8.07
N HIS A 515 -22.73 -28.86 7.80
CA HIS A 515 -22.75 -29.57 6.54
C HIS A 515 -23.70 -30.76 6.55
N ALA A 516 -24.48 -30.92 7.61
CA ALA A 516 -25.47 -31.98 7.66
C ALA A 516 -26.61 -31.69 6.68
N PRO A 517 -27.33 -32.71 6.21
CA PRO A 517 -28.54 -32.47 5.44
C PRO A 517 -29.61 -31.75 6.26
N ALA A 518 -30.34 -30.89 5.58
CA ALA A 518 -31.32 -30.02 6.22
C ALA A 518 -32.54 -30.83 6.65
N THR A 519 -32.67 -31.10 7.94
CA THR A 519 -33.83 -31.84 8.44
C THR A 519 -35.02 -30.90 8.58
N VAL A 520 -34.92 -29.92 9.47
CA VAL A 520 -35.87 -28.83 9.56
C VAL A 520 -35.33 -27.63 8.79
N CYS A 521 -36.16 -27.10 7.87
CA CYS A 521 -35.96 -25.76 7.37
C CYS A 521 -37.26 -25.25 6.76
N GLY A 522 -37.19 -24.07 6.13
CA GLY A 522 -38.33 -23.21 5.89
C GLY A 522 -39.19 -23.48 4.69
N PRO A 523 -40.19 -22.60 4.46
CA PRO A 523 -41.27 -22.78 3.44
C PRO A 523 -41.01 -22.26 2.03
N LYS A 524 -40.28 -23.03 1.23
CA LYS A 524 -40.03 -22.68 -0.16
C LYS A 524 -40.53 -23.78 -1.08
N LYS A 525 -41.15 -23.39 -2.19
CA LYS A 525 -41.60 -24.33 -3.20
C LYS A 525 -40.44 -24.73 -4.10
N SER A 526 -40.33 -26.03 -4.38
CA SER A 526 -39.23 -26.55 -5.17
C SER A 526 -39.55 -26.52 -6.66
N THR A 527 -38.52 -26.33 -7.46
CA THR A 527 -38.61 -26.23 -8.90
C THR A 527 -37.90 -27.44 -9.52
N ASN A 528 -38.35 -27.85 -10.70
CA ASN A 528 -37.72 -28.94 -11.43
C ASN A 528 -36.30 -28.59 -11.83
N LEU A 529 -35.43 -29.60 -11.82
CA LEU A 529 -34.01 -29.40 -12.09
C LEU A 529 -33.73 -29.47 -13.58
N VAL A 530 -32.99 -28.48 -14.09
CA VAL A 530 -32.50 -28.50 -15.46
C VAL A 530 -30.99 -28.36 -15.43
N LYS A 531 -30.34 -28.99 -16.41
CA LYS A 531 -28.89 -29.03 -16.48
C LYS A 531 -28.41 -28.45 -17.80
N ASN A 532 -27.11 -28.14 -17.84
CA ASN A 532 -26.39 -27.61 -19.01
C ASN A 532 -27.01 -26.31 -19.51
N LYS A 533 -27.44 -25.45 -18.58
CA LYS A 533 -28.08 -24.20 -18.92
C LYS A 533 -27.79 -23.19 -17.82
N CYS A 534 -27.49 -21.95 -18.22
CA CYS A 534 -27.10 -20.90 -17.28
C CYS A 534 -28.34 -20.47 -16.50
N VAL A 535 -28.42 -20.89 -15.24
CA VAL A 535 -29.56 -20.64 -14.38
C VAL A 535 -29.08 -20.02 -13.07
N ASN A 536 -30.04 -19.68 -12.21
CA ASN A 536 -29.79 -19.27 -10.83
C ASN A 536 -30.29 -20.38 -9.93
N PHE A 537 -29.41 -20.95 -9.12
CA PHE A 537 -29.79 -22.07 -8.29
C PHE A 537 -29.96 -21.65 -6.83
N ASN A 538 -30.81 -22.38 -6.11
CA ASN A 538 -31.03 -22.19 -4.67
C ASN A 538 -31.07 -23.59 -4.06
N PHE A 539 -29.91 -24.08 -3.65
CA PHE A 539 -29.76 -25.42 -3.11
C PHE A 539 -29.64 -25.32 -1.60
N ASN A 540 -30.75 -25.61 -0.91
CA ASN A 540 -30.86 -25.59 0.56
C ASN A 540 -30.48 -24.23 1.15
N GLY A 541 -30.93 -23.16 0.49
CA GLY A 541 -30.86 -21.82 1.04
C GLY A 541 -29.76 -20.93 0.48
N LEU A 542 -28.76 -21.51 -0.18
CA LEU A 542 -27.65 -20.74 -0.73
C LEU A 542 -27.85 -20.50 -2.21
N THR A 543 -27.64 -19.26 -2.63
CA THR A 543 -27.86 -18.86 -4.00
C THR A 543 -26.56 -18.85 -4.79
N GLY A 544 -26.69 -18.73 -6.10
CA GLY A 544 -25.53 -18.70 -6.98
C GLY A 544 -25.97 -18.64 -8.43
N THR A 545 -24.97 -18.64 -9.31
CA THR A 545 -25.19 -18.60 -10.74
C THR A 545 -24.18 -19.53 -11.41
N GLY A 546 -24.64 -20.27 -12.41
CA GLY A 546 -23.76 -21.14 -13.15
C GLY A 546 -24.55 -22.23 -13.85
N VAL A 547 -23.82 -23.03 -14.61
CA VAL A 547 -24.39 -24.21 -15.25
C VAL A 547 -24.09 -25.41 -14.37
N LEU A 548 -25.01 -26.38 -14.41
CA LEU A 548 -24.97 -27.57 -13.59
C LEU A 548 -24.77 -28.78 -14.50
N THR A 549 -23.74 -29.56 -14.21
CA THR A 549 -23.45 -30.76 -14.99
C THR A 549 -23.47 -31.99 -14.10
N GLU A 550 -23.66 -33.15 -14.73
CA GLU A 550 -23.56 -34.41 -14.02
C GLU A 550 -22.11 -34.66 -13.60
N SER A 551 -21.93 -35.16 -12.39
CA SER A 551 -20.61 -35.29 -11.79
C SER A 551 -20.17 -36.74 -11.70
N ASN A 552 -18.87 -36.96 -11.84
CA ASN A 552 -18.25 -38.26 -11.61
C ASN A 552 -17.36 -38.26 -10.37
N LYS A 553 -17.59 -37.31 -9.46
CA LYS A 553 -16.79 -37.22 -8.25
C LYS A 553 -17.14 -38.36 -7.30
N LYS A 554 -16.10 -38.99 -6.72
CA LYS A 554 -16.28 -40.12 -5.82
C LYS A 554 -16.58 -39.57 -4.41
N PHE A 555 -17.82 -39.12 -4.24
CA PHE A 555 -18.26 -38.59 -2.96
C PHE A 555 -18.40 -39.73 -1.95
N LEU A 556 -17.99 -39.47 -0.72
CA LEU A 556 -18.33 -40.37 0.37
C LEU A 556 -19.80 -40.19 0.74
N PRO A 557 -20.46 -41.23 1.27
CA PRO A 557 -21.89 -41.11 1.63
C PRO A 557 -22.18 -40.09 2.72
N PHE A 558 -21.21 -39.76 3.57
CA PHE A 558 -21.40 -38.71 4.56
C PHE A 558 -21.09 -37.32 4.02
N GLN A 559 -20.47 -37.21 2.86
CA GLN A 559 -20.10 -35.92 2.31
C GLN A 559 -21.30 -35.24 1.68
N GLN A 560 -21.34 -33.91 1.81
CA GLN A 560 -22.44 -33.10 1.32
C GLN A 560 -22.01 -32.14 0.24
N PHE A 561 -20.98 -31.34 0.49
CA PHE A 561 -20.57 -30.23 -0.36
C PHE A 561 -19.13 -30.44 -0.82
N GLY A 562 -18.73 -29.66 -1.81
CA GLY A 562 -17.35 -29.61 -2.23
C GLY A 562 -16.90 -28.18 -2.40
N ARG A 563 -15.70 -27.88 -1.92
CA ARG A 563 -15.16 -26.53 -1.99
C ARG A 563 -13.93 -26.49 -2.90
N ASP A 564 -13.60 -25.28 -3.33
CA ASP A 564 -12.47 -25.00 -4.19
C ASP A 564 -11.31 -24.45 -3.35
N ILE A 565 -10.26 -23.98 -4.04
CA ILE A 565 -9.14 -23.34 -3.35
C ILE A 565 -9.59 -22.00 -2.75
N ALA A 566 -10.43 -21.27 -3.48
CA ALA A 566 -10.98 -20.00 -3.00
C ALA A 566 -12.22 -20.16 -2.13
N ASP A 567 -12.46 -21.37 -1.61
CA ASP A 567 -13.57 -21.71 -0.70
C ASP A 567 -14.93 -21.38 -1.30
N THR A 568 -15.06 -21.56 -2.60
CA THR A 568 -16.33 -21.46 -3.29
C THR A 568 -16.82 -22.86 -3.66
N THR A 569 -18.12 -22.98 -3.85
CA THR A 569 -18.73 -24.29 -4.02
C THR A 569 -18.47 -24.82 -5.43
N ASP A 570 -17.94 -26.04 -5.50
CA ASP A 570 -17.62 -26.72 -6.74
C ASP A 570 -18.63 -27.81 -7.09
N ALA A 571 -19.06 -28.58 -6.10
CA ALA A 571 -20.05 -29.63 -6.30
C ALA A 571 -21.11 -29.54 -5.22
N VAL A 572 -22.34 -29.88 -5.59
CA VAL A 572 -23.47 -29.82 -4.66
C VAL A 572 -24.22 -31.14 -4.78
N ARG A 573 -24.87 -31.55 -3.69
CA ARG A 573 -25.74 -32.72 -3.67
C ARG A 573 -27.18 -32.25 -3.64
N ASP A 574 -28.01 -32.82 -4.51
CA ASP A 574 -29.40 -32.43 -4.59
C ASP A 574 -30.15 -32.91 -3.35
N PRO A 575 -30.98 -32.07 -2.73
CA PRO A 575 -31.68 -32.49 -1.50
C PRO A 575 -32.74 -33.56 -1.71
N GLN A 576 -33.30 -33.68 -2.92
CA GLN A 576 -34.38 -34.62 -3.15
C GLN A 576 -33.86 -35.98 -3.63
N THR A 577 -33.13 -36.00 -4.74
CA THR A 577 -32.49 -37.22 -5.20
C THR A 577 -31.00 -37.20 -4.87
N LEU A 578 -30.47 -38.38 -4.58
CA LEU A 578 -29.08 -38.49 -4.11
C LEU A 578 -28.13 -38.51 -5.31
N GLU A 579 -27.96 -37.32 -5.90
CA GLU A 579 -27.08 -37.15 -7.04
C GLU A 579 -26.25 -35.89 -6.85
N ILE A 580 -25.10 -35.85 -7.51
CA ILE A 580 -24.11 -34.80 -7.35
C ILE A 580 -24.01 -34.01 -8.65
N LEU A 581 -24.12 -32.69 -8.55
CA LEU A 581 -24.02 -31.80 -9.69
C LEU A 581 -22.79 -30.91 -9.53
N ASP A 582 -21.98 -30.83 -10.57
CA ASP A 582 -20.87 -29.89 -10.62
C ASP A 582 -21.39 -28.53 -11.05
N ILE A 583 -20.97 -27.48 -10.34
CA ILE A 583 -21.34 -26.11 -10.65
C ILE A 583 -20.14 -25.45 -11.30
N THR A 584 -20.31 -24.97 -12.53
CA THR A 584 -19.25 -24.16 -13.11
C THR A 584 -19.87 -22.92 -13.73
N PRO A 585 -19.21 -21.76 -13.64
CA PRO A 585 -19.86 -20.50 -14.06
C PRO A 585 -20.08 -20.44 -15.57
N CYS A 586 -21.03 -19.59 -15.94
CA CYS A 586 -21.40 -19.41 -17.34
C CYS A 586 -20.27 -18.71 -18.09
N SER A 587 -20.37 -18.73 -19.43
CA SER A 587 -19.26 -18.35 -20.28
C SER A 587 -18.93 -16.86 -20.16
N PHE A 588 -17.65 -16.57 -19.98
CA PHE A 588 -17.17 -15.22 -19.74
C PHE A 588 -15.88 -15.03 -20.52
N GLY A 589 -15.50 -13.76 -20.70
CA GLY A 589 -14.25 -13.48 -21.36
C GLY A 589 -13.93 -12.02 -21.59
N GLY A 590 -12.65 -11.69 -21.68
CA GLY A 590 -12.25 -10.31 -21.93
C GLY A 590 -12.52 -9.91 -23.38
N VAL A 591 -12.95 -8.66 -23.54
CA VAL A 591 -13.26 -8.10 -24.84
C VAL A 591 -12.30 -6.94 -25.08
N SER A 592 -11.55 -6.99 -26.17
CA SER A 592 -10.67 -5.90 -26.57
C SER A 592 -11.19 -5.29 -27.86
N VAL A 593 -11.07 -3.98 -27.97
CA VAL A 593 -11.56 -3.24 -29.13
C VAL A 593 -10.37 -2.64 -29.87
N ILE A 594 -10.22 -3.01 -31.13
CA ILE A 594 -9.12 -2.60 -31.99
C ILE A 594 -9.64 -1.55 -32.95
N THR A 595 -9.09 -0.35 -32.88
CA THR A 595 -9.57 0.75 -33.68
C THR A 595 -8.41 1.60 -34.15
N PRO A 596 -8.56 2.27 -35.30
CA PRO A 596 -7.74 3.45 -35.58
C PRO A 596 -8.31 4.67 -34.87
N GLY A 597 -7.78 5.86 -35.17
CA GLY A 597 -8.30 7.05 -34.55
C GLY A 597 -9.71 7.38 -35.03
N THR A 598 -10.45 8.09 -34.17
CA THR A 598 -11.81 8.47 -34.52
C THR A 598 -11.87 9.55 -35.58
N ASN A 599 -10.76 10.28 -35.78
CA ASN A 599 -10.69 11.22 -36.89
C ASN A 599 -10.36 10.54 -38.21
N THR A 600 -10.03 9.25 -38.18
CA THR A 600 -9.78 8.47 -39.40
C THR A 600 -10.97 7.61 -39.79
N SER A 601 -11.48 6.80 -38.87
CA SER A 601 -12.59 5.90 -39.18
C SER A 601 -13.36 5.59 -37.90
N ASN A 602 -14.58 5.10 -38.09
CA ASN A 602 -15.43 4.65 -37.00
C ASN A 602 -15.56 3.14 -36.94
N GLN A 603 -14.82 2.41 -37.77
CA GLN A 603 -14.84 0.96 -37.75
C GLN A 603 -14.02 0.43 -36.58
N VAL A 604 -14.45 -0.71 -36.03
CA VAL A 604 -13.74 -1.38 -34.95
C VAL A 604 -13.68 -2.87 -35.25
N ALA A 605 -12.75 -3.54 -34.58
CA ALA A 605 -12.70 -4.99 -34.55
C ALA A 605 -12.72 -5.44 -33.09
N VAL A 606 -13.30 -6.59 -32.83
CA VAL A 606 -13.50 -7.08 -31.47
C VAL A 606 -12.72 -8.37 -31.30
N LEU A 607 -11.81 -8.38 -30.33
CA LEU A 607 -11.05 -9.58 -29.99
C LEU A 607 -11.61 -10.17 -28.71
N TYR A 608 -12.15 -11.39 -28.81
CA TYR A 608 -12.58 -12.14 -27.64
C TYR A 608 -11.40 -12.98 -27.18
N GLN A 609 -10.94 -12.72 -25.96
CA GLN A 609 -9.65 -13.22 -25.51
C GLN A 609 -9.78 -14.59 -24.88
N GLY A 610 -8.96 -15.53 -25.35
CA GLY A 610 -8.88 -16.87 -24.79
C GLY A 610 -10.11 -17.72 -24.94
N VAL A 611 -10.78 -17.65 -26.09
CA VAL A 611 -11.97 -18.48 -26.32
C VAL A 611 -12.10 -18.82 -27.80
N ASN A 612 -12.50 -20.06 -28.09
CA ASN A 612 -12.90 -20.41 -29.45
C ASN A 612 -14.19 -19.69 -29.79
N CYS A 613 -14.26 -19.14 -31.01
CA CYS A 613 -15.55 -18.64 -31.47
C CYS A 613 -16.22 -19.54 -32.48
N THR A 614 -16.00 -20.85 -32.37
CA THR A 614 -17.07 -21.79 -32.71
C THR A 614 -18.15 -21.77 -31.63
N GLU A 615 -17.76 -21.40 -30.40
CA GLU A 615 -18.69 -21.32 -29.26
C GLU A 615 -18.47 -19.98 -28.54
N VAL A 616 -19.16 -18.94 -29.00
CA VAL A 616 -19.34 -17.72 -28.22
C VAL A 616 -20.84 -17.45 -28.13
N PRO A 617 -21.48 -17.81 -27.01
CA PRO A 617 -22.90 -17.46 -26.85
C PRO A 617 -23.14 -15.99 -26.60
N VAL A 618 -22.18 -15.32 -25.94
CA VAL A 618 -22.17 -13.90 -25.48
C VAL A 618 -23.53 -13.30 -25.12
N ASN A 637 -16.25 -11.01 -40.68
CA ASN A 637 -14.94 -11.65 -40.84
C ASN A 637 -14.48 -12.24 -39.51
N VAL A 638 -14.33 -13.57 -39.46
CA VAL A 638 -14.01 -14.30 -38.25
C VAL A 638 -12.66 -14.97 -38.44
N PHE A 639 -11.71 -14.72 -37.53
CA PHE A 639 -10.37 -15.29 -37.62
C PHE A 639 -9.92 -15.77 -36.25
N GLN A 640 -9.51 -17.03 -36.17
CA GLN A 640 -9.10 -17.63 -34.90
C GLN A 640 -7.58 -17.47 -34.73
N THR A 641 -7.17 -16.76 -33.67
CA THR A 641 -5.77 -16.58 -33.35
C THR A 641 -5.43 -17.43 -32.13
N ARG A 642 -4.20 -17.30 -31.63
CA ARG A 642 -3.82 -17.92 -30.38
C ARG A 642 -4.12 -17.03 -29.18
N ALA A 643 -4.58 -15.81 -29.41
CA ALA A 643 -4.99 -14.89 -28.36
C ALA A 643 -6.51 -14.76 -28.32
N GLY A 644 -7.22 -15.83 -28.64
CA GLY A 644 -8.66 -15.79 -28.76
C GLY A 644 -9.09 -15.76 -30.21
N CYS A 645 -10.09 -14.96 -30.53
CA CYS A 645 -10.41 -14.79 -31.94
C CYS A 645 -10.93 -13.39 -32.21
N LEU A 646 -10.85 -13.01 -33.49
CA LEU A 646 -11.03 -11.65 -33.94
C LEU A 646 -12.23 -11.59 -34.89
N ILE A 647 -13.14 -10.66 -34.60
CA ILE A 647 -14.32 -10.42 -35.42
C ILE A 647 -14.22 -9.01 -35.98
N GLY A 648 -14.37 -8.88 -37.29
CA GLY A 648 -14.39 -7.58 -37.93
C GLY A 648 -13.13 -7.19 -38.66
N ALA A 649 -12.13 -8.06 -38.73
CA ALA A 649 -10.91 -7.83 -39.49
C ALA A 649 -10.58 -9.09 -40.27
N GLU A 650 -10.29 -8.92 -41.56
CA GLU A 650 -10.04 -10.07 -42.43
C GLU A 650 -8.54 -10.38 -42.48
N TYR A 651 -8.22 -11.66 -42.47
CA TYR A 651 -6.83 -12.10 -42.56
C TYR A 651 -6.33 -11.98 -43.99
N VAL A 652 -5.08 -11.61 -44.14
CA VAL A 652 -4.43 -11.54 -45.45
C VAL A 652 -3.18 -12.40 -45.41
N ASN A 653 -2.83 -12.94 -46.58
CA ASN A 653 -1.62 -13.76 -46.71
C ASN A 653 -0.42 -12.92 -47.11
N ASN A 654 -0.19 -11.84 -46.36
CA ASN A 654 0.95 -10.96 -46.59
C ASN A 654 1.73 -10.81 -45.29
N SER A 655 2.68 -9.88 -45.28
CA SER A 655 3.45 -9.61 -44.07
C SER A 655 3.98 -8.18 -44.15
N TYR A 656 3.59 -7.35 -43.20
CA TYR A 656 4.06 -5.99 -43.05
C TYR A 656 4.67 -5.82 -41.67
N GLU A 657 5.11 -4.61 -41.37
CA GLU A 657 5.51 -4.30 -40.01
C GLU A 657 4.27 -4.20 -39.12
N CYS A 658 4.48 -4.41 -37.81
CA CYS A 658 3.37 -4.41 -36.87
C CYS A 658 2.85 -2.99 -36.65
N ASP A 659 1.52 -2.86 -36.66
CA ASP A 659 0.85 -1.58 -36.41
C ASP A 659 0.08 -1.59 -35.10
N ILE A 660 -0.83 -2.55 -34.93
CA ILE A 660 -1.55 -2.74 -33.67
C ILE A 660 -1.30 -4.16 -33.21
N PRO A 661 -0.60 -4.37 -32.11
CA PRO A 661 -0.31 -5.74 -31.66
C PRO A 661 -1.54 -6.39 -31.03
N ILE A 662 -1.85 -7.59 -31.50
CA ILE A 662 -3.00 -8.35 -31.01
C ILE A 662 -2.57 -9.48 -30.07
N GLY A 663 -1.64 -10.31 -30.52
CA GLY A 663 -1.30 -11.49 -29.77
C GLY A 663 -0.09 -12.21 -30.33
N ALA A 664 -0.17 -13.53 -30.44
CA ALA A 664 0.98 -14.38 -30.75
C ALA A 664 1.37 -14.24 -32.22
N GLY A 665 2.01 -13.11 -32.54
CA GLY A 665 2.50 -12.87 -33.87
C GLY A 665 1.54 -12.17 -34.81
N ILE A 666 0.30 -11.95 -34.40
CA ILE A 666 -0.72 -11.35 -35.25
C ILE A 666 -0.79 -9.87 -34.97
N CYS A 667 -0.77 -9.06 -36.02
CA CYS A 667 -0.94 -7.62 -35.92
C CYS A 667 -2.10 -7.18 -36.80
N ALA A 668 -2.59 -5.97 -36.56
CA ALA A 668 -3.73 -5.43 -37.29
C ALA A 668 -3.43 -4.03 -37.78
N SER A 669 -4.05 -3.66 -38.90
CA SER A 669 -3.86 -2.35 -39.48
C SER A 669 -5.11 -1.94 -40.24
N TYR A 670 -5.13 -0.70 -40.69
CA TYR A 670 -6.24 -0.13 -41.45
C TYR A 670 -5.74 0.14 -42.86
N GLN A 671 -6.02 -0.78 -43.77
CA GLN A 671 -5.43 -0.73 -45.11
C GLN A 671 -6.52 -0.73 -46.17
N THR A 672 -6.11 -0.75 -47.43
CA THR A 672 -7.02 -0.62 -48.56
C THR A 672 -7.37 -1.95 -49.22
N GLN A 673 -6.88 -3.07 -48.70
CA GLN A 673 -7.14 -4.36 -49.33
C GLN A 673 -7.08 -5.50 -48.31
N SER A 685 -11.76 0.80 -51.56
CA SER A 685 -12.11 0.15 -50.30
C SER A 685 -11.09 0.50 -49.22
N GLN A 686 -11.52 0.39 -47.97
CA GLN A 686 -10.68 0.73 -46.82
C GLN A 686 -11.25 0.00 -45.61
N SER A 687 -10.48 -0.91 -45.04
CA SER A 687 -10.97 -1.76 -43.97
C SER A 687 -9.81 -2.20 -43.08
N ILE A 688 -10.18 -2.77 -41.93
CA ILE A 688 -9.21 -3.31 -40.99
C ILE A 688 -8.81 -4.72 -41.44
N ILE A 689 -7.50 -4.96 -41.49
CA ILE A 689 -6.96 -6.27 -41.85
C ILE A 689 -6.04 -6.76 -40.74
N ALA A 690 -5.91 -8.07 -40.65
CA ALA A 690 -5.02 -8.73 -39.71
C ALA A 690 -4.02 -9.57 -40.49
N TYR A 691 -2.80 -9.68 -39.96
CA TYR A 691 -1.74 -10.37 -40.67
C TYR A 691 -0.72 -10.89 -39.66
N THR A 692 0.26 -11.63 -40.18
CA THR A 692 1.43 -12.01 -39.42
C THR A 692 2.52 -10.98 -39.67
N MET A 693 3.17 -10.53 -38.59
CA MET A 693 4.17 -9.47 -38.71
C MET A 693 5.43 -9.98 -39.40
N SER A 694 6.09 -9.09 -40.11
CA SER A 694 7.31 -9.40 -40.85
C SER A 694 8.51 -9.01 -40.00
N LEU A 695 9.45 -9.95 -39.84
CA LEU A 695 10.62 -9.69 -39.01
C LEU A 695 11.60 -8.77 -39.70
N GLY A 696 11.77 -8.93 -41.01
CA GLY A 696 12.66 -8.06 -41.75
C GLY A 696 12.84 -8.55 -43.15
N ALA A 697 13.69 -7.84 -43.89
CA ALA A 697 14.00 -8.22 -45.25
C ALA A 697 14.84 -9.49 -45.28
N GLU A 698 14.57 -10.35 -46.26
CA GLU A 698 15.29 -11.60 -46.39
C GLU A 698 16.60 -11.37 -47.12
N ASN A 699 17.70 -11.87 -46.56
CA ASN A 699 19.01 -11.67 -47.15
C ASN A 699 19.79 -12.97 -47.13
N SER A 700 20.71 -13.12 -48.09
CA SER A 700 21.58 -14.29 -48.19
C SER A 700 22.98 -13.79 -48.53
N VAL A 701 23.82 -13.69 -47.51
CA VAL A 701 25.19 -13.26 -47.67
C VAL A 701 26.02 -14.37 -48.32
N ALA A 702 26.87 -13.98 -49.27
CA ALA A 702 27.63 -14.94 -50.08
C ALA A 702 28.95 -15.24 -49.40
N TYR A 703 29.04 -16.38 -48.72
CA TYR A 703 30.23 -16.77 -48.00
C TYR A 703 31.07 -17.70 -48.86
N SER A 704 32.34 -17.36 -49.01
CA SER A 704 33.33 -18.23 -49.63
C SER A 704 34.59 -18.19 -48.78
N ASN A 705 35.42 -19.22 -48.92
CA ASN A 705 36.63 -19.31 -48.12
C ASN A 705 37.82 -18.58 -48.74
N ASN A 706 37.62 -17.88 -49.86
CA ASN A 706 38.67 -17.07 -50.45
C ASN A 706 38.15 -15.75 -51.02
N SER A 707 37.01 -15.26 -50.55
CA SER A 707 36.40 -14.05 -51.09
C SER A 707 36.16 -13.04 -49.97
N ILE A 708 36.42 -11.77 -50.25
CA ILE A 708 36.23 -10.70 -49.29
C ILE A 708 35.51 -9.53 -49.97
N ALA A 709 34.85 -8.72 -49.16
CA ALA A 709 34.17 -7.51 -49.61
C ALA A 709 34.74 -6.32 -48.83
N ILE A 710 35.18 -5.31 -49.57
CA ILE A 710 35.84 -4.15 -48.96
C ILE A 710 35.15 -2.88 -49.44
N PRO A 711 34.74 -1.99 -48.53
CA PRO A 711 34.09 -0.75 -48.95
C PRO A 711 35.03 0.20 -49.67
N THR A 712 34.47 0.97 -50.61
CA THR A 712 35.23 1.93 -51.38
C THR A 712 34.82 3.37 -51.12
N ASN A 713 33.69 3.61 -50.46
CA ASN A 713 33.23 4.96 -50.13
C ASN A 713 32.68 4.92 -48.71
N PHE A 714 32.07 6.03 -48.28
CA PHE A 714 31.50 6.10 -46.95
C PHE A 714 30.39 7.14 -46.93
N THR A 715 29.63 7.11 -45.84
CA THR A 715 28.64 8.13 -45.51
C THR A 715 28.85 8.55 -44.05
N ILE A 716 28.57 9.82 -43.79
CA ILE A 716 28.61 10.38 -42.45
C ILE A 716 27.18 10.56 -41.99
N SER A 717 26.78 9.84 -40.95
CA SER A 717 25.39 9.79 -40.53
C SER A 717 25.24 10.40 -39.13
N VAL A 718 24.25 11.27 -38.97
CA VAL A 718 23.94 11.90 -37.70
C VAL A 718 22.59 11.35 -37.23
N THR A 719 22.60 10.65 -36.10
CA THR A 719 21.40 10.08 -35.50
C THR A 719 21.05 10.83 -34.23
N THR A 720 19.83 10.59 -33.73
CA THR A 720 19.28 11.31 -32.60
C THR A 720 18.88 10.33 -31.51
N GLU A 721 19.36 10.56 -30.28
CA GLU A 721 18.95 9.79 -29.12
C GLU A 721 18.34 10.73 -28.08
N ILE A 722 17.19 10.35 -27.53
CA ILE A 722 16.45 11.20 -26.61
C ILE A 722 16.33 10.47 -25.27
N LEU A 723 16.77 11.12 -24.20
CA LEU A 723 16.82 10.48 -22.89
C LEU A 723 16.20 11.38 -21.82
N PRO A 724 15.21 10.90 -21.08
CA PRO A 724 14.70 11.67 -19.94
C PRO A 724 15.70 11.74 -18.80
N VAL A 725 15.65 12.85 -18.07
CA VAL A 725 16.61 13.15 -17.01
C VAL A 725 15.92 13.38 -15.67
N SER A 726 14.95 14.30 -15.62
CA SER A 726 14.24 14.62 -14.41
C SER A 726 12.75 14.61 -14.68
N MET A 727 11.96 14.79 -13.62
CA MET A 727 10.52 14.89 -13.77
C MET A 727 10.01 16.00 -12.86
N THR A 728 8.69 16.08 -12.73
CA THR A 728 8.06 17.14 -11.96
C THR A 728 8.21 16.86 -10.46
N LYS A 729 8.60 17.89 -9.71
CA LYS A 729 8.70 17.83 -8.26
C LYS A 729 7.39 18.34 -7.67
N THR A 730 6.73 17.51 -6.87
CA THR A 730 5.43 17.84 -6.31
C THR A 730 5.48 17.76 -4.80
N SER A 731 4.59 18.52 -4.16
CA SER A 731 4.42 18.51 -2.72
C SER A 731 2.93 18.48 -2.41
N VAL A 732 2.56 17.69 -1.40
CA VAL A 732 1.17 17.46 -1.04
C VAL A 732 0.96 17.87 0.41
N ASP A 733 -0.06 18.70 0.64
CA ASP A 733 -0.51 19.03 1.99
C ASP A 733 -1.61 18.05 2.39
N CYS A 734 -1.40 17.31 3.49
CA CYS A 734 -2.38 16.32 3.92
C CYS A 734 -3.63 16.93 4.50
N THR A 735 -3.48 17.98 5.32
CA THR A 735 -4.62 18.57 6.00
C THR A 735 -5.58 19.22 5.00
N MET A 736 -5.05 19.87 3.98
CA MET A 736 -5.89 20.50 2.97
C MET A 736 -6.48 19.49 2.01
N TYR A 737 -5.88 18.30 1.87
CA TYR A 737 -6.41 17.29 0.97
C TYR A 737 -7.46 16.43 1.65
N ILE A 738 -7.12 15.81 2.78
CA ILE A 738 -8.04 14.93 3.48
C ILE A 738 -9.16 15.71 4.14
N CYS A 739 -8.84 16.82 4.79
CA CYS A 739 -9.80 17.55 5.60
C CYS A 739 -10.27 18.86 4.98
N GLY A 740 -9.36 19.72 4.53
CA GLY A 740 -9.77 20.98 3.97
C GLY A 740 -10.29 21.96 5.01
N ASP A 741 -9.35 22.45 5.84
CA ASP A 741 -9.54 23.41 6.95
C ASP A 741 -10.78 23.14 7.81
N SER A 742 -10.97 21.87 8.14
CA SER A 742 -11.99 21.43 9.08
C SER A 742 -11.30 21.00 10.37
N THR A 743 -11.79 21.50 11.50
CA THR A 743 -11.11 21.27 12.78
C THR A 743 -11.32 19.85 13.28
N GLU A 744 -12.54 19.33 13.14
CA GLU A 744 -12.86 17.98 13.61
C GLU A 744 -12.10 16.92 12.83
N CYS A 745 -11.98 17.10 11.51
CA CYS A 745 -11.20 16.15 10.70
C CYS A 745 -9.73 16.18 11.07
N SER A 746 -9.19 17.37 11.36
CA SER A 746 -7.78 17.46 11.77
C SER A 746 -7.55 16.80 13.12
N ASN A 747 -8.50 16.98 14.06
CA ASN A 747 -8.37 16.34 15.36
C ASN A 747 -8.50 14.82 15.27
N LEU A 748 -9.33 14.31 14.37
CA LEU A 748 -9.36 12.86 14.16
C LEU A 748 -8.16 12.35 13.35
N LEU A 749 -7.58 13.19 12.50
CA LEU A 749 -6.40 12.81 11.73
C LEU A 749 -5.14 12.79 12.57
N LEU A 750 -5.11 13.54 13.67
CA LEU A 750 -3.95 13.53 14.56
C LEU A 750 -3.75 12.19 15.27
N GLN A 751 -4.76 11.33 15.30
CA GLN A 751 -4.67 10.01 15.93
C GLN A 751 -4.08 8.95 15.02
N TYR A 752 -3.72 9.30 13.78
CA TYR A 752 -3.17 8.33 12.85
C TYR A 752 -1.65 8.32 12.83
N GLY A 753 -1.01 9.07 13.71
CA GLY A 753 0.42 8.95 13.91
C GLY A 753 1.20 9.76 12.91
N SER A 754 2.14 9.11 12.22
CA SER A 754 3.08 9.81 11.37
C SER A 754 3.04 9.27 9.95
N PHE A 755 1.84 9.07 9.40
CA PHE A 755 1.74 8.72 7.98
C PHE A 755 2.10 9.90 7.10
N CYS A 756 1.55 11.08 7.40
CA CYS A 756 1.78 12.24 6.54
C CYS A 756 3.18 12.80 6.64
N THR A 757 3.84 12.62 7.78
CA THR A 757 5.25 13.00 7.89
C THR A 757 6.12 12.18 6.94
N GLN A 758 5.87 10.88 6.84
CA GLN A 758 6.73 10.07 5.98
C GLN A 758 6.33 10.14 4.50
N LEU A 759 5.05 10.43 4.19
CA LEU A 759 4.71 10.80 2.82
C LEU A 759 5.37 12.12 2.40
N LYS A 760 5.40 13.12 3.29
CA LYS A 760 6.08 14.37 2.99
C LYS A 760 7.59 14.15 2.84
N ARG A 761 8.17 13.26 3.65
CA ARG A 761 9.58 12.92 3.52
C ARG A 761 9.89 12.24 2.18
N ALA A 762 9.02 11.33 1.74
CA ALA A 762 9.22 10.66 0.46
C ALA A 762 9.14 11.63 -0.71
N LEU A 763 8.17 12.56 -0.67
CA LEU A 763 8.06 13.54 -1.74
C LEU A 763 9.24 14.51 -1.76
N THR A 764 9.74 14.90 -0.58
CA THR A 764 10.92 15.76 -0.52
C THR A 764 12.17 15.05 -1.03
N GLY A 765 12.30 13.75 -0.74
CA GLY A 765 13.43 13.00 -1.25
C GLY A 765 13.40 12.86 -2.77
N ILE A 766 12.21 12.64 -3.34
CA ILE A 766 12.05 12.61 -4.79
C ILE A 766 12.42 13.96 -5.42
N ALA A 767 11.98 15.06 -4.79
CA ALA A 767 12.23 16.40 -5.31
C ALA A 767 13.72 16.75 -5.26
N VAL A 768 14.44 16.30 -4.23
CA VAL A 768 15.89 16.52 -4.17
C VAL A 768 16.60 15.65 -5.21
N GLU A 769 16.13 14.41 -5.40
CA GLU A 769 16.74 13.49 -6.34
C GLU A 769 16.62 13.97 -7.78
N GLN A 770 15.55 14.70 -8.12
CA GLN A 770 15.40 15.21 -9.49
C GLN A 770 16.47 16.25 -9.82
N ASP A 771 16.73 17.18 -8.89
CA ASP A 771 17.80 18.16 -9.09
C ASP A 771 19.17 17.52 -9.08
N LYS A 772 19.34 16.45 -8.28
CA LYS A 772 20.60 15.69 -8.31
C LYS A 772 20.82 15.04 -9.66
N ASN A 773 19.76 14.50 -10.28
CA ASN A 773 19.85 13.91 -11.61
C ASN A 773 20.25 14.94 -12.66
N THR A 774 19.61 16.12 -12.63
CA THR A 774 19.95 17.18 -13.58
C THR A 774 21.38 17.67 -13.38
N GLN A 775 21.83 17.77 -12.13
CA GLN A 775 23.20 18.21 -11.85
C GLN A 775 24.23 17.19 -12.31
N GLU A 776 23.98 15.90 -12.10
CA GLU A 776 24.96 14.91 -12.53
C GLU A 776 24.96 14.70 -14.04
N VAL A 777 23.87 14.99 -14.73
CA VAL A 777 23.90 14.87 -16.19
C VAL A 777 24.57 16.10 -16.81
N PHE A 778 24.11 17.29 -16.46
CA PHE A 778 24.53 18.47 -17.23
C PHE A 778 25.74 19.17 -16.63
N ALA A 779 25.70 19.49 -15.33
CA ALA A 779 26.79 20.22 -14.68
C ALA A 779 27.95 19.26 -14.46
N GLN A 780 28.75 19.10 -15.50
CA GLN A 780 29.86 18.14 -15.47
C GLN A 780 31.15 18.81 -15.93
N VAL A 781 31.03 19.83 -16.79
CA VAL A 781 32.19 20.60 -17.22
C VAL A 781 32.59 21.56 -16.11
N LYS A 782 33.89 21.73 -15.93
CA LYS A 782 34.39 22.58 -14.85
C LYS A 782 34.20 24.07 -15.16
N GLN A 783 34.48 24.48 -16.39
CA GLN A 783 34.50 25.88 -16.76
C GLN A 783 33.56 26.12 -17.93
N ILE A 784 33.09 27.35 -18.04
CA ILE A 784 32.14 27.73 -19.09
C ILE A 784 32.96 28.20 -20.28
N TYR A 785 33.18 27.31 -21.25
CA TYR A 785 33.95 27.66 -22.43
C TYR A 785 33.09 28.45 -23.41
N LYS A 786 33.78 29.18 -24.30
CA LYS A 786 33.12 29.99 -25.31
C LYS A 786 33.71 29.68 -26.67
N THR A 787 32.86 29.73 -27.69
CA THR A 787 33.31 29.59 -29.06
C THR A 787 33.90 30.91 -29.56
N PRO A 788 34.90 30.86 -30.43
CA PRO A 788 35.48 32.10 -30.98
C PRO A 788 34.51 32.81 -31.90
N PRO A 789 34.66 34.12 -32.10
CA PRO A 789 33.78 34.83 -33.04
C PRO A 789 33.95 34.39 -34.49
N ILE A 790 35.12 33.87 -34.86
CA ILE A 790 35.29 33.27 -36.18
C ILE A 790 34.58 31.93 -36.21
N LYS A 791 33.91 31.64 -37.33
CA LYS A 791 33.07 30.47 -37.47
C LYS A 791 33.52 29.58 -38.62
N TYR A 792 34.83 29.36 -38.73
CA TYR A 792 35.38 28.42 -39.68
C TYR A 792 35.97 27.23 -38.92
N PHE A 793 35.48 26.03 -39.23
CA PHE A 793 35.92 24.80 -38.59
C PHE A 793 36.20 23.74 -39.65
N GLY A 794 36.92 24.12 -40.70
CA GLY A 794 37.23 23.20 -41.77
C GLY A 794 36.10 22.94 -42.73
N GLY A 795 35.14 23.85 -42.83
CA GLY A 795 33.96 23.65 -43.66
C GLY A 795 32.78 23.01 -42.96
N PHE A 796 32.91 22.67 -41.69
CA PHE A 796 31.83 22.07 -40.93
C PHE A 796 30.95 23.18 -40.36
N ASN A 797 29.65 23.08 -40.62
CA ASN A 797 28.69 24.12 -40.26
C ASN A 797 27.97 23.74 -38.97
N PHE A 798 28.29 24.45 -37.88
CA PHE A 798 27.66 24.24 -36.59
C PHE A 798 26.68 25.36 -36.26
N SER A 799 26.07 25.96 -37.27
CA SER A 799 25.25 27.14 -37.07
C SER A 799 23.92 26.82 -36.40
N GLN A 800 23.39 25.62 -36.61
CA GLN A 800 22.10 25.26 -36.06
C GLN A 800 22.18 24.64 -34.67
N ILE A 801 23.38 24.38 -34.16
CA ILE A 801 23.53 23.82 -32.82
C ILE A 801 24.29 24.75 -31.88
N LEU A 802 24.96 25.78 -32.38
CA LEU A 802 25.52 26.82 -31.54
C LEU A 802 24.44 27.83 -31.17
N PRO A 803 24.57 28.50 -30.01
CA PRO A 803 23.53 29.45 -29.59
C PRO A 803 23.48 30.69 -30.44
N ASP A 804 22.30 31.29 -30.50
CA ASP A 804 22.06 32.55 -31.21
C ASP A 804 21.85 33.66 -30.21
N PRO A 805 22.66 34.72 -30.21
CA PRO A 805 22.54 35.77 -29.18
C PRO A 805 21.44 36.78 -29.44
N SER A 806 20.59 36.59 -30.45
CA SER A 806 19.49 37.53 -30.68
C SER A 806 18.39 37.37 -29.63
N LYS A 807 18.02 36.13 -29.31
CA LYS A 807 17.01 35.86 -28.31
C LYS A 807 17.60 35.99 -26.90
N PRO A 808 16.76 36.32 -25.90
CA PRO A 808 17.29 36.40 -24.52
C PRO A 808 17.74 35.07 -23.96
N SER A 809 16.89 34.05 -24.01
CA SER A 809 17.29 32.70 -23.65
C SER A 809 18.15 32.16 -24.78
N LYS A 810 19.47 32.19 -24.59
CA LYS A 810 20.43 31.92 -25.67
C LYS A 810 20.44 30.41 -25.96
N ARG A 811 19.44 29.98 -26.71
CA ARG A 811 19.32 28.61 -27.18
C ARG A 811 19.56 28.55 -28.68
N SER A 812 19.85 27.35 -29.17
CA SER A 812 20.12 27.16 -30.59
C SER A 812 18.81 26.98 -31.34
N PHE A 813 18.92 26.71 -32.65
CA PHE A 813 17.75 26.43 -33.47
C PHE A 813 17.13 25.09 -33.11
N ILE A 814 17.97 24.06 -32.95
CA ILE A 814 17.49 22.71 -32.66
C ILE A 814 16.91 22.65 -31.25
N GLU A 815 17.51 23.38 -30.30
CA GLU A 815 16.98 23.44 -28.94
C GLU A 815 15.62 24.13 -28.91
N ASP A 816 15.43 25.16 -29.74
CA ASP A 816 14.13 25.81 -29.83
C ASP A 816 13.09 24.89 -30.46
N LEU A 817 13.49 24.11 -31.47
CA LEU A 817 12.58 23.12 -32.05
C LEU A 817 12.18 22.06 -31.03
N LEU A 818 13.14 21.59 -30.22
CA LEU A 818 12.85 20.60 -29.20
C LEU A 818 11.97 21.17 -28.09
N PHE A 819 12.13 22.45 -27.77
CA PHE A 819 11.29 23.04 -26.73
C PHE A 819 9.88 23.33 -27.24
N ASN A 820 9.74 23.72 -28.49
CA ASN A 820 8.41 23.96 -29.05
C ASN A 820 7.68 22.67 -29.40
N LYS A 821 8.40 21.57 -29.61
CA LYS A 821 7.73 20.32 -29.97
C LYS A 821 7.02 19.69 -28.78
N VAL A 822 7.66 19.69 -27.62
CA VAL A 822 7.07 19.10 -26.42
C VAL A 822 6.29 20.18 -25.68
N THR A 823 4.97 20.09 -25.74
CA THR A 823 4.13 21.00 -24.98
C THR A 823 4.17 20.64 -23.50
N LEU A 824 4.09 21.66 -22.66
CA LEU A 824 4.20 21.48 -21.22
C LEU A 824 2.82 21.55 -20.56
N ALA A 825 2.76 21.10 -19.32
CA ALA A 825 1.51 21.12 -18.56
C ALA A 825 1.24 22.47 -17.92
N ASP A 826 2.20 23.40 -17.99
CA ASP A 826 2.15 24.73 -17.38
C ASP A 826 1.86 24.64 -15.88
N ALA A 827 2.75 23.93 -15.19
CA ALA A 827 2.51 23.48 -13.83
C ALA A 827 2.72 24.63 -12.83
N GLY A 828 2.78 24.29 -11.55
CA GLY A 828 2.82 25.28 -10.49
C GLY A 828 4.16 25.92 -10.22
N PHE A 829 5.14 25.71 -11.10
CA PHE A 829 6.41 26.40 -11.00
C PHE A 829 6.30 27.88 -11.36
N ILE A 830 5.21 28.29 -12.00
CA ILE A 830 4.83 29.69 -12.12
C ILE A 830 3.61 29.92 -11.23
N LYS A 831 3.62 31.02 -10.47
CA LYS A 831 2.56 31.30 -9.52
C LYS A 831 1.25 31.62 -10.24
N GLN A 832 0.14 31.14 -9.68
CA GLN A 832 -1.15 31.21 -10.36
C GLN A 832 -2.30 31.57 -9.41
N TYR A 833 -2.03 31.91 -8.15
CA TYR A 833 -3.11 32.23 -7.22
C TYR A 833 -3.82 33.53 -7.59
N GLY A 834 -3.08 34.50 -8.14
CA GLY A 834 -3.73 35.67 -8.70
C GLY A 834 -4.57 35.34 -9.92
N ASP A 835 -4.11 34.38 -10.73
CA ASP A 835 -4.89 33.94 -11.89
C ASP A 835 -6.04 33.03 -11.47
N CYS A 836 -5.85 32.23 -10.41
CA CYS A 836 -6.96 31.42 -9.92
C CYS A 836 -8.01 32.26 -9.21
N LEU A 837 -7.62 33.43 -8.68
CA LEU A 837 -8.60 34.34 -8.08
C LEU A 837 -9.52 34.95 -9.13
N GLY A 838 -8.95 35.45 -10.23
CA GLY A 838 -9.74 36.03 -11.28
C GLY A 838 -10.48 34.97 -12.07
N ASP A 839 -11.80 34.91 -11.89
CA ASP A 839 -12.63 33.86 -12.47
C ASP A 839 -12.83 34.17 -13.94
N ILE A 840 -11.87 33.76 -14.76
CA ILE A 840 -11.95 33.87 -16.21
C ILE A 840 -12.30 32.50 -16.78
N ALA A 841 -13.29 32.48 -17.69
CA ALA A 841 -13.89 31.27 -18.27
C ALA A 841 -14.38 30.30 -17.20
N ALA A 842 -13.87 29.08 -17.21
CA ALA A 842 -14.26 28.05 -16.26
C ALA A 842 -13.08 27.72 -15.33
N ARG A 843 -13.34 26.87 -14.35
CA ARG A 843 -12.32 26.51 -13.38
C ARG A 843 -11.32 25.55 -14.01
N ASP A 844 -10.04 25.88 -13.86
CA ASP A 844 -8.98 25.10 -14.47
C ASP A 844 -8.73 23.81 -13.68
N LEU A 845 -7.99 22.89 -14.31
CA LEU A 845 -7.56 21.69 -13.60
C LEU A 845 -6.46 22.01 -12.61
N ILE A 846 -5.58 22.94 -12.96
CA ILE A 846 -4.44 23.28 -12.09
C ILE A 846 -4.91 24.06 -10.87
N CYS A 847 -5.93 24.93 -11.04
CA CYS A 847 -6.50 25.65 -9.92
C CYS A 847 -7.19 24.70 -8.94
N ALA A 848 -7.90 23.70 -9.46
CA ALA A 848 -8.52 22.71 -8.58
C ALA A 848 -7.48 21.77 -7.99
N GLN A 849 -6.32 21.63 -8.64
CA GLN A 849 -5.22 20.87 -8.05
C GLN A 849 -4.64 21.61 -6.86
N LYS A 850 -4.34 22.89 -7.03
CA LYS A 850 -3.72 23.66 -5.96
C LYS A 850 -4.70 24.05 -4.86
N PHE A 851 -6.00 24.06 -5.14
CA PHE A 851 -6.98 24.34 -4.09
C PHE A 851 -7.15 23.18 -3.13
N ASN A 852 -6.73 21.97 -3.52
CA ASN A 852 -6.82 20.79 -2.69
C ASN A 852 -5.49 20.37 -2.09
N GLY A 853 -4.46 21.21 -2.19
CA GLY A 853 -3.22 20.97 -1.50
C GLY A 853 -2.11 20.32 -2.31
N LEU A 854 -2.19 20.32 -3.63
CA LEU A 854 -1.16 19.73 -4.49
C LEU A 854 -0.43 20.84 -5.22
N THR A 855 0.89 20.89 -5.06
CA THR A 855 1.70 22.00 -5.53
C THR A 855 2.89 21.45 -6.31
N VAL A 856 3.34 22.19 -7.31
CA VAL A 856 4.51 21.83 -8.10
C VAL A 856 5.61 22.83 -7.78
N LEU A 857 6.78 22.32 -7.37
CA LEU A 857 7.97 23.09 -7.02
C LEU A 857 8.85 23.30 -8.24
N PRO A 858 9.46 24.47 -8.40
CA PRO A 858 10.30 24.73 -9.57
C PRO A 858 11.66 24.05 -9.44
N PRO A 859 12.28 23.66 -10.55
CA PRO A 859 13.61 23.07 -10.49
C PRO A 859 14.68 24.11 -10.14
N LEU A 860 15.79 23.60 -9.61
CA LEU A 860 16.86 24.48 -9.16
C LEU A 860 17.59 25.14 -10.32
N LEU A 861 17.87 24.39 -11.38
CA LEU A 861 18.53 24.93 -12.56
C LEU A 861 17.47 25.34 -13.57
N THR A 862 17.47 26.60 -13.96
CA THR A 862 16.57 27.07 -14.99
C THR A 862 17.05 26.59 -16.37
N ASP A 863 16.20 26.80 -17.38
CA ASP A 863 16.53 26.34 -18.72
C ASP A 863 17.67 27.15 -19.34
N GLU A 864 17.86 28.39 -18.88
CA GLU A 864 19.00 29.19 -19.30
C GLU A 864 20.31 28.58 -18.82
N MET A 865 20.33 28.04 -17.60
CA MET A 865 21.55 27.44 -17.08
C MET A 865 21.85 26.11 -17.76
N ILE A 866 20.81 25.34 -18.10
CA ILE A 866 21.00 24.10 -18.85
C ILE A 866 21.51 24.40 -20.26
N ALA A 867 20.99 25.46 -20.89
CA ALA A 867 21.49 25.87 -22.19
C ALA A 867 22.93 26.38 -22.11
N GLN A 868 23.30 27.03 -21.00
CA GLN A 868 24.68 27.48 -20.82
C GLN A 868 25.63 26.32 -20.64
N TYR A 869 25.23 25.29 -19.87
CA TYR A 869 26.05 24.09 -19.73
C TYR A 869 26.20 23.36 -21.06
N THR A 870 25.12 23.28 -21.84
CA THR A 870 25.18 22.67 -23.16
C THR A 870 26.10 23.43 -24.10
N SER A 871 26.04 24.77 -24.06
CA SER A 871 26.91 25.58 -24.91
C SER A 871 28.37 25.47 -24.50
N ALA A 872 28.64 25.35 -23.19
CA ALA A 872 30.00 25.13 -22.72
C ALA A 872 30.55 23.78 -23.18
N LEU A 873 29.73 22.73 -23.10
CA LEU A 873 30.15 21.41 -23.57
C LEU A 873 30.39 21.40 -25.08
N LEU A 874 29.51 22.07 -25.84
CA LEU A 874 29.66 22.14 -27.29
C LEU A 874 30.90 22.92 -27.70
N ALA A 875 31.16 24.05 -27.03
CA ALA A 875 32.33 24.85 -27.36
C ALA A 875 33.62 24.13 -27.01
N GLY A 876 33.64 23.43 -25.87
CA GLY A 876 34.81 22.64 -25.51
C GLY A 876 35.05 21.48 -26.46
N THR A 877 33.98 20.79 -26.88
CA THR A 877 34.12 19.67 -27.80
C THR A 877 34.59 20.12 -29.18
N ILE A 878 34.03 21.23 -29.68
CA ILE A 878 34.40 21.71 -31.01
C ILE A 878 35.82 22.26 -31.01
N THR A 879 36.20 23.00 -29.97
CA THR A 879 37.49 23.68 -30.01
C THR A 879 38.64 22.79 -29.55
N SER A 880 38.49 22.12 -28.41
CA SER A 880 39.63 21.39 -27.84
C SER A 880 39.65 19.92 -28.21
N GLY A 881 38.50 19.27 -28.31
CA GLY A 881 38.46 17.85 -28.60
C GLY A 881 38.05 17.04 -27.40
N TRP A 882 38.77 15.97 -27.11
CA TRP A 882 38.56 15.21 -25.88
C TRP A 882 39.52 15.61 -24.77
N THR A 883 40.34 16.63 -24.99
CA THR A 883 41.34 17.01 -23.99
C THR A 883 40.72 17.76 -22.82
N PHE A 884 39.61 18.46 -23.03
CA PHE A 884 38.99 19.24 -21.97
C PHE A 884 38.26 18.37 -20.95
N GLY A 885 37.96 17.12 -21.30
CA GLY A 885 37.32 16.19 -20.40
C GLY A 885 38.26 15.39 -19.53
N ALA A 886 39.57 15.63 -19.65
CA ALA A 886 40.54 14.91 -18.84
C ALA A 886 41.61 15.85 -18.26
N GLY A 887 41.31 17.14 -18.17
CA GLY A 887 42.27 18.12 -17.71
C GLY A 887 41.97 19.51 -18.25
N ALA A 888 42.99 20.19 -18.74
CA ALA A 888 42.81 21.50 -19.35
C ALA A 888 42.52 21.36 -20.84
N ALA A 889 41.84 22.36 -21.39
CA ALA A 889 41.48 22.36 -22.79
C ALA A 889 42.70 22.73 -23.63
N LEU A 890 43.07 21.84 -24.54
CA LEU A 890 44.20 22.05 -25.45
C LEU A 890 43.62 22.26 -26.85
N GLN A 891 43.89 23.42 -27.44
CA GLN A 891 43.29 23.71 -28.73
C GLN A 891 43.95 22.90 -29.84
N ILE A 892 43.18 22.65 -30.90
CA ILE A 892 43.60 21.87 -32.05
C ILE A 892 42.69 22.31 -33.20
N PRO A 893 43.17 22.35 -34.45
CA PRO A 893 42.26 22.59 -35.57
C PRO A 893 41.25 21.45 -35.72
N PHE A 894 40.07 21.79 -36.22
CA PHE A 894 38.99 20.80 -36.26
C PHE A 894 39.23 19.72 -37.29
N ALA A 895 39.91 20.06 -38.40
CA ALA A 895 40.28 19.05 -39.38
C ALA A 895 41.25 18.04 -38.80
N MET A 896 42.21 18.50 -38.01
CA MET A 896 43.15 17.57 -37.39
C MET A 896 42.48 16.74 -36.30
N GLN A 897 41.49 17.32 -35.62
CA GLN A 897 40.68 16.55 -34.67
C GLN A 897 39.90 15.45 -35.35
N MET A 898 39.29 15.74 -36.51
CA MET A 898 38.57 14.70 -37.24
C MET A 898 39.50 13.67 -37.84
N ALA A 899 40.73 14.04 -38.19
CA ALA A 899 41.71 13.06 -38.63
C ALA A 899 42.10 12.14 -37.49
N TYR A 900 42.18 12.68 -36.28
CA TYR A 900 42.45 11.88 -35.09
C TYR A 900 41.30 10.91 -34.83
N ARG A 901 40.06 11.37 -35.05
CA ARG A 901 38.87 10.52 -34.85
C ARG A 901 38.79 9.41 -35.90
N PHE A 902 39.14 9.69 -37.16
CA PHE A 902 39.24 8.60 -38.15
C PHE A 902 40.36 7.63 -37.81
N ASN A 903 41.47 8.12 -37.27
CA ASN A 903 42.50 7.20 -36.79
C ASN A 903 42.05 6.38 -35.60
N GLY A 904 41.04 6.85 -34.86
CA GLY A 904 40.49 6.05 -33.78
C GLY A 904 39.64 4.87 -34.24
N ILE A 905 39.03 4.95 -35.41
CA ILE A 905 38.12 3.90 -35.88
C ILE A 905 38.77 2.93 -36.85
N GLY A 906 40.06 3.09 -37.14
CA GLY A 906 40.77 2.17 -38.01
C GLY A 906 40.98 2.63 -39.43
N VAL A 907 40.65 3.87 -39.76
CA VAL A 907 40.86 4.42 -41.08
C VAL A 907 42.07 5.34 -41.03
N THR A 908 42.95 5.23 -42.02
CA THR A 908 44.17 6.03 -42.04
C THR A 908 43.81 7.49 -42.29
N GLN A 909 44.55 8.40 -41.65
CA GLN A 909 44.14 9.80 -41.57
C GLN A 909 44.28 10.57 -42.87
N ASN A 910 44.91 10.01 -43.91
CA ASN A 910 44.97 10.72 -45.19
C ASN A 910 43.64 10.70 -45.92
N VAL A 911 42.73 9.81 -45.53
CA VAL A 911 41.40 9.71 -46.15
C VAL A 911 40.61 10.99 -45.92
N LEU A 912 40.65 11.53 -44.69
CA LEU A 912 40.03 12.81 -44.40
C LEU A 912 40.69 13.95 -45.18
N TYR A 913 42.02 13.97 -45.20
CA TYR A 913 42.73 15.05 -45.88
C TYR A 913 42.56 15.01 -47.39
N GLU A 914 42.11 13.89 -47.95
CA GLU A 914 41.77 13.83 -49.36
C GLU A 914 40.28 14.01 -49.63
N ASN A 915 39.39 13.72 -48.66
CA ASN A 915 37.95 13.82 -48.87
C ASN A 915 37.28 14.76 -47.88
N GLN A 916 37.99 15.82 -47.46
CA GLN A 916 37.50 16.73 -46.43
C GLN A 916 36.25 17.49 -46.87
N LYS A 917 36.21 17.96 -48.12
CA LYS A 917 35.05 18.70 -48.59
C LYS A 917 33.82 17.81 -48.72
N LEU A 918 34.02 16.56 -49.16
CA LEU A 918 32.91 15.61 -49.24
C LEU A 918 32.39 15.27 -47.85
N ILE A 919 33.29 15.10 -46.88
CA ILE A 919 32.86 14.76 -45.52
C ILE A 919 32.14 15.93 -44.86
N ALA A 920 32.63 17.16 -45.10
CA ALA A 920 31.97 18.34 -44.56
C ALA A 920 30.59 18.55 -45.18
N ASN A 921 30.46 18.32 -46.49
CA ASN A 921 29.17 18.43 -47.16
C ASN A 921 28.19 17.37 -46.66
N GLN A 922 28.68 16.15 -46.43
CA GLN A 922 27.82 15.09 -45.89
C GLN A 922 27.34 15.42 -44.47
N PHE A 923 28.22 16.00 -43.66
CA PHE A 923 27.83 16.42 -42.32
C PHE A 923 26.78 17.53 -42.35
N ASN A 924 26.96 18.52 -43.24
CA ASN A 924 25.99 19.60 -43.35
C ASN A 924 24.64 19.12 -43.84
N SER A 925 24.63 18.18 -44.80
CA SER A 925 23.37 17.61 -45.29
C SER A 925 22.68 16.79 -44.21
N ALA A 926 23.44 16.05 -43.40
CA ALA A 926 22.84 15.27 -42.32
C ALA A 926 22.26 16.16 -41.23
N ILE A 927 22.92 17.28 -40.93
CA ILE A 927 22.38 18.24 -39.95
C ILE A 927 21.10 18.87 -40.47
N GLY A 928 21.07 19.22 -41.76
CA GLY A 928 19.83 19.74 -42.35
C GLY A 928 18.70 18.72 -42.35
N LYS A 929 19.03 17.45 -42.57
CA LYS A 929 18.01 16.40 -42.50
C LYS A 929 17.47 16.22 -41.09
N ILE A 930 18.34 16.34 -40.09
CA ILE A 930 17.91 16.29 -38.69
C ILE A 930 16.96 17.44 -38.37
N GLN A 931 17.29 18.64 -38.88
CA GLN A 931 16.44 19.81 -38.70
C GLN A 931 15.07 19.62 -39.36
N ASP A 932 15.05 19.07 -40.57
CA ASP A 932 13.78 18.86 -41.27
C ASP A 932 12.94 17.77 -40.60
N SER A 933 13.59 16.73 -40.06
CA SER A 933 12.87 15.68 -39.34
C SER A 933 12.28 16.20 -38.04
N LEU A 934 12.98 17.13 -37.37
CA LEU A 934 12.40 17.75 -36.18
C LEU A 934 11.27 18.71 -36.54
N SER A 935 11.39 19.41 -37.67
CA SER A 935 10.35 20.37 -38.05
C SER A 935 9.09 19.66 -38.54
N SER A 936 9.22 18.48 -39.14
CA SER A 936 8.06 17.77 -39.68
C SER A 936 7.46 16.79 -38.67
N THR A 937 8.25 15.82 -38.23
CA THR A 937 7.76 14.76 -37.35
C THR A 937 7.75 15.23 -35.91
N ALA A 938 6.62 15.02 -35.23
CA ALA A 938 6.46 15.43 -33.84
C ALA A 938 6.39 14.26 -32.87
N SER A 939 6.41 13.03 -33.36
CA SER A 939 6.26 11.85 -32.52
C SER A 939 7.59 11.25 -32.08
N ALA A 940 8.72 11.87 -32.44
CA ALA A 940 10.02 11.35 -32.03
C ALA A 940 10.31 11.60 -30.55
N LEU A 941 9.70 12.63 -29.97
CA LEU A 941 9.94 13.05 -28.59
C LEU A 941 8.89 12.49 -27.64
N GLY A 942 8.46 11.26 -27.87
CA GLY A 942 7.38 10.68 -27.10
C GLY A 942 7.73 10.34 -25.67
N LYS A 943 9.02 10.20 -25.34
CA LYS A 943 9.42 9.83 -23.99
C LYS A 943 9.22 10.99 -23.01
N LEU A 944 9.65 12.20 -23.40
CA LEU A 944 9.48 13.36 -22.54
C LEU A 944 8.02 13.77 -22.44
N GLN A 945 7.28 13.68 -23.54
CA GLN A 945 5.85 13.91 -23.52
C GLN A 945 5.12 12.87 -22.67
N ASP A 946 5.61 11.63 -22.67
CA ASP A 946 5.04 10.59 -21.81
C ASP A 946 5.29 10.89 -20.34
N VAL A 947 6.47 11.44 -20.02
CA VAL A 947 6.78 11.86 -18.65
C VAL A 947 5.82 12.95 -18.19
N VAL A 948 5.61 13.96 -19.05
CA VAL A 948 4.71 15.06 -18.74
C VAL A 948 3.27 14.58 -18.58
N ASN A 949 2.83 13.68 -19.47
CA ASN A 949 1.48 13.14 -19.43
C ASN A 949 1.23 12.31 -18.18
N HIS A 950 2.20 11.47 -17.78
CA HIS A 950 2.05 10.67 -16.57
C HIS A 950 1.98 11.56 -15.32
N ASN A 951 2.84 12.58 -15.26
CA ASN A 951 2.85 13.46 -14.10
C ASN A 951 1.58 14.30 -14.00
N ALA A 952 0.95 14.64 -15.13
CA ALA A 952 -0.33 15.33 -15.05
C ALA A 952 -1.48 14.38 -14.70
N GLN A 953 -1.43 13.16 -15.24
CA GLN A 953 -2.51 12.19 -15.04
C GLN A 953 -2.61 11.73 -13.60
N ALA A 954 -1.47 11.55 -12.93
CA ALA A 954 -1.49 11.13 -11.53
C ALA A 954 -2.13 12.18 -10.62
N LEU A 955 -1.83 13.46 -10.86
CA LEU A 955 -2.42 14.53 -10.07
C LEU A 955 -3.91 14.70 -10.37
N ASN A 956 -4.31 14.51 -11.63
CA ASN A 956 -5.73 14.58 -11.96
C ASN A 956 -6.51 13.44 -11.30
N THR A 957 -5.91 12.24 -11.24
CA THR A 957 -6.53 11.13 -10.53
C THR A 957 -6.64 11.40 -9.04
N LEU A 958 -5.60 12.02 -8.46
CA LEU A 958 -5.64 12.37 -7.04
C LEU A 958 -6.72 13.39 -6.72
N VAL A 959 -6.95 14.35 -7.63
CA VAL A 959 -8.03 15.31 -7.43
C VAL A 959 -9.39 14.63 -7.59
N LYS A 960 -9.55 13.80 -8.63
CA LYS A 960 -10.84 13.14 -8.89
C LYS A 960 -11.19 12.09 -7.84
N GLN A 961 -10.22 11.61 -7.07
CA GLN A 961 -10.49 10.66 -6.00
C GLN A 961 -11.21 11.29 -4.82
N LEU A 962 -11.28 12.61 -4.75
CA LEU A 962 -11.91 13.28 -3.62
C LEU A 962 -13.44 13.22 -3.66
N SER A 963 -14.01 12.85 -4.81
CA SER A 963 -15.46 12.80 -4.96
C SER A 963 -16.06 11.47 -4.51
N SER A 964 -15.25 10.51 -4.11
CA SER A 964 -15.75 9.20 -3.71
C SER A 964 -16.26 9.25 -2.26
N LYS A 965 -17.11 8.28 -1.93
CA LYS A 965 -17.72 8.21 -0.61
C LYS A 965 -17.05 7.22 0.33
N PHE A 966 -16.52 6.11 -0.22
CA PHE A 966 -15.87 5.03 0.53
C PHE A 966 -16.80 4.43 1.59
N GLY A 967 -18.09 4.35 1.27
CA GLY A 967 -19.07 3.80 2.19
C GLY A 967 -19.74 4.80 3.11
N ALA A 968 -19.32 6.07 3.08
CA ALA A 968 -19.96 7.09 3.88
C ALA A 968 -21.23 7.58 3.20
N ILE A 969 -22.00 8.41 3.92
CA ILE A 969 -23.24 8.93 3.36
C ILE A 969 -22.98 10.06 2.37
N SER A 970 -21.80 10.66 2.38
CA SER A 970 -21.50 11.78 1.51
C SER A 970 -20.00 11.88 1.34
N SER A 971 -19.59 12.54 0.26
CA SER A 971 -18.20 12.88 0.06
C SER A 971 -17.85 14.27 0.62
N VAL A 972 -18.83 15.14 0.72
CA VAL A 972 -18.62 16.45 1.32
C VAL A 972 -18.55 16.30 2.82
N LEU A 973 -17.51 16.88 3.43
CA LEU A 973 -17.28 16.73 4.85
C LEU A 973 -18.22 17.60 5.67
N ASN A 974 -18.55 18.79 5.13
CA ASN A 974 -19.42 19.72 5.84
C ASN A 974 -20.86 19.22 5.89
N ASP A 975 -21.31 18.50 4.86
CA ASP A 975 -22.65 17.90 4.88
C ASP A 975 -22.76 16.85 5.97
N ILE A 976 -21.72 16.03 6.13
CA ILE A 976 -21.67 15.05 7.21
C ILE A 976 -21.66 15.73 8.57
N LEU A 977 -20.88 16.81 8.71
CA LEU A 977 -20.80 17.50 9.99
C LEU A 977 -22.11 18.23 10.34
N SER A 978 -22.79 18.78 9.34
CA SER A 978 -24.03 19.49 9.60
C SER A 978 -25.20 18.54 9.84
N ARG A 979 -25.25 17.42 9.13
CA ARG A 979 -26.42 16.54 9.19
C ARG A 979 -26.41 15.57 10.34
N LEU A 980 -25.25 15.31 10.96
CA LEU A 980 -25.13 14.22 11.93
C LEU A 980 -24.47 14.72 13.20
N ASP A 981 -24.79 14.06 14.32
CA ASP A 981 -24.20 14.39 15.60
C ASP A 981 -22.81 13.77 15.70
N LYS A 982 -22.19 13.85 16.89
CA LYS A 982 -20.73 13.72 17.02
C LYS A 982 -20.23 12.31 16.73
N VAL A 983 -20.89 11.28 17.27
CA VAL A 983 -20.38 9.92 17.13
C VAL A 983 -20.56 9.42 15.70
N GLU A 984 -21.73 9.69 15.11
CA GLU A 984 -22.01 9.23 13.75
C GLU A 984 -21.18 9.99 12.72
N ALA A 985 -21.00 11.29 12.91
CA ALA A 985 -20.10 12.05 12.05
C ALA A 985 -18.66 11.63 12.23
N GLU A 986 -18.27 11.20 13.44
CA GLU A 986 -16.93 10.64 13.64
C GLU A 986 -16.73 9.36 12.85
N VAL A 987 -17.77 8.51 12.78
CA VAL A 987 -17.69 7.28 12.00
C VAL A 987 -17.54 7.57 10.51
N GLN A 988 -18.39 8.47 9.98
CA GLN A 988 -18.31 8.80 8.56
C GLN A 988 -17.01 9.51 8.20
N ILE A 989 -16.54 10.40 9.08
CA ILE A 989 -15.29 11.11 8.85
C ILE A 989 -14.10 10.15 8.89
N ASP A 990 -14.16 9.14 9.76
CA ASP A 990 -13.10 8.13 9.80
C ASP A 990 -13.07 7.30 8.52
N ARG A 991 -14.24 6.98 7.96
CA ARG A 991 -14.29 6.26 6.68
C ARG A 991 -13.67 7.09 5.56
N LEU A 992 -14.02 8.39 5.50
CA LEU A 992 -13.45 9.27 4.49
C LEU A 992 -11.94 9.44 4.66
N ILE A 993 -11.48 9.53 5.92
CA ILE A 993 -10.06 9.68 6.22
C ILE A 993 -9.27 8.47 5.75
N THR A 994 -9.80 7.26 6.01
CA THR A 994 -9.12 6.05 5.60
C THR A 994 -9.05 5.93 4.07
N GLY A 995 -10.14 6.29 3.38
CA GLY A 995 -10.12 6.23 1.92
C GLY A 995 -9.14 7.22 1.28
N ARG A 996 -9.14 8.46 1.78
CA ARG A 996 -8.23 9.47 1.24
C ARG A 996 -6.77 9.16 1.56
N LEU A 997 -6.51 8.61 2.75
CA LEU A 997 -5.16 8.21 3.13
C LEU A 997 -4.63 7.09 2.24
N GLN A 998 -5.48 6.09 1.94
CA GLN A 998 -5.07 5.01 1.05
C GLN A 998 -4.79 5.50 -0.36
N SER A 999 -5.62 6.41 -0.87
CA SER A 999 -5.39 6.97 -2.21
C SER A 999 -4.08 7.76 -2.27
N LEU A 1000 -3.79 8.53 -1.23
CA LEU A 1000 -2.57 9.32 -1.20
C LEU A 1000 -1.33 8.44 -1.09
N GLN A 1001 -1.43 7.33 -0.34
CA GLN A 1001 -0.32 6.39 -0.25
C GLN A 1001 -0.06 5.69 -1.58
N THR A 1002 -1.12 5.37 -2.32
CA THR A 1002 -0.97 4.79 -3.66
C THR A 1002 -0.24 5.75 -4.60
N TYR A 1003 -0.60 7.04 -4.54
CA TYR A 1003 0.08 8.05 -5.34
C TYR A 1003 1.57 8.15 -5.01
N VAL A 1004 1.90 8.14 -3.71
CA VAL A 1004 3.30 8.27 -3.31
C VAL A 1004 4.12 7.04 -3.72
N THR A 1005 3.52 5.85 -3.65
CA THR A 1005 4.22 4.63 -4.08
C THR A 1005 4.52 4.62 -5.58
N GLN A 1006 3.55 5.02 -6.41
CA GLN A 1006 3.85 5.04 -7.84
C GLN A 1006 4.81 6.17 -8.21
N GLN A 1007 4.81 7.26 -7.43
CA GLN A 1007 5.83 8.31 -7.62
C GLN A 1007 7.22 7.79 -7.32
N LEU A 1008 7.37 6.96 -6.27
CA LEU A 1008 8.67 6.41 -5.92
C LEU A 1008 9.19 5.45 -7.00
N ILE A 1009 8.29 4.63 -7.55
CA ILE A 1009 8.69 3.69 -8.62
C ILE A 1009 9.12 4.44 -9.88
N ARG A 1010 8.34 5.47 -10.26
CA ARG A 1010 8.72 6.28 -11.42
C ARG A 1010 10.01 7.07 -11.19
N ALA A 1011 10.27 7.49 -9.95
CA ALA A 1011 11.52 8.16 -9.63
C ALA A 1011 12.72 7.23 -9.79
N ALA A 1012 12.56 5.95 -9.40
CA ALA A 1012 13.64 4.98 -9.62
C ALA A 1012 13.92 4.77 -11.10
N GLU A 1013 12.86 4.69 -11.92
CA GLU A 1013 13.04 4.54 -13.37
C GLU A 1013 13.72 5.77 -13.98
N ILE A 1014 13.32 6.97 -13.55
CA ILE A 1014 13.92 8.21 -14.06
C ILE A 1014 15.38 8.32 -13.63
N ARG A 1015 15.70 7.85 -12.41
CA ARG A 1015 17.09 7.86 -11.95
C ARG A 1015 17.97 6.93 -12.78
N ALA A 1016 17.46 5.75 -13.14
CA ALA A 1016 18.21 4.85 -14.00
C ALA A 1016 18.45 5.47 -15.38
N SER A 1017 17.43 6.13 -15.94
CA SER A 1017 17.58 6.80 -17.23
C SER A 1017 18.58 7.95 -17.16
N ALA A 1018 18.59 8.69 -16.04
CA ALA A 1018 19.53 9.80 -15.88
C ALA A 1018 20.96 9.31 -15.68
N ASN A 1019 21.14 8.17 -15.02
CA ASN A 1019 22.48 7.57 -14.92
C ASN A 1019 22.99 7.14 -16.29
N LEU A 1020 22.11 6.57 -17.12
CA LEU A 1020 22.49 6.24 -18.50
C LEU A 1020 22.85 7.48 -19.30
N ALA A 1021 22.08 8.56 -19.13
CA ALA A 1021 22.34 9.79 -19.88
C ALA A 1021 23.63 10.46 -19.43
N ALA A 1022 23.97 10.36 -18.14
CA ALA A 1022 25.22 10.89 -17.65
C ALA A 1022 26.41 10.08 -18.16
N THR A 1023 26.26 8.75 -18.24
CA THR A 1023 27.30 7.91 -18.84
C THR A 1023 27.49 8.25 -20.33
N LYS A 1024 26.38 8.48 -21.04
CA LYS A 1024 26.47 8.83 -22.46
C LYS A 1024 27.08 10.21 -22.67
N MET A 1025 26.83 11.15 -21.76
CA MET A 1025 27.49 12.45 -21.85
C MET A 1025 28.99 12.32 -21.58
N SER A 1026 29.35 11.44 -20.64
CA SER A 1026 30.76 11.25 -20.31
C SER A 1026 31.54 10.55 -21.43
N GLU A 1027 30.93 9.58 -22.10
CA GLU A 1027 31.67 8.71 -23.01
C GLU A 1027 31.48 8.99 -24.48
N CYS A 1028 30.39 9.65 -24.89
CA CYS A 1028 30.21 10.03 -26.29
C CYS A 1028 30.66 11.45 -26.58
N VAL A 1029 30.40 12.39 -25.67
CA VAL A 1029 30.71 13.80 -25.91
C VAL A 1029 32.14 14.12 -25.50
N LEU A 1030 32.54 13.67 -24.31
CA LEU A 1030 33.87 13.99 -23.78
C LEU A 1030 34.96 13.07 -24.30
N GLY A 1031 34.61 12.09 -25.13
CA GLY A 1031 35.60 11.21 -25.69
C GLY A 1031 35.06 10.50 -26.91
N GLN A 1032 35.78 9.48 -27.36
CA GLN A 1032 35.37 8.63 -28.46
C GLN A 1032 35.20 7.21 -27.95
N SER A 1033 34.07 6.60 -28.28
CA SER A 1033 33.68 5.32 -27.70
C SER A 1033 33.92 4.19 -28.69
N LYS A 1034 34.53 3.10 -28.21
CA LYS A 1034 34.73 1.90 -29.01
C LYS A 1034 33.65 0.85 -28.76
N ARG A 1035 32.67 1.14 -27.93
CA ARG A 1035 31.59 0.21 -27.67
C ARG A 1035 30.60 0.20 -28.82
N VAL A 1036 30.23 -0.99 -29.27
CA VAL A 1036 29.37 -1.14 -30.45
C VAL A 1036 27.93 -0.84 -30.04
N ASP A 1037 27.26 0.00 -30.84
CA ASP A 1037 25.88 0.48 -30.74
C ASP A 1037 25.65 1.41 -29.55
N PHE A 1038 26.63 1.61 -28.69
CA PHE A 1038 26.69 2.75 -27.79
C PHE A 1038 27.13 3.93 -28.64
N CYS A 1039 26.55 5.11 -28.35
CA CYS A 1039 26.80 6.36 -29.07
C CYS A 1039 26.47 6.23 -30.56
N GLY A 1040 25.31 5.64 -30.86
CA GLY A 1040 24.82 5.59 -32.22
C GLY A 1040 25.16 4.31 -32.95
N LYS A 1041 24.71 4.24 -34.20
CA LYS A 1041 24.92 3.07 -35.05
C LYS A 1041 25.98 3.37 -36.10
N GLY A 1042 26.99 2.51 -36.17
CA GLY A 1042 28.14 2.72 -37.03
C GLY A 1042 29.41 2.80 -36.23
N TYR A 1043 30.45 3.43 -36.78
CA TYR A 1043 31.69 3.67 -36.07
C TYR A 1043 31.67 5.10 -35.56
N HIS A 1044 31.75 5.27 -34.23
CA HIS A 1044 31.46 6.55 -33.60
C HIS A 1044 32.58 7.56 -33.83
N LEU A 1045 32.20 8.78 -34.21
CA LEU A 1045 33.16 9.88 -34.35
C LEU A 1045 32.88 11.01 -33.37
N MET A 1046 31.69 11.60 -33.39
CA MET A 1046 31.39 12.79 -32.61
C MET A 1046 30.05 12.62 -31.91
N SER A 1047 29.81 13.48 -30.92
CA SER A 1047 28.49 13.60 -30.32
C SER A 1047 28.28 15.03 -29.85
N PHE A 1048 27.07 15.53 -30.03
CA PHE A 1048 26.72 16.90 -29.66
C PHE A 1048 25.48 16.88 -28.78
N PRO A 1049 25.52 17.51 -27.60
CA PRO A 1049 24.34 17.54 -26.75
C PRO A 1049 23.43 18.72 -27.02
N GLN A 1050 22.14 18.50 -26.77
CA GLN A 1050 21.12 19.53 -26.83
C GLN A 1050 20.18 19.33 -25.65
N SER A 1051 19.64 20.42 -25.13
CA SER A 1051 18.73 20.33 -24.01
C SER A 1051 17.29 20.28 -24.49
N ALA A 1052 16.45 19.56 -23.76
CA ALA A 1052 15.05 19.38 -24.09
C ALA A 1052 14.28 19.41 -22.79
N PRO A 1053 12.95 19.71 -22.83
CA PRO A 1053 12.13 19.65 -21.62
C PRO A 1053 12.17 18.30 -20.91
N HIS A 1054 12.73 18.33 -19.69
CA HIS A 1054 12.99 17.17 -18.85
C HIS A 1054 13.89 16.14 -19.52
N GLY A 1055 14.87 16.58 -20.32
CA GLY A 1055 15.73 15.57 -20.92
C GLY A 1055 16.85 16.15 -21.76
N VAL A 1056 17.60 15.23 -22.37
CA VAL A 1056 18.74 15.55 -23.20
C VAL A 1056 18.60 14.82 -24.54
N VAL A 1057 19.14 15.45 -25.59
CA VAL A 1057 19.12 14.91 -26.94
C VAL A 1057 20.56 14.86 -27.43
N PHE A 1058 21.01 13.68 -27.83
CA PHE A 1058 22.35 13.49 -28.36
C PHE A 1058 22.28 13.36 -29.87
N LEU A 1059 23.07 14.16 -30.57
CA LEU A 1059 23.28 14.00 -32.01
C LEU A 1059 24.59 13.26 -32.20
N HIS A 1060 24.51 12.00 -32.62
CA HIS A 1060 25.65 11.12 -32.76
C HIS A 1060 26.11 11.13 -34.21
N VAL A 1061 27.38 11.49 -34.43
CA VAL A 1061 27.97 11.53 -35.76
C VAL A 1061 28.83 10.28 -35.90
N THR A 1062 28.45 9.41 -36.84
CA THR A 1062 29.07 8.11 -37.04
C THR A 1062 29.45 7.92 -38.50
N TYR A 1063 30.25 6.89 -38.73
CA TYR A 1063 30.86 6.56 -40.01
C TYR A 1063 30.27 5.25 -40.50
N VAL A 1064 29.72 5.24 -41.71
CA VAL A 1064 29.08 4.07 -42.29
C VAL A 1064 29.76 3.76 -43.61
N PRO A 1065 30.22 2.53 -43.85
CA PRO A 1065 30.70 2.16 -45.18
C PRO A 1065 29.57 2.12 -46.20
N ALA A 1066 29.89 2.48 -47.44
CA ALA A 1066 28.84 2.75 -48.44
C ALA A 1066 28.85 1.78 -49.62
N GLN A 1067 29.93 1.71 -50.39
CA GLN A 1067 29.93 0.99 -51.66
C GLN A 1067 31.04 -0.03 -51.67
N GLU A 1068 30.71 -1.28 -51.99
CA GLU A 1068 31.60 -2.40 -51.79
C GLU A 1068 31.98 -3.04 -53.11
N LYS A 1069 33.00 -3.89 -53.06
CA LYS A 1069 33.46 -4.64 -54.21
C LYS A 1069 34.00 -5.97 -53.74
N ASN A 1070 33.96 -6.96 -54.64
CA ASN A 1070 34.46 -8.30 -54.34
C ASN A 1070 35.92 -8.41 -54.71
N PHE A 1071 36.70 -9.07 -53.85
CA PHE A 1071 38.10 -9.33 -54.13
C PHE A 1071 38.44 -10.75 -53.68
N THR A 1072 39.52 -11.30 -54.24
CA THR A 1072 40.03 -12.60 -53.81
C THR A 1072 41.08 -12.37 -52.75
N THR A 1073 40.97 -13.06 -51.63
CA THR A 1073 41.84 -12.78 -50.49
C THR A 1073 42.63 -14.01 -50.08
N ALA A 1074 43.73 -13.78 -49.39
CA ALA A 1074 44.65 -14.81 -48.93
C ALA A 1074 45.15 -14.48 -47.53
N PRO A 1075 45.44 -15.49 -46.71
CA PRO A 1075 45.98 -15.21 -45.37
C PRO A 1075 47.45 -14.83 -45.36
N ALA A 1076 48.26 -15.46 -46.22
CA ALA A 1076 49.69 -15.22 -46.23
C ALA A 1076 50.20 -15.32 -47.66
N ILE A 1077 51.46 -14.96 -47.86
CA ILE A 1077 52.09 -15.02 -49.17
C ILE A 1077 53.39 -15.81 -49.06
N CYS A 1078 53.55 -16.81 -49.92
CA CYS A 1078 54.77 -17.61 -49.98
C CYS A 1078 55.75 -16.96 -50.93
N HIS A 1079 56.95 -16.65 -50.42
CA HIS A 1079 57.99 -16.03 -51.23
C HIS A 1079 59.33 -16.40 -50.63
N ASP A 1080 60.24 -16.93 -51.46
CA ASP A 1080 61.60 -17.33 -51.08
C ASP A 1080 61.60 -18.37 -49.97
N GLY A 1081 60.59 -19.25 -49.97
CA GLY A 1081 60.46 -20.21 -48.91
C GLY A 1081 60.03 -19.64 -47.58
N LYS A 1082 59.41 -18.47 -47.58
CA LYS A 1082 59.00 -17.79 -46.36
C LYS A 1082 57.56 -17.34 -46.48
N ALA A 1083 56.89 -17.20 -45.34
CA ALA A 1083 55.51 -16.75 -45.29
C ALA A 1083 55.45 -15.30 -44.82
N HIS A 1084 54.82 -14.44 -45.61
CA HIS A 1084 54.66 -13.04 -45.28
C HIS A 1084 53.21 -12.77 -44.89
N PHE A 1085 53.02 -12.10 -43.76
CA PHE A 1085 51.75 -11.69 -43.22
C PHE A 1085 51.67 -10.17 -43.19
N PRO A 1086 50.50 -9.58 -43.42
CA PRO A 1086 50.42 -8.11 -43.41
C PRO A 1086 50.52 -7.55 -42.00
N ARG A 1087 51.15 -6.38 -41.88
CA ARG A 1087 51.28 -5.72 -40.59
C ARG A 1087 49.92 -5.22 -40.11
N GLU A 1088 49.33 -4.31 -40.86
CA GLU A 1088 47.91 -4.00 -40.72
C GLU A 1088 47.30 -3.98 -42.12
N GLY A 1089 46.07 -4.47 -42.22
CA GLY A 1089 45.39 -4.58 -43.50
C GLY A 1089 45.15 -6.03 -43.88
N VAL A 1090 45.07 -6.26 -45.19
CA VAL A 1090 44.57 -7.50 -45.74
C VAL A 1090 45.06 -7.62 -47.18
N PHE A 1091 45.38 -8.84 -47.60
CA PHE A 1091 45.80 -9.11 -48.96
C PHE A 1091 44.58 -9.28 -49.86
N VAL A 1092 44.55 -8.56 -50.97
CA VAL A 1092 43.46 -8.64 -51.93
C VAL A 1092 44.03 -8.84 -53.32
N SER A 1093 43.17 -9.32 -54.21
CA SER A 1093 43.52 -9.51 -55.61
C SER A 1093 42.29 -9.25 -56.46
N ASN A 1094 42.50 -8.52 -57.56
CA ASN A 1094 41.45 -8.25 -58.53
C ASN A 1094 41.45 -9.23 -59.69
N GLY A 1095 42.29 -10.26 -59.64
CA GLY A 1095 42.32 -11.25 -60.69
C GLY A 1095 43.72 -11.49 -61.23
N THR A 1096 44.52 -10.44 -61.31
CA THR A 1096 45.87 -10.53 -61.86
C THR A 1096 46.94 -10.24 -60.82
N HIS A 1097 46.89 -9.10 -60.15
CA HIS A 1097 47.93 -8.67 -59.23
C HIS A 1097 47.42 -8.75 -57.79
N TRP A 1098 48.37 -8.85 -56.86
CA TRP A 1098 48.08 -8.90 -55.44
C TRP A 1098 48.50 -7.60 -54.77
N PHE A 1099 47.66 -7.09 -53.87
CA PHE A 1099 47.91 -5.86 -53.16
C PHE A 1099 47.61 -6.05 -51.69
N VAL A 1100 48.05 -5.09 -50.88
CA VAL A 1100 47.71 -5.03 -49.47
C VAL A 1100 46.95 -3.72 -49.23
N THR A 1101 45.90 -3.79 -48.41
CA THR A 1101 45.06 -2.63 -48.20
C THR A 1101 44.57 -2.58 -46.76
N GLN A 1102 44.14 -1.41 -46.34
CA GLN A 1102 43.46 -1.29 -45.05
C GLN A 1102 42.06 -1.89 -45.15
N ARG A 1103 41.53 -2.28 -43.99
CA ARG A 1103 40.33 -3.12 -43.97
C ARG A 1103 39.05 -2.33 -44.24
N ASN A 1104 38.98 -1.08 -43.77
CA ASN A 1104 37.74 -0.31 -43.82
C ASN A 1104 37.66 0.63 -45.00
N PHE A 1105 38.63 0.59 -45.91
CA PHE A 1105 38.63 1.46 -47.08
C PHE A 1105 39.50 0.81 -48.14
N TYR A 1106 39.07 0.88 -49.40
CA TYR A 1106 39.86 0.26 -50.46
C TYR A 1106 40.96 1.21 -50.88
N GLU A 1107 42.17 0.99 -50.36
CA GLU A 1107 43.36 1.73 -50.76
C GLU A 1107 44.47 0.72 -51.02
N PRO A 1108 44.53 0.15 -52.22
CA PRO A 1108 45.53 -0.89 -52.50
C PRO A 1108 46.92 -0.31 -52.65
N GLN A 1109 47.91 -1.10 -52.25
CA GLN A 1109 49.31 -0.71 -52.30
C GLN A 1109 50.16 -1.90 -52.72
N ILE A 1110 51.36 -1.60 -53.19
CA ILE A 1110 52.29 -2.64 -53.61
C ILE A 1110 52.83 -3.37 -52.38
N ILE A 1111 52.81 -4.70 -52.44
CA ILE A 1111 53.21 -5.51 -51.29
C ILE A 1111 54.72 -5.45 -51.14
N THR A 1112 55.17 -5.03 -49.96
CA THR A 1112 56.54 -4.63 -49.69
C THR A 1112 56.91 -5.20 -48.33
N THR A 1113 58.22 -5.41 -48.09
CA THR A 1113 58.70 -5.83 -46.77
C THR A 1113 58.47 -4.79 -45.68
N ASP A 1114 58.14 -3.55 -46.04
CA ASP A 1114 57.82 -2.54 -45.03
C ASP A 1114 56.47 -2.79 -44.38
N ASN A 1115 55.48 -3.23 -45.16
CA ASN A 1115 54.14 -3.44 -44.62
C ASN A 1115 53.81 -4.92 -44.39
N THR A 1116 54.81 -5.79 -44.38
CA THR A 1116 54.62 -7.21 -44.09
C THR A 1116 55.70 -7.67 -43.12
N PHE A 1117 55.42 -8.75 -42.41
CA PHE A 1117 56.40 -9.39 -41.55
C PHE A 1117 56.47 -10.87 -41.87
N VAL A 1118 57.64 -11.45 -41.60
CA VAL A 1118 57.97 -12.82 -41.97
C VAL A 1118 57.87 -13.69 -40.72
N SER A 1119 57.21 -14.85 -40.85
CA SER A 1119 57.10 -15.78 -39.74
C SER A 1119 57.00 -17.20 -40.31
N GLY A 1120 58.12 -17.91 -40.31
CA GLY A 1120 58.13 -19.31 -40.70
C GLY A 1120 58.12 -19.53 -42.19
N ASN A 1121 57.87 -20.77 -42.57
CA ASN A 1121 57.79 -21.20 -43.95
C ASN A 1121 56.33 -21.38 -44.37
N CYS A 1122 56.13 -21.89 -45.59
CA CYS A 1122 54.81 -21.96 -46.22
C CYS A 1122 54.11 -23.29 -46.00
N ASP A 1123 54.65 -24.17 -45.15
CA ASP A 1123 54.13 -25.53 -45.03
C ASP A 1123 53.05 -25.68 -43.97
N VAL A 1124 52.77 -24.65 -43.17
CA VAL A 1124 51.82 -24.76 -42.08
C VAL A 1124 50.57 -23.89 -42.26
N VAL A 1125 50.57 -22.97 -43.20
CA VAL A 1125 49.44 -22.07 -43.41
C VAL A 1125 48.51 -22.66 -44.45
N ILE A 1126 47.22 -22.70 -44.13
CA ILE A 1126 46.21 -23.23 -45.04
C ILE A 1126 45.65 -22.09 -45.87
N GLY A 1127 45.91 -22.12 -47.17
CA GLY A 1127 45.44 -21.09 -48.07
C GLY A 1127 46.50 -20.09 -48.53
N ILE A 1128 47.78 -20.39 -48.32
CA ILE A 1128 48.86 -19.48 -48.70
C ILE A 1128 49.02 -19.51 -50.22
N VAL A 1129 49.30 -18.34 -50.80
CA VAL A 1129 49.45 -18.23 -52.25
C VAL A 1129 50.90 -17.88 -52.58
N ASN A 1130 51.22 -17.96 -53.87
CA ASN A 1130 52.56 -17.65 -54.37
C ASN A 1130 52.55 -16.27 -55.02
N ASN A 1131 53.45 -15.41 -54.55
CA ASN A 1131 53.59 -14.07 -55.12
C ASN A 1131 54.99 -13.57 -54.80
N THR A 1132 55.32 -12.42 -55.38
CA THR A 1132 56.59 -11.77 -55.12
C THR A 1132 56.40 -10.63 -54.13
N VAL A 1133 57.45 -10.38 -53.34
CA VAL A 1133 57.43 -9.34 -52.31
C VAL A 1133 58.53 -8.34 -52.66
N TYR A 1134 58.15 -7.08 -52.80
CA TYR A 1134 59.08 -6.04 -53.23
C TYR A 1134 60.03 -5.66 -52.10
N ASP A 1135 61.29 -5.44 -52.45
CA ASP A 1135 62.32 -5.00 -51.52
C ASP A 1135 62.85 -3.65 -51.98
N PRO A 1136 62.69 -2.58 -51.19
CA PRO A 1136 63.18 -1.26 -51.64
C PRO A 1136 64.69 -1.11 -51.62
N LEU A 1137 65.42 -2.00 -50.94
CA LEU A 1137 66.87 -1.87 -50.85
C LEU A 1137 67.57 -2.32 -52.14
N GLN A 1138 66.99 -3.26 -52.87
CA GLN A 1138 67.63 -3.79 -54.07
C GLN A 1138 67.77 -2.78 -55.21
N PRO A 1139 66.75 -1.97 -55.58
CA PRO A 1139 67.02 -0.93 -56.61
C PRO A 1139 67.92 0.19 -56.11
N GLU A 1140 67.96 0.46 -54.81
CA GLU A 1140 68.87 1.47 -54.30
C GLU A 1140 70.31 0.99 -54.27
N LEU A 1141 70.51 -0.32 -54.12
CA LEU A 1141 71.87 -0.87 -54.16
C LEU A 1141 72.46 -0.80 -55.56
N ASP A 1142 71.65 -1.07 -56.59
CA ASP A 1142 72.14 -1.11 -57.95
C ASP A 1142 72.35 0.27 -58.56
N SER A 1143 71.90 1.34 -57.90
CA SER A 1143 72.09 2.69 -58.41
C SER A 1143 73.02 3.49 -57.50
N ARG B 21 -6.54 -55.16 36.49
CA ARG B 21 -6.30 -55.18 35.05
C ARG B 21 -4.80 -55.00 34.78
N THR B 22 -4.38 -55.37 33.58
CA THR B 22 -2.98 -55.26 33.19
C THR B 22 -2.78 -54.02 32.32
N GLN B 23 -1.83 -53.19 32.71
CA GLN B 23 -1.57 -51.91 32.05
C GLN B 23 -0.19 -51.91 31.41
N SER B 24 -0.14 -51.53 30.12
CA SER B 24 1.12 -51.39 29.40
C SER B 24 1.07 -50.10 28.60
N TYR B 25 2.20 -49.76 27.97
CA TYR B 25 2.30 -48.53 27.20
C TYR B 25 2.78 -48.86 25.80
N THR B 26 2.23 -48.15 24.81
CA THR B 26 2.44 -48.49 23.40
C THR B 26 2.68 -47.22 22.58
N ASN B 27 3.57 -47.32 21.59
CA ASN B 27 3.72 -46.27 20.60
C ASN B 27 2.49 -46.19 19.71
N SER B 28 2.07 -44.97 19.37
CA SER B 28 0.88 -44.79 18.56
C SER B 28 1.10 -45.13 17.09
N PHE B 29 2.28 -44.80 16.57
CA PHE B 29 2.73 -45.14 15.21
C PHE B 29 1.82 -44.57 14.13
N THR B 30 1.77 -43.23 14.09
CA THR B 30 1.03 -42.36 13.14
C THR B 30 -0.36 -42.89 12.75
N ARG B 31 -1.18 -43.12 13.77
CA ARG B 31 -2.56 -43.55 13.57
C ARG B 31 -3.51 -42.63 14.34
N GLY B 32 -4.75 -42.58 13.87
CA GLY B 32 -5.80 -41.82 14.53
C GLY B 32 -6.12 -40.48 13.93
N VAL B 33 -6.26 -40.43 12.60
CA VAL B 33 -6.59 -39.21 11.87
C VAL B 33 -7.96 -39.40 11.22
N TYR B 34 -8.84 -38.42 11.39
CA TYR B 34 -10.19 -38.49 10.85
C TYR B 34 -10.45 -37.31 9.90
N TYR B 35 -11.69 -37.22 9.44
CA TYR B 35 -12.13 -36.11 8.62
C TYR B 35 -12.56 -34.94 9.50
N PRO B 36 -12.01 -33.74 9.31
CA PRO B 36 -12.35 -32.64 10.22
C PRO B 36 -13.72 -32.03 9.95
N ASP B 37 -14.25 -32.16 8.74
CA ASP B 37 -15.58 -31.63 8.42
C ASP B 37 -16.20 -32.47 7.32
N LYS B 38 -17.50 -32.29 7.13
CA LYS B 38 -18.25 -33.06 6.13
C LYS B 38 -18.29 -32.36 4.78
N VAL B 39 -17.11 -32.00 4.27
CA VAL B 39 -16.95 -31.31 3.00
C VAL B 39 -15.97 -32.08 2.14
N PHE B 40 -16.37 -32.41 0.91
CA PHE B 40 -15.50 -33.09 -0.03
C PHE B 40 -14.39 -32.16 -0.48
N ARG B 41 -13.15 -32.61 -0.32
CA ARG B 41 -11.97 -31.92 -0.85
C ARG B 41 -11.11 -32.94 -1.56
N SER B 42 -10.61 -32.57 -2.74
CA SER B 42 -9.87 -33.50 -3.57
C SER B 42 -8.62 -32.84 -4.12
N SER B 43 -7.48 -33.53 -3.98
CA SER B 43 -6.16 -33.13 -4.49
C SER B 43 -5.75 -31.75 -3.96
N VAL B 44 -5.67 -31.65 -2.64
CA VAL B 44 -5.43 -30.36 -1.98
C VAL B 44 -4.80 -30.63 -0.63
N LEU B 45 -4.01 -29.67 -0.14
CA LEU B 45 -3.38 -29.73 1.16
C LEU B 45 -4.13 -28.78 2.10
N HIS B 46 -4.67 -29.31 3.19
CA HIS B 46 -5.52 -28.54 4.08
C HIS B 46 -4.94 -28.51 5.49
N SER B 47 -4.86 -27.33 6.08
CA SER B 47 -4.37 -27.17 7.44
C SER B 47 -5.56 -26.94 8.37
N THR B 48 -5.65 -27.73 9.43
CA THR B 48 -6.78 -27.70 10.34
C THR B 48 -6.33 -27.68 11.79
N HIS B 49 -7.15 -27.10 12.65
CA HIS B 49 -6.88 -27.00 14.08
C HIS B 49 -8.04 -27.71 14.78
N ASP B 50 -7.75 -28.83 15.43
CA ASP B 50 -8.81 -29.70 15.92
C ASP B 50 -8.23 -30.60 17.01
N LEU B 51 -9.10 -31.26 17.76
CA LEU B 51 -8.69 -32.24 18.76
C LEU B 51 -8.19 -33.50 18.06
N PHE B 52 -6.88 -33.59 17.88
CA PHE B 52 -6.24 -34.70 17.19
C PHE B 52 -5.34 -35.47 18.14
N LEU B 53 -5.15 -36.76 17.85
CA LEU B 53 -4.16 -37.55 18.56
C LEU B 53 -2.78 -37.29 17.97
N PRO B 54 -1.79 -36.89 18.76
CA PRO B 54 -0.46 -36.60 18.22
C PRO B 54 0.24 -37.86 17.70
N PHE B 55 1.12 -37.65 16.74
CA PHE B 55 1.89 -38.76 16.18
C PHE B 55 2.94 -39.24 17.16
N PHE B 56 3.20 -40.55 17.11
CA PHE B 56 4.18 -41.24 17.98
C PHE B 56 3.88 -41.02 19.45
N SER B 57 2.60 -41.02 19.80
CA SER B 57 2.17 -40.76 21.16
C SER B 57 2.28 -42.02 22.01
N ASN B 58 2.16 -41.84 23.32
CA ASN B 58 2.32 -42.91 24.30
C ASN B 58 0.95 -43.34 24.80
N VAL B 59 0.29 -44.20 24.01
CA VAL B 59 -1.05 -44.65 24.33
C VAL B 59 -0.96 -45.77 25.36
N THR B 60 -2.10 -46.12 25.97
CA THR B 60 -2.11 -47.10 27.05
C THR B 60 -2.87 -48.35 26.62
N TRP B 61 -2.23 -49.50 26.80
CA TRP B 61 -2.81 -50.80 26.46
C TRP B 61 -3.40 -51.44 27.71
N PHE B 62 -4.68 -51.77 27.66
CA PHE B 62 -5.38 -52.36 28.79
C PHE B 62 -5.77 -53.80 28.47
N HIS B 63 -5.44 -54.71 29.38
CA HIS B 63 -5.94 -56.08 29.38
C HIS B 63 -6.90 -56.24 30.55
N ALA B 64 -8.14 -56.61 30.26
CA ALA B 64 -9.18 -56.74 31.28
C ALA B 64 -9.35 -58.21 31.64
N ILE B 65 -8.88 -58.57 32.83
CA ILE B 65 -9.07 -59.92 33.36
C ILE B 65 -9.63 -59.82 34.77
N HIS B 66 -9.61 -58.61 35.33
CA HIS B 66 -10.09 -58.39 36.69
C HIS B 66 -11.54 -57.92 36.69
N ASN B 78 -11.79 -51.50 40.01
CA ASN B 78 -11.58 -50.89 38.70
C ASN B 78 -12.02 -49.42 38.70
N PRO B 79 -11.07 -48.52 38.96
CA PRO B 79 -11.38 -47.09 38.89
C PRO B 79 -11.68 -46.65 37.46
N ALA B 80 -12.49 -45.61 37.35
CA ALA B 80 -12.93 -45.13 36.04
C ALA B 80 -11.82 -44.38 35.32
N LEU B 81 -11.76 -44.58 34.00
CA LEU B 81 -10.74 -43.93 33.19
C LEU B 81 -11.05 -42.44 33.04
N PRO B 82 -10.03 -41.58 33.00
CA PRO B 82 -10.28 -40.16 32.78
C PRO B 82 -10.73 -39.87 31.36
N PHE B 83 -11.47 -38.78 31.21
CA PHE B 83 -11.91 -38.27 29.91
C PHE B 83 -11.32 -36.86 29.79
N ASN B 84 -10.19 -36.75 29.10
CA ASN B 84 -9.46 -35.48 29.00
C ASN B 84 -9.55 -34.99 27.56
N ASP B 85 -10.66 -34.30 27.25
CA ASP B 85 -10.93 -33.66 25.96
C ASP B 85 -10.89 -34.65 24.80
N GLY B 86 -11.80 -35.61 24.83
CA GLY B 86 -11.91 -36.59 23.77
C GLY B 86 -11.01 -37.79 23.97
N VAL B 87 -11.44 -38.96 23.51
CA VAL B 87 -10.68 -40.19 23.67
C VAL B 87 -10.67 -40.95 22.34
N TYR B 88 -9.71 -41.87 22.24
CA TYR B 88 -9.53 -42.70 21.05
C TYR B 88 -9.39 -44.14 21.48
N PHE B 89 -10.18 -45.02 20.88
CA PHE B 89 -10.15 -46.45 21.17
C PHE B 89 -9.67 -47.22 19.95
N ALA B 90 -8.85 -48.22 20.19
CA ALA B 90 -8.47 -49.19 19.16
C ALA B 90 -8.69 -50.58 19.72
N SER B 91 -9.57 -51.35 19.09
CA SER B 91 -9.88 -52.69 19.56
C SER B 91 -9.66 -53.69 18.42
N THR B 92 -8.81 -54.68 18.67
CA THR B 92 -8.50 -55.70 17.68
C THR B 92 -9.34 -56.96 17.83
N GLU B 93 -10.28 -56.99 18.78
CA GLU B 93 -11.10 -58.16 19.01
C GLU B 93 -12.32 -58.15 18.10
N LYS B 94 -13.18 -59.15 18.25
CA LYS B 94 -14.37 -59.29 17.42
C LYS B 94 -15.54 -59.67 18.33
N SER B 95 -16.64 -60.07 17.69
CA SER B 95 -17.92 -60.48 18.31
C SER B 95 -18.47 -59.31 19.13
N ASN B 96 -19.22 -59.62 20.19
CA ASN B 96 -19.86 -58.60 21.02
C ASN B 96 -19.29 -58.58 22.43
N ILE B 97 -17.99 -58.85 22.57
CA ILE B 97 -17.38 -58.90 23.90
C ILE B 97 -17.09 -57.50 24.46
N ILE B 98 -17.14 -56.47 23.63
CA ILE B 98 -16.96 -55.09 24.07
C ILE B 98 -18.13 -54.26 23.57
N ARG B 99 -18.71 -53.46 24.48
CA ARG B 99 -19.89 -52.66 24.22
C ARG B 99 -20.04 -51.64 25.34
N GLY B 100 -20.76 -50.56 25.05
CA GLY B 100 -21.22 -49.65 26.07
C GLY B 100 -20.19 -48.66 26.60
N TRP B 101 -20.63 -47.44 26.87
CA TRP B 101 -19.78 -46.39 27.42
C TRP B 101 -20.58 -45.54 28.41
N ILE B 102 -19.94 -45.13 29.49
CA ILE B 102 -20.56 -44.31 30.52
C ILE B 102 -19.71 -43.05 30.70
N PHE B 103 -20.33 -41.89 30.52
CA PHE B 103 -19.68 -40.60 30.68
C PHE B 103 -20.34 -39.84 31.83
N GLY B 104 -19.53 -39.12 32.60
CA GLY B 104 -20.09 -38.30 33.65
C GLY B 104 -19.09 -38.01 34.74
N THR B 105 -19.48 -37.12 35.64
CA THR B 105 -18.61 -36.73 36.74
C THR B 105 -18.62 -37.78 37.85
N THR B 106 -19.80 -38.12 38.36
CA THR B 106 -19.96 -39.16 39.36
C THR B 106 -20.85 -40.27 38.79
N LEU B 107 -21.21 -41.22 39.64
CA LEU B 107 -22.04 -42.36 39.25
C LEU B 107 -23.28 -42.39 40.13
N ASP B 108 -24.30 -43.12 39.65
CA ASP B 108 -25.58 -43.37 40.31
C ASP B 108 -26.38 -42.09 40.55
N SER B 109 -25.91 -41.24 41.47
CA SER B 109 -26.61 -40.00 41.77
C SER B 109 -25.67 -38.79 41.66
N LYS B 110 -26.15 -37.62 42.09
CA LYS B 110 -25.45 -36.35 42.27
C LYS B 110 -25.01 -35.68 40.96
N THR B 111 -25.20 -36.31 39.80
CA THR B 111 -24.74 -35.79 38.53
C THR B 111 -25.47 -36.53 37.42
N GLN B 112 -26.04 -35.77 36.47
CA GLN B 112 -26.62 -36.38 35.28
C GLN B 112 -25.53 -37.05 34.45
N SER B 113 -25.75 -38.32 34.11
CA SER B 113 -24.75 -39.14 33.45
C SER B 113 -25.24 -39.60 32.09
N LEU B 114 -24.31 -39.70 31.15
CA LEU B 114 -24.61 -40.16 29.79
C LEU B 114 -24.25 -41.63 29.66
N LEU B 115 -25.15 -42.40 29.05
CA LEU B 115 -25.00 -43.84 28.91
C LEU B 115 -25.26 -44.25 27.48
N ILE B 116 -24.42 -45.13 26.94
CA ILE B 116 -24.60 -45.68 25.60
C ILE B 116 -24.47 -47.19 25.70
N VAL B 117 -25.50 -47.91 25.25
CA VAL B 117 -25.52 -49.37 25.26
C VAL B 117 -25.70 -49.86 23.83
N ASN B 118 -24.79 -50.72 23.38
CA ASN B 118 -24.82 -51.30 22.04
C ASN B 118 -24.94 -52.81 22.13
N ASN B 119 -25.62 -53.39 21.15
CA ASN B 119 -25.63 -54.83 20.94
C ASN B 119 -25.75 -55.09 19.45
N ALA B 120 -26.12 -56.32 19.07
CA ALA B 120 -26.21 -56.69 17.67
C ALA B 120 -27.43 -56.11 16.96
N THR B 121 -28.35 -55.47 17.68
CA THR B 121 -29.60 -55.01 17.11
C THR B 121 -29.78 -53.50 17.17
N ASN B 122 -29.53 -52.87 18.33
CA ASN B 122 -29.95 -51.50 18.55
C ASN B 122 -28.86 -50.77 19.35
N VAL B 123 -28.92 -49.43 19.33
CA VAL B 123 -28.05 -48.60 20.15
C VAL B 123 -28.96 -47.66 20.95
N VAL B 124 -28.81 -47.67 22.27
CA VAL B 124 -29.63 -46.85 23.16
C VAL B 124 -28.72 -45.83 23.83
N ILE B 125 -29.06 -44.54 23.67
CA ILE B 125 -28.35 -43.43 24.29
C ILE B 125 -29.29 -42.78 25.28
N LYS B 126 -28.81 -42.53 26.49
CA LYS B 126 -29.71 -42.14 27.57
C LYS B 126 -29.00 -41.22 28.55
N VAL B 127 -29.59 -40.06 28.80
CA VAL B 127 -29.12 -39.13 29.82
C VAL B 127 -30.19 -39.11 30.90
N CYS B 128 -29.98 -39.93 31.93
CA CYS B 128 -30.84 -40.02 33.10
C CYS B 128 -29.93 -40.25 34.31
N GLU B 129 -30.51 -40.68 35.43
CA GLU B 129 -29.73 -40.92 36.64
C GLU B 129 -29.25 -42.37 36.72
N PHE B 130 -30.20 -43.32 36.72
CA PHE B 130 -30.00 -44.78 36.75
C PHE B 130 -29.28 -45.27 38.02
N GLN B 131 -29.13 -46.59 38.14
CA GLN B 131 -28.56 -47.22 39.33
C GLN B 131 -27.42 -48.13 38.91
N PHE B 132 -26.27 -48.00 39.58
CA PHE B 132 -25.11 -48.84 39.31
C PHE B 132 -24.46 -49.28 40.62
N CYS B 133 -23.81 -50.44 40.57
CA CYS B 133 -23.03 -50.95 41.68
C CYS B 133 -21.58 -50.49 41.54
N ASN B 134 -20.68 -51.10 42.33
CA ASN B 134 -19.26 -50.78 42.24
C ASN B 134 -18.64 -51.22 40.92
N ASP B 135 -19.12 -52.31 40.34
CA ASP B 135 -18.62 -52.80 39.05
C ASP B 135 -19.71 -52.70 37.99
N PRO B 136 -19.67 -51.70 37.12
CA PRO B 136 -20.70 -51.57 36.07
C PRO B 136 -20.46 -52.59 34.97
N PHE B 137 -21.49 -53.41 34.70
CA PHE B 137 -21.41 -54.43 33.68
C PHE B 137 -22.82 -54.74 33.19
N LEU B 138 -22.89 -55.40 32.04
CA LEU B 138 -24.15 -55.79 31.42
C LEU B 138 -24.30 -57.31 31.52
N ASP B 139 -25.33 -57.75 32.23
CA ASP B 139 -25.59 -59.17 32.40
C ASP B 139 -26.18 -59.77 31.11
N VAL B 140 -25.85 -61.03 30.87
CA VAL B 140 -26.31 -61.71 29.66
C VAL B 140 -27.50 -62.60 30.01
N TYR B 141 -27.30 -63.54 30.93
CA TYR B 141 -28.36 -64.47 31.33
C TYR B 141 -28.86 -64.17 32.74
N ALA B 159 -36.12 -42.47 36.38
CA ALA B 159 -35.76 -42.65 37.78
C ALA B 159 -36.18 -41.45 38.62
N ASN B 160 -35.28 -40.49 38.77
CA ASN B 160 -35.53 -39.30 39.56
C ASN B 160 -35.52 -38.02 38.73
N ASN B 161 -34.56 -37.88 37.83
CA ASN B 161 -34.48 -36.75 36.90
C ASN B 161 -34.18 -37.25 35.49
N CYS B 162 -34.94 -38.26 35.06
CA CYS B 162 -34.66 -38.93 33.80
C CYS B 162 -35.19 -38.09 32.64
N THR B 163 -34.28 -37.61 31.78
CA THR B 163 -34.63 -36.59 30.81
C THR B 163 -34.51 -37.06 29.36
N PHE B 164 -33.36 -37.56 28.92
CA PHE B 164 -33.07 -37.66 27.50
C PHE B 164 -32.95 -39.12 27.06
N GLU B 165 -33.61 -39.45 25.95
CA GLU B 165 -33.55 -40.77 25.33
C GLU B 165 -33.25 -40.63 23.84
N TYR B 166 -32.61 -41.66 23.28
CA TYR B 166 -32.27 -41.69 21.87
C TYR B 166 -32.06 -43.13 21.43
N VAL B 167 -32.53 -43.46 20.23
CA VAL B 167 -32.42 -44.80 19.65
C VAL B 167 -31.76 -44.66 18.29
N SER B 168 -30.68 -45.42 18.06
CA SER B 168 -29.92 -45.30 16.83
C SER B 168 -29.46 -46.68 16.35
N GLN B 169 -28.96 -46.71 15.12
CA GLN B 169 -28.53 -47.94 14.47
C GLN B 169 -27.26 -48.49 15.13
N PRO B 170 -27.03 -49.82 15.05
CA PRO B 170 -25.81 -50.39 15.63
C PRO B 170 -24.54 -49.90 14.93
N PHE B 171 -23.50 -49.65 15.74
CA PHE B 171 -22.25 -49.13 15.21
C PHE B 171 -21.49 -50.20 14.44
N LEU B 172 -21.38 -51.41 15.00
CA LEU B 172 -20.57 -52.47 14.45
C LEU B 172 -21.43 -53.45 13.65
N MET B 173 -20.79 -54.07 12.66
CA MET B 173 -21.46 -55.03 11.79
C MET B 173 -21.74 -56.34 12.52
N LYS B 183 -7.75 -59.27 13.30
CA LYS B 183 -8.01 -58.97 11.90
C LYS B 183 -9.20 -58.03 11.76
N ASN B 184 -9.85 -57.75 12.89
CA ASN B 184 -11.02 -56.88 12.95
C ASN B 184 -10.69 -55.72 13.89
N LEU B 185 -10.11 -54.65 13.33
CA LEU B 185 -9.71 -53.49 14.11
C LEU B 185 -10.77 -52.42 14.03
N ARG B 186 -11.28 -52.00 15.18
CA ARG B 186 -12.22 -50.89 15.29
C ARG B 186 -11.46 -49.70 15.86
N GLU B 187 -11.40 -48.63 15.09
CA GLU B 187 -10.84 -47.36 15.55
C GLU B 187 -12.01 -46.42 15.81
N PHE B 188 -12.06 -45.87 17.02
CA PHE B 188 -13.15 -45.01 17.44
C PHE B 188 -12.59 -43.75 18.08
N VAL B 189 -13.28 -42.62 17.85
CA VAL B 189 -12.92 -41.34 18.45
C VAL B 189 -14.18 -40.72 19.02
N PHE B 190 -14.14 -40.37 20.31
CA PHE B 190 -15.28 -39.77 21.00
C PHE B 190 -14.89 -38.37 21.42
N LYS B 191 -15.63 -37.37 20.93
CA LYS B 191 -15.31 -35.97 21.19
C LYS B 191 -16.51 -35.28 21.81
N ASN B 192 -16.24 -34.43 22.81
CA ASN B 192 -17.28 -33.66 23.48
C ASN B 192 -16.86 -32.19 23.48
N ILE B 193 -17.43 -31.40 22.57
CA ILE B 193 -17.09 -29.99 22.43
C ILE B 193 -18.38 -29.17 22.49
N ASP B 194 -18.44 -28.26 23.47
CA ASP B 194 -19.53 -27.29 23.65
C ASP B 194 -20.90 -27.97 23.80
N GLY B 195 -20.93 -29.11 24.48
CA GLY B 195 -22.15 -29.85 24.62
C GLY B 195 -22.54 -30.69 23.42
N TYR B 196 -21.61 -30.88 22.48
CA TYR B 196 -21.86 -31.70 21.30
C TYR B 196 -20.96 -32.93 21.36
N PHE B 197 -21.57 -34.11 21.22
CA PHE B 197 -20.88 -35.39 21.31
C PHE B 197 -20.82 -36.01 19.93
N LYS B 198 -19.61 -36.30 19.47
CA LYS B 198 -19.36 -36.81 18.13
C LYS B 198 -18.59 -38.13 18.21
N ILE B 199 -18.96 -39.06 17.32
CA ILE B 199 -18.37 -40.39 17.27
C ILE B 199 -17.82 -40.60 15.88
N TYR B 200 -16.52 -40.94 15.80
CA TYR B 200 -15.85 -41.26 14.55
C TYR B 200 -15.46 -42.73 14.58
N SER B 201 -15.70 -43.45 13.48
CA SER B 201 -15.49 -44.88 13.46
C SER B 201 -14.81 -45.31 12.16
N LYS B 202 -14.02 -46.38 12.26
CA LYS B 202 -13.39 -46.96 11.09
C LYS B 202 -13.06 -48.43 11.36
N HIS B 203 -13.35 -49.29 10.38
CA HIS B 203 -13.01 -50.70 10.44
C HIS B 203 -11.81 -50.96 9.55
N THR B 204 -10.78 -51.61 10.10
CA THR B 204 -9.51 -51.79 9.41
C THR B 204 -8.98 -53.19 9.69
N PRO B 205 -8.53 -53.91 8.66
CA PRO B 205 -7.90 -55.22 8.87
C PRO B 205 -6.45 -55.06 9.34
N ILE B 206 -5.81 -56.19 9.60
CA ILE B 206 -4.43 -56.22 10.08
C ILE B 206 -3.83 -57.56 9.66
N ASN B 207 -2.50 -57.63 9.66
CA ASN B 207 -1.78 -58.88 9.41
C ASN B 207 -1.35 -59.56 10.71
N LEU B 208 -0.63 -58.86 11.58
CA LEU B 208 -0.11 -59.40 12.82
C LEU B 208 -0.78 -58.70 14.00
N GLU B 209 -1.22 -59.48 14.98
CA GLU B 209 -1.95 -58.95 16.13
C GLU B 209 -1.01 -58.73 17.31
N ARG B 210 0.01 -57.90 17.10
CA ARG B 210 0.94 -57.55 18.17
C ARG B 210 0.95 -56.07 18.49
N ASP B 211 1.14 -55.21 17.49
CA ASP B 211 1.18 -53.77 17.70
C ASP B 211 0.41 -53.09 16.57
N LEU B 212 0.34 -51.77 16.64
CA LEU B 212 -0.34 -51.00 15.61
C LEU B 212 0.51 -50.94 14.35
N PRO B 213 -0.10 -51.02 13.17
CA PRO B 213 0.68 -51.07 11.92
C PRO B 213 1.17 -49.68 11.52
N GLN B 214 1.93 -49.65 10.45
CA GLN B 214 2.43 -48.41 9.86
C GLN B 214 1.61 -48.10 8.61
N GLY B 215 1.00 -46.91 8.60
CA GLY B 215 0.16 -46.53 7.48
C GLY B 215 -0.78 -45.42 7.89
N PHE B 216 -1.80 -45.20 7.06
CA PHE B 216 -2.78 -44.15 7.29
C PHE B 216 -4.18 -44.69 7.04
N SER B 217 -5.08 -44.45 8.00
CA SER B 217 -6.49 -44.76 7.86
C SER B 217 -7.30 -43.57 8.34
N ALA B 218 -8.46 -43.37 7.73
CA ALA B 218 -9.30 -42.21 7.99
C ALA B 218 -10.60 -42.63 8.66
N LEU B 219 -10.99 -41.90 9.70
CA LEU B 219 -12.19 -42.16 10.47
C LEU B 219 -13.29 -41.19 10.05
N GLU B 220 -14.53 -41.65 10.10
CA GLU B 220 -15.67 -40.90 9.56
C GLU B 220 -16.74 -40.67 10.63
N PRO B 221 -17.40 -39.51 10.64
CA PRO B 221 -18.31 -39.20 11.75
C PRO B 221 -19.62 -39.97 11.69
N LEU B 222 -20.22 -40.17 12.87
CA LEU B 222 -21.49 -40.89 12.97
C LEU B 222 -22.60 -40.01 13.55
N VAL B 223 -22.42 -39.44 14.75
CA VAL B 223 -23.51 -38.76 15.45
C VAL B 223 -23.07 -37.36 15.88
N ASP B 224 -24.06 -36.54 16.20
CA ASP B 224 -23.86 -35.16 16.65
C ASP B 224 -24.77 -34.85 17.83
N LEU B 225 -24.71 -35.70 18.86
CA LEU B 225 -25.72 -35.69 19.91
C LEU B 225 -25.57 -34.46 20.81
N PRO B 226 -26.68 -33.81 21.18
CA PRO B 226 -26.66 -32.64 22.09
C PRO B 226 -26.78 -32.99 23.58
N ILE B 227 -25.67 -33.44 24.16
CA ILE B 227 -25.69 -33.92 25.54
C ILE B 227 -25.70 -32.75 26.51
N GLY B 228 -24.67 -31.91 26.47
CA GLY B 228 -24.60 -30.72 27.29
C GLY B 228 -24.45 -30.96 28.79
N ILE B 229 -23.69 -31.97 29.18
CA ILE B 229 -23.44 -32.26 30.58
C ILE B 229 -21.94 -32.12 30.85
N ASN B 230 -21.60 -32.08 32.13
CA ASN B 230 -20.21 -32.01 32.56
C ASN B 230 -19.62 -33.41 32.55
N ILE B 231 -18.59 -33.62 31.73
CA ILE B 231 -17.94 -34.92 31.60
C ILE B 231 -16.49 -34.79 32.04
N THR B 232 -16.13 -35.49 33.11
CA THR B 232 -14.75 -35.61 33.54
C THR B 232 -14.39 -37.03 33.96
N ARG B 233 -15.32 -37.98 33.83
CA ARG B 233 -15.10 -39.35 34.24
C ARG B 233 -15.69 -40.27 33.19
N PHE B 234 -15.07 -41.43 33.00
CA PHE B 234 -15.43 -42.34 31.94
C PHE B 234 -15.25 -43.80 32.36
N GLN B 235 -16.25 -44.62 32.04
CA GLN B 235 -16.25 -46.04 32.36
C GLN B 235 -16.62 -46.84 31.12
N THR B 236 -16.00 -48.00 30.95
CA THR B 236 -16.34 -48.93 29.88
C THR B 236 -17.05 -50.13 30.48
N LEU B 237 -17.91 -50.77 29.67
CA LEU B 237 -18.68 -51.91 30.16
C LEU B 237 -18.06 -53.22 29.69
N LEU B 238 -18.21 -54.25 30.53
CA LEU B 238 -17.70 -55.58 30.24
C LEU B 238 -18.86 -56.57 30.22
N ALA B 239 -18.82 -57.47 29.24
CA ALA B 239 -19.87 -58.47 29.05
C ALA B 239 -19.53 -59.71 29.85
N LEU B 240 -20.33 -60.00 30.88
CA LEU B 240 -20.13 -61.16 31.73
C LEU B 240 -21.29 -62.12 31.56
N HIS B 241 -20.97 -63.38 31.27
CA HIS B 241 -21.99 -64.40 31.07
C HIS B 241 -22.25 -65.17 32.36
N ALA B 258 -10.46 -61.00 29.35
CA ALA B 258 -9.42 -61.26 28.38
C ALA B 258 -9.56 -60.34 27.16
N ALA B 259 -10.01 -59.12 27.42
CA ALA B 259 -10.21 -58.13 26.36
C ALA B 259 -9.08 -57.11 26.40
N ALA B 260 -8.44 -56.90 25.25
CA ALA B 260 -7.32 -55.99 25.12
C ALA B 260 -7.73 -54.81 24.24
N TYR B 261 -7.47 -53.60 24.72
CA TYR B 261 -7.81 -52.42 23.95
C TYR B 261 -6.82 -51.29 24.21
N TYR B 262 -6.62 -50.45 23.20
CA TYR B 262 -5.69 -49.32 23.28
C TYR B 262 -6.48 -48.03 23.43
N VAL B 263 -6.03 -47.19 24.37
CA VAL B 263 -6.68 -45.92 24.68
C VAL B 263 -5.67 -44.79 24.47
N GLY B 264 -6.06 -43.79 23.66
CA GLY B 264 -5.27 -42.60 23.49
C GLY B 264 -6.10 -41.36 23.75
N TYR B 265 -5.40 -40.24 23.94
CA TYR B 265 -6.03 -38.98 24.32
C TYR B 265 -5.82 -37.94 23.23
N LEU B 266 -6.83 -37.10 23.02
CA LEU B 266 -6.77 -36.06 21.99
C LEU B 266 -6.28 -34.74 22.58
N GLN B 267 -5.66 -33.93 21.73
CA GLN B 267 -5.11 -32.64 22.11
C GLN B 267 -5.45 -31.62 21.03
N PRO B 268 -5.60 -30.33 21.39
CA PRO B 268 -5.92 -29.32 20.36
C PRO B 268 -4.74 -28.97 19.46
N ARG B 269 -4.53 -29.76 18.42
CA ARG B 269 -3.34 -29.62 17.58
C ARG B 269 -3.71 -29.21 16.16
N THR B 270 -2.69 -28.78 15.43
CA THR B 270 -2.81 -28.38 14.03
C THR B 270 -2.21 -29.48 13.16
N PHE B 271 -2.99 -29.94 12.19
CA PHE B 271 -2.57 -31.01 11.27
C PHE B 271 -2.61 -30.49 9.84
N LEU B 272 -1.79 -31.11 9.00
CA LEU B 272 -1.79 -30.85 7.56
C LEU B 272 -2.18 -32.15 6.85
N LEU B 273 -3.32 -32.13 6.17
CA LEU B 273 -3.90 -33.31 5.54
C LEU B 273 -3.78 -33.21 4.03
N LYS B 274 -3.57 -34.36 3.39
CA LYS B 274 -3.40 -34.45 1.95
C LYS B 274 -4.59 -35.19 1.37
N TYR B 275 -5.30 -34.55 0.43
CA TYR B 275 -6.44 -35.16 -0.25
C TYR B 275 -6.03 -35.47 -1.68
N ASN B 276 -6.21 -36.73 -2.09
CA ASN B 276 -5.83 -37.18 -3.41
C ASN B 276 -6.96 -36.92 -4.40
N GLU B 277 -6.88 -37.52 -5.59
CA GLU B 277 -7.89 -37.30 -6.62
C GLU B 277 -9.23 -37.94 -6.29
N ASN B 278 -9.26 -38.91 -5.39
CA ASN B 278 -10.50 -39.54 -4.97
C ASN B 278 -11.07 -38.94 -3.70
N GLY B 279 -10.47 -37.86 -3.18
CA GLY B 279 -10.99 -37.20 -2.01
C GLY B 279 -10.68 -37.88 -0.70
N THR B 280 -9.72 -38.80 -0.68
CA THR B 280 -9.37 -39.55 0.52
C THR B 280 -8.15 -38.94 1.19
N ILE B 281 -8.15 -38.95 2.52
CA ILE B 281 -6.98 -38.51 3.28
C ILE B 281 -5.94 -39.63 3.20
N THR B 282 -4.86 -39.39 2.47
CA THR B 282 -3.81 -40.39 2.29
C THR B 282 -2.61 -40.13 3.18
N ASP B 283 -2.30 -38.88 3.47
CA ASP B 283 -1.12 -38.55 4.26
C ASP B 283 -1.44 -37.38 5.17
N ALA B 284 -0.79 -37.36 6.33
CA ALA B 284 -1.00 -36.31 7.31
C ALA B 284 0.30 -36.03 8.03
N VAL B 285 0.52 -34.75 8.34
CA VAL B 285 1.72 -34.29 9.03
C VAL B 285 1.30 -33.49 10.26
N ASP B 286 1.97 -33.72 11.39
CA ASP B 286 1.76 -32.91 12.59
C ASP B 286 2.38 -31.53 12.41
N CYS B 287 2.40 -30.73 13.46
CA CYS B 287 3.00 -29.42 13.25
C CYS B 287 3.86 -29.02 14.44
N ALA B 288 3.90 -29.85 15.49
CA ALA B 288 4.75 -29.57 16.65
C ALA B 288 5.47 -30.83 17.14
N LEU B 289 5.53 -31.88 16.33
CA LEU B 289 6.22 -33.10 16.73
C LEU B 289 7.73 -32.92 16.70
N ASP B 290 8.24 -32.28 15.66
CA ASP B 290 9.67 -32.06 15.45
C ASP B 290 9.82 -30.84 14.56
N PRO B 291 11.02 -30.24 14.49
CA PRO B 291 11.20 -29.07 13.62
C PRO B 291 10.99 -29.33 12.13
N LEU B 292 11.11 -30.58 11.67
CA LEU B 292 10.86 -30.87 10.25
C LEU B 292 9.38 -30.71 9.90
N SER B 293 8.49 -31.16 10.79
CA SER B 293 7.06 -30.99 10.52
C SER B 293 6.63 -29.54 10.64
N GLU B 294 7.29 -28.77 11.52
CA GLU B 294 7.03 -27.34 11.60
C GLU B 294 7.49 -26.62 10.34
N THR B 295 8.63 -27.05 9.78
CA THR B 295 9.08 -26.54 8.49
C THR B 295 8.09 -26.91 7.38
N LYS B 296 7.52 -28.11 7.44
CA LYS B 296 6.52 -28.51 6.47
C LYS B 296 5.20 -27.75 6.64
N CYS B 297 4.88 -27.32 7.86
CA CYS B 297 3.77 -26.39 8.06
C CYS B 297 4.04 -25.05 7.40
N THR B 298 5.22 -24.49 7.64
CA THR B 298 5.52 -23.15 7.14
C THR B 298 5.68 -23.12 5.63
N LEU B 299 6.19 -24.20 5.03
CA LEU B 299 6.32 -24.29 3.59
C LEU B 299 5.05 -24.78 2.91
N LYS B 300 4.09 -25.32 3.68
CA LYS B 300 2.82 -25.89 3.19
C LYS B 300 3.06 -26.98 2.15
N SER B 301 4.08 -27.79 2.38
CA SER B 301 4.44 -28.87 1.47
C SER B 301 4.87 -30.08 2.30
N PHE B 302 5.18 -31.17 1.60
CA PHE B 302 5.59 -32.41 2.23
C PHE B 302 7.05 -32.74 2.03
N THR B 303 7.69 -32.17 1.00
CA THR B 303 9.12 -32.32 0.77
C THR B 303 9.77 -30.96 0.84
N VAL B 304 10.84 -30.85 1.61
CA VAL B 304 11.59 -29.61 1.74
C VAL B 304 12.91 -29.76 0.99
N GLU B 305 13.52 -28.63 0.67
CA GLU B 305 14.78 -28.59 -0.05
C GLU B 305 15.91 -28.22 0.90
N LYS B 306 17.12 -28.18 0.37
CA LYS B 306 18.29 -27.82 1.17
C LYS B 306 18.31 -26.32 1.43
N GLY B 307 18.44 -25.94 2.69
CA GLY B 307 18.48 -24.53 3.04
C GLY B 307 18.15 -24.33 4.50
N ILE B 308 18.06 -23.05 4.88
CA ILE B 308 17.71 -22.64 6.23
C ILE B 308 16.40 -21.87 6.16
N TYR B 309 15.44 -22.27 6.99
CA TYR B 309 14.07 -21.75 6.94
C TYR B 309 13.70 -21.17 8.29
N GLN B 310 13.19 -19.94 8.29
CA GLN B 310 12.69 -19.29 9.50
C GLN B 310 11.26 -19.78 9.73
N THR B 311 11.07 -20.58 10.77
CA THR B 311 9.76 -21.21 10.99
C THR B 311 8.89 -20.39 11.92
N SER B 312 9.33 -20.17 13.16
CA SER B 312 8.47 -19.53 14.15
C SER B 312 9.35 -18.91 15.22
N ASN B 313 8.74 -18.60 16.36
CA ASN B 313 9.39 -17.87 17.44
C ASN B 313 9.21 -18.66 18.73
N PHE B 314 10.22 -18.63 19.59
CA PHE B 314 10.07 -19.19 20.92
C PHE B 314 9.86 -18.08 21.93
N ARG B 315 9.01 -18.37 22.92
CA ARG B 315 8.64 -17.51 24.03
C ARG B 315 9.12 -18.15 25.32
N VAL B 316 8.79 -17.55 26.45
CA VAL B 316 8.88 -18.20 27.75
C VAL B 316 7.54 -17.98 28.44
N GLN B 317 6.87 -19.06 28.81
CA GLN B 317 5.52 -18.96 29.34
C GLN B 317 5.54 -18.49 30.79
N PRO B 318 4.56 -17.67 31.19
CA PRO B 318 4.49 -17.24 32.59
C PRO B 318 4.16 -18.38 33.54
N THR B 319 4.72 -18.29 34.75
CA THR B 319 4.61 -19.36 35.73
C THR B 319 3.52 -19.12 36.76
N GLU B 320 3.35 -17.88 37.23
CA GLU B 320 2.41 -17.56 38.28
C GLU B 320 1.57 -16.35 37.87
N SER B 321 0.61 -16.02 38.72
CA SER B 321 -0.25 -14.86 38.53
C SER B 321 -0.16 -13.96 39.76
N ILE B 322 -0.10 -12.65 39.54
CA ILE B 322 0.10 -11.67 40.60
C ILE B 322 -1.00 -10.63 40.52
N VAL B 323 -1.68 -10.40 41.63
CA VAL B 323 -2.65 -9.32 41.78
C VAL B 323 -2.16 -8.40 42.88
N ARG B 324 -2.06 -7.11 42.57
CA ARG B 324 -1.63 -6.11 43.55
C ARG B 324 -2.65 -4.99 43.59
N PHE B 325 -3.40 -4.91 44.68
CA PHE B 325 -4.47 -3.93 44.91
C PHE B 325 -4.22 -3.23 46.23
N PRO B 326 -4.70 -2.00 46.41
CA PRO B 326 -4.56 -1.34 47.71
C PRO B 326 -5.38 -2.03 48.79
N ASN B 327 -4.86 -1.95 50.02
CA ASN B 327 -5.47 -2.62 51.17
C ASN B 327 -6.57 -1.72 51.73
N ILE B 328 -7.79 -1.90 51.23
CA ILE B 328 -8.95 -1.12 51.64
C ILE B 328 -10.05 -2.08 52.06
N THR B 329 -10.62 -1.87 53.24
CA THR B 329 -11.70 -2.71 53.76
C THR B 329 -13.03 -1.97 53.86
N ASN B 330 -13.08 -0.70 53.48
CA ASN B 330 -14.30 0.09 53.57
C ASN B 330 -15.24 -0.30 52.44
N LEU B 331 -16.53 0.01 52.62
CA LEU B 331 -17.55 -0.23 51.62
C LEU B 331 -18.14 1.09 51.16
N CYS B 332 -18.37 1.21 49.86
CA CYS B 332 -18.79 2.47 49.27
C CYS B 332 -20.25 2.75 49.58
N PRO B 333 -20.62 4.03 49.70
CA PRO B 333 -22.04 4.40 49.87
C PRO B 333 -22.81 4.46 48.55
N PHE B 334 -22.81 3.34 47.83
CA PHE B 334 -23.61 3.25 46.62
C PHE B 334 -25.08 3.02 46.93
N HIS B 335 -25.39 2.56 48.15
CA HIS B 335 -26.78 2.37 48.55
C HIS B 335 -27.49 3.71 48.69
N GLU B 336 -26.91 4.63 49.46
CA GLU B 336 -27.48 5.92 49.87
C GLU B 336 -27.63 6.93 48.73
N VAL B 337 -27.32 6.58 47.48
CA VAL B 337 -27.59 7.46 46.35
C VAL B 337 -28.90 7.09 45.66
N PHE B 338 -29.26 5.82 45.68
CA PHE B 338 -30.37 5.31 44.89
C PHE B 338 -31.71 5.30 45.64
N ASN B 339 -31.72 5.41 46.97
CA ASN B 339 -32.96 5.66 47.69
C ASN B 339 -32.84 7.00 48.42
N ALA B 340 -33.84 7.85 48.23
CA ALA B 340 -33.95 9.11 48.94
C ALA B 340 -35.42 9.49 49.00
N THR B 341 -35.75 10.37 49.94
CA THR B 341 -37.11 10.89 50.01
C THR B 341 -37.40 11.76 48.79
N THR B 342 -36.50 12.70 48.48
CA THR B 342 -36.62 13.56 47.32
C THR B 342 -35.24 13.74 46.68
N PHE B 343 -35.17 13.54 45.37
CA PHE B 343 -34.00 13.90 44.60
C PHE B 343 -33.98 15.40 44.35
N ALA B 344 -32.85 15.87 43.82
CA ALA B 344 -32.69 17.29 43.53
C ALA B 344 -33.34 17.64 42.20
N SER B 345 -33.39 18.93 41.91
CA SER B 345 -33.93 19.41 40.66
C SER B 345 -32.88 19.26 39.55
N VAL B 346 -33.22 19.73 38.35
CA VAL B 346 -32.30 19.52 37.24
C VAL B 346 -31.21 20.58 37.26
N TYR B 347 -31.60 21.84 37.49
CA TYR B 347 -30.66 22.95 37.55
C TYR B 347 -29.78 22.92 38.79
N ALA B 348 -30.22 22.25 39.84
CA ALA B 348 -29.47 22.18 41.10
C ALA B 348 -29.10 20.75 41.40
N TRP B 349 -28.58 20.05 40.39
CA TRP B 349 -28.23 18.64 40.51
C TRP B 349 -27.10 18.42 41.51
N ASN B 350 -27.19 17.32 42.25
CA ASN B 350 -26.29 17.06 43.37
C ASN B 350 -25.20 16.09 42.94
N ARG B 351 -23.97 16.42 43.32
CA ARG B 351 -22.79 15.59 43.10
C ARG B 351 -22.37 14.97 44.42
N LYS B 352 -22.21 13.65 44.43
CA LYS B 352 -21.72 12.90 45.57
C LYS B 352 -20.33 12.37 45.25
N ARG B 353 -19.41 12.54 46.19
CA ARG B 353 -17.99 12.26 46.00
C ARG B 353 -17.67 10.94 46.67
N ILE B 354 -17.13 9.98 45.90
CA ILE B 354 -16.88 8.63 46.39
C ILE B 354 -15.39 8.34 46.26
N SER B 355 -14.75 8.05 47.39
CA SER B 355 -13.33 7.74 47.47
C SER B 355 -13.08 6.84 48.67
N ASN B 356 -11.97 6.10 48.59
CA ASN B 356 -11.40 5.31 49.69
C ASN B 356 -12.37 4.24 50.21
N CYS B 357 -12.88 3.42 49.29
CA CYS B 357 -13.72 2.30 49.65
C CYS B 357 -13.60 1.23 48.58
N VAL B 358 -14.28 0.10 48.80
CA VAL B 358 -14.33 -1.00 47.84
C VAL B 358 -15.66 -0.93 47.14
N ALA B 359 -15.63 -0.80 45.82
CA ALA B 359 -16.83 -0.55 45.02
C ALA B 359 -17.33 -1.87 44.44
N ASP B 360 -18.55 -2.25 44.80
CA ASP B 360 -19.22 -3.41 44.25
C ASP B 360 -20.37 -2.92 43.40
N TYR B 361 -20.27 -3.09 42.09
CA TYR B 361 -21.25 -2.57 41.16
C TYR B 361 -22.39 -3.55 40.85
N SER B 362 -22.29 -4.78 41.34
CA SER B 362 -23.35 -5.77 41.15
C SER B 362 -24.49 -5.60 42.14
N VAL B 363 -24.32 -4.76 43.17
CA VAL B 363 -25.38 -4.50 44.13
C VAL B 363 -26.25 -3.31 43.73
N ILE B 364 -25.86 -2.57 42.69
CA ILE B 364 -26.65 -1.43 42.24
C ILE B 364 -27.96 -1.91 41.60
N TYR B 365 -27.93 -3.09 40.96
CA TYR B 365 -29.13 -3.65 40.33
C TYR B 365 -30.24 -3.95 41.33
N ASN B 366 -29.89 -4.21 42.59
CA ASN B 366 -30.87 -4.48 43.62
C ASN B 366 -31.44 -3.22 44.26
N PHE B 367 -30.97 -2.03 43.86
CA PHE B 367 -31.38 -0.79 44.51
C PHE B 367 -32.39 0.01 43.70
N ALA B 368 -32.42 -0.15 42.39
CA ALA B 368 -33.37 0.54 41.54
C ALA B 368 -33.86 -0.39 40.44
N PRO B 369 -35.11 -0.25 40.01
CA PRO B 369 -35.62 -1.10 38.91
C PRO B 369 -35.39 -0.50 37.54
N PHE B 370 -34.14 -0.47 37.10
CA PHE B 370 -33.78 0.08 35.81
C PHE B 370 -33.56 -1.04 34.80
N PHE B 371 -33.59 -0.68 33.51
CA PHE B 371 -33.28 -1.61 32.44
C PHE B 371 -31.81 -1.58 32.07
N ALA B 372 -31.32 -0.42 31.63
CA ALA B 372 -30.04 -0.30 30.97
C ALA B 372 -29.04 0.42 31.86
N PHE B 373 -27.88 -0.19 32.04
CA PHE B 373 -26.76 0.40 32.76
C PHE B 373 -25.81 1.04 31.74
N LYS B 374 -26.28 2.14 31.14
CA LYS B 374 -25.73 2.58 29.85
C LYS B 374 -24.36 3.22 30.04
N CYS B 375 -23.30 2.45 29.81
CA CYS B 375 -21.93 2.91 30.00
C CYS B 375 -21.31 3.27 28.66
N TYR B 376 -20.36 4.20 28.70
CA TYR B 376 -19.80 4.78 27.49
C TYR B 376 -18.34 4.42 27.26
N GLY B 377 -17.46 4.69 28.22
CA GLY B 377 -16.07 4.38 28.02
C GLY B 377 -15.72 2.95 28.39
N VAL B 378 -16.58 2.32 29.19
CA VAL B 378 -16.34 1.00 29.74
C VAL B 378 -17.54 0.11 29.43
N SER B 379 -17.51 -1.10 29.96
CA SER B 379 -18.62 -2.04 29.93
C SER B 379 -19.12 -2.30 31.35
N PRO B 380 -20.44 -2.49 31.53
CA PRO B 380 -20.97 -2.72 32.88
C PRO B 380 -20.55 -4.04 33.50
N THR B 381 -20.12 -5.01 32.71
CA THR B 381 -19.70 -6.30 33.23
C THR B 381 -18.23 -6.34 33.64
N LYS B 382 -17.47 -5.30 33.33
CA LYS B 382 -16.04 -5.25 33.62
C LYS B 382 -15.70 -4.23 34.69
N LEU B 383 -16.69 -3.73 35.43
CA LEU B 383 -16.46 -2.68 36.41
C LEU B 383 -15.82 -3.18 37.70
N ASN B 384 -15.69 -4.50 37.88
CA ASN B 384 -15.09 -5.06 39.08
C ASN B 384 -13.66 -5.51 38.89
N ASP B 385 -13.25 -5.83 37.66
CA ASP B 385 -11.90 -6.33 37.42
C ASP B 385 -10.89 -5.19 37.41
N LEU B 386 -11.07 -4.23 36.50
CA LEU B 386 -10.30 -3.00 36.50
C LEU B 386 -10.72 -2.15 37.68
N CYS B 387 -9.90 -1.16 38.02
CA CYS B 387 -10.36 -0.33 39.11
C CYS B 387 -9.88 1.11 38.93
N PHE B 388 -10.67 2.04 39.49
CA PHE B 388 -10.66 3.47 39.22
C PHE B 388 -9.83 4.24 40.25
N THR B 389 -10.00 5.57 40.23
CA THR B 389 -9.41 6.48 41.20
C THR B 389 -10.45 7.20 42.05
N ASN B 390 -11.41 7.89 41.41
CA ASN B 390 -12.45 8.66 42.07
C ASN B 390 -13.77 8.37 41.37
N VAL B 391 -14.88 8.38 42.12
CA VAL B 391 -16.20 8.25 41.50
C VAL B 391 -17.03 9.46 41.89
N TYR B 392 -17.79 10.00 40.94
CA TYR B 392 -18.72 11.09 41.21
C TYR B 392 -20.10 10.70 40.73
N ALA B 393 -21.11 10.89 41.59
CA ALA B 393 -22.48 10.47 41.29
C ALA B 393 -23.38 11.70 41.26
N ASP B 394 -23.93 12.01 40.09
CA ASP B 394 -24.82 13.15 39.91
C ASP B 394 -26.27 12.66 39.85
N SER B 395 -27.14 13.30 40.62
CA SER B 395 -28.52 12.83 40.77
C SER B 395 -29.52 13.93 40.42
N PHE B 396 -30.49 13.61 39.57
CA PHE B 396 -31.58 14.55 39.27
C PHE B 396 -32.80 13.78 38.76
N VAL B 397 -33.86 14.53 38.44
CA VAL B 397 -35.11 13.96 37.94
C VAL B 397 -35.55 14.77 36.73
N ILE B 398 -35.67 14.10 35.58
CA ILE B 398 -36.08 14.79 34.35
C ILE B 398 -37.36 14.18 33.78
N ARG B 399 -37.78 14.69 32.63
CA ARG B 399 -38.90 14.15 31.87
C ARG B 399 -38.42 13.00 30.99
N GLY B 400 -39.37 12.24 30.44
CA GLY B 400 -39.02 11.07 29.66
C GLY B 400 -38.49 11.38 28.27
N ASN B 401 -38.85 12.53 27.71
CA ASN B 401 -38.34 12.90 26.39
C ASN B 401 -36.87 13.28 26.44
N GLU B 402 -36.37 13.68 27.61
CA GLU B 402 -35.05 14.26 27.76
C GLU B 402 -34.02 13.27 28.29
N VAL B 403 -34.40 12.00 28.44
CA VAL B 403 -33.45 10.97 28.87
C VAL B 403 -32.40 10.72 27.80
N SER B 404 -32.78 10.89 26.53
CA SER B 404 -31.84 10.77 25.43
C SER B 404 -30.82 11.90 25.37
N GLN B 405 -31.06 13.01 26.07
CA GLN B 405 -30.14 14.13 26.09
C GLN B 405 -28.98 13.94 27.04
N ILE B 406 -29.04 12.95 27.93
CA ILE B 406 -27.95 12.71 28.88
C ILE B 406 -26.98 11.76 28.18
N ALA B 407 -26.13 12.34 27.34
CA ALA B 407 -25.17 11.61 26.53
C ALA B 407 -24.07 12.57 26.09
N PRO B 408 -22.85 12.09 25.88
CA PRO B 408 -21.80 12.97 25.34
C PRO B 408 -22.11 13.44 23.92
N GLY B 409 -21.72 14.67 23.65
CA GLY B 409 -21.93 15.28 22.34
C GLY B 409 -23.39 15.51 21.98
N GLN B 410 -24.19 15.94 22.95
CA GLN B 410 -25.63 16.06 22.78
C GLN B 410 -26.05 17.51 22.97
N THR B 411 -27.11 17.90 22.25
CA THR B 411 -27.68 19.23 22.36
C THR B 411 -29.19 19.10 22.60
N GLY B 412 -29.81 20.21 22.98
CA GLY B 412 -31.21 20.20 23.30
C GLY B 412 -31.59 21.28 24.30
N ASN B 413 -32.25 20.89 25.38
CA ASN B 413 -32.66 21.84 26.42
C ASN B 413 -32.00 21.51 27.74
N ILE B 414 -31.97 20.24 28.14
CA ILE B 414 -31.26 19.83 29.34
C ILE B 414 -29.75 19.92 29.12
N ALA B 415 -29.28 19.48 27.96
CA ALA B 415 -27.84 19.49 27.69
C ALA B 415 -27.32 20.91 27.47
N ASP B 416 -28.13 21.77 26.87
CA ASP B 416 -27.67 23.11 26.54
C ASP B 416 -27.62 24.04 27.75
N TYR B 417 -28.57 23.92 28.67
CA TYR B 417 -28.72 24.92 29.72
C TYR B 417 -28.77 24.36 31.13
N ASN B 418 -28.91 23.04 31.31
CA ASN B 418 -29.09 22.48 32.64
C ASN B 418 -27.96 21.56 33.06
N TYR B 419 -27.67 20.52 32.28
CA TYR B 419 -26.68 19.52 32.67
C TYR B 419 -25.99 19.02 31.41
N LYS B 420 -24.73 19.38 31.25
CA LYS B 420 -23.95 19.03 30.06
C LYS B 420 -22.86 18.05 30.42
N LEU B 421 -22.73 16.98 29.64
CA LEU B 421 -21.68 15.98 29.72
C LEU B 421 -20.56 16.31 28.74
N PRO B 422 -19.29 16.05 29.08
CA PRO B 422 -18.20 16.34 28.15
C PRO B 422 -18.18 15.36 26.99
N ASP B 423 -17.43 15.74 25.95
CA ASP B 423 -17.35 14.92 24.74
C ASP B 423 -16.55 13.64 24.98
N ASP B 424 -15.55 13.69 25.86
CA ASP B 424 -14.73 12.53 26.19
C ASP B 424 -15.17 11.86 27.50
N PHE B 425 -16.47 11.83 27.74
CA PHE B 425 -17.00 11.36 29.01
C PHE B 425 -16.92 9.84 29.11
N THR B 426 -16.23 9.36 30.13
CA THR B 426 -16.28 7.95 30.51
C THR B 426 -17.10 7.82 31.79
N GLY B 427 -17.96 6.81 31.82
CA GLY B 427 -18.89 6.65 32.92
C GLY B 427 -20.17 6.00 32.43
N CYS B 428 -21.13 5.91 33.35
CA CYS B 428 -22.38 5.21 33.09
C CYS B 428 -23.56 6.08 33.50
N VAL B 429 -24.68 5.87 32.81
CA VAL B 429 -25.94 6.54 33.10
C VAL B 429 -26.95 5.48 33.53
N ILE B 430 -27.70 5.77 34.59
CA ILE B 430 -28.75 4.91 35.10
C ILE B 430 -30.00 5.76 35.22
N ALA B 431 -31.02 5.44 34.43
CA ALA B 431 -32.28 6.17 34.47
C ALA B 431 -33.41 5.18 34.66
N TRP B 432 -34.30 5.46 35.61
CA TRP B 432 -35.43 4.58 35.83
C TRP B 432 -36.69 5.38 36.09
N ASN B 433 -37.83 4.77 35.74
CA ASN B 433 -39.12 5.42 35.88
C ASN B 433 -39.50 5.59 37.35
N SER B 434 -40.02 6.76 37.69
CA SER B 434 -40.38 7.09 39.05
C SER B 434 -41.75 7.76 39.09
N ASN B 435 -42.72 7.14 38.42
CA ASN B 435 -44.09 7.68 38.44
C ASN B 435 -44.75 7.47 39.80
N LYS B 436 -44.31 6.48 40.57
CA LYS B 436 -44.95 6.15 41.83
C LYS B 436 -44.48 7.05 42.97
N LEU B 437 -43.45 7.86 42.77
CA LEU B 437 -42.90 8.67 43.85
C LEU B 437 -42.89 10.15 43.49
N ASP B 438 -42.71 10.46 42.21
CA ASP B 438 -42.48 11.84 41.77
C ASP B 438 -43.63 12.34 40.91
N SER B 439 -44.86 12.00 41.28
CA SER B 439 -46.04 12.48 40.56
C SER B 439 -47.21 12.56 41.51
N LYS B 440 -48.07 13.56 41.28
CA LYS B 440 -49.25 13.80 42.09
C LYS B 440 -50.43 14.08 41.16
N PRO B 441 -51.65 13.70 41.56
CA PRO B 441 -52.83 14.05 40.76
C PRO B 441 -53.08 15.54 40.64
N SER B 442 -52.70 16.33 41.65
CA SER B 442 -52.79 17.78 41.56
C SER B 442 -51.64 18.38 40.77
N GLY B 443 -50.58 17.63 40.51
CA GLY B 443 -49.43 18.14 39.79
C GLY B 443 -48.22 18.35 40.68
N ASN B 444 -47.10 17.71 40.36
CA ASN B 444 -45.88 17.85 41.14
C ASN B 444 -45.12 19.08 40.67
N TYR B 445 -45.05 20.10 41.51
CA TYR B 445 -44.40 21.37 41.18
C TYR B 445 -43.08 21.55 41.90
N ASN B 446 -42.56 20.50 42.55
CA ASN B 446 -41.31 20.61 43.28
C ASN B 446 -40.08 20.39 42.41
N TYR B 447 -40.25 19.93 41.17
CA TYR B 447 -39.14 19.74 40.24
C TYR B 447 -39.18 20.82 39.18
N LEU B 448 -38.06 21.53 39.03
CA LEU B 448 -37.99 22.69 38.16
C LEU B 448 -36.85 22.54 37.18
N TYR B 449 -36.99 23.16 36.01
CA TYR B 449 -35.94 23.19 35.02
C TYR B 449 -35.85 24.58 34.41
N ARG B 450 -34.66 24.93 33.93
CA ARG B 450 -34.39 26.24 33.36
C ARG B 450 -34.68 26.24 31.87
N LEU B 451 -35.33 27.31 31.40
CA LEU B 451 -35.68 27.39 29.98
C LEU B 451 -34.44 27.66 29.13
N LEU B 452 -33.83 28.83 29.30
CA LEU B 452 -32.64 29.16 28.52
C LEU B 452 -31.84 30.24 29.25
N ARG B 453 -30.58 30.36 28.87
CA ARG B 453 -29.64 31.31 29.43
C ARG B 453 -29.17 32.26 28.34
N LYS B 454 -28.18 33.09 28.67
CA LYS B 454 -27.58 33.96 27.68
C LYS B 454 -26.70 33.18 26.71
N SER B 455 -26.03 32.13 27.21
CA SER B 455 -25.15 31.31 26.39
C SER B 455 -25.29 29.86 26.83
N LYS B 456 -24.58 28.98 26.12
CA LYS B 456 -24.61 27.56 26.43
C LYS B 456 -23.83 27.28 27.71
N LEU B 457 -24.06 26.08 28.26
CA LEU B 457 -23.48 25.68 29.53
C LEU B 457 -22.27 24.78 29.27
N LYS B 458 -21.19 25.04 29.99
CA LYS B 458 -20.00 24.20 29.90
C LYS B 458 -20.27 22.84 30.55
N PRO B 459 -19.52 21.80 30.17
CA PRO B 459 -19.70 20.49 30.81
C PRO B 459 -19.36 20.51 32.29
N PHE B 460 -20.20 19.81 33.07
CA PHE B 460 -20.12 19.71 34.53
C PHE B 460 -20.14 21.09 35.20
N GLU B 461 -20.96 21.98 34.68
CA GLU B 461 -21.15 23.31 35.23
C GLU B 461 -22.57 23.42 35.78
N ARG B 462 -22.70 24.06 36.94
CA ARG B 462 -23.98 24.20 37.63
C ARG B 462 -24.38 25.67 37.69
N ASP B 463 -25.67 25.93 37.49
CA ASP B 463 -26.22 27.27 37.56
C ASP B 463 -27.36 27.30 38.57
N ILE B 464 -27.23 28.16 39.58
CA ILE B 464 -28.19 28.23 40.67
C ILE B 464 -29.01 29.52 40.62
N SER B 465 -28.47 30.58 40.03
CA SER B 465 -29.04 31.92 40.14
C SER B 465 -30.40 32.05 39.47
N THR B 466 -31.33 32.70 40.18
CA THR B 466 -32.67 32.97 39.70
C THR B 466 -32.80 34.48 39.51
N GLU B 467 -32.39 34.96 38.34
CA GLU B 467 -32.49 36.36 37.98
C GLU B 467 -33.46 36.52 36.82
N ILE B 468 -34.11 37.67 36.77
CA ILE B 468 -35.11 37.93 35.73
C ILE B 468 -34.40 38.12 34.39
N TYR B 469 -34.71 37.25 33.44
CA TYR B 469 -34.05 37.30 32.14
C TYR B 469 -34.53 38.49 31.33
N GLN B 470 -33.64 39.01 30.48
CA GLN B 470 -33.95 40.12 29.59
C GLN B 470 -33.89 39.62 28.15
N ALA B 471 -34.96 39.88 27.40
CA ALA B 471 -35.07 39.49 26.00
C ALA B 471 -35.29 40.72 25.11
N GLY B 472 -34.66 41.84 25.48
CA GLY B 472 -34.82 43.07 24.72
C GLY B 472 -33.89 44.17 25.21
N ASN B 473 -34.32 45.42 25.05
CA ASN B 473 -33.52 46.57 25.42
C ASN B 473 -33.99 47.27 26.69
N LYS B 474 -35.28 47.20 27.01
CA LYS B 474 -35.77 47.84 28.22
C LYS B 474 -35.34 47.06 29.45
N PRO B 475 -34.96 47.75 30.54
CA PRO B 475 -34.56 47.02 31.75
C PRO B 475 -35.75 46.40 32.45
N CYS B 476 -35.55 45.18 32.96
CA CYS B 476 -36.63 44.49 33.68
C CYS B 476 -36.83 45.08 35.06
N ASN B 477 -35.72 45.42 35.74
CA ASN B 477 -35.70 45.95 37.12
C ASN B 477 -36.40 45.03 38.11
N GLY B 478 -36.23 43.72 37.91
CA GLY B 478 -36.84 42.73 38.79
C GLY B 478 -38.32 42.51 38.60
N VAL B 479 -38.90 43.04 37.51
CA VAL B 479 -40.33 42.92 37.24
C VAL B 479 -40.51 42.04 36.02
N ALA B 480 -41.35 41.01 36.15
CA ALA B 480 -41.59 40.06 35.06
C ALA B 480 -42.77 40.55 34.21
N GLY B 481 -42.55 41.65 33.52
CA GLY B 481 -43.54 42.22 32.63
C GLY B 481 -43.33 41.79 31.20
N PRO B 482 -43.48 42.73 30.26
CA PRO B 482 -43.18 42.42 28.86
C PRO B 482 -41.68 42.29 28.64
N ASN B 483 -41.32 41.29 27.81
CA ASN B 483 -39.93 40.93 27.49
C ASN B 483 -39.11 40.58 28.73
N CYS B 484 -39.77 40.06 29.77
CA CYS B 484 -39.11 39.66 31.00
C CYS B 484 -39.76 38.38 31.49
N TYR B 485 -38.98 37.30 31.61
CA TYR B 485 -39.51 36.01 32.01
C TYR B 485 -38.64 35.41 33.11
N SER B 486 -39.27 34.64 33.98
CA SER B 486 -38.55 33.84 34.95
C SER B 486 -37.89 32.64 34.25
N PRO B 487 -36.68 32.25 34.65
CA PRO B 487 -35.99 31.18 33.95
C PRO B 487 -36.48 29.79 34.32
N LEU B 488 -36.88 29.60 35.57
CA LEU B 488 -37.21 28.29 36.09
C LEU B 488 -38.71 28.02 35.98
N GLN B 489 -39.06 26.88 35.40
CA GLN B 489 -40.45 26.46 35.28
C GLN B 489 -40.59 25.04 35.82
N SER B 490 -41.71 24.77 36.47
CA SER B 490 -41.96 23.46 37.04
C SER B 490 -42.40 22.47 35.99
N TYR B 491 -42.10 21.19 36.22
CA TYR B 491 -42.46 20.16 35.26
C TYR B 491 -43.96 19.88 35.27
N GLY B 492 -44.56 19.77 36.45
CA GLY B 492 -45.98 19.47 36.55
C GLY B 492 -46.30 18.03 36.21
N PHE B 493 -45.80 17.11 37.02
CA PHE B 493 -45.99 15.69 36.76
C PHE B 493 -47.36 15.22 37.25
N ARG B 494 -47.99 14.37 36.46
CA ARG B 494 -49.28 13.78 36.80
C ARG B 494 -49.24 12.30 36.46
N PRO B 495 -49.94 11.45 37.22
CA PRO B 495 -49.89 10.01 36.96
C PRO B 495 -50.63 9.58 35.70
N THR B 496 -51.50 10.43 35.15
CA THR B 496 -52.25 10.09 33.96
C THR B 496 -51.54 10.47 32.66
N TYR B 497 -50.30 10.94 32.74
CA TYR B 497 -49.57 11.33 31.55
C TYR B 497 -49.09 10.10 30.79
N GLY B 498 -48.67 10.32 29.55
CA GLY B 498 -48.15 9.25 28.72
C GLY B 498 -46.76 8.84 29.13
N VAL B 499 -46.25 7.81 28.46
CA VAL B 499 -44.99 7.20 28.85
C VAL B 499 -43.81 8.12 28.54
N GLY B 500 -43.97 9.06 27.61
CA GLY B 500 -42.91 10.02 27.35
C GLY B 500 -42.89 11.20 28.29
N HIS B 501 -43.98 11.44 29.03
CA HIS B 501 -44.06 12.56 29.95
C HIS B 501 -43.89 12.13 31.40
N GLN B 502 -43.45 10.90 31.64
CA GLN B 502 -43.25 10.42 33.00
C GLN B 502 -42.01 11.05 33.62
N PRO B 503 -41.99 11.20 34.95
CA PRO B 503 -40.72 11.53 35.62
C PRO B 503 -39.74 10.37 35.53
N TYR B 504 -38.46 10.70 35.50
CA TYR B 504 -37.40 9.70 35.40
C TYR B 504 -36.25 10.13 36.29
N ARG B 505 -35.85 9.25 37.21
CA ARG B 505 -34.72 9.50 38.10
C ARG B 505 -33.43 9.08 37.41
N VAL B 506 -32.46 9.99 37.34
CA VAL B 506 -31.23 9.80 36.61
C VAL B 506 -30.06 9.95 37.57
N VAL B 507 -29.18 8.95 37.56
CA VAL B 507 -27.93 8.95 38.30
C VAL B 507 -26.79 8.72 37.29
N VAL B 508 -25.85 9.64 37.26
CA VAL B 508 -24.72 9.58 36.33
C VAL B 508 -23.46 9.33 37.16
N LEU B 509 -22.79 8.22 36.89
CA LEU B 509 -21.55 7.86 37.57
C LEU B 509 -20.39 8.16 36.65
N SER B 510 -19.54 9.10 37.05
CA SER B 510 -18.35 9.46 36.28
C SER B 510 -17.12 8.97 37.01
N PHE B 511 -16.26 8.25 36.30
CA PHE B 511 -15.07 7.63 36.84
C PHE B 511 -13.85 8.45 36.46
N GLU B 512 -12.98 8.72 37.43
CA GLU B 512 -11.73 9.40 37.16
C GLU B 512 -10.71 8.37 36.71
N LEU B 513 -10.43 8.34 35.41
CA LEU B 513 -9.44 7.44 34.83
C LEU B 513 -8.15 8.23 34.62
N LEU B 514 -7.39 8.40 35.70
CA LEU B 514 -6.18 9.20 35.69
C LEU B 514 -5.02 8.38 36.21
N HIS B 515 -3.86 9.02 36.31
CA HIS B 515 -2.63 8.39 36.78
C HIS B 515 -2.38 8.63 38.26
N ALA B 516 -3.34 9.21 38.97
CA ALA B 516 -3.25 9.37 40.41
C ALA B 516 -3.36 8.00 41.08
N PRO B 517 -2.87 7.87 42.33
CA PRO B 517 -3.09 6.63 43.08
C PRO B 517 -4.57 6.32 43.29
N ALA B 518 -4.90 5.03 43.25
CA ALA B 518 -6.28 4.57 43.28
C ALA B 518 -6.83 4.74 44.69
N THR B 519 -7.65 5.78 44.87
CA THR B 519 -8.29 6.00 46.17
C THR B 519 -9.43 5.00 46.39
N VAL B 520 -10.46 5.08 45.55
CA VAL B 520 -11.51 4.07 45.48
C VAL B 520 -11.24 3.17 44.29
N CYS B 521 -11.25 1.85 44.52
CA CYS B 521 -11.43 0.90 43.45
C CYS B 521 -11.91 -0.43 44.01
N GLY B 522 -12.11 -1.40 43.10
CA GLY B 522 -13.01 -2.51 43.32
C GLY B 522 -12.38 -3.70 44.04
N PRO B 523 -13.19 -4.78 44.18
CA PRO B 523 -12.89 -5.95 45.05
C PRO B 523 -12.07 -7.11 44.47
N LYS B 524 -10.74 -6.99 44.53
CA LYS B 524 -9.84 -8.05 44.11
C LYS B 524 -8.98 -8.48 45.29
N LYS B 525 -8.67 -9.77 45.34
CA LYS B 525 -7.78 -10.31 46.37
C LYS B 525 -6.34 -10.14 45.93
N SER B 526 -5.51 -9.59 46.82
CA SER B 526 -4.11 -9.34 46.51
C SER B 526 -3.25 -10.53 46.90
N THR B 527 -2.23 -10.79 46.09
CA THR B 527 -1.30 -11.89 46.29
C THR B 527 0.06 -11.33 46.69
N ASN B 528 1.00 -12.25 46.93
CA ASN B 528 2.36 -11.87 47.27
C ASN B 528 3.13 -11.46 46.03
N LEU B 529 4.10 -10.57 46.22
CA LEU B 529 4.91 -10.06 45.12
C LEU B 529 6.06 -11.01 44.82
N VAL B 530 6.12 -11.48 43.58
CA VAL B 530 7.16 -12.41 43.12
C VAL B 530 8.00 -11.68 42.09
N LYS B 531 9.31 -11.61 42.34
CA LYS B 531 10.24 -10.90 41.49
C LYS B 531 11.17 -11.86 40.77
N ASN B 532 11.75 -11.37 39.67
CA ASN B 532 12.73 -12.07 38.83
C ASN B 532 12.18 -13.37 38.24
N LYS B 533 10.88 -13.40 37.94
CA LYS B 533 10.26 -14.56 37.33
C LYS B 533 9.19 -14.10 36.34
N CYS B 534 8.99 -14.89 35.29
CA CYS B 534 7.97 -14.59 34.29
C CYS B 534 6.60 -14.91 34.88
N VAL B 535 5.81 -13.87 35.17
CA VAL B 535 4.50 -13.99 35.78
C VAL B 535 3.51 -13.10 35.03
N ASN B 536 2.23 -13.28 35.36
CA ASN B 536 1.17 -12.38 34.93
C ASN B 536 0.86 -11.43 36.08
N PHE B 537 0.93 -10.13 35.82
CA PHE B 537 0.75 -9.14 36.87
C PHE B 537 -0.51 -8.33 36.64
N ASN B 538 -1.14 -7.92 37.75
CA ASN B 538 -2.32 -7.05 37.75
C ASN B 538 -2.07 -5.96 38.79
N PHE B 539 -1.52 -4.84 38.35
CA PHE B 539 -1.21 -3.71 39.22
C PHE B 539 -2.28 -2.65 39.02
N ASN B 540 -3.28 -2.62 39.91
CA ASN B 540 -4.34 -1.61 39.94
C ASN B 540 -5.17 -1.56 38.65
N GLY B 541 -5.30 -2.69 37.96
CA GLY B 541 -6.18 -2.71 36.81
C GLY B 541 -5.60 -3.17 35.49
N LEU B 542 -4.38 -2.77 35.15
CA LEU B 542 -3.81 -3.17 33.87
C LEU B 542 -3.03 -4.47 34.01
N THR B 543 -3.14 -5.32 32.99
CA THR B 543 -2.66 -6.68 33.03
C THR B 543 -1.60 -6.87 31.94
N GLY B 544 -0.50 -7.54 32.28
CA GLY B 544 0.53 -7.85 31.32
C GLY B 544 1.29 -9.09 31.73
N THR B 545 2.28 -9.44 30.92
CA THR B 545 3.15 -10.58 31.17
C THR B 545 4.60 -10.10 31.12
N GLY B 546 5.36 -10.40 32.16
CA GLY B 546 6.76 -10.01 32.19
C GLY B 546 7.38 -10.33 33.53
N VAL B 547 8.67 -10.06 33.61
CA VAL B 547 9.42 -10.19 34.86
C VAL B 547 9.47 -8.82 35.52
N LEU B 548 9.53 -8.84 36.85
CA LEU B 548 9.56 -7.62 37.66
C LEU B 548 10.88 -7.56 38.41
N THR B 549 11.58 -6.44 38.29
CA THR B 549 12.88 -6.27 38.93
C THR B 549 12.88 -4.98 39.75
N GLU B 550 13.72 -4.97 40.78
CA GLU B 550 13.94 -3.74 41.55
C GLU B 550 14.63 -2.71 40.70
N SER B 551 14.27 -1.44 40.88
CA SER B 551 14.69 -0.38 39.99
C SER B 551 15.34 0.76 40.76
N ASN B 552 16.33 1.38 40.12
CA ASN B 552 16.91 2.64 40.57
C ASN B 552 16.29 3.84 39.86
N LYS B 553 15.03 3.72 39.47
CA LYS B 553 14.32 4.78 38.75
C LYS B 553 13.74 5.77 39.75
N LYS B 554 14.07 7.04 39.58
CA LYS B 554 13.73 8.08 40.56
C LYS B 554 12.38 8.68 40.24
N PHE B 555 11.32 8.07 40.77
CA PHE B 555 9.97 8.57 40.58
C PHE B 555 9.73 9.79 41.46
N LEU B 556 9.18 10.84 40.87
CA LEU B 556 8.67 11.95 41.67
C LEU B 556 7.40 11.50 42.40
N PRO B 557 7.14 12.03 43.62
CA PRO B 557 6.11 11.42 44.49
C PRO B 557 4.66 11.57 44.05
N PHE B 558 4.39 12.16 42.89
CA PHE B 558 3.05 12.17 42.32
C PHE B 558 2.90 11.22 41.14
N GLN B 559 3.96 10.52 40.74
CA GLN B 559 3.96 9.67 39.57
C GLN B 559 3.79 8.21 39.99
N GLN B 560 3.03 7.46 39.20
CA GLN B 560 2.81 6.05 39.47
C GLN B 560 3.30 5.13 38.35
N PHE B 561 3.08 5.49 37.10
CA PHE B 561 3.47 4.68 35.97
C PHE B 561 4.62 5.33 35.22
N GLY B 562 5.23 4.55 34.33
CA GLY B 562 6.24 5.05 33.42
C GLY B 562 6.05 4.47 32.03
N ARG B 563 6.15 5.28 30.98
CA ARG B 563 5.87 4.82 29.63
C ARG B 563 7.11 4.88 28.75
N ASP B 564 7.05 4.13 27.66
CA ASP B 564 8.11 4.03 26.66
C ASP B 564 7.76 4.85 25.42
N ILE B 565 8.57 4.68 24.36
CA ILE B 565 8.31 5.33 23.09
C ILE B 565 7.02 4.81 22.46
N ALA B 566 6.79 3.50 22.53
CA ALA B 566 5.58 2.88 22.00
C ALA B 566 4.43 2.87 23.00
N ASP B 567 4.49 3.71 24.03
CA ASP B 567 3.44 3.89 25.05
C ASP B 567 3.14 2.58 25.79
N THR B 568 4.19 1.86 26.16
CA THR B 568 4.08 0.64 26.94
C THR B 568 4.64 0.91 28.33
N THR B 569 4.01 0.31 29.34
CA THR B 569 4.41 0.55 30.72
C THR B 569 5.71 -0.16 31.04
N ASP B 570 6.72 0.62 31.38
CA ASP B 570 8.07 0.13 31.65
C ASP B 570 8.37 0.02 33.13
N ALA B 571 7.78 0.86 33.97
CA ALA B 571 7.93 0.78 35.41
C ALA B 571 6.58 1.00 36.07
N VAL B 572 6.40 0.42 37.25
CA VAL B 572 5.13 0.50 37.96
C VAL B 572 5.43 0.67 39.45
N ARG B 573 4.54 1.37 40.14
CA ARG B 573 4.63 1.56 41.58
C ARG B 573 3.64 0.63 42.28
N ASP B 574 4.15 -0.18 43.19
CA ASP B 574 3.33 -1.11 43.96
C ASP B 574 2.40 -0.34 44.89
N PRO B 575 1.09 -0.57 44.85
CA PRO B 575 0.17 0.23 45.68
C PRO B 575 0.28 -0.01 47.17
N GLN B 576 0.85 -1.13 47.61
CA GLN B 576 0.94 -1.40 49.04
C GLN B 576 2.30 -0.97 49.60
N THR B 577 3.37 -1.57 49.10
CA THR B 577 4.73 -1.20 49.50
C THR B 577 5.29 -0.25 48.45
N LEU B 578 5.48 1.01 48.83
CA LEU B 578 5.70 2.10 47.86
C LEU B 578 7.11 1.97 47.27
N GLU B 579 7.23 1.10 46.27
CA GLU B 579 8.48 0.86 45.57
C GLU B 579 8.21 0.81 44.08
N ILE B 580 9.26 1.04 43.30
CA ILE B 580 9.18 1.15 41.85
C ILE B 580 9.85 -0.07 41.25
N LEU B 581 9.13 -0.78 40.39
CA LEU B 581 9.59 -2.02 39.77
C LEU B 581 9.63 -1.87 38.27
N ASP B 582 10.73 -2.29 37.65
CA ASP B 582 10.82 -2.37 36.20
C ASP B 582 10.14 -3.64 35.69
N ILE B 583 9.42 -3.51 34.59
CA ILE B 583 8.76 -4.61 33.91
C ILE B 583 9.51 -4.90 32.63
N THR B 584 10.06 -6.10 32.51
CA THR B 584 10.75 -6.49 31.31
C THR B 584 10.02 -7.67 30.67
N PRO B 585 9.80 -7.66 29.35
CA PRO B 585 9.20 -8.82 28.69
C PRO B 585 10.09 -10.05 28.81
N CYS B 586 9.46 -11.22 28.89
CA CYS B 586 10.17 -12.47 29.12
C CYS B 586 10.97 -12.86 27.88
N SER B 587 11.85 -13.84 28.06
CA SER B 587 12.83 -14.19 27.04
C SER B 587 12.16 -14.79 25.81
N PHE B 588 12.57 -14.32 24.63
CA PHE B 588 11.97 -14.78 23.38
C PHE B 588 12.98 -14.64 22.26
N GLY B 589 12.60 -15.13 21.09
CA GLY B 589 13.45 -14.99 19.92
C GLY B 589 12.93 -15.81 18.77
N GLY B 590 13.74 -15.91 17.73
CA GLY B 590 13.37 -16.62 16.51
C GLY B 590 14.07 -17.96 16.39
N VAL B 591 13.41 -18.88 15.67
CA VAL B 591 13.90 -20.24 15.46
C VAL B 591 14.04 -20.47 13.97
N SER B 592 15.23 -20.90 13.54
CA SER B 592 15.47 -21.30 12.16
C SER B 592 15.83 -22.77 12.12
N VAL B 593 15.42 -23.45 11.05
CA VAL B 593 15.66 -24.88 10.89
C VAL B 593 16.55 -25.08 9.67
N ILE B 594 17.68 -25.73 9.86
CA ILE B 594 18.64 -26.02 8.80
C ILE B 594 18.51 -27.49 8.44
N THR B 595 18.27 -27.77 7.16
CA THR B 595 18.08 -29.14 6.72
C THR B 595 18.68 -29.29 5.34
N PRO B 596 19.12 -30.50 4.98
CA PRO B 596 19.20 -30.87 3.56
C PRO B 596 17.84 -31.30 3.07
N GLY B 597 17.76 -31.82 1.84
CA GLY B 597 16.48 -32.22 1.31
C GLY B 597 15.92 -33.45 2.00
N THR B 598 14.60 -33.62 1.87
CA THR B 598 13.96 -34.81 2.43
C THR B 598 14.29 -36.07 1.65
N ASN B 599 14.75 -35.94 0.41
CA ASN B 599 15.26 -37.09 -0.31
C ASN B 599 16.66 -37.51 0.14
N THR B 600 17.35 -36.64 0.89
CA THR B 600 18.68 -36.95 1.41
C THR B 600 18.61 -37.52 2.82
N SER B 601 18.06 -36.75 3.76
CA SER B 601 18.05 -37.16 5.16
C SER B 601 16.92 -36.42 5.88
N ASN B 602 16.60 -36.91 7.08
CA ASN B 602 15.59 -36.31 7.92
C ASN B 602 16.17 -35.58 9.12
N GLN B 603 17.49 -35.48 9.23
CA GLN B 603 18.12 -34.78 10.33
C GLN B 603 18.05 -33.27 10.12
N VAL B 604 17.88 -32.53 11.22
CA VAL B 604 17.81 -31.08 11.19
C VAL B 604 18.72 -30.51 12.27
N ALA B 605 19.11 -29.25 12.06
CA ALA B 605 19.80 -28.46 13.06
C ALA B 605 18.94 -27.24 13.36
N VAL B 606 18.93 -26.80 14.62
CA VAL B 606 18.06 -25.72 15.05
C VAL B 606 18.92 -24.54 15.47
N LEU B 607 18.66 -23.37 14.89
CA LEU B 607 19.36 -22.14 15.22
C LEU B 607 18.42 -21.23 15.99
N TYR B 608 18.76 -20.96 17.25
CA TYR B 608 18.03 -19.98 18.05
C TYR B 608 18.72 -18.64 17.89
N GLN B 609 18.02 -17.67 17.33
CA GLN B 609 18.65 -16.47 16.79
C GLN B 609 18.80 -15.38 17.83
N GLY B 610 20.01 -14.87 17.98
CA GLY B 610 20.27 -13.70 18.79
C GLY B 610 20.22 -13.90 20.28
N VAL B 611 20.42 -15.12 20.77
CA VAL B 611 20.37 -15.38 22.20
C VAL B 611 21.68 -16.00 22.65
N ASN B 612 22.03 -15.73 23.91
CA ASN B 612 23.06 -16.49 24.59
C ASN B 612 22.49 -17.87 24.91
N CYS B 613 23.25 -18.92 24.61
CA CYS B 613 22.64 -20.21 24.43
C CYS B 613 22.46 -20.95 25.76
N THR B 614 22.89 -20.35 26.86
CA THR B 614 22.57 -20.87 28.19
C THR B 614 21.15 -20.55 28.64
N GLU B 615 20.41 -19.75 27.86
CA GLU B 615 19.05 -19.36 28.18
C GLU B 615 18.06 -19.85 27.12
N VAL B 616 18.28 -21.07 26.63
CA VAL B 616 17.39 -21.64 25.60
C VAL B 616 16.05 -22.21 26.06
N PRO B 617 15.90 -23.04 27.12
CA PRO B 617 14.69 -23.85 27.20
C PRO B 617 13.45 -23.10 27.66
N VAL B 618 12.30 -23.55 27.17
CA VAL B 618 11.04 -22.86 27.40
C VAL B 618 10.26 -23.52 28.52
N ASN B 637 25.10 -31.66 20.32
CA ASN B 637 26.11 -30.67 19.95
C ASN B 637 25.55 -29.26 20.04
N VAL B 638 26.19 -28.42 20.86
CA VAL B 638 25.78 -27.04 21.07
C VAL B 638 26.94 -26.14 20.69
N PHE B 639 26.70 -25.20 19.78
CA PHE B 639 27.73 -24.29 19.32
C PHE B 639 27.18 -22.87 19.32
N GLN B 640 28.02 -21.90 19.67
CA GLN B 640 27.60 -20.51 19.82
C GLN B 640 28.20 -19.67 18.70
N THR B 641 27.34 -19.08 17.87
CA THR B 641 27.78 -18.20 16.80
C THR B 641 27.48 -16.76 17.20
N ARG B 642 27.69 -15.83 16.26
CA ARG B 642 27.29 -14.45 16.44
C ARG B 642 25.86 -14.20 15.94
N ALA B 643 25.16 -15.24 15.51
CA ALA B 643 23.76 -15.16 15.09
C ALA B 643 22.86 -16.00 15.97
N GLY B 644 23.28 -16.29 17.21
CA GLY B 644 22.54 -17.16 18.10
C GLY B 644 23.34 -18.40 18.46
N CYS B 645 22.62 -19.50 18.67
CA CYS B 645 23.32 -20.76 18.87
C CYS B 645 22.67 -21.87 18.05
N LEU B 646 23.53 -22.80 17.62
CA LEU B 646 23.15 -23.91 16.78
C LEU B 646 23.17 -25.20 17.60
N ILE B 647 22.09 -25.97 17.50
CA ILE B 647 21.94 -27.22 18.22
C ILE B 647 21.69 -28.32 17.19
N GLY B 648 22.51 -29.37 17.25
CA GLY B 648 22.41 -30.48 16.33
C GLY B 648 23.49 -30.53 15.27
N ALA B 649 24.45 -29.61 15.29
CA ALA B 649 25.55 -29.59 14.34
C ALA B 649 26.85 -29.39 15.09
N GLU B 650 27.87 -30.18 14.74
CA GLU B 650 29.15 -30.13 15.42
C GLU B 650 30.14 -29.27 14.65
N TYR B 651 30.85 -28.41 15.37
CA TYR B 651 31.82 -27.52 14.76
C TYR B 651 33.13 -28.27 14.50
N VAL B 652 33.62 -28.17 13.27
CA VAL B 652 34.86 -28.81 12.87
C VAL B 652 35.91 -27.73 12.65
N ASN B 653 37.18 -28.10 12.83
CA ASN B 653 38.29 -27.18 12.60
C ASN B 653 38.82 -27.34 11.17
N ASN B 654 37.90 -27.20 10.23
CA ASN B 654 38.20 -27.28 8.79
C ASN B 654 37.60 -26.07 8.11
N SER B 655 37.76 -26.01 6.79
CA SER B 655 37.20 -24.92 6.00
C SER B 655 36.90 -25.44 4.61
N TYR B 656 35.63 -25.37 4.22
CA TYR B 656 35.17 -25.75 2.89
C TYR B 656 34.43 -24.57 2.26
N GLU B 657 33.94 -24.79 1.04
CA GLU B 657 33.07 -23.82 0.42
C GLU B 657 31.71 -23.82 1.10
N CYS B 658 31.07 -22.65 1.12
CA CYS B 658 29.81 -22.51 1.85
C CYS B 658 28.68 -23.23 1.14
N ASP B 659 27.93 -24.03 1.90
CA ASP B 659 26.78 -24.76 1.38
C ASP B 659 25.47 -24.13 1.84
N ILE B 660 25.27 -24.01 3.15
CA ILE B 660 24.10 -23.37 3.73
C ILE B 660 24.59 -22.21 4.59
N PRO B 661 24.21 -20.97 4.28
CA PRO B 661 24.66 -19.84 5.11
C PRO B 661 23.91 -19.78 6.43
N ILE B 662 24.63 -19.44 7.50
CA ILE B 662 24.06 -19.25 8.82
C ILE B 662 24.24 -17.83 9.31
N GLY B 663 25.47 -17.38 9.48
CA GLY B 663 25.72 -16.11 10.11
C GLY B 663 27.08 -15.52 9.78
N ALA B 664 27.76 -14.98 10.79
CA ALA B 664 29.02 -14.27 10.58
C ALA B 664 30.13 -15.26 10.27
N GLY B 665 30.20 -15.65 9.01
CA GLY B 665 31.26 -16.52 8.53
C GLY B 665 31.07 -17.99 8.79
N ILE B 666 29.94 -18.40 9.36
CA ILE B 666 29.67 -19.79 9.70
C ILE B 666 28.70 -20.34 8.66
N CYS B 667 29.06 -21.48 8.08
CA CYS B 667 28.19 -22.21 7.17
C CYS B 667 27.97 -23.61 7.70
N ALA B 668 27.02 -24.32 7.10
CA ALA B 668 26.69 -25.68 7.48
C ALA B 668 26.60 -26.57 6.25
N SER B 669 26.81 -27.87 6.46
CA SER B 669 26.76 -28.84 5.38
C SER B 669 26.37 -30.19 5.93
N TYR B 670 26.09 -31.13 5.03
CA TYR B 670 25.76 -32.51 5.37
C TYR B 670 26.90 -33.39 4.87
N GLN B 671 27.79 -33.78 5.78
CA GLN B 671 29.03 -34.44 5.42
C GLN B 671 29.10 -35.83 6.04
N THR B 672 29.91 -36.69 5.41
CA THR B 672 30.05 -38.08 5.81
C THR B 672 31.23 -38.32 6.74
N GLN B 673 31.96 -37.28 7.13
CA GLN B 673 33.12 -37.45 8.01
C GLN B 673 33.24 -36.27 8.97
N SER B 685 29.34 -42.53 8.59
CA SER B 685 28.23 -41.85 9.22
C SER B 685 28.05 -40.45 8.67
N GLN B 686 26.85 -40.13 8.20
CA GLN B 686 26.53 -38.83 7.64
C GLN B 686 25.81 -37.99 8.70
N SER B 687 26.24 -36.73 8.83
CA SER B 687 25.68 -35.83 9.82
C SER B 687 25.88 -34.39 9.35
N ILE B 688 25.15 -33.48 10.00
CA ILE B 688 25.23 -32.06 9.68
C ILE B 688 26.37 -31.46 10.50
N ILE B 689 27.30 -30.80 9.82
CA ILE B 689 28.43 -30.16 10.45
C ILE B 689 28.39 -28.66 10.15
N ALA B 690 29.05 -27.90 11.01
CA ALA B 690 29.17 -26.45 10.86
C ALA B 690 30.64 -26.07 10.83
N TYR B 691 30.98 -25.11 9.98
CA TYR B 691 32.36 -24.74 9.78
C TYR B 691 32.45 -23.25 9.48
N THR B 692 33.68 -22.74 9.46
CA THR B 692 33.97 -21.40 8.98
C THR B 692 34.27 -21.48 7.49
N MET B 693 33.63 -20.62 6.71
CA MET B 693 33.71 -20.71 5.26
C MET B 693 35.09 -20.32 4.75
N SER B 694 35.46 -20.91 3.61
CA SER B 694 36.77 -20.72 3.02
C SER B 694 36.65 -19.70 1.89
N LEU B 695 37.52 -18.68 1.94
CA LEU B 695 37.52 -17.67 0.90
C LEU B 695 38.18 -18.15 -0.38
N GLY B 696 39.16 -19.03 -0.27
CA GLY B 696 39.83 -19.57 -1.43
C GLY B 696 41.16 -20.17 -1.05
N ALA B 697 41.81 -20.74 -2.06
CA ALA B 697 43.12 -21.34 -1.86
C ALA B 697 44.19 -20.26 -1.72
N GLU B 698 45.12 -20.47 -0.80
CA GLU B 698 46.20 -19.54 -0.59
C GLU B 698 47.22 -19.65 -1.72
N ASN B 699 47.81 -18.53 -2.09
CA ASN B 699 48.83 -18.49 -3.15
C ASN B 699 49.85 -17.42 -2.80
N SER B 700 51.12 -17.72 -3.08
CA SER B 700 52.22 -16.78 -2.87
C SER B 700 52.91 -16.59 -4.22
N VAL B 701 52.55 -15.50 -4.91
CA VAL B 701 53.09 -15.22 -6.24
C VAL B 701 54.53 -14.73 -6.11
N ALA B 702 55.39 -15.22 -7.00
CA ALA B 702 56.83 -15.01 -6.91
C ALA B 702 57.19 -13.69 -7.58
N TYR B 703 57.22 -12.63 -6.80
CA TYR B 703 57.57 -11.31 -7.31
C TYR B 703 59.07 -11.07 -7.19
N SER B 704 59.64 -10.47 -8.23
CA SER B 704 61.03 -10.04 -8.23
C SER B 704 61.13 -8.84 -9.16
N ASN B 705 62.21 -8.09 -9.01
CA ASN B 705 62.40 -6.88 -9.81
C ASN B 705 63.10 -7.13 -11.14
N ASN B 706 63.49 -8.38 -11.43
CA ASN B 706 64.03 -8.70 -12.75
C ASN B 706 63.54 -10.06 -13.24
N SER B 707 62.31 -10.46 -12.88
CA SER B 707 61.76 -11.73 -13.30
C SER B 707 60.37 -11.53 -13.87
N ILE B 708 60.07 -12.24 -14.95
CA ILE B 708 58.78 -12.17 -15.61
C ILE B 708 58.31 -13.59 -15.94
N ALA B 709 57.01 -13.74 -16.15
CA ALA B 709 56.41 -15.01 -16.55
C ALA B 709 55.63 -14.80 -17.83
N ILE B 710 55.89 -15.65 -18.82
CA ILE B 710 55.27 -15.50 -20.13
C ILE B 710 54.68 -16.84 -20.55
N PRO B 711 53.41 -16.88 -20.96
CA PRO B 711 52.80 -18.15 -21.37
C PRO B 711 53.35 -18.68 -22.68
N THR B 712 53.34 -20.00 -22.81
CA THR B 712 53.84 -20.67 -24.01
C THR B 712 52.76 -21.38 -24.82
N ASN B 713 51.62 -21.69 -24.20
CA ASN B 713 50.49 -22.27 -24.91
C ASN B 713 49.22 -21.50 -24.56
N PHE B 714 48.06 -22.00 -24.98
CA PHE B 714 46.80 -21.34 -24.68
C PHE B 714 45.68 -22.37 -24.72
N THR B 715 44.53 -21.96 -24.19
CA THR B 715 43.29 -22.71 -24.29
C THR B 715 42.19 -21.79 -24.77
N ILE B 716 41.20 -22.37 -25.44
CA ILE B 716 40.00 -21.68 -25.88
C ILE B 716 38.86 -22.12 -24.98
N SER B 717 38.20 -21.17 -24.33
CA SER B 717 37.19 -21.47 -23.33
C SER B 717 35.83 -20.93 -23.77
N VAL B 718 34.81 -21.78 -23.69
CA VAL B 718 33.44 -21.39 -23.98
C VAL B 718 32.65 -21.45 -22.68
N THR B 719 32.15 -20.31 -22.23
CA THR B 719 31.36 -20.20 -21.02
C THR B 719 29.95 -19.73 -21.36
N THR B 720 29.06 -19.83 -20.38
CA THR B 720 27.63 -19.61 -20.58
C THR B 720 27.12 -18.56 -19.60
N GLU B 721 26.40 -17.56 -20.12
CA GLU B 721 25.75 -16.56 -19.28
C GLU B 721 24.26 -16.52 -19.60
N ILE B 722 23.43 -16.54 -18.56
CA ILE B 722 21.99 -16.64 -18.70
C ILE B 722 21.36 -15.38 -18.14
N LEU B 723 20.52 -14.72 -18.94
CA LEU B 723 19.95 -13.42 -18.57
C LEU B 723 18.44 -13.44 -18.79
N PRO B 724 17.64 -13.12 -17.77
CA PRO B 724 16.19 -12.92 -18.01
C PRO B 724 15.93 -11.64 -18.80
N VAL B 725 14.88 -11.70 -19.61
CA VAL B 725 14.53 -10.60 -20.51
C VAL B 725 13.11 -10.09 -20.25
N SER B 726 12.14 -11.00 -20.19
CA SER B 726 10.75 -10.62 -19.98
C SER B 726 10.13 -11.56 -18.96
N MET B 727 8.93 -11.21 -18.49
CA MET B 727 8.19 -12.12 -17.62
C MET B 727 6.75 -12.27 -18.09
N THR B 728 5.94 -12.97 -17.29
CA THR B 728 4.57 -13.28 -17.69
C THR B 728 3.68 -12.05 -17.61
N LYS B 729 2.91 -11.82 -18.68
CA LYS B 729 1.96 -10.71 -18.73
C LYS B 729 0.62 -11.16 -18.16
N THR B 730 0.10 -10.39 -17.21
CA THR B 730 -1.15 -10.73 -16.54
C THR B 730 -2.13 -9.57 -16.64
N SER B 731 -3.41 -9.91 -16.60
CA SER B 731 -4.50 -8.95 -16.57
C SER B 731 -5.51 -9.40 -15.53
N VAL B 732 -6.05 -8.44 -14.76
CA VAL B 732 -6.99 -8.73 -13.69
C VAL B 732 -8.26 -7.94 -13.93
N ASP B 733 -9.39 -8.65 -13.98
CA ASP B 733 -10.71 -8.02 -13.92
C ASP B 733 -11.08 -7.86 -12.45
N CYS B 734 -11.11 -6.60 -11.98
CA CYS B 734 -11.27 -6.38 -10.55
C CYS B 734 -12.70 -6.63 -10.08
N THR B 735 -13.68 -6.38 -10.94
CA THR B 735 -15.08 -6.60 -10.56
C THR B 735 -15.39 -8.08 -10.38
N MET B 736 -14.81 -8.92 -11.23
CA MET B 736 -15.03 -10.36 -11.09
C MET B 736 -14.21 -10.95 -9.94
N TYR B 737 -13.05 -10.37 -9.65
CA TYR B 737 -12.25 -10.85 -8.52
C TYR B 737 -12.89 -10.47 -7.20
N ILE B 738 -13.33 -9.21 -7.07
CA ILE B 738 -13.86 -8.72 -5.80
C ILE B 738 -15.28 -9.24 -5.57
N CYS B 739 -16.15 -9.09 -6.57
CA CYS B 739 -17.58 -9.36 -6.40
C CYS B 739 -17.98 -10.73 -6.94
N GLY B 740 -17.69 -11.02 -8.20
CA GLY B 740 -18.11 -12.29 -8.76
C GLY B 740 -19.59 -12.34 -9.10
N ASP B 741 -19.97 -11.57 -10.13
CA ASP B 741 -21.35 -11.38 -10.64
C ASP B 741 -22.39 -11.16 -9.53
N SER B 742 -22.05 -10.27 -8.61
CA SER B 742 -22.98 -9.79 -7.58
C SER B 742 -23.29 -8.33 -7.85
N THR B 743 -24.58 -8.01 -7.98
CA THR B 743 -25.00 -6.66 -8.35
C THR B 743 -24.83 -5.69 -7.19
N GLU B 744 -25.19 -6.12 -5.98
CA GLU B 744 -25.07 -5.28 -4.80
C GLU B 744 -23.60 -4.97 -4.49
N CYS B 745 -22.72 -5.96 -4.68
CA CYS B 745 -21.29 -5.72 -4.50
C CYS B 745 -20.76 -4.73 -5.52
N SER B 746 -21.23 -4.80 -6.77
CA SER B 746 -20.79 -3.84 -7.78
C SER B 746 -21.28 -2.44 -7.47
N ASN B 747 -22.50 -2.32 -6.95
CA ASN B 747 -23.04 -1.03 -6.54
C ASN B 747 -22.25 -0.45 -5.37
N LEU B 748 -21.85 -1.29 -4.42
CA LEU B 748 -21.02 -0.79 -3.32
C LEU B 748 -19.57 -0.53 -3.75
N LEU B 749 -19.08 -1.24 -4.77
CA LEU B 749 -17.74 -1.03 -5.29
C LEU B 749 -17.64 0.23 -6.14
N LEU B 750 -18.75 0.70 -6.70
CA LEU B 750 -18.72 1.95 -7.46
C LEU B 750 -18.45 3.17 -6.59
N GLN B 751 -18.57 3.06 -5.27
CA GLN B 751 -18.32 4.17 -4.35
C GLN B 751 -16.86 4.34 -4.00
N TYR B 752 -15.97 3.48 -4.50
CA TYR B 752 -14.55 3.58 -4.17
C TYR B 752 -13.76 4.31 -5.24
N GLY B 753 -14.40 4.78 -6.30
CA GLY B 753 -13.75 5.66 -7.25
C GLY B 753 -13.00 4.89 -8.31
N SER B 754 -11.75 5.28 -8.55
CA SER B 754 -10.96 4.80 -9.67
C SER B 754 -9.74 4.03 -9.19
N PHE B 755 -9.91 3.15 -8.21
CA PHE B 755 -8.83 2.25 -7.85
C PHE B 755 -8.64 1.16 -8.90
N CYS B 756 -9.76 0.62 -9.40
CA CYS B 756 -9.73 -0.44 -10.41
C CYS B 756 -9.09 0.04 -11.71
N THR B 757 -9.38 1.27 -12.11
CA THR B 757 -8.83 1.83 -13.34
C THR B 757 -7.31 1.96 -13.26
N GLN B 758 -6.77 2.42 -12.13
CA GLN B 758 -5.33 2.57 -12.06
C GLN B 758 -4.62 1.24 -11.84
N LEU B 759 -5.27 0.27 -11.21
CA LEU B 759 -4.69 -1.08 -11.17
C LEU B 759 -4.59 -1.69 -12.56
N LYS B 760 -5.66 -1.53 -13.35
CA LYS B 760 -5.67 -1.99 -14.74
C LYS B 760 -4.63 -1.25 -15.58
N ARG B 761 -4.47 0.06 -15.35
CA ARG B 761 -3.48 0.84 -16.09
C ARG B 761 -2.05 0.41 -15.76
N ALA B 762 -1.77 0.12 -14.48
CA ALA B 762 -0.44 -0.34 -14.09
C ALA B 762 -0.12 -1.70 -14.70
N LEU B 763 -1.08 -2.62 -14.69
CA LEU B 763 -0.85 -3.94 -15.27
C LEU B 763 -0.69 -3.87 -16.79
N THR B 764 -1.44 -2.98 -17.45
CA THR B 764 -1.27 -2.79 -18.89
C THR B 764 0.10 -2.21 -19.23
N GLY B 765 0.59 -1.28 -18.40
CA GLY B 765 1.93 -0.75 -18.60
C GLY B 765 3.01 -1.80 -18.48
N ILE B 766 2.89 -2.69 -17.48
CA ILE B 766 3.84 -3.80 -17.32
C ILE B 766 3.78 -4.73 -18.53
N ALA B 767 2.56 -5.01 -19.03
CA ALA B 767 2.38 -5.91 -20.16
C ALA B 767 2.99 -5.35 -21.45
N VAL B 768 2.87 -4.03 -21.67
CA VAL B 768 3.52 -3.42 -22.83
C VAL B 768 5.04 -3.42 -22.67
N GLU B 769 5.52 -3.19 -21.44
CA GLU B 769 6.95 -3.14 -21.18
C GLU B 769 7.64 -4.48 -21.42
N GLN B 770 6.95 -5.60 -21.18
CA GLN B 770 7.56 -6.91 -21.44
C GLN B 770 7.85 -7.12 -22.93
N ASP B 771 6.91 -6.73 -23.79
CA ASP B 771 7.11 -6.81 -25.22
C ASP B 771 8.21 -5.85 -25.68
N LYS B 772 8.28 -4.67 -25.06
CA LYS B 772 9.35 -3.73 -25.38
C LYS B 772 10.72 -4.29 -24.99
N ASN B 773 10.79 -5.02 -23.87
CA ASN B 773 12.04 -5.65 -23.44
C ASN B 773 12.51 -6.69 -24.44
N THR B 774 11.59 -7.57 -24.87
CA THR B 774 11.96 -8.60 -25.84
C THR B 774 12.35 -8.00 -27.19
N GLN B 775 11.64 -6.94 -27.62
CA GLN B 775 11.97 -6.27 -28.86
C GLN B 775 13.34 -5.60 -28.81
N GLU B 776 13.67 -4.94 -27.70
CA GLU B 776 14.96 -4.26 -27.63
C GLU B 776 16.13 -5.20 -27.42
N VAL B 777 15.89 -6.42 -26.90
CA VAL B 777 16.98 -7.38 -26.82
C VAL B 777 17.19 -8.07 -28.16
N PHE B 778 16.13 -8.67 -28.72
CA PHE B 778 16.35 -9.60 -29.82
C PHE B 778 16.29 -8.94 -31.19
N ALA B 779 15.37 -8.01 -31.41
CA ALA B 779 15.20 -7.39 -32.73
C ALA B 779 16.21 -6.28 -32.92
N GLN B 780 17.47 -6.68 -33.10
CA GLN B 780 18.56 -5.75 -33.29
C GLN B 780 19.11 -5.75 -34.71
N VAL B 781 18.86 -6.80 -35.49
CA VAL B 781 19.41 -6.95 -36.83
C VAL B 781 18.36 -6.46 -37.84
N LYS B 782 18.84 -5.78 -38.88
CA LYS B 782 17.92 -5.21 -39.87
C LYS B 782 17.33 -6.28 -40.78
N GLN B 783 18.15 -7.24 -41.19
CA GLN B 783 17.75 -8.22 -42.19
C GLN B 783 18.00 -9.64 -41.68
N ILE B 784 17.24 -10.57 -42.24
CA ILE B 784 17.31 -11.98 -41.83
C ILE B 784 18.36 -12.66 -42.70
N TYR B 785 19.57 -12.79 -42.17
CA TYR B 785 20.67 -13.38 -42.92
C TYR B 785 20.55 -14.90 -42.92
N LYS B 786 21.21 -15.52 -43.90
CA LYS B 786 21.18 -16.96 -44.07
C LYS B 786 22.59 -17.51 -44.14
N THR B 787 22.78 -18.68 -43.53
CA THR B 787 24.03 -19.41 -43.67
C THR B 787 23.99 -20.21 -44.96
N PRO B 788 25.06 -20.22 -45.76
CA PRO B 788 25.10 -21.03 -46.99
C PRO B 788 25.06 -22.51 -46.67
N PRO B 789 24.63 -23.35 -47.62
CA PRO B 789 24.57 -24.81 -47.35
C PRO B 789 25.92 -25.46 -47.11
N ILE B 790 27.02 -24.86 -47.55
CA ILE B 790 28.33 -25.34 -47.17
C ILE B 790 28.58 -25.04 -45.70
N LYS B 791 29.09 -26.03 -44.98
CA LYS B 791 29.31 -25.92 -43.54
C LYS B 791 30.78 -26.06 -43.20
N TYR B 792 31.65 -25.48 -44.02
CA TYR B 792 33.08 -25.41 -43.74
C TYR B 792 33.43 -23.98 -43.34
N PHE B 793 33.89 -23.80 -42.11
CA PHE B 793 34.26 -22.50 -41.57
C PHE B 793 35.66 -22.55 -40.98
N GLY B 794 36.59 -23.13 -41.74
CA GLY B 794 37.97 -23.23 -41.29
C GLY B 794 38.24 -24.40 -40.36
N GLY B 795 37.34 -25.35 -40.27
CA GLY B 795 37.45 -26.45 -39.34
C GLY B 795 36.64 -26.28 -38.07
N PHE B 796 35.99 -25.13 -37.90
CA PHE B 796 35.14 -24.87 -36.75
C PHE B 796 33.76 -25.46 -36.99
N ASN B 797 33.24 -26.19 -36.01
CA ASN B 797 31.97 -26.91 -36.15
C ASN B 797 30.88 -26.10 -35.46
N PHE B 798 29.92 -25.60 -36.25
CA PHE B 798 28.82 -24.79 -35.74
C PHE B 798 27.47 -25.48 -35.85
N SER B 799 27.46 -26.80 -36.04
CA SER B 799 26.21 -27.51 -36.28
C SER B 799 25.33 -27.62 -35.05
N GLN B 800 25.88 -27.42 -33.86
CA GLN B 800 25.11 -27.56 -32.63
C GLN B 800 24.44 -26.26 -32.20
N ILE B 801 24.76 -25.15 -32.85
CA ILE B 801 24.11 -23.87 -32.56
C ILE B 801 23.35 -23.32 -33.76
N LEU B 802 23.61 -23.82 -34.96
CA LEU B 802 22.85 -23.47 -36.15
C LEU B 802 21.52 -24.23 -36.14
N PRO B 803 20.48 -23.70 -36.80
CA PRO B 803 19.16 -24.35 -36.76
C PRO B 803 19.13 -25.71 -37.44
N ASP B 804 18.27 -26.57 -36.91
CA ASP B 804 18.06 -27.91 -37.44
C ASP B 804 16.67 -27.96 -38.07
N PRO B 805 16.55 -27.93 -39.39
CA PRO B 805 15.23 -27.83 -40.03
C PRO B 805 14.47 -29.14 -40.15
N SER B 806 14.88 -30.19 -39.44
CA SER B 806 14.17 -31.47 -39.50
C SER B 806 12.79 -31.36 -38.84
N LYS B 807 12.69 -30.60 -37.77
CA LYS B 807 11.50 -30.30 -36.99
C LYS B 807 10.89 -28.98 -37.44
N PRO B 808 9.57 -28.81 -37.30
CA PRO B 808 8.92 -27.58 -37.78
C PRO B 808 9.30 -26.31 -37.02
N SER B 809 9.84 -26.44 -35.81
CA SER B 809 10.37 -25.27 -35.09
C SER B 809 11.87 -25.18 -35.37
N LYS B 810 12.26 -24.17 -36.15
CA LYS B 810 13.64 -24.05 -36.63
C LYS B 810 14.53 -23.59 -35.47
N ARG B 811 14.86 -24.53 -34.60
CA ARG B 811 15.67 -24.28 -33.42
C ARG B 811 16.86 -25.22 -33.41
N SER B 812 17.93 -24.79 -32.74
CA SER B 812 19.15 -25.57 -32.68
C SER B 812 19.02 -26.66 -31.63
N PHE B 813 20.11 -27.42 -31.45
CA PHE B 813 20.13 -28.48 -30.46
C PHE B 813 20.22 -27.91 -29.04
N ILE B 814 21.10 -26.92 -28.86
CA ILE B 814 21.29 -26.30 -27.55
C ILE B 814 20.06 -25.51 -27.14
N GLU B 815 19.41 -24.85 -28.09
CA GLU B 815 18.14 -24.15 -27.81
C GLU B 815 17.05 -25.14 -27.43
N ASP B 816 17.05 -26.33 -28.04
CA ASP B 816 16.09 -27.37 -27.67
C ASP B 816 16.32 -27.85 -26.24
N LEU B 817 17.58 -28.02 -25.84
CA LEU B 817 17.89 -28.40 -24.47
C LEU B 817 17.48 -27.30 -23.49
N LEU B 818 17.71 -26.04 -23.86
CA LEU B 818 17.34 -24.91 -23.00
C LEU B 818 15.82 -24.80 -22.84
N PHE B 819 15.08 -25.06 -23.92
CA PHE B 819 13.63 -25.01 -23.85
C PHE B 819 13.05 -26.21 -23.11
N ASN B 820 13.72 -27.35 -23.16
CA ASN B 820 13.21 -28.53 -22.46
C ASN B 820 13.55 -28.52 -20.96
N LYS B 821 14.66 -27.88 -20.58
CA LYS B 821 15.04 -27.91 -19.18
C LYS B 821 14.18 -26.97 -18.34
N VAL B 822 13.84 -25.79 -18.86
CA VAL B 822 13.01 -24.85 -18.12
C VAL B 822 11.57 -25.36 -18.15
N THR B 823 11.11 -25.94 -17.05
CA THR B 823 9.72 -26.37 -16.95
C THR B 823 8.81 -25.18 -16.68
N LEU B 824 7.63 -25.23 -17.27
CA LEU B 824 6.68 -24.12 -17.22
C LEU B 824 5.54 -24.44 -16.28
N ALA B 825 4.82 -23.40 -15.89
CA ALA B 825 3.62 -23.53 -15.06
C ALA B 825 2.36 -23.73 -15.88
N ASP B 826 2.50 -23.88 -17.20
CA ASP B 826 1.41 -23.98 -18.17
C ASP B 826 0.47 -22.77 -18.06
N ALA B 827 1.05 -21.60 -18.34
CA ALA B 827 0.34 -20.34 -18.26
C ALA B 827 -0.73 -20.24 -19.36
N GLY B 828 -1.70 -19.37 -19.13
CA GLY B 828 -2.85 -19.27 -20.00
C GLY B 828 -2.65 -18.44 -21.25
N PHE B 829 -1.44 -18.43 -21.80
CA PHE B 829 -1.19 -17.75 -23.07
C PHE B 829 -1.77 -18.50 -24.25
N ILE B 830 -2.12 -19.77 -24.07
CA ILE B 830 -2.97 -20.53 -25.00
C ILE B 830 -4.30 -20.74 -24.29
N LYS B 831 -5.40 -20.67 -25.05
CA LYS B 831 -6.73 -20.75 -24.47
C LYS B 831 -7.00 -22.12 -23.85
N GLN B 832 -7.69 -22.11 -22.69
CA GLN B 832 -7.92 -23.33 -21.95
C GLN B 832 -9.32 -23.28 -21.32
N TYR B 833 -10.27 -22.61 -21.97
CA TYR B 833 -11.63 -22.60 -21.46
C TYR B 833 -12.34 -23.93 -21.68
N GLY B 834 -12.05 -24.61 -22.80
CA GLY B 834 -12.65 -25.91 -23.03
C GLY B 834 -12.18 -26.97 -22.07
N ASP B 835 -10.91 -26.91 -21.67
CA ASP B 835 -10.39 -27.85 -20.69
C ASP B 835 -10.89 -27.52 -19.28
N CYS B 836 -11.11 -26.24 -18.99
CA CYS B 836 -11.66 -25.85 -17.71
C CYS B 836 -13.13 -26.19 -17.59
N LEU B 837 -13.86 -26.19 -18.71
CA LEU B 837 -15.27 -26.58 -18.69
C LEU B 837 -15.42 -28.07 -18.45
N GLY B 838 -14.66 -28.89 -19.17
CA GLY B 838 -14.71 -30.33 -18.98
C GLY B 838 -13.96 -30.77 -17.75
N ASP B 839 -14.69 -31.13 -16.70
CA ASP B 839 -14.09 -31.49 -15.41
C ASP B 839 -13.47 -32.87 -15.51
N ILE B 840 -12.15 -32.90 -15.68
CA ILE B 840 -11.38 -34.14 -15.71
C ILE B 840 -10.51 -34.21 -14.46
N ALA B 841 -10.48 -35.39 -13.83
CA ALA B 841 -9.77 -35.68 -12.59
C ALA B 841 -10.18 -34.75 -11.46
N ALA B 842 -9.38 -33.70 -11.23
CA ALA B 842 -9.68 -32.69 -10.22
C ALA B 842 -9.50 -31.31 -10.84
N ARG B 843 -9.88 -30.29 -10.08
CA ARG B 843 -9.79 -28.92 -10.56
C ARG B 843 -8.34 -28.44 -10.54
N ASP B 844 -7.92 -27.81 -11.63
CA ASP B 844 -6.58 -27.27 -11.74
C ASP B 844 -6.48 -25.92 -11.04
N LEU B 845 -5.24 -25.52 -10.75
CA LEU B 845 -4.99 -24.18 -10.22
C LEU B 845 -5.21 -23.11 -11.29
N ILE B 846 -4.95 -23.45 -12.55
CA ILE B 846 -5.11 -22.50 -13.64
C ILE B 846 -6.58 -22.15 -13.86
N CYS B 847 -7.46 -23.16 -13.76
CA CYS B 847 -8.90 -22.93 -13.85
C CYS B 847 -9.41 -22.10 -12.68
N ALA B 848 -8.86 -22.31 -11.48
CA ALA B 848 -9.24 -21.51 -10.32
C ALA B 848 -8.75 -20.07 -10.46
N GLN B 849 -7.60 -19.87 -11.11
CA GLN B 849 -7.14 -18.51 -11.39
C GLN B 849 -8.02 -17.84 -12.44
N LYS B 850 -8.41 -18.57 -13.47
CA LYS B 850 -9.18 -18.00 -14.57
C LYS B 850 -10.62 -17.74 -14.18
N PHE B 851 -11.16 -18.50 -13.23
CA PHE B 851 -12.54 -18.33 -12.80
C PHE B 851 -12.71 -17.17 -11.83
N ASN B 852 -11.62 -16.50 -11.45
CA ASN B 852 -11.68 -15.35 -10.55
C ASN B 852 -11.16 -14.08 -11.21
N GLY B 853 -11.10 -14.04 -12.53
CA GLY B 853 -10.76 -12.82 -13.24
C GLY B 853 -9.30 -12.61 -13.57
N LEU B 854 -8.45 -13.59 -13.34
CA LEU B 854 -7.01 -13.45 -13.60
C LEU B 854 -6.66 -14.18 -14.89
N THR B 855 -6.05 -13.45 -15.83
CA THR B 855 -5.80 -13.94 -17.18
C THR B 855 -4.33 -13.73 -17.52
N VAL B 856 -3.72 -14.71 -18.17
CA VAL B 856 -2.35 -14.60 -18.67
C VAL B 856 -2.42 -14.28 -20.17
N LEU B 857 -1.77 -13.17 -20.59
CA LEU B 857 -1.73 -12.72 -21.97
C LEU B 857 -0.54 -13.33 -22.72
N PRO B 858 -0.69 -13.60 -24.03
CA PRO B 858 0.44 -14.16 -24.78
C PRO B 858 1.40 -13.08 -25.24
N PRO B 859 2.68 -13.40 -25.35
CA PRO B 859 3.64 -12.43 -25.87
C PRO B 859 3.46 -12.18 -27.37
N LEU B 860 3.92 -11.02 -27.81
CA LEU B 860 3.75 -10.62 -29.21
C LEU B 860 4.64 -11.44 -30.13
N LEU B 861 5.86 -11.73 -29.72
CA LEU B 861 6.81 -12.50 -30.52
C LEU B 861 6.76 -13.95 -30.05
N THR B 862 6.40 -14.85 -30.96
CA THR B 862 6.41 -16.26 -30.66
C THR B 862 7.85 -16.78 -30.65
N ASP B 863 8.02 -18.01 -30.16
CA ASP B 863 9.36 -18.59 -30.04
C ASP B 863 9.99 -18.88 -31.39
N GLU B 864 9.17 -19.06 -32.43
CA GLU B 864 9.69 -19.23 -33.78
C GLU B 864 10.35 -17.95 -34.29
N MET B 865 9.77 -16.79 -33.99
CA MET B 865 10.39 -15.54 -34.41
C MET B 865 11.61 -15.18 -33.58
N ILE B 866 11.63 -15.55 -32.29
CA ILE B 866 12.83 -15.37 -31.48
C ILE B 866 13.96 -16.24 -32.00
N ALA B 867 13.65 -17.49 -32.37
CA ALA B 867 14.64 -18.38 -32.97
C ALA B 867 15.08 -17.89 -34.34
N GLN B 868 14.20 -17.26 -35.11
CA GLN B 868 14.58 -16.68 -36.39
C GLN B 868 15.54 -15.51 -36.22
N TYR B 869 15.28 -14.64 -35.23
CA TYR B 869 16.19 -13.54 -34.95
C TYR B 869 17.54 -14.03 -34.47
N THR B 870 17.54 -15.06 -33.61
CA THR B 870 18.78 -15.65 -33.12
C THR B 870 19.57 -16.29 -34.27
N SER B 871 18.87 -16.96 -35.19
CA SER B 871 19.51 -17.57 -36.36
C SER B 871 20.12 -16.51 -37.28
N ALA B 872 19.41 -15.38 -37.47
CA ALA B 872 19.94 -14.30 -38.29
C ALA B 872 21.19 -13.68 -37.66
N LEU B 873 21.19 -13.51 -36.33
CA LEU B 873 22.37 -12.98 -35.65
C LEU B 873 23.54 -13.94 -35.75
N LEU B 874 23.30 -15.24 -35.60
CA LEU B 874 24.36 -16.23 -35.73
C LEU B 874 24.92 -16.29 -37.14
N ALA B 875 24.06 -16.21 -38.16
CA ALA B 875 24.53 -16.25 -39.54
C ALA B 875 25.35 -15.01 -39.88
N GLY B 876 24.91 -13.84 -39.43
CA GLY B 876 25.68 -12.63 -39.65
C GLY B 876 27.02 -12.63 -38.93
N THR B 877 27.05 -13.11 -37.69
CA THR B 877 28.30 -13.18 -36.94
C THR B 877 29.27 -14.18 -37.55
N ILE B 878 28.76 -15.33 -38.00
CA ILE B 878 29.63 -16.37 -38.55
C ILE B 878 30.19 -15.93 -39.89
N THR B 879 29.35 -15.37 -40.76
CA THR B 879 29.83 -15.03 -42.10
C THR B 879 30.60 -13.71 -42.11
N SER B 880 29.96 -12.62 -41.66
CA SER B 880 30.53 -11.30 -41.87
C SER B 880 31.50 -10.88 -40.77
N GLY B 881 31.18 -11.14 -39.51
CA GLY B 881 32.01 -10.69 -38.42
C GLY B 881 31.33 -9.60 -37.61
N TRP B 882 31.96 -8.44 -37.49
CA TRP B 882 31.30 -7.28 -36.91
C TRP B 882 30.87 -6.26 -37.94
N THR B 883 31.01 -6.57 -39.23
CA THR B 883 30.66 -5.61 -40.27
C THR B 883 29.16 -5.49 -40.46
N PHE B 884 28.38 -6.50 -40.07
CA PHE B 884 26.94 -6.44 -40.20
C PHE B 884 26.28 -5.61 -39.11
N GLY B 885 27.01 -5.26 -38.05
CA GLY B 885 26.51 -4.38 -37.02
C GLY B 885 26.75 -2.91 -37.25
N ALA B 886 27.41 -2.54 -38.36
CA ALA B 886 27.68 -1.14 -38.68
C ALA B 886 27.15 -0.76 -40.05
N GLY B 887 26.36 -1.61 -40.68
CA GLY B 887 25.86 -1.35 -42.02
C GLY B 887 25.58 -2.63 -42.78
N ALA B 888 26.10 -2.73 -44.00
CA ALA B 888 25.91 -3.93 -44.81
C ALA B 888 26.91 -5.00 -44.40
N ALA B 889 26.48 -6.25 -44.49
CA ALA B 889 27.34 -7.37 -44.14
C ALA B 889 28.39 -7.60 -45.23
N LEU B 890 29.65 -7.71 -44.82
CA LEU B 890 30.77 -7.88 -45.73
C LEU B 890 31.40 -9.24 -45.45
N GLN B 891 31.45 -10.09 -46.46
CA GLN B 891 31.92 -11.46 -46.24
C GLN B 891 33.43 -11.49 -46.04
N ILE B 892 33.87 -12.47 -45.27
CA ILE B 892 35.28 -12.70 -44.95
C ILE B 892 35.38 -14.18 -44.58
N PRO B 893 36.48 -14.87 -44.89
CA PRO B 893 36.65 -16.23 -44.37
C PRO B 893 36.76 -16.23 -42.87
N PHE B 894 36.28 -17.32 -42.25
CA PHE B 894 36.20 -17.36 -40.79
C PHE B 894 37.59 -17.43 -40.15
N ALA B 895 38.57 -18.04 -40.84
CA ALA B 895 39.93 -18.04 -40.33
C ALA B 895 40.51 -16.63 -40.30
N MET B 896 40.23 -15.82 -41.32
CA MET B 896 40.74 -14.46 -41.33
C MET B 896 40.01 -13.57 -40.33
N GLN B 897 38.71 -13.83 -40.12
CA GLN B 897 37.96 -13.15 -39.08
C GLN B 897 38.53 -13.49 -37.70
N MET B 898 38.86 -14.76 -37.47
CA MET B 898 39.44 -15.14 -36.19
C MET B 898 40.86 -14.60 -36.02
N ALA B 899 41.60 -14.40 -37.11
CA ALA B 899 42.90 -13.73 -37.02
C ALA B 899 42.75 -12.25 -36.66
N TYR B 900 41.70 -11.61 -37.17
CA TYR B 900 41.35 -10.26 -36.72
C TYR B 900 41.04 -10.23 -35.23
N ARG B 901 40.28 -11.23 -34.76
CA ARG B 901 39.96 -11.33 -33.33
C ARG B 901 41.21 -11.59 -32.49
N PHE B 902 42.20 -12.32 -33.03
CA PHE B 902 43.45 -12.52 -32.32
C PHE B 902 44.27 -11.24 -32.27
N ASN B 903 44.27 -10.47 -33.36
CA ASN B 903 44.95 -9.17 -33.33
C ASN B 903 44.27 -8.18 -32.40
N GLY B 904 42.97 -8.35 -32.15
CA GLY B 904 42.29 -7.48 -31.20
C GLY B 904 42.77 -7.65 -29.77
N ILE B 905 43.13 -8.89 -29.38
CA ILE B 905 43.49 -9.16 -27.99
C ILE B 905 44.99 -9.07 -27.73
N GLY B 906 45.79 -8.72 -28.72
CA GLY B 906 47.20 -8.51 -28.52
C GLY B 906 48.11 -9.64 -28.95
N VAL B 907 47.58 -10.68 -29.58
CA VAL B 907 48.37 -11.80 -30.07
C VAL B 907 48.54 -11.62 -31.57
N THR B 908 49.74 -11.89 -32.07
CA THR B 908 50.04 -11.70 -33.48
C THR B 908 49.32 -12.76 -34.30
N GLN B 909 48.84 -12.38 -35.49
CA GLN B 909 47.90 -13.20 -36.26
C GLN B 909 48.52 -14.47 -36.85
N ASN B 910 49.84 -14.62 -36.85
CA ASN B 910 50.43 -15.85 -37.35
C ASN B 910 50.32 -17.00 -36.37
N VAL B 911 49.98 -16.71 -35.11
CA VAL B 911 49.76 -17.75 -34.11
C VAL B 911 48.55 -18.60 -34.49
N LEU B 912 47.46 -17.95 -34.93
CA LEU B 912 46.29 -18.69 -35.39
C LEU B 912 46.59 -19.47 -36.68
N TYR B 913 47.30 -18.84 -37.62
CA TYR B 913 47.61 -19.52 -38.88
C TYR B 913 48.60 -20.67 -38.70
N GLU B 914 49.33 -20.72 -37.60
CA GLU B 914 50.17 -21.87 -37.30
C GLU B 914 49.52 -22.89 -36.37
N ASN B 915 48.47 -22.50 -35.62
CA ASN B 915 47.81 -23.44 -34.72
C ASN B 915 46.31 -23.54 -34.98
N GLN B 916 45.90 -23.40 -36.25
CA GLN B 916 44.49 -23.37 -36.61
C GLN B 916 43.77 -24.68 -36.29
N LYS B 917 44.41 -25.82 -36.57
CA LYS B 917 43.77 -27.11 -36.29
C LYS B 917 43.61 -27.34 -34.78
N LEU B 918 44.63 -26.96 -34.00
CA LEU B 918 44.53 -27.07 -32.55
C LEU B 918 43.46 -26.14 -31.98
N ILE B 919 43.34 -24.93 -32.53
CA ILE B 919 42.35 -23.97 -32.06
C ILE B 919 40.94 -24.44 -32.40
N ALA B 920 40.75 -24.98 -33.62
CA ALA B 920 39.46 -25.53 -34.00
C ALA B 920 39.08 -26.74 -33.17
N ASN B 921 40.05 -27.62 -32.87
CA ASN B 921 39.78 -28.78 -32.02
C ASN B 921 39.41 -28.38 -30.60
N GLN B 922 40.09 -27.37 -30.06
CA GLN B 922 39.77 -26.88 -28.72
C GLN B 922 38.39 -26.24 -28.67
N PHE B 923 38.02 -25.50 -29.72
CA PHE B 923 36.67 -24.93 -29.79
C PHE B 923 35.60 -26.00 -29.87
N ASN B 924 35.83 -27.04 -30.68
CA ASN B 924 34.86 -28.13 -30.82
C ASN B 924 34.71 -28.89 -29.50
N SER B 925 35.82 -29.13 -28.80
CA SER B 925 35.75 -29.81 -27.51
C SER B 925 35.04 -28.97 -26.47
N ALA B 926 35.24 -27.64 -26.49
CA ALA B 926 34.55 -26.77 -25.55
C ALA B 926 33.05 -26.71 -25.81
N ILE B 927 32.65 -26.72 -27.09
CA ILE B 927 31.23 -26.76 -27.44
C ILE B 927 30.61 -28.08 -27.02
N GLY B 928 31.32 -29.19 -27.21
CA GLY B 928 30.84 -30.47 -26.72
C GLY B 928 30.75 -30.55 -25.19
N LYS B 929 31.66 -29.88 -24.49
CA LYS B 929 31.56 -29.82 -23.03
C LYS B 929 30.35 -28.99 -22.58
N ILE B 930 30.04 -27.92 -23.31
CA ILE B 930 28.81 -27.15 -23.04
C ILE B 930 27.58 -28.03 -23.25
N GLN B 931 27.60 -28.83 -24.33
CA GLN B 931 26.56 -29.82 -24.59
C GLN B 931 26.38 -30.82 -23.45
N ASP B 932 27.49 -31.38 -22.95
CA ASP B 932 27.41 -32.38 -21.89
C ASP B 932 26.97 -31.76 -20.56
N SER B 933 27.45 -30.56 -20.26
CA SER B 933 27.04 -29.89 -19.02
C SER B 933 25.58 -29.44 -19.07
N LEU B 934 25.06 -29.14 -20.26
CA LEU B 934 23.64 -28.85 -20.36
C LEU B 934 22.80 -30.12 -20.33
N SER B 935 23.35 -31.24 -20.80
CA SER B 935 22.60 -32.50 -20.75
C SER B 935 22.55 -33.08 -19.34
N SER B 936 23.59 -32.85 -18.54
CA SER B 936 23.65 -33.45 -17.20
C SER B 936 23.09 -32.50 -16.13
N THR B 937 23.71 -31.33 -15.98
CA THR B 937 23.35 -30.41 -14.90
C THR B 937 22.04 -29.71 -15.23
N ALA B 938 21.12 -29.68 -14.27
CA ALA B 938 19.81 -29.08 -14.45
C ALA B 938 19.60 -27.82 -13.61
N SER B 939 20.56 -27.45 -12.77
CA SER B 939 20.43 -26.30 -11.89
C SER B 939 21.07 -25.04 -12.46
N ALA B 940 21.56 -25.08 -13.69
CA ALA B 940 22.22 -23.92 -14.27
C ALA B 940 21.24 -22.83 -14.69
N LEU B 941 20.00 -23.21 -15.02
CA LEU B 941 18.99 -22.28 -15.54
C LEU B 941 18.05 -21.81 -14.44
N GLY B 942 18.56 -21.58 -13.24
CA GLY B 942 17.72 -21.26 -12.10
C GLY B 942 17.11 -19.87 -12.14
N LYS B 943 17.68 -18.95 -12.90
CA LYS B 943 17.16 -17.58 -12.94
C LYS B 943 15.83 -17.51 -13.68
N LEU B 944 15.75 -18.14 -14.85
CA LEU B 944 14.51 -18.18 -15.60
C LEU B 944 13.45 -19.02 -14.89
N GLN B 945 13.87 -20.10 -14.22
CA GLN B 945 12.96 -20.89 -13.41
C GLN B 945 12.42 -20.08 -12.25
N ASP B 946 13.24 -19.22 -11.63
CA ASP B 946 12.76 -18.37 -10.55
C ASP B 946 11.79 -17.32 -11.08
N VAL B 947 12.04 -16.83 -12.30
CA VAL B 947 11.12 -15.89 -12.95
C VAL B 947 9.75 -16.53 -13.17
N VAL B 948 9.74 -17.80 -13.59
CA VAL B 948 8.48 -18.54 -13.73
C VAL B 948 7.82 -18.77 -12.37
N ASN B 949 8.61 -19.17 -11.37
CA ASN B 949 8.06 -19.57 -10.07
C ASN B 949 7.45 -18.40 -9.31
N HIS B 950 8.08 -17.23 -9.38
CA HIS B 950 7.55 -16.06 -8.68
C HIS B 950 6.20 -15.63 -9.25
N ASN B 951 6.08 -15.65 -10.59
CA ASN B 951 4.83 -15.26 -11.23
C ASN B 951 3.73 -16.29 -11.02
N ALA B 952 4.09 -17.57 -10.84
CA ALA B 952 3.07 -18.55 -10.47
C ALA B 952 2.62 -18.38 -9.03
N GLN B 953 3.58 -18.14 -8.12
CA GLN B 953 3.28 -18.05 -6.69
C GLN B 953 2.46 -16.82 -6.35
N ALA B 954 2.67 -15.70 -7.06
CA ALA B 954 1.90 -14.49 -6.80
C ALA B 954 0.42 -14.69 -7.14
N LEU B 955 0.13 -15.35 -8.26
CA LEU B 955 -1.25 -15.62 -8.65
C LEU B 955 -1.90 -16.66 -7.74
N ASN B 956 -1.12 -17.65 -7.29
CA ASN B 956 -1.65 -18.62 -6.34
C ASN B 956 -2.00 -17.97 -4.99
N THR B 957 -1.17 -17.04 -4.53
CA THR B 957 -1.45 -16.29 -3.31
C THR B 957 -2.68 -15.40 -3.48
N LEU B 958 -2.82 -14.76 -4.65
CA LEU B 958 -3.98 -13.92 -4.92
C LEU B 958 -5.28 -14.72 -4.97
N VAL B 959 -5.24 -15.95 -5.48
CA VAL B 959 -6.42 -16.81 -5.46
C VAL B 959 -6.72 -17.26 -4.03
N LYS B 960 -5.70 -17.68 -3.29
CA LYS B 960 -5.88 -18.17 -1.92
C LYS B 960 -6.35 -17.07 -0.96
N GLN B 961 -6.10 -15.80 -1.28
CA GLN B 961 -6.57 -14.69 -0.46
C GLN B 961 -8.08 -14.47 -0.53
N LEU B 962 -8.79 -15.16 -1.43
CA LEU B 962 -10.24 -14.99 -1.55
C LEU B 962 -11.02 -15.74 -0.49
N SER B 963 -10.37 -16.62 0.27
CA SER B 963 -11.03 -17.40 1.31
C SER B 963 -10.98 -16.73 2.67
N SER B 964 -10.48 -15.51 2.76
CA SER B 964 -10.35 -14.80 4.02
C SER B 964 -11.60 -13.99 4.31
N LYS B 965 -11.87 -13.81 5.60
CA LYS B 965 -13.06 -13.08 6.03
C LYS B 965 -12.81 -11.59 6.21
N PHE B 966 -11.60 -11.21 6.61
CA PHE B 966 -11.22 -9.84 6.96
C PHE B 966 -12.14 -9.24 8.03
N GLY B 967 -12.53 -10.06 8.99
CA GLY B 967 -13.37 -9.63 10.08
C GLY B 967 -14.86 -9.86 9.89
N ALA B 968 -15.30 -10.21 8.68
CA ALA B 968 -16.71 -10.43 8.43
C ALA B 968 -17.13 -11.82 8.91
N ILE B 969 -18.44 -12.09 8.86
CA ILE B 969 -18.95 -13.37 9.33
C ILE B 969 -18.70 -14.50 8.35
N SER B 970 -18.41 -14.20 7.09
CA SER B 970 -18.16 -15.23 6.09
C SER B 970 -17.33 -14.63 4.97
N SER B 971 -16.53 -15.48 4.32
CA SER B 971 -15.82 -15.10 3.11
C SER B 971 -16.69 -15.21 1.86
N VAL B 972 -17.81 -15.90 1.94
CA VAL B 972 -18.70 -16.06 0.80
C VAL B 972 -19.64 -14.87 0.73
N LEU B 973 -19.69 -14.24 -0.44
CA LEU B 973 -20.50 -13.04 -0.61
C LEU B 973 -21.99 -13.37 -0.64
N ASN B 974 -22.34 -14.53 -1.21
CA ASN B 974 -23.74 -14.93 -1.31
C ASN B 974 -24.32 -15.33 0.04
N ASP B 975 -23.49 -15.89 0.93
CA ASP B 975 -23.95 -16.19 2.29
C ASP B 975 -24.24 -14.92 3.06
N ILE B 976 -23.43 -13.88 2.86
CA ILE B 976 -23.67 -12.58 3.47
C ILE B 976 -24.94 -11.95 2.89
N LEU B 977 -25.15 -12.09 1.59
CA LEU B 977 -26.37 -11.59 0.94
C LEU B 977 -27.62 -12.30 1.47
N SER B 978 -27.55 -13.61 1.63
CA SER B 978 -28.75 -14.36 2.00
C SER B 978 -29.02 -14.36 3.49
N ARG B 979 -28.00 -14.18 4.33
CA ARG B 979 -28.15 -14.34 5.76
C ARG B 979 -28.43 -13.04 6.51
N LEU B 980 -28.41 -11.89 5.84
CA LEU B 980 -28.55 -10.61 6.51
C LEU B 980 -29.45 -9.69 5.69
N ASP B 981 -29.89 -8.61 6.33
CA ASP B 981 -30.68 -7.57 5.68
C ASP B 981 -29.75 -6.61 4.96
N LYS B 982 -30.27 -5.44 4.56
CA LYS B 982 -29.52 -4.55 3.68
C LYS B 982 -28.32 -3.92 4.39
N VAL B 983 -28.52 -3.35 5.59
CA VAL B 983 -27.47 -2.57 6.24
C VAL B 983 -26.35 -3.46 6.76
N GLU B 984 -26.71 -4.59 7.38
CA GLU B 984 -25.71 -5.51 7.93
C GLU B 984 -24.87 -6.14 6.83
N ALA B 985 -25.51 -6.59 5.74
CA ALA B 985 -24.76 -7.12 4.62
C ALA B 985 -23.94 -6.05 3.93
N GLU B 986 -24.40 -4.79 3.94
CA GLU B 986 -23.60 -3.70 3.41
C GLU B 986 -22.32 -3.50 4.21
N VAL B 987 -22.42 -3.62 5.54
CA VAL B 987 -21.23 -3.51 6.40
C VAL B 987 -20.24 -4.65 6.13
N GLN B 988 -20.76 -5.89 6.08
CA GLN B 988 -19.88 -7.05 5.87
C GLN B 988 -19.25 -7.04 4.47
N ILE B 989 -20.01 -6.63 3.44
CA ILE B 989 -19.50 -6.55 2.09
C ILE B 989 -18.49 -5.42 1.97
N ASP B 990 -18.67 -4.33 2.73
CA ASP B 990 -17.67 -3.26 2.74
C ASP B 990 -16.35 -3.75 3.33
N ARG B 991 -16.43 -4.58 4.38
CA ARG B 991 -15.22 -5.20 4.95
C ARG B 991 -14.51 -6.10 3.94
N LEU B 992 -15.28 -6.95 3.24
CA LEU B 992 -14.69 -7.85 2.25
C LEU B 992 -14.11 -7.08 1.06
N ILE B 993 -14.77 -5.99 0.66
CA ILE B 993 -14.31 -5.18 -0.46
C ILE B 993 -12.98 -4.52 -0.12
N THR B 994 -12.86 -3.96 1.10
CA THR B 994 -11.60 -3.36 1.53
C THR B 994 -10.47 -4.38 1.59
N GLY B 995 -10.76 -5.58 2.11
CA GLY B 995 -9.73 -6.62 2.18
C GLY B 995 -9.25 -7.09 0.81
N ARG B 996 -10.18 -7.34 -0.11
CA ARG B 996 -9.81 -7.80 -1.44
C ARG B 996 -9.08 -6.72 -2.24
N LEU B 997 -9.50 -5.46 -2.08
CA LEU B 997 -8.82 -4.34 -2.72
C LEU B 997 -7.40 -4.18 -2.19
N GLN B 998 -7.20 -4.39 -0.89
CA GLN B 998 -5.86 -4.27 -0.33
C GLN B 998 -4.94 -5.40 -0.80
N SER B 999 -5.48 -6.62 -0.91
CA SER B 999 -4.67 -7.73 -1.42
C SER B 999 -4.28 -7.52 -2.88
N LEU B 1000 -5.21 -7.00 -3.68
CA LEU B 1000 -4.90 -6.76 -5.09
C LEU B 1000 -3.93 -5.58 -5.27
N GLN B 1001 -4.01 -4.59 -4.37
CA GLN B 1001 -3.01 -3.51 -4.32
C GLN B 1001 -1.61 -4.03 -4.04
N THR B 1002 -1.49 -4.97 -3.08
CA THR B 1002 -0.20 -5.58 -2.77
C THR B 1002 0.36 -6.35 -3.95
N TYR B 1003 -0.51 -7.09 -4.67
CA TYR B 1003 -0.08 -7.82 -5.85
C TYR B 1003 0.44 -6.89 -6.94
N VAL B 1004 -0.25 -5.78 -7.19
CA VAL B 1004 0.15 -4.86 -8.25
C VAL B 1004 1.47 -4.16 -7.91
N THR B 1005 1.67 -3.81 -6.63
CA THR B 1005 2.94 -3.19 -6.23
C THR B 1005 4.12 -4.15 -6.36
N GLN B 1006 3.93 -5.43 -5.96
CA GLN B 1006 4.99 -6.42 -6.15
C GLN B 1006 5.31 -6.63 -7.63
N GLN B 1007 4.28 -6.63 -8.47
CA GLN B 1007 4.50 -6.78 -9.91
C GLN B 1007 5.26 -5.61 -10.50
N LEU B 1008 5.01 -4.39 -10.00
CA LEU B 1008 5.73 -3.22 -10.49
C LEU B 1008 7.21 -3.26 -10.12
N ILE B 1009 7.53 -3.69 -8.89
CA ILE B 1009 8.93 -3.79 -8.48
C ILE B 1009 9.66 -4.88 -9.26
N ARG B 1010 9.02 -6.03 -9.45
CA ARG B 1010 9.62 -7.10 -10.25
C ARG B 1010 9.78 -6.70 -11.71
N ALA B 1011 8.86 -5.88 -12.24
CA ALA B 1011 8.99 -5.38 -13.61
C ALA B 1011 10.19 -4.46 -13.75
N ALA B 1012 10.46 -3.64 -12.73
CA ALA B 1012 11.66 -2.81 -12.75
C ALA B 1012 12.94 -3.64 -12.78
N GLU B 1013 12.98 -4.71 -11.96
CA GLU B 1013 14.16 -5.60 -11.98
C GLU B 1013 14.34 -6.30 -13.33
N ILE B 1014 13.25 -6.78 -13.91
CA ILE B 1014 13.30 -7.45 -15.21
C ILE B 1014 13.71 -6.48 -16.31
N ARG B 1015 13.27 -5.22 -16.23
CA ARG B 1015 13.70 -4.21 -17.22
C ARG B 1015 15.19 -3.91 -17.12
N ALA B 1016 15.73 -3.86 -15.89
CA ALA B 1016 17.18 -3.69 -15.74
C ALA B 1016 17.96 -4.85 -16.33
N SER B 1017 17.48 -6.08 -16.10
CA SER B 1017 18.15 -7.25 -16.67
C SER B 1017 18.04 -7.30 -18.19
N ALA B 1018 16.91 -6.84 -18.75
CA ALA B 1018 16.74 -6.80 -20.19
C ALA B 1018 17.63 -5.75 -20.83
N ASN B 1019 17.82 -4.61 -20.15
CA ASN B 1019 18.76 -3.61 -20.63
C ASN B 1019 20.20 -4.14 -20.65
N LEU B 1020 20.57 -4.89 -19.61
CA LEU B 1020 21.89 -5.53 -19.60
C LEU B 1020 22.04 -6.55 -20.72
N ALA B 1021 21.00 -7.34 -20.98
CA ALA B 1021 21.05 -8.33 -22.05
C ALA B 1021 21.13 -7.68 -23.43
N ALA B 1022 20.45 -6.55 -23.62
CA ALA B 1022 20.53 -5.82 -24.88
C ALA B 1022 21.92 -5.23 -25.09
N THR B 1023 22.54 -4.70 -24.03
CA THR B 1023 23.89 -4.20 -24.12
C THR B 1023 24.89 -5.31 -24.46
N LYS B 1024 24.73 -6.48 -23.82
CA LYS B 1024 25.61 -7.61 -24.12
C LYS B 1024 25.38 -8.17 -25.51
N MET B 1025 24.17 -8.05 -26.04
CA MET B 1025 23.95 -8.42 -27.44
C MET B 1025 24.63 -7.45 -28.38
N SER B 1026 24.55 -6.15 -28.09
CA SER B 1026 25.15 -5.16 -28.98
C SER B 1026 26.67 -5.15 -28.91
N GLU B 1027 27.26 -5.58 -27.79
CA GLU B 1027 28.69 -5.46 -27.59
C GLU B 1027 29.47 -6.76 -27.69
N CYS B 1028 28.94 -7.87 -27.16
CA CYS B 1028 29.66 -9.13 -27.24
C CYS B 1028 29.42 -9.85 -28.57
N VAL B 1029 28.19 -9.79 -29.08
CA VAL B 1029 27.86 -10.52 -30.30
C VAL B 1029 28.19 -9.71 -31.54
N LEU B 1030 27.86 -8.43 -31.54
CA LEU B 1030 28.04 -7.57 -32.70
C LEU B 1030 29.43 -6.94 -32.77
N GLY B 1031 30.31 -7.26 -31.83
CA GLY B 1031 31.66 -6.74 -31.87
C GLY B 1031 32.54 -7.46 -30.87
N GLN B 1032 33.78 -7.02 -30.79
CA GLN B 1032 34.74 -7.51 -29.81
C GLN B 1032 34.89 -6.47 -28.72
N SER B 1033 34.75 -6.89 -27.47
CA SER B 1033 34.72 -5.99 -26.33
C SER B 1033 36.05 -6.05 -25.57
N LYS B 1034 36.56 -4.88 -25.21
CA LYS B 1034 37.81 -4.78 -24.47
C LYS B 1034 37.58 -4.67 -22.97
N ARG B 1035 36.33 -4.61 -22.54
CA ARG B 1035 36.02 -4.48 -21.11
C ARG B 1035 36.28 -5.78 -20.38
N VAL B 1036 36.99 -5.69 -19.26
CA VAL B 1036 37.43 -6.88 -18.53
C VAL B 1036 36.25 -7.46 -17.77
N ASP B 1037 36.06 -8.78 -17.91
CA ASP B 1037 35.03 -9.64 -17.29
C ASP B 1037 33.63 -9.35 -17.81
N PHE B 1038 33.49 -8.37 -18.68
CA PHE B 1038 32.34 -8.23 -19.55
C PHE B 1038 32.59 -9.12 -20.76
N CYS B 1039 31.53 -9.80 -21.22
CA CYS B 1039 31.59 -10.83 -22.27
C CYS B 1039 32.53 -11.97 -21.90
N GLY B 1040 32.44 -12.43 -20.66
CA GLY B 1040 33.11 -13.65 -20.23
C GLY B 1040 34.47 -13.39 -19.58
N LYS B 1041 35.01 -14.45 -19.00
CA LYS B 1041 36.28 -14.39 -18.27
C LYS B 1041 37.43 -14.78 -19.18
N GLY B 1042 38.40 -13.89 -19.32
CA GLY B 1042 39.50 -14.04 -20.25
C GLY B 1042 39.47 -12.95 -21.30
N TYR B 1043 40.28 -13.15 -22.34
CA TYR B 1043 40.31 -12.22 -23.46
C TYR B 1043 39.25 -12.61 -24.47
N HIS B 1044 38.27 -11.73 -24.68
CA HIS B 1044 37.07 -12.06 -25.45
C HIS B 1044 37.38 -12.16 -26.94
N LEU B 1045 36.90 -13.24 -27.56
CA LEU B 1045 36.97 -13.41 -29.01
C LEU B 1045 35.59 -13.41 -29.65
N MET B 1046 34.69 -14.30 -29.21
CA MET B 1046 33.39 -14.46 -29.84
C MET B 1046 32.29 -14.49 -28.79
N SER B 1047 31.05 -14.30 -29.25
CA SER B 1047 29.88 -14.59 -28.44
C SER B 1047 28.75 -14.99 -29.38
N PHE B 1048 27.97 -15.97 -28.94
CA PHE B 1048 26.88 -16.51 -29.75
C PHE B 1048 25.59 -16.49 -28.92
N PRO B 1049 24.50 -15.94 -29.45
CA PRO B 1049 23.25 -15.92 -28.72
C PRO B 1049 22.41 -17.16 -28.96
N GLN B 1050 21.69 -17.56 -27.90
CA GLN B 1050 20.69 -18.62 -27.96
C GLN B 1050 19.48 -18.15 -27.19
N SER B 1051 18.30 -18.57 -27.64
CA SER B 1051 17.09 -18.17 -26.93
C SER B 1051 16.80 -19.13 -25.78
N ALA B 1052 15.95 -18.69 -24.88
CA ALA B 1052 15.53 -19.50 -23.74
C ALA B 1052 14.18 -18.98 -23.27
N PRO B 1053 13.37 -19.82 -22.60
CA PRO B 1053 12.10 -19.34 -22.06
C PRO B 1053 12.28 -18.20 -21.07
N HIS B 1054 11.72 -17.04 -21.44
CA HIS B 1054 11.87 -15.76 -20.74
C HIS B 1054 13.32 -15.32 -20.64
N GLY B 1055 14.16 -15.61 -21.63
CA GLY B 1055 15.55 -15.18 -21.46
C GLY B 1055 16.43 -15.47 -22.64
N VAL B 1056 17.71 -15.12 -22.47
CA VAL B 1056 18.73 -15.28 -23.48
C VAL B 1056 19.93 -15.96 -22.83
N VAL B 1057 20.71 -16.67 -23.65
CA VAL B 1057 21.91 -17.36 -23.21
C VAL B 1057 23.03 -16.96 -24.15
N PHE B 1058 24.11 -16.41 -23.59
CA PHE B 1058 25.28 -16.03 -24.36
C PHE B 1058 26.37 -17.08 -24.16
N LEU B 1059 26.88 -17.62 -25.26
CA LEU B 1059 28.04 -18.49 -25.24
C LEU B 1059 29.25 -17.64 -25.57
N HIS B 1060 30.12 -17.42 -24.58
CA HIS B 1060 31.26 -16.53 -24.70
C HIS B 1060 32.50 -17.37 -24.98
N VAL B 1061 33.20 -17.05 -26.07
CA VAL B 1061 34.40 -17.74 -26.49
C VAL B 1061 35.58 -16.82 -26.20
N THR B 1062 36.49 -17.29 -25.35
CA THR B 1062 37.57 -16.49 -24.79
C THR B 1062 38.91 -17.21 -24.94
N TYR B 1063 39.97 -16.43 -24.80
CA TYR B 1063 41.36 -16.88 -24.88
C TYR B 1063 41.94 -16.91 -23.48
N VAL B 1064 42.55 -18.02 -23.09
CA VAL B 1064 43.14 -18.18 -21.77
C VAL B 1064 44.59 -18.61 -21.93
N PRO B 1065 45.57 -17.86 -21.41
CA PRO B 1065 46.96 -18.33 -21.42
C PRO B 1065 47.14 -19.53 -20.50
N ALA B 1066 47.95 -20.50 -20.94
CA ALA B 1066 47.95 -21.81 -20.31
C ALA B 1066 49.25 -22.16 -19.59
N GLN B 1067 50.40 -22.16 -20.28
CA GLN B 1067 51.62 -22.74 -19.73
C GLN B 1067 52.71 -21.68 -19.68
N GLU B 1068 52.95 -21.14 -18.49
CA GLU B 1068 53.92 -20.07 -18.31
C GLU B 1068 55.30 -20.63 -17.97
N LYS B 1069 56.29 -19.74 -18.01
CA LYS B 1069 57.68 -20.10 -17.74
C LYS B 1069 58.40 -18.86 -17.27
N ASN B 1070 59.31 -19.03 -16.30
CA ASN B 1070 60.06 -17.90 -15.76
C ASN B 1070 61.14 -17.45 -16.72
N PHE B 1071 61.35 -16.13 -16.80
CA PHE B 1071 62.42 -15.54 -17.59
C PHE B 1071 62.99 -14.35 -16.84
N THR B 1072 64.23 -14.01 -17.16
CA THR B 1072 64.85 -12.78 -16.69
C THR B 1072 64.54 -11.68 -17.69
N THR B 1073 64.25 -10.48 -17.18
CA THR B 1073 63.82 -9.39 -18.04
C THR B 1073 64.54 -8.09 -17.67
N ALA B 1074 64.46 -7.13 -18.57
CA ALA B 1074 65.12 -5.84 -18.42
C ALA B 1074 64.23 -4.74 -19.01
N PRO B 1075 64.29 -3.53 -18.46
CA PRO B 1075 63.49 -2.44 -19.04
C PRO B 1075 64.06 -1.90 -20.34
N ALA B 1076 65.38 -1.85 -20.47
CA ALA B 1076 66.02 -1.33 -21.67
C ALA B 1076 67.32 -2.06 -21.88
N ILE B 1077 67.99 -1.78 -23.00
CA ILE B 1077 69.27 -2.39 -23.31
C ILE B 1077 70.25 -1.31 -23.73
N CYS B 1078 71.41 -1.27 -23.09
CA CYS B 1078 72.44 -0.30 -23.42
C CYS B 1078 73.34 -0.85 -24.52
N HIS B 1079 73.50 -0.07 -25.58
CA HIS B 1079 74.34 -0.45 -26.71
C HIS B 1079 74.91 0.83 -27.30
N ASP B 1080 76.25 0.92 -27.34
CA ASP B 1080 77.00 2.09 -27.84
C ASP B 1080 76.60 3.38 -27.12
N GLY B 1081 76.35 3.26 -25.81
CA GLY B 1081 75.88 4.41 -25.05
C GLY B 1081 74.48 4.86 -25.38
N LYS B 1082 73.65 3.96 -25.91
CA LYS B 1082 72.29 4.28 -26.31
C LYS B 1082 71.33 3.30 -25.69
N ALA B 1083 70.19 3.80 -25.21
CA ALA B 1083 69.20 2.97 -24.55
C ALA B 1083 68.14 2.54 -25.56
N HIS B 1084 67.94 1.24 -25.69
CA HIS B 1084 66.99 0.66 -26.62
C HIS B 1084 65.80 0.12 -25.84
N PHE B 1085 64.60 0.48 -26.29
CA PHE B 1085 63.32 0.02 -25.76
C PHE B 1085 62.58 -0.75 -26.84
N PRO B 1086 61.78 -1.75 -26.47
CA PRO B 1086 61.01 -2.47 -27.51
C PRO B 1086 59.84 -1.65 -28.00
N ARG B 1087 59.54 -1.77 -29.30
CA ARG B 1087 58.37 -1.11 -29.86
C ARG B 1087 57.09 -1.74 -29.34
N GLU B 1088 56.90 -3.04 -29.63
CA GLU B 1088 55.89 -3.86 -29.00
C GLU B 1088 56.55 -5.12 -28.51
N GLY B 1089 56.32 -5.46 -27.24
CA GLY B 1089 56.88 -6.66 -26.67
C GLY B 1089 57.64 -6.37 -25.39
N VAL B 1090 58.63 -7.21 -25.11
CA VAL B 1090 59.33 -7.24 -23.83
C VAL B 1090 60.65 -7.98 -24.05
N PHE B 1091 61.70 -7.51 -23.38
CA PHE B 1091 63.00 -8.16 -23.43
C PHE B 1091 63.01 -9.34 -22.47
N VAL B 1092 63.51 -10.48 -22.94
CA VAL B 1092 63.63 -11.68 -22.11
C VAL B 1092 65.02 -12.26 -22.29
N SER B 1093 65.39 -13.13 -21.36
CA SER B 1093 66.65 -13.86 -21.42
C SER B 1093 66.41 -15.32 -21.09
N ASN B 1094 67.08 -16.20 -21.83
CA ASN B 1094 67.07 -17.62 -21.53
C ASN B 1094 68.21 -18.02 -20.61
N GLY B 1095 69.00 -17.06 -20.13
CA GLY B 1095 70.14 -17.33 -19.29
C GLY B 1095 71.42 -16.78 -19.87
N THR B 1096 71.56 -16.88 -21.20
CA THR B 1096 72.75 -16.40 -21.90
C THR B 1096 72.43 -15.30 -22.90
N HIS B 1097 71.47 -15.52 -23.79
CA HIS B 1097 71.22 -14.64 -24.91
C HIS B 1097 69.91 -13.89 -24.71
N TRP B 1098 69.88 -12.62 -25.12
CA TRP B 1098 68.72 -11.77 -24.92
C TRP B 1098 67.87 -11.69 -26.18
N PHE B 1099 66.56 -11.80 -26.00
CA PHE B 1099 65.59 -11.77 -27.09
C PHE B 1099 64.50 -10.74 -26.79
N VAL B 1100 63.68 -10.48 -27.79
CA VAL B 1100 62.48 -9.66 -27.63
C VAL B 1100 61.28 -10.49 -28.08
N THR B 1101 60.21 -10.47 -27.28
CA THR B 1101 59.05 -11.31 -27.54
C THR B 1101 57.78 -10.51 -27.27
N GLN B 1102 56.68 -10.97 -27.87
CA GLN B 1102 55.39 -10.38 -27.55
C GLN B 1102 54.94 -10.83 -26.17
N ARG B 1103 54.07 -10.02 -25.56
CA ARG B 1103 53.80 -10.16 -24.14
C ARG B 1103 52.88 -11.33 -23.79
N ASN B 1104 51.97 -11.71 -24.68
CA ASN B 1104 50.97 -12.72 -24.38
C ASN B 1104 51.32 -14.10 -24.92
N PHE B 1105 52.47 -14.26 -25.54
CA PHE B 1105 52.85 -15.53 -26.14
C PHE B 1105 54.36 -15.55 -26.28
N TYR B 1106 54.97 -16.70 -25.99
CA TYR B 1106 56.43 -16.80 -26.05
C TYR B 1106 56.85 -17.07 -27.48
N GLU B 1107 57.26 -16.01 -28.18
CA GLU B 1107 57.82 -16.10 -29.53
C GLU B 1107 59.07 -15.23 -29.58
N PRO B 1108 60.23 -15.78 -29.16
CA PRO B 1108 61.42 -14.94 -29.06
C PRO B 1108 62.03 -14.62 -30.42
N GLN B 1109 62.57 -13.42 -30.53
CA GLN B 1109 63.15 -12.93 -31.78
C GLN B 1109 64.50 -12.29 -31.49
N ILE B 1110 65.31 -12.15 -32.54
CA ILE B 1110 66.59 -11.46 -32.41
C ILE B 1110 66.34 -9.97 -32.24
N ILE B 1111 67.07 -9.37 -31.30
CA ILE B 1111 66.91 -7.94 -31.02
C ILE B 1111 67.56 -7.14 -32.15
N THR B 1112 66.76 -6.33 -32.82
CA THR B 1112 67.17 -5.64 -34.04
C THR B 1112 66.70 -4.20 -33.92
N THR B 1113 67.31 -3.31 -34.70
CA THR B 1113 66.88 -1.92 -34.76
C THR B 1113 65.50 -1.74 -35.39
N ASP B 1114 64.96 -2.76 -36.05
CA ASP B 1114 63.62 -2.68 -36.61
C ASP B 1114 62.56 -2.75 -35.53
N ASN B 1115 62.75 -3.61 -34.52
CA ASN B 1115 61.76 -3.79 -33.46
C ASN B 1115 62.13 -3.10 -32.16
N THR B 1116 63.08 -2.16 -32.19
CA THR B 1116 63.46 -1.38 -31.03
C THR B 1116 63.59 0.08 -31.43
N PHE B 1117 63.47 0.96 -30.43
CA PHE B 1117 63.69 2.39 -30.66
C PHE B 1117 64.63 2.94 -29.60
N VAL B 1118 65.31 4.03 -29.95
CA VAL B 1118 66.40 4.60 -29.18
C VAL B 1118 65.94 5.90 -28.55
N SER B 1119 66.28 6.10 -27.28
CA SER B 1119 65.97 7.36 -26.60
C SER B 1119 67.04 7.63 -25.55
N GLY B 1120 67.98 8.52 -25.87
CA GLY B 1120 68.96 8.96 -24.91
C GLY B 1120 70.05 7.94 -24.61
N ASN B 1121 70.76 8.21 -23.52
CA ASN B 1121 71.86 7.38 -23.05
C ASN B 1121 71.43 6.51 -21.86
N CYS B 1122 72.39 5.79 -21.28
CA CYS B 1122 72.10 4.67 -20.38
C CYS B 1122 72.23 5.02 -18.90
N ASP B 1123 72.49 6.26 -18.55
CA ASP B 1123 72.73 6.58 -17.14
C ASP B 1123 71.47 6.99 -16.39
N VAL B 1124 70.31 6.98 -17.04
CA VAL B 1124 69.08 7.43 -16.41
C VAL B 1124 68.06 6.32 -16.19
N VAL B 1125 68.13 5.23 -16.95
CA VAL B 1125 67.20 4.11 -16.81
C VAL B 1125 67.72 3.15 -15.75
N ILE B 1126 66.89 2.83 -14.77
CA ILE B 1126 67.28 1.94 -13.68
C ILE B 1126 67.01 0.50 -14.12
N GLY B 1127 68.06 -0.33 -14.06
CA GLY B 1127 67.95 -1.71 -14.46
C GLY B 1127 68.39 -2.00 -15.88
N ILE B 1128 69.08 -1.08 -16.54
CA ILE B 1128 69.48 -1.26 -17.92
C ILE B 1128 70.64 -2.26 -18.00
N VAL B 1129 70.58 -3.16 -18.97
CA VAL B 1129 71.58 -4.20 -19.12
C VAL B 1129 72.39 -3.94 -20.39
N ASN B 1130 73.49 -4.67 -20.52
CA ASN B 1130 74.43 -4.53 -21.64
C ASN B 1130 74.25 -5.69 -22.60
N ASN B 1131 73.88 -5.38 -23.84
CA ASN B 1131 73.78 -6.38 -24.89
C ASN B 1131 73.91 -5.70 -26.24
N THR B 1132 74.19 -6.50 -27.26
CA THR B 1132 74.34 -5.99 -28.62
C THR B 1132 72.99 -5.95 -29.32
N VAL B 1133 72.88 -5.05 -30.28
CA VAL B 1133 71.67 -4.88 -31.08
C VAL B 1133 72.05 -5.07 -32.54
N TYR B 1134 71.41 -6.04 -33.19
CA TYR B 1134 71.73 -6.38 -34.58
C TYR B 1134 71.28 -5.27 -35.53
N ASP B 1135 72.04 -5.11 -36.60
CA ASP B 1135 71.71 -4.16 -37.66
C ASP B 1135 71.67 -4.91 -38.98
N PRO B 1136 70.56 -4.85 -39.73
CA PRO B 1136 70.49 -5.60 -41.00
C PRO B 1136 71.33 -5.01 -42.11
N LEU B 1137 71.66 -3.72 -42.05
CA LEU B 1137 72.39 -3.08 -43.13
C LEU B 1137 73.88 -3.42 -43.13
N GLN B 1138 74.43 -3.82 -41.98
CA GLN B 1138 75.86 -4.13 -41.92
C GLN B 1138 76.26 -5.36 -42.73
N PRO B 1139 75.57 -6.51 -42.71
CA PRO B 1139 75.98 -7.58 -43.63
C PRO B 1139 75.66 -7.30 -45.08
N GLU B 1140 74.65 -6.47 -45.37
CA GLU B 1140 74.33 -6.14 -46.75
C GLU B 1140 75.31 -5.15 -47.36
N LEU B 1141 75.86 -4.25 -46.54
CA LEU B 1141 76.90 -3.34 -47.03
C LEU B 1141 78.21 -4.08 -47.25
N ASP B 1142 78.49 -5.10 -46.44
CA ASP B 1142 79.71 -5.88 -46.55
C ASP B 1142 79.60 -7.01 -47.56
N SER B 1143 78.44 -7.19 -48.19
CA SER B 1143 78.24 -8.25 -49.16
C SER B 1143 77.19 -7.87 -50.20
N ARG C 21 -3.40 50.69 42.41
CA ARG C 21 -2.05 50.44 42.90
C ARG C 21 -1.07 50.40 41.74
N THR C 22 0.21 50.25 42.04
CA THR C 22 1.25 50.48 41.05
C THR C 22 1.37 49.31 40.08
N GLN C 23 1.48 49.63 38.79
CA GLN C 23 1.63 48.63 37.73
C GLN C 23 2.95 48.82 37.01
N SER C 24 3.47 47.71 36.49
CA SER C 24 4.64 47.71 35.61
C SER C 24 4.51 46.53 34.68
N TYR C 25 5.26 46.55 33.58
CA TYR C 25 5.20 45.47 32.60
C TYR C 25 6.60 44.91 32.38
N THR C 26 6.72 43.58 32.47
CA THR C 26 8.01 42.91 32.33
C THR C 26 7.90 41.73 31.38
N ASN C 27 9.04 41.13 31.07
CA ASN C 27 9.13 39.98 30.20
C ASN C 27 9.15 38.69 31.01
N SER C 28 8.58 37.63 30.42
CA SER C 28 8.39 36.38 31.15
C SER C 28 9.69 35.61 31.33
N PHE C 29 10.61 35.71 30.35
CA PHE C 29 11.92 35.01 30.36
C PHE C 29 11.78 33.49 30.49
N THR C 30 11.06 32.90 29.53
CA THR C 30 10.79 31.45 29.34
C THR C 30 10.53 30.69 30.65
N ARG C 31 9.53 31.16 31.38
CA ARG C 31 9.11 30.56 32.65
C ARG C 31 7.66 30.10 32.54
N GLY C 32 7.24 29.33 33.54
CA GLY C 32 5.85 28.90 33.65
C GLY C 32 5.52 27.61 32.94
N VAL C 33 6.38 26.61 33.07
CA VAL C 33 6.20 25.30 32.46
C VAL C 33 5.85 24.32 33.57
N TYR C 34 4.87 23.45 33.32
CA TYR C 34 4.45 22.47 34.29
C TYR C 34 4.50 21.07 33.69
N TYR C 35 4.32 20.07 34.54
CA TYR C 35 4.22 18.69 34.09
C TYR C 35 2.83 18.45 33.51
N PRO C 36 2.71 18.04 32.26
CA PRO C 36 1.36 17.88 31.67
C PRO C 36 0.61 16.64 32.15
N ASP C 37 1.30 15.63 32.67
CA ASP C 37 0.64 14.41 33.12
C ASP C 37 1.48 13.77 34.22
N LYS C 38 0.85 12.86 34.96
CA LYS C 38 1.51 12.12 36.03
C LYS C 38 2.06 10.78 35.54
N VAL C 39 2.85 10.83 34.47
CA VAL C 39 3.48 9.65 33.88
C VAL C 39 4.97 9.90 33.84
N PHE C 40 5.75 8.96 34.37
CA PHE C 40 7.20 9.09 34.34
C PHE C 40 7.72 8.90 32.92
N ARG C 41 8.51 9.86 32.45
CA ARG C 41 9.22 9.76 31.19
C ARG C 41 10.65 10.20 31.41
N SER C 42 11.59 9.51 30.77
CA SER C 42 13.01 9.79 30.96
C SER C 42 13.77 9.64 29.66
N SER C 43 14.74 10.54 29.45
CA SER C 43 15.64 10.56 28.29
C SER C 43 14.88 10.60 26.96
N VAL C 44 13.83 11.41 26.90
CA VAL C 44 12.88 11.35 25.80
C VAL C 44 12.52 12.77 25.39
N LEU C 45 12.03 12.91 24.17
CA LEU C 45 11.55 14.19 23.65
C LEU C 45 10.05 14.04 23.45
N HIS C 46 9.27 14.77 24.25
CA HIS C 46 7.82 14.64 24.25
C HIS C 46 7.20 15.90 23.67
N SER C 47 5.98 15.76 23.13
CA SER C 47 5.25 16.89 22.57
C SER C 47 3.85 16.93 23.16
N THR C 48 3.43 18.09 23.62
CA THR C 48 2.11 18.25 24.24
C THR C 48 1.42 19.48 23.68
N HIS C 49 0.09 19.49 23.79
CA HIS C 49 -0.73 20.64 23.40
C HIS C 49 -1.68 20.94 24.56
N ASP C 50 -1.49 22.08 25.21
CA ASP C 50 -2.25 22.39 26.41
C ASP C 50 -2.23 23.90 26.64
N LEU C 51 -2.80 24.32 27.76
CA LEU C 51 -2.80 25.73 28.15
C LEU C 51 -1.48 26.03 28.84
N PHE C 52 -0.60 26.73 28.14
CA PHE C 52 0.74 27.05 28.63
C PHE C 52 0.96 28.55 28.57
N LEU C 53 1.83 29.04 29.43
CA LEU C 53 2.30 30.42 29.34
C LEU C 53 3.33 30.51 28.23
N PRO C 54 3.14 31.36 27.22
CA PRO C 54 4.10 31.44 26.11
C PRO C 54 5.43 32.04 26.55
N PHE C 55 6.48 31.67 25.81
CA PHE C 55 7.82 32.12 26.16
C PHE C 55 7.99 33.58 25.76
N PHE C 56 8.76 34.32 26.59
CA PHE C 56 9.03 35.75 26.42
C PHE C 56 7.75 36.57 26.35
N SER C 57 6.77 36.18 27.16
CA SER C 57 5.48 36.84 27.19
C SER C 57 5.56 38.12 28.03
N ASN C 58 4.56 38.96 27.87
CA ASN C 58 4.50 40.28 28.52
C ASN C 58 3.67 40.13 29.79
N VAL C 59 4.34 39.80 30.90
CA VAL C 59 3.66 39.64 32.17
C VAL C 59 3.57 41.00 32.83
N THR C 60 2.66 41.13 33.80
CA THR C 60 2.47 42.40 34.49
C THR C 60 2.84 42.24 35.96
N TRP C 61 3.34 43.33 36.53
CA TRP C 61 3.90 43.37 37.87
C TRP C 61 3.09 44.35 38.69
N PHE C 62 2.57 43.90 39.82
CA PHE C 62 1.72 44.72 40.68
C PHE C 62 2.42 44.99 41.99
N HIS C 63 2.53 46.26 42.36
CA HIS C 63 2.94 46.68 43.69
C HIS C 63 1.69 47.22 44.38
N ALA C 64 1.20 46.50 45.37
CA ALA C 64 -0.11 46.77 45.99
C ALA C 64 0.10 47.53 47.29
N ILE C 65 -0.19 48.82 47.27
CA ILE C 65 -0.30 49.63 48.47
C ILE C 65 -1.74 50.05 48.72
N HIS C 66 -2.49 50.33 47.65
CA HIS C 66 -3.91 50.64 47.73
C HIS C 66 -4.72 49.40 48.09
N ASN C 78 -8.50 49.23 43.23
CA ASN C 78 -8.12 47.82 43.22
C ASN C 78 -9.23 46.95 42.63
N PRO C 79 -9.34 46.91 41.30
CA PRO C 79 -10.37 46.08 40.66
C PRO C 79 -9.91 44.64 40.55
N ALA C 80 -10.85 43.78 40.14
CA ALA C 80 -10.57 42.37 39.99
C ALA C 80 -9.95 42.10 38.63
N LEU C 81 -9.00 41.17 38.59
CA LEU C 81 -8.29 40.81 37.37
C LEU C 81 -9.15 39.86 36.53
N PRO C 82 -8.97 39.88 35.20
CA PRO C 82 -9.61 38.85 34.38
C PRO C 82 -8.95 37.49 34.58
N PHE C 83 -9.75 36.44 34.46
CA PHE C 83 -9.27 35.05 34.49
C PHE C 83 -9.41 34.52 33.07
N ASN C 84 -8.39 34.77 32.27
CA ASN C 84 -8.45 34.51 30.83
C ASN C 84 -7.74 33.19 30.53
N ASP C 85 -8.50 32.10 30.59
CA ASP C 85 -8.06 30.74 30.24
C ASP C 85 -6.90 30.25 31.10
N GLY C 86 -6.89 30.63 32.36
CA GLY C 86 -5.82 30.21 33.25
C GLY C 86 -4.87 31.34 33.58
N VAL C 87 -4.26 31.27 34.75
CA VAL C 87 -3.45 32.37 35.29
C VAL C 87 -2.14 31.81 35.82
N TYR C 88 -1.02 32.41 35.41
CA TYR C 88 0.27 32.19 36.03
C TYR C 88 0.51 33.28 37.07
N PHE C 89 0.87 32.88 38.28
CA PHE C 89 1.07 33.78 39.41
C PHE C 89 2.47 33.58 39.97
N ALA C 90 3.13 34.67 40.33
CA ALA C 90 4.48 34.56 40.89
C ALA C 90 4.64 35.56 42.02
N SER C 91 5.30 35.14 43.10
CA SER C 91 5.59 36.03 44.22
C SER C 91 6.98 35.74 44.74
N THR C 92 7.79 36.79 44.90
CA THR C 92 9.18 36.64 45.33
C THR C 92 9.38 37.02 46.79
N GLU C 93 8.31 37.20 47.55
CA GLU C 93 8.43 37.65 48.93
C GLU C 93 8.50 36.44 49.87
N LYS C 94 8.55 36.74 51.17
CA LYS C 94 8.63 35.69 52.19
C LYS C 94 7.52 35.85 53.22
N SER C 95 7.59 35.06 54.28
CA SER C 95 6.70 35.08 55.47
C SER C 95 5.27 34.76 55.02
N ASN C 96 4.28 35.33 55.71
CA ASN C 96 2.88 35.06 55.46
C ASN C 96 2.15 36.31 54.98
N ILE C 97 2.86 37.21 54.30
CA ILE C 97 2.25 38.46 53.82
C ILE C 97 1.36 38.24 52.61
N ILE C 98 1.45 37.08 51.96
CA ILE C 98 0.61 36.75 50.82
C ILE C 98 -0.10 35.42 51.11
N ARG C 99 -1.41 35.39 50.87
CA ARG C 99 -2.24 34.22 51.11
C ARG C 99 -3.56 34.42 50.39
N GLY C 100 -4.16 33.31 49.98
CA GLY C 100 -5.54 33.30 49.54
C GLY C 100 -5.75 33.85 48.14
N TRP C 101 -6.85 33.41 47.53
CA TRP C 101 -7.26 33.85 46.21
C TRP C 101 -8.78 33.78 46.13
N ILE C 102 -9.34 34.60 45.23
CA ILE C 102 -10.78 34.66 44.98
C ILE C 102 -11.00 34.47 43.48
N PHE C 103 -11.88 33.54 43.12
CA PHE C 103 -12.24 33.33 41.73
C PHE C 103 -13.75 33.36 41.59
N GLY C 104 -14.24 33.89 40.47
CA GLY C 104 -15.66 33.88 40.24
C GLY C 104 -16.07 34.93 39.23
N THR C 105 -17.33 34.84 38.81
CA THR C 105 -17.86 35.74 37.80
C THR C 105 -18.16 37.12 38.37
N THR C 106 -19.10 37.19 39.31
CA THR C 106 -19.41 38.41 40.04
C THR C 106 -19.18 38.14 41.51
N LEU C 107 -18.26 38.89 42.12
CA LEU C 107 -17.73 38.55 43.45
C LEU C 107 -18.62 39.14 44.54
N ASP C 108 -19.82 38.58 44.63
CA ASP C 108 -20.83 39.00 45.59
C ASP C 108 -21.80 37.83 45.79
N SER C 109 -22.98 38.12 46.35
CA SER C 109 -24.04 37.13 46.41
C SER C 109 -24.66 36.90 45.04
N LYS C 110 -25.63 36.00 44.99
CA LYS C 110 -26.42 35.55 43.83
C LYS C 110 -25.60 34.81 42.78
N THR C 111 -24.29 34.63 42.99
CA THR C 111 -23.46 33.85 42.09
C THR C 111 -22.35 33.23 42.92
N GLN C 112 -22.25 31.91 42.89
CA GLN C 112 -21.31 31.20 43.74
C GLN C 112 -19.88 31.38 43.25
N SER C 113 -18.95 31.44 44.20
CA SER C 113 -17.56 31.79 43.91
C SER C 113 -16.63 30.89 44.69
N LEU C 114 -15.40 30.81 44.21
CA LEU C 114 -14.36 29.94 44.77
C LEU C 114 -13.41 30.78 45.62
N LEU C 115 -13.09 30.30 46.81
CA LEU C 115 -12.25 31.02 47.75
C LEU C 115 -11.21 30.10 48.35
N ILE C 116 -9.96 30.57 48.40
CA ILE C 116 -8.85 29.82 48.99
C ILE C 116 -8.20 30.69 50.04
N VAL C 117 -8.12 30.19 51.27
CA VAL C 117 -7.48 30.90 52.38
C VAL C 117 -6.42 30.00 52.99
N ASN C 118 -5.20 30.52 53.09
CA ASN C 118 -4.08 29.81 53.68
C ASN C 118 -3.72 30.39 55.04
N ASN C 119 -3.14 29.54 55.88
CA ASN C 119 -2.53 29.98 57.14
C ASN C 119 -1.35 29.05 57.43
N ALA C 120 -0.88 29.04 58.67
CA ALA C 120 0.25 28.21 59.06
C ALA C 120 -0.15 26.78 59.43
N THR C 121 -1.43 26.45 59.38
CA THR C 121 -1.90 25.13 59.78
C THR C 121 -2.55 24.35 58.65
N ASN C 122 -3.42 24.99 57.87
CA ASN C 122 -4.19 24.29 56.85
C ASN C 122 -4.43 25.22 55.66
N VAL C 123 -5.20 24.73 54.70
CA VAL C 123 -5.76 25.56 53.63
C VAL C 123 -7.25 25.22 53.53
N VAL C 124 -8.07 26.26 53.39
CA VAL C 124 -9.52 26.13 53.35
C VAL C 124 -10.00 26.60 51.99
N ILE C 125 -10.73 25.74 51.28
CA ILE C 125 -11.23 25.99 49.94
C ILE C 125 -12.75 25.87 50.00
N LYS C 126 -13.44 26.91 49.53
CA LYS C 126 -14.89 26.98 49.71
C LYS C 126 -15.56 27.48 48.44
N VAL C 127 -16.64 26.80 48.03
CA VAL C 127 -17.48 27.24 46.93
C VAL C 127 -18.89 27.38 47.48
N CYS C 128 -19.29 28.62 47.80
CA CYS C 128 -20.56 28.91 48.46
C CYS C 128 -21.09 30.27 47.97
N GLU C 129 -22.28 30.63 48.43
CA GLU C 129 -22.95 31.88 48.06
C GLU C 129 -22.66 33.00 49.06
N PHE C 130 -21.38 33.29 49.25
CA PHE C 130 -20.97 34.39 50.11
C PHE C 130 -20.67 35.66 49.33
N GLN C 131 -20.76 36.79 50.04
CA GLN C 131 -20.64 38.12 49.47
C GLN C 131 -19.35 38.77 49.95
N PHE C 132 -18.80 39.67 49.14
CA PHE C 132 -17.53 40.33 49.41
C PHE C 132 -17.74 41.82 49.64
N CYS C 133 -16.65 42.49 49.99
CA CYS C 133 -16.60 43.93 50.08
C CYS C 133 -16.01 44.49 48.78
N ASN C 134 -15.71 45.79 48.76
CA ASN C 134 -15.08 46.38 47.58
C ASN C 134 -13.62 45.94 47.45
N ASP C 135 -12.88 45.94 48.57
CA ASP C 135 -11.50 45.45 48.61
C ASP C 135 -11.41 44.36 49.67
N PRO C 136 -11.52 43.09 49.30
CA PRO C 136 -11.32 42.01 50.26
C PRO C 136 -9.90 41.99 50.82
N PHE C 137 -9.81 41.79 52.14
CA PHE C 137 -8.54 41.60 52.83
C PHE C 137 -8.82 40.87 54.14
N LEU C 138 -7.81 40.19 54.65
CA LEU C 138 -7.95 39.36 55.85
C LEU C 138 -7.33 40.07 57.04
N ASP C 139 -8.09 40.16 58.13
CA ASP C 139 -7.63 40.84 59.34
C ASP C 139 -7.10 39.80 60.31
N VAL C 140 -5.97 40.11 60.94
CA VAL C 140 -5.27 39.17 61.80
C VAL C 140 -5.87 39.21 63.21
N TYR C 141 -5.84 40.37 63.85
CA TYR C 141 -6.34 40.50 65.20
C TYR C 141 -7.77 41.04 65.22
N ALA C 159 -23.43 30.02 53.93
CA ALA C 159 -24.03 31.32 53.62
C ALA C 159 -25.50 31.17 53.28
N ASN C 160 -25.80 30.99 51.98
CA ASN C 160 -27.17 30.76 51.54
C ASN C 160 -27.34 29.42 50.85
N ASN C 161 -26.46 29.08 49.91
CA ASN C 161 -26.50 27.83 49.15
C ASN C 161 -25.11 27.20 49.15
N CYS C 162 -24.55 27.05 50.35
CA CYS C 162 -23.15 26.65 50.52
C CYS C 162 -22.93 25.20 50.08
N THR C 163 -22.02 25.00 49.12
CA THR C 163 -21.92 23.72 48.42
C THR C 163 -20.63 22.95 48.71
N PHE C 164 -19.47 23.52 48.44
CA PHE C 164 -18.22 22.75 48.43
C PHE C 164 -17.28 23.23 49.52
N GLU C 165 -16.72 22.29 50.28
CA GLU C 165 -15.81 22.55 51.37
C GLU C 165 -14.61 21.62 51.26
N TYR C 166 -13.41 22.16 51.48
CA TYR C 166 -12.18 21.39 51.37
C TYR C 166 -11.16 21.93 52.37
N VAL C 167 -10.52 21.03 53.12
CA VAL C 167 -9.49 21.40 54.08
C VAL C 167 -8.26 20.52 53.82
N SER C 168 -7.10 21.14 53.65
CA SER C 168 -5.90 20.38 53.31
C SER C 168 -4.68 20.98 54.00
N GLN C 169 -3.51 20.44 53.64
CA GLN C 169 -2.24 20.95 54.11
C GLN C 169 -1.89 22.27 53.40
N PRO C 170 -1.21 23.20 54.09
CA PRO C 170 -0.95 24.52 53.50
C PRO C 170 -0.02 24.47 52.30
N PHE C 171 -0.23 25.41 51.37
CA PHE C 171 0.51 25.41 50.12
C PHE C 171 1.95 25.88 50.31
N LEU C 172 2.15 26.88 51.17
CA LEU C 172 3.46 27.48 51.37
C LEU C 172 4.22 26.75 52.48
N MET C 173 5.39 27.28 52.82
CA MET C 173 6.20 26.68 53.89
C MET C 173 5.93 27.36 55.23
N LYS C 183 14.57 35.80 48.67
CA LYS C 183 15.41 34.68 48.27
C LYS C 183 14.57 33.43 48.00
N ASN C 184 13.26 33.61 47.91
CA ASN C 184 12.35 32.49 47.72
C ASN C 184 11.28 32.93 46.74
N LEU C 185 11.17 32.23 45.62
CA LEU C 185 10.20 32.53 44.57
C LEU C 185 9.17 31.42 44.51
N ARG C 186 7.89 31.80 44.61
CA ARG C 186 6.79 30.85 44.58
C ARG C 186 5.98 31.08 43.31
N GLU C 187 5.78 30.02 42.53
CA GLU C 187 5.08 30.09 41.26
C GLU C 187 3.87 29.18 41.27
N PHE C 188 2.77 29.66 40.70
CA PHE C 188 1.51 28.96 40.66
C PHE C 188 0.91 29.06 39.26
N VAL C 189 0.16 28.02 38.88
CA VAL C 189 -0.61 28.01 37.64
C VAL C 189 -2.00 27.50 37.98
N PHE C 190 -3.02 28.28 37.61
CA PHE C 190 -4.41 27.93 37.86
C PHE C 190 -5.13 27.70 36.53
N LYS C 191 -5.82 26.57 36.42
CA LYS C 191 -6.63 26.26 35.24
C LYS C 191 -8.02 25.83 35.67
N ASN C 192 -9.00 26.10 34.80
CA ASN C 192 -10.40 25.72 35.02
C ASN C 192 -10.91 25.05 33.75
N ILE C 193 -10.83 23.72 33.72
CA ILE C 193 -11.15 22.94 32.52
C ILE C 193 -12.17 21.87 32.89
N ASP C 194 -13.30 21.85 32.18
CA ASP C 194 -14.35 20.83 32.27
C ASP C 194 -14.92 20.69 33.68
N GLY C 195 -15.08 21.82 34.36
CA GLY C 195 -15.55 21.79 35.72
C GLY C 195 -14.53 21.34 36.73
N TYR C 196 -13.24 21.37 36.38
CA TYR C 196 -12.16 20.98 37.26
C TYR C 196 -11.18 22.13 37.42
N PHE C 197 -10.86 22.46 38.67
CA PHE C 197 -9.87 23.48 38.97
C PHE C 197 -8.55 22.79 39.30
N LYS C 198 -7.54 23.05 38.49
CA LYS C 198 -6.23 22.43 38.63
C LYS C 198 -5.21 23.47 39.07
N ILE C 199 -4.39 23.11 40.05
CA ILE C 199 -3.39 24.00 40.63
C ILE C 199 -2.02 23.35 40.53
N TYR C 200 -1.07 24.07 39.93
CA TYR C 200 0.32 23.65 39.85
C TYR C 200 1.18 24.65 40.61
N SER C 201 2.24 24.18 41.25
CA SER C 201 3.04 25.07 42.07
C SER C 201 4.50 24.63 42.09
N LYS C 202 5.38 25.58 42.38
CA LYS C 202 6.81 25.31 42.51
C LYS C 202 7.45 26.35 43.42
N HIS C 203 8.43 25.91 44.21
CA HIS C 203 9.27 26.78 45.03
C HIS C 203 10.68 26.75 44.47
N THR C 204 11.23 27.92 44.16
CA THR C 204 12.56 27.99 43.57
C THR C 204 13.35 29.11 44.24
N PRO C 205 14.57 28.83 44.69
CA PRO C 205 15.41 29.91 45.23
C PRO C 205 15.85 30.88 44.15
N ILE C 206 16.05 32.13 44.55
CA ILE C 206 16.38 33.22 43.64
C ILE C 206 17.61 33.95 44.17
N ASN C 207 18.26 34.69 43.28
CA ASN C 207 19.44 35.47 43.63
C ASN C 207 19.13 36.94 43.86
N LEU C 208 18.56 37.61 42.85
CA LEU C 208 18.23 39.02 42.93
C LEU C 208 16.72 39.19 42.75
N GLU C 209 16.12 40.00 43.61
CA GLU C 209 14.66 40.20 43.60
C GLU C 209 14.30 41.47 42.82
N ARG C 210 14.71 41.48 41.55
CA ARG C 210 14.41 42.59 40.64
C ARG C 210 13.67 42.15 39.39
N ASP C 211 14.02 40.98 38.84
CA ASP C 211 13.38 40.47 37.62
C ASP C 211 13.18 38.98 37.77
N LEU C 212 12.44 38.41 36.83
CA LEU C 212 12.27 36.96 36.78
C LEU C 212 13.57 36.30 36.29
N PRO C 213 13.93 35.15 36.85
CA PRO C 213 15.25 34.57 36.55
C PRO C 213 15.35 33.95 35.16
N GLN C 214 16.58 33.69 34.76
CA GLN C 214 16.88 32.94 33.54
C GLN C 214 17.03 31.47 33.92
N GLY C 215 16.27 30.61 33.26
CA GLY C 215 16.37 29.19 33.57
C GLY C 215 15.07 28.43 33.48
N PHE C 216 15.12 27.13 33.76
CA PHE C 216 13.97 26.25 33.70
C PHE C 216 13.71 25.61 35.05
N SER C 217 12.45 25.65 35.49
CA SER C 217 12.04 24.95 36.70
C SER C 217 10.58 24.56 36.52
N ALA C 218 10.32 23.27 36.35
CA ALA C 218 8.98 22.81 36.04
C ALA C 218 8.09 22.80 37.28
N LEU C 219 6.79 22.93 37.06
CA LEU C 219 5.81 23.08 38.12
C LEU C 219 5.05 21.77 38.33
N GLU C 220 5.00 21.31 39.58
CA GLU C 220 4.39 20.04 39.95
C GLU C 220 2.95 20.25 40.42
N PRO C 221 2.05 19.31 40.13
CA PRO C 221 0.63 19.51 40.48
C PRO C 221 0.38 19.45 41.99
N LEU C 222 -0.66 20.17 42.42
CA LEU C 222 -1.09 20.12 43.81
C LEU C 222 -2.49 19.53 43.96
N VAL C 223 -3.51 20.14 43.35
CA VAL C 223 -4.89 19.67 43.47
C VAL C 223 -5.58 19.72 42.11
N ASP C 224 -6.62 18.90 42.00
CA ASP C 224 -7.43 18.68 40.80
C ASP C 224 -8.91 18.70 41.16
N LEU C 225 -9.33 19.76 41.85
CA LEU C 225 -10.62 19.77 42.56
C LEU C 225 -11.81 19.83 41.60
N PRO C 226 -12.91 19.14 41.94
CA PRO C 226 -14.17 19.23 41.14
C PRO C 226 -15.08 20.39 41.57
N ILE C 227 -14.72 21.58 41.10
CA ILE C 227 -15.42 22.79 41.51
C ILE C 227 -16.69 23.00 40.69
N GLY C 228 -16.57 22.99 39.37
CA GLY C 228 -17.70 23.08 38.47
C GLY C 228 -18.46 24.40 38.48
N ILE C 229 -17.74 25.53 38.46
CA ILE C 229 -18.39 26.84 38.37
C ILE C 229 -17.85 27.62 37.18
N ASN C 230 -18.36 28.84 37.00
CA ASN C 230 -17.92 29.75 35.95
C ASN C 230 -16.97 30.77 36.56
N ILE C 231 -15.73 30.80 36.09
CA ILE C 231 -14.71 31.70 36.59
C ILE C 231 -14.31 32.64 35.47
N THR C 232 -14.65 33.92 35.61
CA THR C 232 -14.21 34.96 34.70
C THR C 232 -13.41 36.05 35.38
N ARG C 233 -13.37 36.10 36.71
CA ARG C 233 -12.71 37.16 37.46
C ARG C 233 -11.86 36.57 38.56
N PHE C 234 -10.78 37.28 38.89
CA PHE C 234 -9.71 36.81 39.76
C PHE C 234 -9.27 37.95 40.67
N GLN C 235 -9.06 37.63 41.94
CA GLN C 235 -8.65 38.62 42.94
C GLN C 235 -7.67 37.96 43.92
N THR C 236 -6.78 38.78 44.48
CA THR C 236 -5.74 38.31 45.39
C THR C 236 -5.98 38.89 46.77
N LEU C 237 -6.00 38.02 47.77
CA LEU C 237 -6.15 38.45 49.16
C LEU C 237 -4.84 38.92 49.75
N LEU C 238 -4.90 39.92 50.61
CA LEU C 238 -3.75 40.44 51.32
C LEU C 238 -4.01 40.37 52.83
N ALA C 239 -2.96 40.14 53.59
CA ALA C 239 -3.04 40.10 55.05
C ALA C 239 -2.54 41.41 55.62
N LEU C 240 -3.40 42.07 56.39
CA LEU C 240 -3.08 43.35 57.00
C LEU C 240 -3.12 43.22 58.52
N HIS C 241 -2.30 44.01 59.20
CA HIS C 241 -2.24 43.99 60.66
C HIS C 241 -2.94 45.20 61.26
N ALA C 258 2.96 46.19 51.85
CA ALA C 258 3.66 46.26 50.57
C ALA C 258 3.92 44.86 50.02
N ALA C 259 3.22 44.51 48.94
CA ALA C 259 3.35 43.21 48.30
C ALA C 259 3.45 43.40 46.79
N ALA C 260 4.38 42.69 46.17
CA ALA C 260 4.58 42.73 44.73
C ALA C 260 4.40 41.33 44.16
N TYR C 261 3.66 41.24 43.06
CA TYR C 261 3.42 39.94 42.44
C TYR C 261 3.29 40.07 40.93
N TYR C 262 3.66 39.00 40.23
CA TYR C 262 3.63 38.93 38.78
C TYR C 262 2.44 38.08 38.33
N VAL C 263 1.74 38.56 37.30
CA VAL C 263 0.57 37.88 36.74
C VAL C 263 0.75 37.75 35.23
N GLY C 264 0.58 36.53 34.73
CA GLY C 264 0.55 36.29 33.30
C GLY C 264 -0.62 35.38 32.96
N TYR C 265 -0.89 35.25 31.66
CA TYR C 265 -2.06 34.53 31.19
C TYR C 265 -1.66 33.37 30.28
N LEU C 266 -2.33 32.24 30.46
CA LEU C 266 -2.05 31.03 29.68
C LEU C 266 -2.74 31.11 28.31
N GLN C 267 -2.38 30.18 27.44
CA GLN C 267 -2.81 30.21 26.06
C GLN C 267 -2.70 28.80 25.49
N PRO C 268 -3.64 28.35 24.65
CA PRO C 268 -3.58 26.97 24.14
C PRO C 268 -2.50 26.73 23.09
N ARG C 269 -1.30 26.39 23.54
CA ARG C 269 -0.15 26.23 22.65
C ARG C 269 0.44 24.83 22.75
N THR C 270 1.38 24.57 21.84
CA THR C 270 2.04 23.28 21.69
C THR C 270 3.51 23.42 22.10
N PHE C 271 3.97 22.52 22.97
CA PHE C 271 5.32 22.54 23.52
C PHE C 271 6.05 21.26 23.17
N LEU C 272 7.37 21.37 23.04
CA LEU C 272 8.27 20.21 22.95
C LEU C 272 9.14 20.23 24.20
N LEU C 273 8.98 19.19 25.02
CA LEU C 273 9.65 19.07 26.31
C LEU C 273 10.75 18.03 26.25
N LYS C 274 11.82 18.25 27.00
CA LYS C 274 12.94 17.32 27.06
C LYS C 274 13.01 16.72 28.45
N TYR C 275 12.93 15.39 28.54
CA TYR C 275 13.11 14.67 29.79
C TYR C 275 14.50 14.07 29.80
N ASN C 276 15.28 14.37 30.84
CA ASN C 276 16.64 13.87 30.96
C ASN C 276 16.63 12.48 31.58
N GLU C 277 17.80 11.99 31.97
CA GLU C 277 17.92 10.62 32.49
C GLU C 277 17.35 10.48 33.89
N ASN C 278 17.09 11.57 34.60
CA ASN C 278 16.47 11.52 35.91
C ASN C 278 14.97 11.75 35.87
N GLY C 279 14.39 11.91 34.69
CA GLY C 279 12.95 12.05 34.55
C GLY C 279 12.43 13.46 34.73
N THR C 280 13.29 14.47 34.79
CA THR C 280 12.87 15.85 34.99
C THR C 280 12.90 16.63 33.69
N ILE C 281 12.05 17.65 33.61
CA ILE C 281 12.00 18.51 32.44
C ILE C 281 13.09 19.56 32.59
N THR C 282 14.07 19.53 31.69
CA THR C 282 15.19 20.46 31.74
C THR C 282 15.18 21.50 30.63
N ASP C 283 14.46 21.27 29.53
CA ASP C 283 14.44 22.23 28.44
C ASP C 283 13.13 22.09 27.68
N ALA C 284 12.69 23.20 27.08
CA ALA C 284 11.43 23.22 26.35
C ALA C 284 11.52 24.21 25.20
N VAL C 285 10.76 23.94 24.15
CA VAL C 285 10.71 24.77 22.94
C VAL C 285 9.24 24.98 22.55
N ASP C 286 8.87 26.22 22.27
CA ASP C 286 7.56 26.51 21.70
C ASP C 286 7.44 25.96 20.29
N CYS C 287 6.21 25.77 19.84
CA CYS C 287 5.98 25.48 18.44
C CYS C 287 5.37 26.64 17.70
N ALA C 288 5.24 27.81 18.34
CA ALA C 288 4.62 28.96 17.70
C ALA C 288 5.27 30.29 18.04
N LEU C 289 6.50 30.27 18.57
CA LEU C 289 7.14 31.52 18.98
C LEU C 289 7.78 32.24 17.80
N ASP C 290 8.73 31.59 17.14
CA ASP C 290 9.44 32.10 15.98
C ASP C 290 9.61 30.93 15.02
N PRO C 291 9.93 31.20 13.73
CA PRO C 291 10.09 30.08 12.78
C PRO C 291 11.18 29.06 13.11
N LEU C 292 12.21 29.45 13.85
CA LEU C 292 13.25 28.50 14.24
C LEU C 292 12.71 27.46 15.22
N SER C 293 11.87 27.89 16.17
CA SER C 293 11.25 26.94 17.09
C SER C 293 10.22 26.06 16.40
N GLU C 294 9.57 26.58 15.36
CA GLU C 294 8.68 25.76 14.55
C GLU C 294 9.45 24.69 13.78
N THR C 295 10.64 25.04 13.28
CA THR C 295 11.52 24.06 12.64
C THR C 295 11.98 22.99 13.64
N LYS C 296 12.31 23.42 14.86
CA LYS C 296 12.71 22.46 15.91
C LYS C 296 11.56 21.54 16.29
N CYS C 297 10.33 22.06 16.31
CA CYS C 297 9.17 21.23 16.60
C CYS C 297 8.89 20.24 15.48
N THR C 298 8.95 20.69 14.23
CA THR C 298 8.63 19.80 13.11
C THR C 298 9.77 18.83 12.80
N LEU C 299 10.98 19.09 13.30
CA LEU C 299 12.06 18.12 13.19
C LEU C 299 12.15 17.20 14.41
N LYS C 300 11.41 17.53 15.49
CA LYS C 300 11.42 16.82 16.77
C LYS C 300 12.82 16.72 17.37
N SER C 301 13.55 17.84 17.33
CA SER C 301 14.88 17.91 17.90
C SER C 301 15.12 19.31 18.45
N PHE C 302 16.33 19.53 18.99
CA PHE C 302 16.71 20.83 19.52
C PHE C 302 17.84 21.49 18.77
N THR C 303 18.60 20.75 17.96
CA THR C 303 19.65 21.31 17.13
C THR C 303 19.37 20.95 15.68
N VAL C 304 19.30 21.96 14.82
CA VAL C 304 19.03 21.74 13.41
C VAL C 304 20.31 22.01 12.63
N GLU C 305 20.38 21.42 11.44
CA GLU C 305 21.54 21.55 10.58
C GLU C 305 21.29 22.62 9.53
N LYS C 306 22.30 22.84 8.69
CA LYS C 306 22.17 23.82 7.62
C LYS C 306 21.28 23.27 6.51
N GLY C 307 20.34 24.08 6.05
CA GLY C 307 19.48 23.66 4.96
C GLY C 307 18.18 24.44 4.96
N ILE C 308 17.26 23.97 4.13
CA ILE C 308 15.92 24.53 4.01
C ILE C 308 14.91 23.44 4.39
N TYR C 309 13.98 23.80 5.27
CA TYR C 309 13.01 22.85 5.82
C TYR C 309 11.60 23.36 5.58
N GLN C 310 10.74 22.50 5.05
CA GLN C 310 9.33 22.83 4.90
C GLN C 310 8.65 22.62 6.24
N THR C 311 8.21 23.71 6.86
CA THR C 311 7.72 23.64 8.23
C THR C 311 6.21 23.43 8.30
N SER C 312 5.44 24.36 7.73
CA SER C 312 3.99 24.32 7.86
C SER C 312 3.36 25.11 6.72
N ASN C 313 2.07 25.41 6.86
CA ASN C 313 1.31 26.13 5.86
C ASN C 313 0.61 27.31 6.51
N PHE C 314 0.58 28.43 5.81
CA PHE C 314 -0.14 29.61 6.28
C PHE C 314 -1.50 29.67 5.60
N ARG C 315 -2.51 30.09 6.37
CA ARG C 315 -3.88 30.23 5.93
C ARG C 315 -4.43 31.54 6.48
N VAL C 316 -5.40 32.12 5.77
CA VAL C 316 -6.06 33.34 6.21
C VAL C 316 -7.33 32.95 6.94
N GLN C 317 -7.44 33.34 8.21
CA GLN C 317 -8.58 32.99 9.04
C GLN C 317 -9.77 33.91 8.74
N PRO C 318 -10.99 33.38 8.81
CA PRO C 318 -12.17 34.22 8.56
C PRO C 318 -12.41 35.23 9.67
N THR C 319 -12.95 36.38 9.28
CA THR C 319 -13.18 37.47 10.20
C THR C 319 -14.64 37.60 10.62
N GLU C 320 -15.58 37.24 9.75
CA GLU C 320 -17.01 37.40 10.06
C GLU C 320 -17.74 36.07 9.88
N SER C 321 -19.08 36.13 9.92
CA SER C 321 -19.91 34.96 9.72
C SER C 321 -21.19 35.39 9.01
N ILE C 322 -21.63 34.58 8.05
CA ILE C 322 -22.81 34.86 7.23
C ILE C 322 -23.78 33.70 7.37
N VAL C 323 -25.04 34.03 7.67
CA VAL C 323 -26.14 33.07 7.60
C VAL C 323 -27.15 33.60 6.59
N ARG C 324 -27.49 32.78 5.60
CA ARG C 324 -28.45 33.17 4.56
C ARG C 324 -29.53 32.11 4.48
N PHE C 325 -30.74 32.48 4.89
CA PHE C 325 -31.94 31.66 4.84
C PHE C 325 -33.02 32.45 4.11
N PRO C 326 -33.95 31.78 3.42
CA PRO C 326 -35.00 32.52 2.72
C PRO C 326 -36.00 33.14 3.68
N ASN C 327 -36.59 34.25 3.25
CA ASN C 327 -37.50 35.02 4.09
C ASN C 327 -38.90 34.40 4.07
N ILE C 328 -39.16 33.55 5.05
CA ILE C 328 -40.47 32.93 5.25
C ILE C 328 -40.93 33.24 6.66
N THR C 329 -42.23 33.51 6.81
CA THR C 329 -42.78 33.98 8.07
C THR C 329 -43.81 33.05 8.69
N ASN C 330 -44.34 32.09 7.93
CA ASN C 330 -45.35 31.19 8.44
C ASN C 330 -44.73 30.15 9.38
N LEU C 331 -45.58 29.47 10.12
CA LEU C 331 -45.20 28.38 11.00
C LEU C 331 -45.75 27.07 10.47
N CYS C 332 -44.96 26.01 10.53
CA CYS C 332 -45.38 24.74 9.98
C CYS C 332 -46.41 24.08 10.89
N PRO C 333 -47.51 23.57 10.35
CA PRO C 333 -48.59 23.00 11.19
C PRO C 333 -48.30 21.58 11.65
N PHE C 334 -47.28 21.44 12.50
CA PHE C 334 -47.02 20.16 13.16
C PHE C 334 -48.02 19.88 14.27
N HIS C 335 -48.75 20.89 14.72
CA HIS C 335 -49.65 20.71 15.86
C HIS C 335 -50.91 19.96 15.45
N GLU C 336 -51.40 20.20 14.23
CA GLU C 336 -52.60 19.53 13.75
C GLU C 336 -52.33 18.16 13.15
N VAL C 337 -51.07 17.82 12.90
CA VAL C 337 -50.73 16.50 12.39
C VAL C 337 -50.68 15.48 13.53
N PHE C 338 -50.03 15.85 14.63
CA PHE C 338 -49.81 14.90 15.73
C PHE C 338 -51.05 14.66 16.57
N ASN C 339 -52.03 15.57 16.55
CA ASN C 339 -53.30 15.34 17.21
C ASN C 339 -54.41 15.24 16.18
N ALA C 340 -55.28 14.24 16.35
CA ALA C 340 -56.52 14.14 15.61
C ALA C 340 -57.49 13.32 16.44
N THR C 341 -58.77 13.41 16.09
CA THR C 341 -59.77 12.54 16.72
C THR C 341 -59.52 11.08 16.33
N THR C 342 -59.35 10.83 15.03
CA THR C 342 -58.93 9.53 14.53
C THR C 342 -57.85 9.75 13.48
N PHE C 343 -56.84 8.88 13.47
CA PHE C 343 -55.95 8.79 12.33
C PHE C 343 -56.55 7.89 11.25
N ALA C 344 -55.77 7.63 10.22
CA ALA C 344 -56.22 6.78 9.13
C ALA C 344 -55.78 5.34 9.36
N SER C 345 -56.36 4.44 8.58
CA SER C 345 -55.97 3.04 8.62
C SER C 345 -54.64 2.86 7.89
N VAL C 346 -54.07 1.66 8.02
CA VAL C 346 -52.72 1.41 7.51
C VAL C 346 -52.73 1.30 5.99
N TYR C 347 -53.73 0.59 5.45
CA TYR C 347 -53.85 0.43 4.01
C TYR C 347 -54.24 1.74 3.31
N ALA C 348 -54.84 2.67 4.04
CA ALA C 348 -55.28 3.95 3.49
C ALA C 348 -54.65 5.09 4.28
N TRP C 349 -53.34 5.01 4.46
CA TRP C 349 -52.60 6.02 5.21
C TRP C 349 -52.61 7.35 4.47
N ASN C 350 -52.73 8.44 5.23
CA ASN C 350 -52.77 9.76 4.63
C ASN C 350 -51.45 10.51 4.80
N ARG C 351 -51.13 11.30 3.77
CA ARG C 351 -49.89 12.04 3.68
C ARG C 351 -50.19 13.53 3.60
N LYS C 352 -49.54 14.30 4.45
CA LYS C 352 -49.72 15.74 4.52
C LYS C 352 -48.45 16.41 4.04
N ARG C 353 -48.60 17.37 3.12
CA ARG C 353 -47.47 18.14 2.60
C ARG C 353 -47.25 19.37 3.46
N ILE C 354 -45.99 19.62 3.81
CA ILE C 354 -45.58 20.76 4.61
C ILE C 354 -44.53 21.51 3.82
N SER C 355 -44.78 22.79 3.56
CA SER C 355 -43.91 23.63 2.75
C SER C 355 -44.15 25.09 3.10
N ASN C 356 -43.17 25.92 2.76
CA ASN C 356 -43.22 27.39 2.85
C ASN C 356 -43.50 27.88 4.27
N CYS C 357 -42.82 27.29 5.24
CA CYS C 357 -43.01 27.67 6.63
C CYS C 357 -41.74 27.40 7.42
N VAL C 358 -41.64 28.07 8.57
CA VAL C 358 -40.55 27.85 9.51
C VAL C 358 -40.91 26.68 10.41
N ALA C 359 -40.08 25.64 10.40
CA ALA C 359 -40.34 24.44 11.17
C ALA C 359 -39.47 24.45 12.43
N ASP C 360 -40.12 24.46 13.58
CA ASP C 360 -39.45 24.27 14.87
C ASP C 360 -39.72 22.84 15.31
N TYR C 361 -38.67 22.02 15.34
CA TYR C 361 -38.80 20.61 15.65
C TYR C 361 -38.72 20.31 17.14
N SER C 362 -38.48 21.33 17.97
CA SER C 362 -38.42 21.12 19.40
C SER C 362 -39.80 21.15 20.07
N VAL C 363 -40.84 21.60 19.35
CA VAL C 363 -42.19 21.60 19.89
C VAL C 363 -42.93 20.32 19.58
N ILE C 364 -42.31 19.39 18.84
CA ILE C 364 -42.91 18.10 18.55
C ILE C 364 -43.00 17.25 19.81
N TYR C 365 -42.02 17.38 20.71
CA TYR C 365 -41.99 16.61 21.95
C TYR C 365 -43.15 16.96 22.89
N ASN C 366 -43.65 18.20 22.82
CA ASN C 366 -44.78 18.61 23.63
C ASN C 366 -46.12 18.14 23.09
N PHE C 367 -46.15 17.57 21.87
CA PHE C 367 -47.40 17.24 21.22
C PHE C 367 -47.81 15.78 21.41
N ALA C 368 -46.87 14.91 21.77
CA ALA C 368 -47.16 13.49 21.94
C ALA C 368 -46.16 12.88 22.90
N PRO C 369 -46.54 11.92 23.74
CA PRO C 369 -45.58 11.25 24.66
C PRO C 369 -44.84 10.05 24.06
N PHE C 370 -43.77 10.32 23.33
CA PHE C 370 -42.99 9.28 22.67
C PHE C 370 -41.57 9.23 23.21
N PHE C 371 -40.97 8.04 23.11
CA PHE C 371 -39.53 7.86 23.30
C PHE C 371 -38.79 7.80 21.96
N ALA C 372 -39.24 6.93 21.06
CA ALA C 372 -38.48 6.58 19.86
C ALA C 372 -38.66 7.66 18.80
N PHE C 373 -37.72 8.61 18.78
CA PHE C 373 -37.57 9.57 17.68
C PHE C 373 -36.55 8.99 16.71
N LYS C 374 -36.91 7.85 16.11
CA LYS C 374 -35.91 6.99 15.46
C LYS C 374 -35.55 7.55 14.10
N CYS C 375 -34.27 7.91 13.91
CA CYS C 375 -33.85 8.54 12.68
C CYS C 375 -32.61 7.89 12.07
N TYR C 376 -32.55 7.99 10.73
CA TYR C 376 -31.63 7.20 9.92
C TYR C 376 -30.59 8.05 9.20
N GLY C 377 -30.99 9.02 8.40
CA GLY C 377 -30.06 9.82 7.63
C GLY C 377 -29.73 11.18 8.19
N VAL C 378 -30.25 11.51 9.37
CA VAL C 378 -30.08 12.83 9.97
C VAL C 378 -30.24 12.67 11.47
N SER C 379 -29.55 13.53 12.24
CA SER C 379 -29.71 13.45 13.68
C SER C 379 -30.94 14.21 14.13
N PRO C 380 -31.59 13.78 15.22
CA PRO C 380 -32.76 14.52 15.72
C PRO C 380 -32.43 15.89 16.29
N THR C 381 -31.20 16.10 16.75
CA THR C 381 -30.81 17.33 17.42
C THR C 381 -30.33 18.41 16.46
N LYS C 382 -30.19 18.10 15.17
CA LYS C 382 -29.70 19.07 14.20
C LYS C 382 -30.75 19.43 13.16
N LEU C 383 -32.02 19.16 13.44
CA LEU C 383 -33.08 19.40 12.47
C LEU C 383 -33.46 20.87 12.36
N ASN C 384 -33.02 21.72 13.29
CA ASN C 384 -33.30 23.14 13.21
C ASN C 384 -32.18 23.92 12.53
N ASP C 385 -30.99 23.34 12.43
CA ASP C 385 -29.84 24.04 11.86
C ASP C 385 -29.81 23.98 10.34
N LEU C 386 -30.62 23.11 9.73
CA LEU C 386 -30.55 22.84 8.31
C LEU C 386 -31.96 22.72 7.74
N CYS C 387 -32.05 22.87 6.42
CA CYS C 387 -33.33 23.07 5.77
C CYS C 387 -33.49 22.15 4.56
N PHE C 388 -34.74 21.92 4.20
CA PHE C 388 -35.23 20.93 3.25
C PHE C 388 -35.95 21.64 2.11
N THR C 389 -36.58 20.88 1.21
CA THR C 389 -37.46 21.51 0.25
C THR C 389 -38.92 21.11 0.40
N ASN C 390 -39.22 20.01 1.09
CA ASN C 390 -40.58 19.60 1.39
C ASN C 390 -40.53 18.64 2.56
N VAL C 391 -41.60 18.61 3.35
CA VAL C 391 -41.77 17.62 4.41
C VAL C 391 -43.08 16.89 4.17
N TYR C 392 -43.06 15.57 4.27
CA TYR C 392 -44.26 14.76 4.09
C TYR C 392 -44.52 13.97 5.35
N ALA C 393 -45.69 14.16 5.96
CA ALA C 393 -46.05 13.50 7.20
C ALA C 393 -47.06 12.40 6.91
N ASP C 394 -46.71 11.16 7.25
CA ASP C 394 -47.52 9.99 6.94
C ASP C 394 -48.12 9.46 8.23
N SER C 395 -49.45 9.38 8.30
CA SER C 395 -50.12 9.07 9.56
C SER C 395 -50.93 7.78 9.44
N PHE C 396 -50.70 6.85 10.37
CA PHE C 396 -51.45 5.60 10.45
C PHE C 396 -51.31 5.03 11.86
N VAL C 397 -52.17 4.06 12.18
CA VAL C 397 -52.21 3.43 13.50
C VAL C 397 -52.00 1.93 13.32
N ILE C 398 -50.95 1.40 13.94
CA ILE C 398 -50.57 0.00 13.74
C ILE C 398 -50.58 -0.77 15.04
N ARG C 399 -50.20 -2.05 14.96
CA ARG C 399 -49.99 -2.89 16.13
C ARG C 399 -48.58 -2.66 16.67
N GLY C 400 -48.42 -2.81 17.99
CA GLY C 400 -47.14 -2.58 18.62
C GLY C 400 -46.07 -3.60 18.27
N ASN C 401 -46.47 -4.77 17.79
CA ASN C 401 -45.51 -5.81 17.44
C ASN C 401 -44.81 -5.53 16.12
N GLU C 402 -45.39 -4.70 15.26
CA GLU C 402 -44.91 -4.49 13.91
C GLU C 402 -44.39 -3.07 13.69
N VAL C 403 -43.99 -2.39 14.76
CA VAL C 403 -43.34 -1.09 14.64
C VAL C 403 -41.94 -1.24 14.07
N SER C 404 -41.30 -2.40 14.29
CA SER C 404 -39.96 -2.65 13.78
C SER C 404 -39.92 -2.83 12.27
N GLN C 405 -41.07 -3.04 11.62
CA GLN C 405 -41.12 -3.19 10.17
C GLN C 405 -41.01 -1.85 9.44
N ILE C 406 -41.17 -0.74 10.13
CA ILE C 406 -41.05 0.59 9.52
C ILE C 406 -39.57 0.96 9.61
N ALA C 407 -38.82 0.57 8.59
CA ALA C 407 -37.38 0.83 8.48
C ALA C 407 -37.00 0.64 7.02
N PRO C 408 -35.97 1.34 6.55
CA PRO C 408 -35.45 1.06 5.20
C PRO C 408 -34.88 -0.35 5.10
N GLY C 409 -35.11 -0.98 3.96
CA GLY C 409 -34.64 -2.33 3.74
C GLY C 409 -35.29 -3.38 4.62
N GLN C 410 -36.60 -3.28 4.84
CA GLN C 410 -37.32 -4.17 5.75
C GLN C 410 -38.44 -4.86 4.98
N THR C 411 -38.71 -6.10 5.35
CA THR C 411 -39.78 -6.90 4.76
C THR C 411 -40.71 -7.40 5.86
N GLY C 412 -41.75 -8.13 5.45
CA GLY C 412 -42.73 -8.64 6.39
C GLY C 412 -44.14 -8.58 5.86
N ASN C 413 -45.07 -8.08 6.66
CA ASN C 413 -46.47 -7.93 6.27
C ASN C 413 -46.83 -6.49 5.98
N ILE C 414 -46.60 -5.58 6.94
CA ILE C 414 -46.83 -4.16 6.70
C ILE C 414 -45.79 -3.61 5.73
N ALA C 415 -44.54 -4.07 5.86
CA ALA C 415 -43.46 -3.59 5.01
C ALA C 415 -43.53 -4.11 3.58
N ASP C 416 -44.39 -5.07 3.28
CA ASP C 416 -44.49 -5.62 1.95
C ASP C 416 -45.84 -5.42 1.30
N TYR C 417 -46.90 -5.30 2.08
CA TYR C 417 -48.26 -5.29 1.57
C TYR C 417 -49.05 -4.04 1.95
N ASN C 418 -48.58 -3.25 2.92
CA ASN C 418 -49.28 -2.08 3.39
C ASN C 418 -48.50 -0.78 3.22
N TYR C 419 -47.28 -0.72 3.75
CA TYR C 419 -46.50 0.53 3.75
C TYR C 419 -45.02 0.18 3.62
N LYS C 420 -44.42 0.54 2.50
CA LYS C 420 -43.04 0.23 2.20
C LYS C 420 -42.22 1.51 2.15
N LEU C 421 -41.05 1.49 2.80
CA LEU C 421 -40.07 2.58 2.87
C LEU C 421 -38.91 2.31 1.92
N PRO C 422 -38.38 3.34 1.26
CA PRO C 422 -37.30 3.12 0.30
C PRO C 422 -35.97 2.84 0.97
N ASP C 423 -35.01 2.39 0.17
CA ASP C 423 -33.68 2.06 0.67
C ASP C 423 -32.85 3.29 0.98
N ASP C 424 -33.05 4.38 0.25
CA ASP C 424 -32.31 5.63 0.43
C ASP C 424 -33.10 6.63 1.24
N PHE C 425 -33.81 6.14 2.27
CA PHE C 425 -34.77 6.96 3.00
C PHE C 425 -34.05 7.96 3.89
N THR C 426 -34.25 9.25 3.60
CA THR C 426 -33.88 10.34 4.49
C THR C 426 -35.17 10.92 5.07
N GLY C 427 -35.24 10.99 6.39
CA GLY C 427 -36.47 11.19 7.11
C GLY C 427 -36.63 10.17 8.22
N CYS C 428 -37.59 10.44 9.10
CA CYS C 428 -37.57 9.63 10.31
C CYS C 428 -38.93 9.48 10.99
N VAL C 429 -38.97 8.54 11.94
CA VAL C 429 -40.19 7.89 12.42
C VAL C 429 -40.42 8.23 13.88
N ILE C 430 -41.67 8.56 14.22
CA ILE C 430 -42.09 8.84 15.58
C ILE C 430 -43.28 7.94 15.89
N ALA C 431 -43.12 7.03 16.86
CA ALA C 431 -44.16 6.09 17.21
C ALA C 431 -44.40 6.13 18.71
N TRP C 432 -45.67 6.21 19.12
CA TRP C 432 -46.01 6.23 20.53
C TRP C 432 -47.23 5.38 20.81
N ASN C 433 -47.31 4.88 22.03
CA ASN C 433 -48.43 4.02 22.44
C ASN C 433 -49.72 4.82 22.55
N SER C 434 -50.81 4.24 22.07
CA SER C 434 -52.10 4.91 22.03
C SER C 434 -53.20 3.97 22.52
N ASN C 435 -52.95 3.31 23.66
CA ASN C 435 -53.94 2.39 24.21
C ASN C 435 -55.13 3.11 24.83
N LYS C 436 -54.99 4.40 25.15
CA LYS C 436 -56.09 5.15 25.76
C LYS C 436 -57.16 5.49 24.73
N LEU C 437 -56.75 5.89 23.53
CA LEU C 437 -57.68 6.39 22.53
C LEU C 437 -58.05 5.37 21.46
N ASP C 438 -57.19 4.39 21.20
CA ASP C 438 -57.38 3.45 20.09
C ASP C 438 -57.65 2.03 20.59
N SER C 439 -58.46 1.91 21.64
CA SER C 439 -58.85 0.61 22.16
C SER C 439 -60.25 0.68 22.71
N LYS C 440 -60.91 -0.48 22.75
CA LYS C 440 -62.25 -0.62 23.31
C LYS C 440 -62.35 -1.97 23.98
N PRO C 441 -63.14 -2.08 25.06
CA PRO C 441 -63.33 -3.39 25.70
C PRO C 441 -64.05 -4.40 24.83
N SER C 442 -64.90 -3.95 23.92
CA SER C 442 -65.63 -4.83 23.01
C SER C 442 -64.90 -5.07 21.69
N GLY C 443 -63.72 -4.48 21.53
CA GLY C 443 -62.98 -4.61 20.28
C GLY C 443 -63.09 -3.38 19.41
N ASN C 444 -61.99 -3.02 18.74
CA ASN C 444 -61.96 -1.85 17.88
C ASN C 444 -61.87 -2.34 16.43
N TYR C 445 -62.88 -1.99 15.63
CA TYR C 445 -62.98 -2.46 14.26
C TYR C 445 -62.97 -1.32 13.25
N ASN C 446 -62.37 -0.18 13.62
CA ASN C 446 -62.24 0.94 12.70
C ASN C 446 -60.88 1.00 12.02
N TYR C 447 -60.00 0.04 12.31
CA TYR C 447 -58.67 0.01 11.70
C TYR C 447 -58.49 -1.31 10.97
N LEU C 448 -58.10 -1.23 9.70
CA LEU C 448 -58.05 -2.37 8.80
C LEU C 448 -56.64 -2.55 8.27
N TYR C 449 -56.30 -3.79 7.90
CA TYR C 449 -55.04 -4.04 7.24
C TYR C 449 -55.27 -5.11 6.19
N ARG C 450 -54.31 -5.22 5.27
CA ARG C 450 -54.42 -6.14 4.16
C ARG C 450 -53.60 -7.41 4.43
N LEU C 451 -54.22 -8.57 4.16
CA LEU C 451 -53.54 -9.84 4.41
C LEU C 451 -52.42 -10.07 3.42
N LEU C 452 -52.76 -10.15 2.13
CA LEU C 452 -51.80 -10.53 1.11
C LEU C 452 -52.25 -9.99 -0.24
N ARG C 453 -51.28 -9.93 -1.16
CA ARG C 453 -51.44 -9.34 -2.48
C ARG C 453 -50.83 -10.27 -3.53
N LYS C 454 -51.19 -10.03 -4.78
CA LYS C 454 -50.62 -10.82 -5.88
C LYS C 454 -49.14 -10.52 -6.09
N SER C 455 -48.71 -9.30 -5.76
CA SER C 455 -47.31 -8.92 -5.90
C SER C 455 -46.95 -7.99 -4.75
N LYS C 456 -45.65 -7.78 -4.58
CA LYS C 456 -45.16 -6.89 -3.53
C LYS C 456 -45.46 -5.43 -3.89
N LEU C 457 -45.41 -4.57 -2.88
CA LEU C 457 -45.84 -3.19 -2.98
C LEU C 457 -44.62 -2.28 -3.00
N LYS C 458 -44.55 -1.40 -4.01
CA LYS C 458 -43.44 -0.47 -4.19
C LYS C 458 -43.45 0.59 -3.09
N PRO C 459 -42.30 1.22 -2.80
CA PRO C 459 -42.25 2.25 -1.75
C PRO C 459 -43.14 3.45 -2.03
N PHE C 460 -43.75 3.96 -0.95
CA PHE C 460 -44.65 5.13 -0.93
C PHE C 460 -45.82 4.95 -1.89
N GLU C 461 -46.44 3.77 -1.85
CA GLU C 461 -47.56 3.44 -2.72
C GLU C 461 -48.76 3.04 -1.87
N ARG C 462 -49.95 3.47 -2.27
CA ARG C 462 -51.20 3.08 -1.63
C ARG C 462 -52.00 2.18 -2.56
N ASP C 463 -52.67 1.19 -1.98
CA ASP C 463 -53.64 0.38 -2.71
C ASP C 463 -54.85 0.20 -1.82
N ILE C 464 -55.92 0.92 -2.13
CA ILE C 464 -57.11 0.97 -1.29
C ILE C 464 -58.23 0.10 -1.83
N SER C 465 -58.07 -0.42 -3.05
CA SER C 465 -59.11 -1.20 -3.70
C SER C 465 -59.34 -2.53 -2.99
N THR C 466 -60.61 -2.90 -2.87
CA THR C 466 -61.03 -4.12 -2.18
C THR C 466 -61.60 -5.09 -3.20
N GLU C 467 -60.75 -6.00 -3.67
CA GLU C 467 -61.16 -7.07 -4.57
C GLU C 467 -60.85 -8.41 -3.92
N ILE C 468 -61.70 -9.41 -4.17
CA ILE C 468 -61.54 -10.70 -3.53
C ILE C 468 -60.36 -11.43 -4.14
N TYR C 469 -59.46 -11.91 -3.29
CA TYR C 469 -58.26 -12.59 -3.77
C TYR C 469 -58.59 -13.99 -4.28
N GLN C 470 -57.91 -14.39 -5.34
CA GLN C 470 -58.04 -15.72 -5.92
C GLN C 470 -56.67 -16.38 -5.97
N ALA C 471 -56.60 -17.62 -5.49
CA ALA C 471 -55.37 -18.41 -5.49
C ALA C 471 -55.60 -19.74 -6.18
N GLY C 472 -56.29 -19.74 -7.31
CA GLY C 472 -56.58 -20.95 -8.03
C GLY C 472 -57.06 -20.72 -9.45
N ASN C 473 -57.92 -21.60 -9.95
CA ASN C 473 -58.45 -21.49 -11.30
C ASN C 473 -59.89 -21.01 -11.35
N LYS C 474 -60.71 -21.40 -10.39
CA LYS C 474 -62.11 -20.98 -10.39
C LYS C 474 -62.21 -19.51 -9.95
N PRO C 475 -62.85 -18.65 -10.75
CA PRO C 475 -62.93 -17.24 -10.39
C PRO C 475 -63.85 -16.99 -9.20
N CYS C 476 -63.57 -15.92 -8.47
CA CYS C 476 -64.36 -15.59 -7.29
C CYS C 476 -65.73 -15.04 -7.66
N ASN C 477 -65.77 -14.17 -8.69
CA ASN C 477 -66.98 -13.52 -9.21
C ASN C 477 -67.72 -12.74 -8.13
N GLY C 478 -66.96 -12.09 -7.25
CA GLY C 478 -67.54 -11.34 -6.15
C GLY C 478 -68.07 -12.17 -5.00
N VAL C 479 -67.71 -13.45 -4.94
CA VAL C 479 -68.17 -14.36 -3.88
C VAL C 479 -66.95 -14.83 -3.11
N ALA C 480 -66.99 -14.69 -1.79
CA ALA C 480 -65.92 -15.17 -0.92
C ALA C 480 -66.21 -16.61 -0.50
N GLY C 481 -66.05 -17.51 -1.46
CA GLY C 481 -66.27 -18.92 -1.22
C GLY C 481 -64.97 -19.68 -1.05
N PRO C 482 -64.86 -20.85 -1.67
CA PRO C 482 -63.60 -21.59 -1.63
C PRO C 482 -62.54 -20.91 -2.48
N ASN C 483 -61.32 -20.85 -1.92
CA ASN C 483 -60.15 -20.17 -2.51
C ASN C 483 -60.44 -18.69 -2.80
N CYS C 484 -61.28 -18.06 -1.98
CA CYS C 484 -61.63 -16.64 -2.12
C CYS C 484 -61.77 -16.06 -0.73
N TYR C 485 -60.99 -15.01 -0.44
CA TYR C 485 -60.98 -14.39 0.87
C TYR C 485 -61.05 -12.88 0.74
N SER C 486 -61.67 -12.25 1.73
CA SER C 486 -61.66 -10.79 1.81
C SER C 486 -60.26 -10.31 2.18
N PRO C 487 -59.77 -9.23 1.54
CA PRO C 487 -58.36 -8.84 1.74
C PRO C 487 -58.11 -8.07 3.03
N LEU C 488 -59.10 -7.34 3.53
CA LEU C 488 -58.91 -6.46 4.68
C LEU C 488 -59.55 -7.07 5.92
N GLN C 489 -58.79 -7.12 7.01
CA GLN C 489 -59.35 -7.53 8.29
C GLN C 489 -58.85 -6.60 9.39
N SER C 490 -59.51 -6.67 10.54
CA SER C 490 -59.32 -5.71 11.62
C SER C 490 -58.23 -6.16 12.60
N TYR C 491 -57.62 -5.16 13.24
CA TYR C 491 -56.81 -5.36 14.44
C TYR C 491 -57.62 -5.95 15.59
N GLY C 492 -58.75 -5.34 15.93
CA GLY C 492 -59.53 -5.82 17.05
C GLY C 492 -58.88 -5.54 18.39
N PHE C 493 -58.66 -4.27 18.70
CA PHE C 493 -57.91 -3.88 19.88
C PHE C 493 -58.72 -4.07 21.16
N ARG C 494 -58.03 -4.54 22.20
CA ARG C 494 -58.59 -4.74 23.52
C ARG C 494 -57.58 -4.27 24.54
N PRO C 495 -58.02 -3.71 25.67
CA PRO C 495 -57.07 -3.24 26.69
C PRO C 495 -56.37 -4.36 27.45
N THR C 496 -56.85 -5.60 27.35
CA THR C 496 -56.27 -6.72 28.07
C THR C 496 -55.13 -7.38 27.31
N TYR C 497 -54.77 -6.88 26.13
CA TYR C 497 -53.68 -7.45 25.36
C TYR C 497 -52.33 -7.09 26.00
N GLY C 498 -51.30 -7.83 25.59
CA GLY C 498 -49.97 -7.61 26.08
C GLY C 498 -49.31 -6.38 25.48
N VAL C 499 -48.07 -6.14 25.89
CA VAL C 499 -47.37 -4.91 25.49
C VAL C 499 -46.99 -4.94 24.01
N GLY C 500 -46.87 -6.12 23.41
CA GLY C 500 -46.61 -6.18 21.98
C GLY C 500 -47.85 -6.03 21.12
N HIS C 501 -49.05 -6.16 21.70
CA HIS C 501 -50.28 -6.07 20.94
C HIS C 501 -51.07 -4.80 21.23
N GLN C 502 -50.42 -3.77 21.77
CA GLN C 502 -51.08 -2.49 21.97
C GLN C 502 -51.15 -1.70 20.67
N PRO C 503 -52.14 -0.82 20.51
CA PRO C 503 -52.12 0.12 19.38
C PRO C 503 -50.98 1.12 19.50
N TYR C 504 -50.41 1.48 18.36
CA TYR C 504 -49.35 2.47 18.28
C TYR C 504 -49.68 3.46 17.19
N ARG C 505 -49.52 4.75 17.49
CA ARG C 505 -49.68 5.81 16.51
C ARG C 505 -48.30 6.16 15.94
N VAL C 506 -48.19 6.14 14.62
CA VAL C 506 -46.92 6.33 13.92
C VAL C 506 -47.06 7.50 12.97
N VAL C 507 -46.13 8.45 13.06
CA VAL C 507 -46.00 9.55 12.12
C VAL C 507 -44.60 9.49 11.51
N VAL C 508 -44.54 9.45 10.18
CA VAL C 508 -43.27 9.36 9.46
C VAL C 508 -43.06 10.68 8.73
N LEU C 509 -42.03 11.42 9.12
CA LEU C 509 -41.67 12.66 8.45
C LEU C 509 -40.65 12.33 7.35
N SER C 510 -41.06 12.49 6.10
CA SER C 510 -40.21 12.20 4.96
C SER C 510 -39.62 13.52 4.46
N PHE C 511 -38.30 13.65 4.56
CA PHE C 511 -37.63 14.90 4.23
C PHE C 511 -36.96 14.72 2.87
N GLU C 512 -37.11 15.69 1.98
CA GLU C 512 -36.34 15.69 0.75
C GLU C 512 -35.39 16.87 0.75
N LEU C 513 -34.15 16.58 0.36
CA LEU C 513 -32.98 17.40 0.68
C LEU C 513 -32.88 18.59 -0.29
N LEU C 514 -31.72 19.24 -0.28
CA LEU C 514 -31.53 20.51 -0.96
C LEU C 514 -31.15 20.28 -2.42
N HIS C 515 -32.15 19.88 -3.21
CA HIS C 515 -32.01 19.81 -4.65
C HIS C 515 -32.90 20.82 -5.37
N ALA C 516 -33.76 21.50 -4.62
CA ALA C 516 -34.68 22.52 -5.12
C ALA C 516 -34.49 23.76 -4.27
N PRO C 517 -35.06 24.90 -4.68
CA PRO C 517 -35.17 26.04 -3.75
C PRO C 517 -35.91 25.65 -2.48
N ALA C 518 -35.34 26.03 -1.35
CA ALA C 518 -35.81 25.55 -0.06
C ALA C 518 -37.11 26.25 0.35
N THR C 519 -37.99 25.50 0.97
CA THR C 519 -39.26 26.02 1.48
C THR C 519 -39.45 25.78 2.97
N VAL C 520 -39.02 24.64 3.49
CA VAL C 520 -39.09 24.33 4.91
C VAL C 520 -37.74 24.64 5.53
N CYS C 521 -37.72 25.55 6.49
CA CYS C 521 -36.48 26.01 7.11
C CYS C 521 -36.59 25.97 8.61
N GLY C 522 -35.47 25.76 9.27
CA GLY C 522 -35.40 25.87 10.71
C GLY C 522 -35.37 27.32 11.16
N PRO C 523 -35.56 27.52 12.46
CA PRO C 523 -35.54 28.90 12.98
C PRO C 523 -34.12 29.43 13.14
N LYS C 524 -33.70 30.29 12.21
CA LYS C 524 -32.41 30.94 12.27
C LYS C 524 -32.55 32.35 11.70
N LYS C 525 -31.65 33.24 12.11
CA LYS C 525 -31.69 34.64 11.71
C LYS C 525 -30.69 34.88 10.59
N SER C 526 -31.12 35.56 9.54
CA SER C 526 -30.25 35.87 8.42
C SER C 526 -29.33 37.04 8.77
N THR C 527 -28.30 37.21 7.94
CA THR C 527 -27.29 38.23 8.13
C THR C 527 -27.09 38.92 6.79
N ASN C 528 -26.60 40.17 6.83
CA ASN C 528 -26.28 40.89 5.60
C ASN C 528 -25.14 40.20 4.86
N LEU C 529 -25.22 40.22 3.54
CA LEU C 529 -24.23 39.56 2.69
C LEU C 529 -23.04 40.50 2.47
N VAL C 530 -21.84 40.02 2.80
CA VAL C 530 -20.60 40.75 2.57
C VAL C 530 -19.74 39.94 1.61
N LYS C 531 -19.14 40.62 0.64
CA LYS C 531 -18.38 39.99 -0.43
C LYS C 531 -16.93 40.46 -0.37
N ASN C 532 -16.09 39.73 -1.13
CA ASN C 532 -14.65 39.99 -1.27
C ASN C 532 -13.93 39.95 0.08
N LYS C 533 -14.36 39.05 0.96
CA LYS C 533 -13.76 38.89 2.27
C LYS C 533 -13.83 37.42 2.67
N CYS C 534 -12.91 37.02 3.55
CA CYS C 534 -12.88 35.66 4.07
C CYS C 534 -13.89 35.56 5.20
N VAL C 535 -14.98 34.83 4.97
CA VAL C 535 -16.09 34.71 5.90
C VAL C 535 -16.43 33.26 6.11
N ASN C 536 -17.37 33.02 7.03
CA ASN C 536 -17.93 31.70 7.31
C ASN C 536 -19.39 31.73 6.89
N PHE C 537 -19.67 31.32 5.66
CA PHE C 537 -21.02 31.44 5.15
C PHE C 537 -21.89 30.27 5.59
N ASN C 538 -23.20 30.45 5.45
CA ASN C 538 -24.18 29.40 5.72
C ASN C 538 -25.35 29.63 4.76
N PHE C 539 -25.33 28.95 3.62
CA PHE C 539 -26.33 29.09 2.58
C PHE C 539 -27.25 27.89 2.63
N ASN C 540 -28.45 28.08 3.21
CA ASN C 540 -29.52 27.08 3.27
C ASN C 540 -29.08 25.78 3.96
N GLY C 541 -28.29 25.91 5.02
CA GLY C 541 -27.94 24.78 5.85
C GLY C 541 -26.57 24.20 5.62
N LEU C 542 -25.90 24.52 4.50
CA LEU C 542 -24.55 24.04 4.26
C LEU C 542 -23.54 25.10 4.68
N THR C 543 -22.55 24.67 5.47
CA THR C 543 -21.55 25.56 6.00
C THR C 543 -20.32 25.58 5.09
N GLY C 544 -19.35 26.42 5.46
CA GLY C 544 -18.11 26.50 4.72
C GLY C 544 -17.38 27.76 5.07
N THR C 545 -16.14 27.84 4.56
CA THR C 545 -15.29 28.99 4.74
C THR C 545 -14.72 29.39 3.38
N GLY C 546 -14.80 30.67 3.05
CA GLY C 546 -14.29 31.11 1.78
C GLY C 546 -14.66 32.55 1.50
N VAL C 547 -14.42 32.94 0.25
CA VAL C 547 -14.64 34.29 -0.24
C VAL C 547 -15.75 34.22 -1.28
N LEU C 548 -16.74 35.10 -1.15
CA LEU C 548 -17.86 35.17 -2.07
C LEU C 548 -17.68 36.36 -3.02
N THR C 549 -17.74 36.09 -4.31
CA THR C 549 -17.63 37.13 -5.33
C THR C 549 -18.81 37.02 -6.30
N GLU C 550 -19.00 38.07 -7.09
CA GLU C 550 -20.00 38.07 -8.15
C GLU C 550 -19.63 37.05 -9.22
N SER C 551 -20.66 36.46 -9.84
CA SER C 551 -20.48 35.33 -10.74
C SER C 551 -20.88 35.69 -12.15
N ASN C 552 -20.22 35.04 -13.11
CA ASN C 552 -20.58 35.12 -14.52
C ASN C 552 -21.16 33.81 -15.03
N LYS C 553 -21.43 32.85 -14.14
CA LYS C 553 -22.01 31.59 -14.56
C LYS C 553 -23.49 31.77 -14.87
N LYS C 554 -23.92 31.20 -15.98
CA LYS C 554 -25.31 31.31 -16.43
C LYS C 554 -26.07 30.11 -15.88
N PHE C 555 -26.63 30.27 -14.68
CA PHE C 555 -27.47 29.23 -14.11
C PHE C 555 -28.80 29.16 -14.83
N LEU C 556 -29.22 27.96 -15.16
CA LEU C 556 -30.58 27.75 -15.61
C LEU C 556 -31.52 27.90 -14.40
N PRO C 557 -32.77 28.34 -14.62
CA PRO C 557 -33.65 28.70 -13.49
C PRO C 557 -34.03 27.55 -12.55
N PHE C 558 -33.84 26.29 -12.95
CA PHE C 558 -34.04 25.19 -12.02
C PHE C 558 -32.79 24.88 -11.20
N GLN C 559 -31.65 25.48 -11.53
CA GLN C 559 -30.39 25.22 -10.86
C GLN C 559 -30.12 26.30 -9.82
N GLN C 560 -29.55 25.90 -8.69
CA GLN C 560 -29.13 26.84 -7.66
C GLN C 560 -27.74 26.55 -7.11
N PHE C 561 -27.14 25.41 -7.46
CA PHE C 561 -25.84 25.02 -6.94
C PHE C 561 -24.89 24.74 -8.10
N GLY C 562 -23.62 25.06 -7.89
CA GLY C 562 -22.57 24.69 -8.82
C GLY C 562 -21.58 23.79 -8.13
N ARG C 563 -21.13 22.75 -8.81
CA ARG C 563 -20.26 21.75 -8.21
C ARG C 563 -19.00 21.57 -9.05
N ASP C 564 -17.88 21.36 -8.37
CA ASP C 564 -16.57 21.21 -8.97
C ASP C 564 -16.30 19.71 -9.18
N ILE C 565 -15.20 19.39 -9.88
CA ILE C 565 -14.87 18.01 -10.22
C ILE C 565 -14.53 17.16 -9.00
N ALA C 566 -14.19 17.78 -7.87
CA ALA C 566 -13.97 17.07 -6.62
C ALA C 566 -15.23 17.00 -5.78
N ASP C 567 -16.41 17.21 -6.39
CA ASP C 567 -17.73 17.20 -5.75
C ASP C 567 -17.82 18.19 -4.60
N THR C 568 -17.22 19.36 -4.79
CA THR C 568 -17.31 20.44 -3.82
C THR C 568 -18.00 21.63 -4.46
N THR C 569 -18.62 22.46 -3.62
CA THR C 569 -19.46 23.54 -4.11
C THR C 569 -18.58 24.69 -4.60
N ASP C 570 -18.80 25.09 -5.85
CA ASP C 570 -18.04 26.13 -6.54
C ASP C 570 -18.86 27.42 -6.62
N ALA C 571 -20.15 27.31 -6.90
CA ALA C 571 -21.04 28.47 -6.98
C ALA C 571 -22.29 28.18 -6.17
N VAL C 572 -22.98 29.26 -5.77
CA VAL C 572 -24.16 29.16 -4.95
C VAL C 572 -25.14 30.23 -5.44
N ARG C 573 -26.42 30.01 -5.16
CA ARG C 573 -27.45 31.01 -5.40
C ARG C 573 -27.98 31.52 -4.07
N ASP C 574 -28.07 32.84 -3.94
CA ASP C 574 -28.57 33.43 -2.71
C ASP C 574 -30.06 33.14 -2.56
N PRO C 575 -30.50 32.65 -1.39
CA PRO C 575 -31.93 32.31 -1.25
C PRO C 575 -32.84 33.52 -1.13
N GLN C 576 -32.32 34.70 -0.83
CA GLN C 576 -33.17 35.88 -0.64
C GLN C 576 -33.32 36.66 -1.94
N THR C 577 -32.21 37.09 -2.54
CA THR C 577 -32.22 37.74 -3.83
C THR C 577 -31.66 36.80 -4.89
N LEU C 578 -32.15 36.92 -6.12
CA LEU C 578 -31.77 36.00 -7.20
C LEU C 578 -30.38 36.40 -7.68
N GLU C 579 -29.36 35.90 -6.96
CA GLU C 579 -27.98 36.29 -7.20
C GLU C 579 -27.08 35.07 -7.12
N ILE C 580 -26.13 34.97 -8.05
CA ILE C 580 -25.20 33.85 -8.13
C ILE C 580 -23.84 34.32 -7.63
N LEU C 581 -23.24 33.55 -6.73
CA LEU C 581 -21.98 33.92 -6.07
C LEU C 581 -20.99 32.78 -6.17
N ASP C 582 -19.75 33.11 -6.55
CA ASP C 582 -18.67 32.14 -6.48
C ASP C 582 -18.25 31.90 -5.02
N ILE C 583 -17.58 30.78 -4.81
CA ILE C 583 -16.99 30.44 -3.52
C ILE C 583 -15.53 30.08 -3.80
N THR C 584 -14.60 30.96 -3.46
CA THR C 584 -13.19 30.73 -3.68
C THR C 584 -12.48 30.71 -2.33
N PRO C 585 -11.71 29.67 -2.01
CA PRO C 585 -11.09 29.58 -0.68
C PRO C 585 -10.06 30.68 -0.44
N CYS C 586 -9.91 31.03 0.84
CA CYS C 586 -9.05 32.14 1.25
C CYS C 586 -7.59 31.79 1.05
N SER C 587 -6.72 32.79 1.25
CA SER C 587 -5.32 32.70 0.85
C SER C 587 -4.56 31.68 1.70
N PHE C 588 -3.70 30.92 1.03
CA PHE C 588 -3.00 29.80 1.65
C PHE C 588 -1.66 29.60 0.94
N GLY C 589 -0.78 28.86 1.61
CA GLY C 589 0.46 28.49 0.97
C GLY C 589 1.37 27.77 1.94
N GLY C 590 2.55 27.40 1.43
CA GLY C 590 3.55 26.71 2.21
C GLY C 590 4.66 27.63 2.65
N VAL C 591 5.23 27.32 3.82
CA VAL C 591 6.27 28.13 4.43
C VAL C 591 7.51 27.26 4.60
N SER C 592 8.64 27.71 4.04
CA SER C 592 9.92 27.05 4.21
C SER C 592 10.85 27.94 5.03
N VAL C 593 11.63 27.33 5.91
CA VAL C 593 12.53 28.06 6.79
C VAL C 593 13.96 27.73 6.39
N ILE C 594 14.72 28.75 5.99
CA ILE C 594 16.11 28.63 5.58
C ILE C 594 16.98 29.02 6.76
N THR C 595 17.82 28.09 7.20
CA THR C 595 18.64 28.34 8.37
C THR C 595 20.05 27.84 8.14
N PRO C 596 21.05 28.47 8.75
CA PRO C 596 22.31 27.78 9.03
C PRO C 596 22.16 26.91 10.27
N GLY C 597 23.25 26.31 10.74
CA GLY C 597 23.17 25.53 11.96
C GLY C 597 22.88 26.38 13.17
N THR C 598 22.31 25.74 14.20
CA THR C 598 22.06 26.44 15.46
C THR C 598 23.34 26.72 16.22
N ASN C 599 24.42 26.01 15.92
CA ASN C 599 25.73 26.35 16.48
C ASN C 599 26.39 27.50 15.75
N THR C 600 25.85 27.92 14.61
CA THR C 600 26.35 29.10 13.91
C THR C 600 25.56 30.35 14.31
N SER C 601 24.26 30.34 14.07
CA SER C 601 23.41 31.47 14.40
C SER C 601 21.97 31.00 14.57
N ASN C 602 21.18 31.81 15.25
CA ASN C 602 19.75 31.59 15.38
C ASN C 602 18.94 32.40 14.37
N GLN C 603 19.60 33.04 13.41
CA GLN C 603 18.91 33.76 12.36
C GLN C 603 18.31 32.80 11.35
N VAL C 604 17.13 33.14 10.84
CA VAL C 604 16.45 32.36 9.81
C VAL C 604 15.93 33.30 8.75
N ALA C 605 15.62 32.73 7.59
CA ALA C 605 14.88 33.41 6.53
C ALA C 605 13.63 32.58 6.23
N VAL C 606 12.59 33.25 5.75
CA VAL C 606 11.30 32.60 5.52
C VAL C 606 10.95 32.74 4.05
N LEU C 607 10.67 31.62 3.39
CA LEU C 607 10.21 31.58 2.01
C LEU C 607 8.74 31.21 1.99
N TYR C 608 7.92 32.08 1.41
CA TYR C 608 6.52 31.79 1.17
C TYR C 608 6.40 31.30 -0.26
N GLN C 609 5.94 30.05 -0.43
CA GLN C 609 6.05 29.37 -1.71
C GLN C 609 4.87 29.69 -2.61
N GLY C 610 5.17 30.09 -3.84
CA GLY C 610 4.16 30.23 -4.87
C GLY C 610 3.27 31.44 -4.75
N VAL C 611 3.60 32.40 -3.88
CA VAL C 611 2.77 33.59 -3.70
C VAL C 611 3.63 34.83 -3.90
N ASN C 612 2.95 35.92 -4.24
CA ASN C 612 3.58 37.23 -4.28
C ASN C 612 3.74 37.76 -2.85
N CYS C 613 4.53 38.82 -2.71
CA CYS C 613 4.69 39.43 -1.41
C CYS C 613 3.54 40.39 -1.07
N THR C 614 2.68 40.69 -2.02
CA THR C 614 1.47 41.44 -1.70
C THR C 614 0.42 40.54 -1.04
N GLU C 615 0.41 39.26 -1.40
CA GLU C 615 -0.61 38.34 -0.90
C GLU C 615 -0.35 37.90 0.53
N VAL C 616 0.90 37.90 0.97
CA VAL C 616 1.26 37.39 2.30
C VAL C 616 0.82 38.40 3.36
N PRO C 617 0.13 37.95 4.41
CA PRO C 617 -0.24 38.90 5.48
C PRO C 617 0.93 39.32 6.34
N VAL C 618 1.81 38.38 6.71
CA VAL C 618 2.95 38.69 7.56
C VAL C 618 4.25 38.55 6.78
N ASN C 637 14.20 42.72 4.57
CA ASN C 637 14.62 42.49 3.20
C ASN C 637 13.68 41.53 2.50
N VAL C 638 12.93 42.01 1.52
CA VAL C 638 11.93 41.23 0.80
C VAL C 638 12.39 41.08 -0.64
N PHE C 639 12.49 39.84 -1.11
CA PHE C 639 12.94 39.56 -2.47
C PHE C 639 12.01 38.54 -3.12
N GLN C 640 11.58 38.82 -4.35
CA GLN C 640 10.63 37.97 -5.07
C GLN C 640 11.39 37.02 -5.98
N THR C 641 11.39 35.73 -5.65
CA THR C 641 12.00 34.73 -6.50
C THR C 641 10.92 34.12 -7.39
N ARG C 642 11.27 33.08 -8.14
CA ARG C 642 10.26 32.34 -8.89
C ARG C 642 9.68 31.19 -8.09
N ALA C 643 10.21 30.92 -6.90
CA ALA C 643 9.68 29.91 -5.99
C ALA C 643 8.85 30.53 -4.88
N GLY C 644 8.27 31.70 -5.12
CA GLY C 644 7.60 32.45 -4.08
C GLY C 644 8.36 33.71 -3.74
N CYS C 645 8.31 34.16 -2.49
CA CYS C 645 9.17 35.26 -2.13
C CYS C 645 9.67 35.11 -0.69
N LEU C 646 10.80 35.78 -0.46
CA LEU C 646 11.72 35.47 0.62
C LEU C 646 11.92 36.70 1.49
N ILE C 647 11.76 36.53 2.80
CA ILE C 647 11.85 37.62 3.77
C ILE C 647 12.89 37.24 4.81
N GLY C 648 13.84 38.14 5.05
CA GLY C 648 14.90 37.92 6.01
C GLY C 648 16.27 37.76 5.40
N ALA C 649 16.37 37.67 4.08
CA ALA C 649 17.63 37.54 3.37
C ALA C 649 17.70 38.60 2.29
N GLU C 650 18.82 39.31 2.22
CA GLU C 650 19.00 40.34 1.22
C GLU C 650 19.61 39.77 -0.05
N TYR C 651 19.34 40.43 -1.17
CA TYR C 651 19.81 39.99 -2.47
C TYR C 651 21.07 40.77 -2.84
N VAL C 652 22.11 40.05 -3.22
CA VAL C 652 23.38 40.65 -3.62
C VAL C 652 23.61 40.39 -5.10
N ASN C 653 24.36 41.29 -5.74
CA ASN C 653 24.72 41.13 -7.15
C ASN C 653 26.04 40.40 -7.31
N ASN C 654 26.15 39.24 -6.67
CA ASN C 654 27.32 38.40 -6.74
C ASN C 654 26.89 36.97 -7.00
N SER C 655 27.84 36.13 -7.39
CA SER C 655 27.56 34.75 -7.76
C SER C 655 28.60 33.85 -7.11
N TYR C 656 28.17 33.05 -6.15
CA TYR C 656 28.98 32.03 -5.52
C TYR C 656 28.41 30.65 -5.87
N GLU C 657 29.09 29.61 -5.43
CA GLU C 657 28.54 28.27 -5.55
C GLU C 657 27.38 28.10 -4.58
N CYS C 658 26.46 27.20 -4.93
CA CYS C 658 25.22 27.08 -4.18
C CYS C 658 25.45 26.43 -2.82
N ASP C 659 24.95 27.08 -1.77
CA ASP C 659 25.05 26.58 -0.41
C ASP C 659 23.73 26.01 0.08
N ILE C 660 22.66 26.80 0.04
CA ILE C 660 21.31 26.35 0.38
C ILE C 660 20.42 26.62 -0.82
N PRO C 661 19.88 25.59 -1.48
CA PRO C 661 19.06 25.82 -2.67
C PRO C 661 17.68 26.34 -2.31
N ILE C 662 17.29 27.45 -2.93
CA ILE C 662 15.98 28.04 -2.67
C ILE C 662 15.01 27.66 -3.77
N GLY C 663 15.34 28.00 -5.02
CA GLY C 663 14.40 27.85 -6.10
C GLY C 663 15.02 27.94 -7.47
N ALA C 664 14.37 28.65 -8.38
CA ALA C 664 14.76 28.68 -9.79
C ALA C 664 16.01 29.53 -9.97
N GLY C 665 17.16 28.95 -9.65
CA GLY C 665 18.43 29.61 -9.84
C GLY C 665 18.88 30.51 -8.71
N ILE C 666 18.23 30.43 -7.55
CA ILE C 666 18.54 31.29 -6.41
C ILE C 666 19.04 30.41 -5.28
N CYS C 667 20.14 30.82 -4.63
CA CYS C 667 20.66 30.12 -3.47
C CYS C 667 20.85 31.12 -2.33
N ALA C 668 21.03 30.59 -1.12
CA ALA C 668 21.21 31.39 0.07
C ALA C 668 22.43 30.94 0.85
N SER C 669 23.07 31.88 1.52
CA SER C 669 24.29 31.60 2.26
C SER C 669 24.36 32.49 3.49
N TYR C 670 25.21 32.10 4.44
CA TYR C 670 25.46 32.87 5.65
C TYR C 670 26.87 33.45 5.53
N GLN C 671 26.96 34.70 5.09
CA GLN C 671 28.24 35.32 4.77
C GLN C 671 28.51 36.49 5.72
N THR C 672 29.67 37.10 5.56
CA THR C 672 30.08 38.22 6.38
C THR C 672 29.72 39.59 5.79
N GLN C 673 29.05 39.61 4.64
CA GLN C 673 28.67 40.86 4.01
C GLN C 673 27.41 40.64 3.16
N SER C 685 29.44 42.36 9.95
CA SER C 685 28.54 41.46 10.65
C SER C 685 28.03 40.35 9.74
N GLN C 686 27.91 39.14 10.29
CA GLN C 686 27.40 38.01 9.52
C GLN C 686 25.90 38.15 9.31
N SER C 687 25.45 37.77 8.12
CA SER C 687 24.05 37.85 7.75
C SER C 687 23.75 36.83 6.66
N ILE C 688 22.46 36.55 6.48
CA ILE C 688 22.00 35.62 5.46
C ILE C 688 21.72 36.42 4.18
N ILE C 689 22.38 36.03 3.09
CA ILE C 689 22.22 36.68 1.80
C ILE C 689 21.67 35.68 0.80
N ALA C 690 21.04 36.21 -0.23
CA ALA C 690 20.54 35.44 -1.36
C ALA C 690 21.22 35.92 -2.63
N TYR C 691 21.43 34.98 -3.56
CA TYR C 691 22.17 35.30 -4.78
C TYR C 691 21.73 34.38 -5.90
N THR C 692 22.12 34.73 -7.11
CA THR C 692 22.02 33.84 -8.26
C THR C 692 23.27 32.98 -8.32
N MET C 693 23.09 31.67 -8.42
CA MET C 693 24.20 30.74 -8.31
C MET C 693 25.11 30.81 -9.54
N SER C 694 26.36 30.40 -9.34
CA SER C 694 27.40 30.51 -10.35
C SER C 694 27.64 29.15 -10.98
N LEU C 695 27.71 29.13 -12.32
CA LEU C 695 27.90 27.87 -13.03
C LEU C 695 29.36 27.46 -13.11
N GLY C 696 30.28 28.41 -13.02
CA GLY C 696 31.68 28.09 -13.04
C GLY C 696 32.49 29.28 -13.52
N ALA C 697 33.77 29.02 -13.75
CA ALA C 697 34.68 30.06 -14.22
C ALA C 697 34.47 30.32 -15.70
N GLU C 698 34.79 31.53 -16.13
CA GLU C 698 34.65 31.93 -17.52
C GLU C 698 35.98 31.69 -18.24
N ASN C 699 35.92 30.92 -19.32
CA ASN C 699 37.10 30.56 -20.09
C ASN C 699 36.83 30.73 -21.57
N SER C 700 37.86 31.16 -22.30
CA SER C 700 37.77 31.36 -23.76
C SER C 700 39.10 30.89 -24.35
N VAL C 701 39.13 29.63 -24.76
CA VAL C 701 40.36 29.04 -25.30
C VAL C 701 40.57 29.51 -26.74
N ALA C 702 41.83 29.80 -27.07
CA ALA C 702 42.17 30.44 -28.34
C ALA C 702 42.16 29.41 -29.46
N TYR C 703 41.28 29.62 -30.44
CA TYR C 703 41.16 28.74 -31.59
C TYR C 703 41.73 29.42 -32.83
N SER C 704 42.58 28.70 -33.55
CA SER C 704 42.96 29.08 -34.90
C SER C 704 43.29 27.80 -35.66
N ASN C 705 43.36 27.91 -36.98
CA ASN C 705 43.47 26.75 -37.85
C ASN C 705 44.91 26.29 -38.06
N ASN C 706 45.89 26.89 -37.35
CA ASN C 706 47.25 26.39 -37.43
C ASN C 706 47.96 26.43 -36.07
N SER C 707 47.23 26.25 -34.97
CA SER C 707 47.82 26.31 -33.65
C SER C 707 47.40 25.10 -32.82
N ILE C 708 48.34 24.57 -32.04
CA ILE C 708 48.08 23.45 -31.15
C ILE C 708 48.75 23.73 -29.81
N ALA C 709 48.25 23.09 -28.76
CA ALA C 709 48.83 23.17 -27.42
C ALA C 709 49.14 21.76 -26.95
N ILE C 710 50.40 21.53 -26.55
CA ILE C 710 50.88 20.21 -26.22
C ILE C 710 51.50 20.27 -24.82
N PRO C 711 51.13 19.38 -23.90
CA PRO C 711 51.70 19.43 -22.55
C PRO C 711 53.16 19.06 -22.50
N THR C 712 53.87 19.64 -21.53
CA THR C 712 55.29 19.41 -21.34
C THR C 712 55.63 18.71 -20.03
N ASN C 713 54.65 18.51 -19.16
CA ASN C 713 54.85 17.79 -17.91
C ASN C 713 53.55 17.05 -17.58
N PHE C 714 53.48 16.46 -16.39
CA PHE C 714 52.30 15.73 -15.98
C PHE C 714 52.16 15.78 -14.47
N THR C 715 50.99 15.36 -13.99
CA THR C 715 50.75 15.08 -12.59
C THR C 715 50.07 13.73 -12.46
N ILE C 716 50.38 13.03 -11.38
CA ILE C 716 49.78 11.75 -11.05
C ILE C 716 48.79 12.02 -9.93
N SER C 717 47.50 11.83 -10.20
CA SER C 717 46.46 12.22 -9.25
C SER C 717 45.71 10.99 -8.77
N VAL C 718 45.56 10.88 -7.45
CA VAL C 718 44.79 9.80 -6.82
C VAL C 718 43.50 10.40 -6.29
N THR C 719 42.37 9.99 -6.86
CA THR C 719 41.06 10.43 -6.43
C THR C 719 40.32 9.27 -5.76
N THR C 720 39.21 9.62 -5.11
CA THR C 720 38.47 8.70 -4.25
C THR C 720 37.02 8.62 -4.69
N GLU C 721 36.52 7.40 -4.89
CA GLU C 721 35.10 7.18 -5.18
C GLU C 721 34.52 6.20 -4.16
N ILE C 722 33.33 6.50 -3.66
CA ILE C 722 32.69 5.70 -2.62
C ILE C 722 31.37 5.18 -3.15
N LEU C 723 31.16 3.85 -3.06
CA LEU C 723 29.92 3.25 -3.52
C LEU C 723 29.32 2.39 -2.41
N PRO C 724 28.04 2.58 -2.08
CA PRO C 724 27.36 1.64 -1.20
C PRO C 724 27.10 0.31 -1.91
N VAL C 725 27.20 -0.78 -1.15
CA VAL C 725 27.09 -2.13 -1.70
C VAL C 725 25.94 -2.89 -1.07
N SER C 726 25.88 -2.94 0.26
CA SER C 726 24.85 -3.67 0.98
C SER C 726 24.13 -2.73 1.93
N MET C 727 23.16 -3.28 2.67
CA MET C 727 22.41 -2.53 3.66
C MET C 727 21.95 -3.50 4.73
N THR C 728 21.21 -2.98 5.71
CA THR C 728 20.88 -3.75 6.90
C THR C 728 19.80 -4.79 6.62
N LYS C 729 20.02 -6.01 7.09
CA LYS C 729 19.06 -7.09 6.95
C LYS C 729 18.18 -7.13 8.20
N THR C 730 16.88 -6.88 8.02
CA THR C 730 15.93 -6.80 9.12
C THR C 730 14.83 -7.84 8.93
N SER C 731 14.28 -8.29 10.06
CA SER C 731 13.19 -9.24 10.09
C SER C 731 12.15 -8.77 11.10
N VAL C 732 10.87 -8.94 10.75
CA VAL C 732 9.75 -8.44 11.54
C VAL C 732 8.84 -9.60 11.88
N ASP C 733 8.48 -9.73 13.16
CA ASP C 733 7.45 -10.65 13.62
C ASP C 733 6.13 -9.92 13.73
N CYS C 734 5.10 -10.42 13.03
CA CYS C 734 3.80 -9.75 13.05
C CYS C 734 3.07 -9.91 14.37
N THR C 735 3.15 -11.09 14.98
CA THR C 735 2.42 -11.32 16.22
C THR C 735 3.02 -10.50 17.36
N MET C 736 4.33 -10.34 17.39
CA MET C 736 4.94 -9.53 18.43
C MET C 736 4.74 -8.04 18.19
N TYR C 737 4.64 -7.63 16.93
CA TYR C 737 4.48 -6.20 16.63
C TYR C 737 3.02 -5.77 16.75
N ILE C 738 2.14 -6.43 16.00
CA ILE C 738 0.72 -6.04 15.95
C ILE C 738 0.03 -6.40 17.27
N CYS C 739 0.28 -7.59 17.80
CA CYS C 739 -0.47 -8.10 18.94
C CYS C 739 0.34 -8.06 20.23
N GLY C 740 1.51 -8.68 20.27
CA GLY C 740 2.29 -8.69 21.50
C GLY C 740 1.71 -9.56 22.58
N ASP C 741 1.80 -10.88 22.39
CA ASP C 741 1.38 -11.96 23.31
C ASP C 741 -0.06 -11.81 23.82
N SER C 742 -0.94 -11.38 22.94
CA SER C 742 -2.38 -11.37 23.19
C SER C 742 -3.03 -12.39 22.28
N THR C 743 -3.80 -13.31 22.87
CA THR C 743 -4.38 -14.41 22.10
C THR C 743 -5.58 -13.94 21.28
N GLU C 744 -6.34 -12.99 21.81
CA GLU C 744 -7.50 -12.46 21.10
C GLU C 744 -7.08 -11.71 19.83
N CYS C 745 -5.99 -10.94 19.92
CA CYS C 745 -5.46 -10.29 18.72
C CYS C 745 -4.92 -11.30 17.72
N SER C 746 -4.33 -12.40 18.20
CA SER C 746 -3.86 -13.44 17.28
C SER C 746 -5.01 -14.10 16.54
N ASN C 747 -6.12 -14.38 17.24
CA ASN C 747 -7.28 -14.97 16.59
C ASN C 747 -7.96 -14.01 15.63
N LEU C 748 -7.98 -12.71 15.94
CA LEU C 748 -8.50 -11.77 14.95
C LEU C 748 -7.51 -11.46 13.84
N LEU C 749 -6.21 -11.73 14.03
CA LEU C 749 -5.24 -11.54 12.97
C LEU C 749 -5.20 -12.71 12.01
N LEU C 750 -5.57 -13.91 12.48
CA LEU C 750 -5.65 -15.07 11.60
C LEU C 750 -6.72 -14.95 10.53
N GLN C 751 -7.71 -14.08 10.73
CA GLN C 751 -8.78 -13.88 9.75
C GLN C 751 -8.37 -12.98 8.59
N TYR C 752 -7.18 -12.39 8.62
CA TYR C 752 -6.75 -11.50 7.56
C TYR C 752 -5.96 -12.21 6.47
N GLY C 753 -5.73 -13.50 6.62
CA GLY C 753 -5.18 -14.31 5.53
C GLY C 753 -3.66 -14.46 5.66
N SER C 754 -2.97 -14.23 4.54
CA SER C 754 -1.53 -14.46 4.46
C SER C 754 -0.80 -13.18 4.14
N PHE C 755 -1.14 -12.08 4.82
CA PHE C 755 -0.40 -10.85 4.65
C PHE C 755 0.99 -10.96 5.26
N CYS C 756 1.09 -11.51 6.47
CA CYS C 756 2.38 -11.61 7.13
C CYS C 756 3.30 -12.66 6.53
N THR C 757 2.75 -13.71 5.91
CA THR C 757 3.58 -14.67 5.20
C THR C 757 4.31 -14.01 4.03
N GLN C 758 3.62 -13.17 3.28
CA GLN C 758 4.29 -12.53 2.16
C GLN C 758 5.14 -11.32 2.58
N LEU C 759 4.82 -10.68 3.71
CA LEU C 759 5.74 -9.68 4.26
C LEU C 759 7.05 -10.33 4.71
N LYS C 760 6.96 -11.50 5.35
CA LYS C 760 8.14 -12.26 5.74
C LYS C 760 8.93 -12.74 4.53
N ARG C 761 8.22 -13.13 3.45
CA ARG C 761 8.89 -13.55 2.22
C ARG C 761 9.64 -12.40 1.57
N ALA C 762 9.04 -11.20 1.56
CA ALA C 762 9.71 -10.04 0.99
C ALA C 762 10.96 -9.66 1.78
N LEU C 763 10.86 -9.66 3.11
CA LEU C 763 12.03 -9.32 3.94
C LEU C 763 13.12 -10.37 3.82
N THR C 764 12.75 -11.65 3.69
CA THR C 764 13.74 -12.71 3.49
C THR C 764 14.45 -12.56 2.14
N GLY C 765 13.70 -12.18 1.10
CA GLY C 765 14.32 -11.94 -0.20
C GLY C 765 15.31 -10.80 -0.19
N ILE C 766 14.98 -9.71 0.52
CA ILE C 766 15.91 -8.59 0.67
C ILE C 766 17.17 -9.01 1.42
N ALA C 767 16.98 -9.81 2.48
CA ALA C 767 18.11 -10.26 3.30
C ALA C 767 19.05 -11.17 2.52
N VAL C 768 18.52 -12.03 1.64
CA VAL C 768 19.37 -12.87 0.80
C VAL C 768 20.08 -12.02 -0.26
N GLU C 769 19.36 -11.02 -0.81
CA GLU C 769 19.90 -10.15 -1.85
C GLU C 769 21.09 -9.34 -1.38
N GLN C 770 21.10 -8.91 -0.11
CA GLN C 770 22.24 -8.13 0.41
C GLN C 770 23.53 -8.95 0.42
N ASP C 771 23.44 -10.21 0.87
CA ASP C 771 24.62 -11.09 0.87
C ASP C 771 25.06 -11.42 -0.55
N LYS C 772 24.10 -11.55 -1.47
CA LYS C 772 24.45 -11.74 -2.88
C LYS C 772 25.18 -10.54 -3.46
N ASN C 773 24.78 -9.33 -3.05
CA ASN C 773 25.45 -8.11 -3.49
C ASN C 773 26.89 -8.07 -3.01
N THR C 774 27.10 -8.37 -1.72
CA THR C 774 28.46 -8.38 -1.16
C THR C 774 29.34 -9.44 -1.83
N GLN C 775 28.78 -10.62 -2.07
CA GLN C 775 29.54 -11.70 -2.71
C GLN C 775 29.89 -11.36 -4.15
N GLU C 776 28.97 -10.73 -4.88
CA GLU C 776 29.27 -10.40 -6.27
C GLU C 776 30.18 -9.20 -6.41
N VAL C 777 30.31 -8.35 -5.39
CA VAL C 777 31.27 -7.26 -5.48
C VAL C 777 32.67 -7.73 -5.08
N PHE C 778 32.79 -8.38 -3.92
CA PHE C 778 34.14 -8.60 -3.39
C PHE C 778 34.74 -9.93 -3.80
N ALA C 779 33.96 -11.01 -3.86
CA ALA C 779 34.49 -12.33 -4.17
C ALA C 779 34.61 -12.51 -5.68
N GLN C 780 35.59 -11.80 -6.25
CA GLN C 780 35.91 -11.92 -7.67
C GLN C 780 37.19 -12.68 -7.94
N VAL C 781 38.18 -12.59 -7.05
CA VAL C 781 39.45 -13.25 -7.23
C VAL C 781 39.32 -14.71 -6.81
N LYS C 782 39.96 -15.61 -7.57
CA LYS C 782 39.83 -17.04 -7.30
C LYS C 782 40.66 -17.45 -6.08
N GLN C 783 41.87 -16.93 -5.95
CA GLN C 783 42.81 -17.37 -4.93
C GLN C 783 43.24 -16.20 -4.05
N ILE C 784 43.49 -16.49 -2.78
CA ILE C 784 43.93 -15.47 -1.82
C ILE C 784 45.43 -15.29 -2.01
N TYR C 785 45.81 -14.30 -2.82
CA TYR C 785 47.22 -14.02 -3.07
C TYR C 785 47.86 -13.33 -1.88
N LYS C 786 49.15 -13.56 -1.71
CA LYS C 786 49.93 -12.94 -0.65
C LYS C 786 51.06 -12.11 -1.25
N THR C 787 51.24 -10.92 -0.70
CA THR C 787 52.33 -10.06 -1.14
C THR C 787 53.67 -10.59 -0.64
N PRO C 788 54.75 -10.33 -1.36
CA PRO C 788 56.09 -10.73 -0.88
C PRO C 788 56.51 -9.91 0.33
N PRO C 789 57.39 -10.44 1.18
CA PRO C 789 57.84 -9.68 2.36
C PRO C 789 58.65 -8.43 2.02
N ILE C 790 59.27 -8.36 0.85
CA ILE C 790 59.96 -7.14 0.46
C ILE C 790 58.93 -6.10 0.03
N LYS C 791 59.23 -4.84 0.30
CA LYS C 791 58.30 -3.74 0.04
C LYS C 791 58.89 -2.72 -0.94
N TYR C 792 59.71 -3.17 -1.88
CA TYR C 792 60.24 -2.31 -2.92
C TYR C 792 59.50 -2.61 -4.21
N PHE C 793 58.69 -1.66 -4.66
CA PHE C 793 57.93 -1.82 -5.89
C PHE C 793 58.28 -0.72 -6.88
N GLY C 794 59.58 -0.46 -7.05
CA GLY C 794 60.02 0.57 -7.96
C GLY C 794 60.07 1.95 -7.37
N GLY C 795 60.11 2.07 -6.04
CA GLY C 795 60.03 3.35 -5.38
C GLY C 795 58.64 3.76 -4.96
N PHE C 796 57.61 3.02 -5.37
CA PHE C 796 56.25 3.32 -4.99
C PHE C 796 55.97 2.78 -3.59
N ASN C 797 55.34 3.58 -2.75
CA ASN C 797 55.13 3.25 -1.34
C ASN C 797 53.66 2.87 -1.16
N PHE C 798 53.41 1.58 -0.89
CA PHE C 798 52.07 1.05 -0.70
C PHE C 798 51.81 0.67 0.75
N SER C 799 52.46 1.36 1.69
CA SER C 799 52.37 0.97 3.09
C SER C 799 51.02 1.33 3.71
N GLN C 800 50.40 2.41 3.24
CA GLN C 800 49.13 2.84 3.81
C GLN C 800 47.95 2.00 3.36
N ILE C 801 48.09 1.26 2.27
CA ILE C 801 46.98 0.46 1.75
C ILE C 801 47.18 -1.04 1.95
N LEU C 802 48.40 -1.49 2.20
CA LEU C 802 48.64 -2.88 2.52
C LEU C 802 48.33 -3.16 4.00
N PRO C 803 47.88 -4.36 4.34
CA PRO C 803 47.57 -4.67 5.74
C PRO C 803 48.81 -4.78 6.61
N ASP C 804 48.61 -4.56 7.92
CA ASP C 804 49.68 -4.72 8.89
C ASP C 804 49.34 -5.85 9.86
N PRO C 805 50.32 -6.63 10.30
CA PRO C 805 50.06 -7.73 11.24
C PRO C 805 49.99 -7.31 12.70
N SER C 806 49.96 -6.01 13.00
CA SER C 806 49.91 -5.57 14.39
C SER C 806 48.55 -5.85 15.02
N LYS C 807 47.48 -5.52 14.31
CA LYS C 807 46.15 -5.73 14.84
C LYS C 807 45.57 -7.07 14.34
N PRO C 808 44.73 -7.72 15.14
CA PRO C 808 44.11 -8.98 14.69
C PRO C 808 43.19 -8.81 13.49
N SER C 809 42.48 -7.69 13.39
CA SER C 809 41.71 -7.38 12.19
C SER C 809 42.68 -6.76 11.19
N LYS C 810 43.11 -7.56 10.22
CA LYS C 810 44.20 -7.17 9.31
C LYS C 810 43.68 -6.18 8.27
N ARG C 811 43.45 -4.95 8.73
CA ARG C 811 42.99 -3.86 7.89
C ARG C 811 44.10 -2.83 7.75
N SER C 812 44.08 -2.11 6.64
CA SER C 812 45.11 -1.12 6.38
C SER C 812 44.85 0.15 7.20
N PHE C 813 45.76 1.11 7.07
CA PHE C 813 45.60 2.41 7.73
C PHE C 813 44.40 3.16 7.19
N ILE C 814 44.24 3.17 5.87
CA ILE C 814 43.11 3.87 5.25
C ILE C 814 41.80 3.16 5.55
N GLU C 815 41.81 1.83 5.60
CA GLU C 815 40.61 1.08 5.99
C GLU C 815 40.26 1.32 7.45
N ASP C 816 41.26 1.48 8.32
CA ASP C 816 41.01 1.85 9.71
C ASP C 816 40.35 3.23 9.80
N LEU C 817 40.83 4.19 8.99
CA LEU C 817 40.20 5.51 8.95
C LEU C 817 38.77 5.43 8.45
N LEU C 818 38.51 4.61 7.44
CA LEU C 818 37.17 4.49 6.86
C LEU C 818 36.18 3.87 7.85
N PHE C 819 36.57 2.78 8.52
CA PHE C 819 35.68 2.23 9.54
C PHE C 819 35.65 3.05 10.83
N ASN C 820 36.56 4.00 11.02
CA ASN C 820 36.42 4.88 12.17
C ASN C 820 35.51 6.07 11.87
N LYS C 821 35.46 6.54 10.62
CA LYS C 821 34.69 7.73 10.32
C LYS C 821 33.19 7.44 10.25
N VAL C 822 32.80 6.30 9.68
CA VAL C 822 31.39 5.96 9.56
C VAL C 822 30.90 5.48 10.92
N THR C 823 30.09 6.29 11.58
CA THR C 823 29.55 5.95 12.89
C THR C 823 28.38 4.98 12.71
N LEU C 824 28.59 3.73 13.08
CA LEU C 824 27.57 2.71 12.92
C LEU C 824 26.43 2.92 13.90
N ALA C 825 25.28 2.32 13.58
CA ALA C 825 24.14 2.34 14.48
C ALA C 825 24.25 1.29 15.59
N ASP C 826 25.26 0.42 15.51
CA ASP C 826 25.50 -0.69 16.44
C ASP C 826 24.27 -1.59 16.53
N ALA C 827 23.93 -2.19 15.40
CA ALA C 827 22.67 -2.90 15.23
C ALA C 827 22.74 -4.28 15.89
N GLY C 828 21.73 -5.10 15.66
CA GLY C 828 21.61 -6.38 16.33
C GLY C 828 22.38 -7.53 15.68
N PHE C 829 23.47 -7.21 14.97
CA PHE C 829 24.30 -8.25 14.40
C PHE C 829 25.13 -8.96 15.47
N ILE C 830 25.28 -8.36 16.64
CA ILE C 830 25.74 -9.04 17.85
C ILE C 830 24.54 -9.10 18.81
N LYS C 831 24.42 -10.20 19.54
CA LYS C 831 23.28 -10.41 20.44
C LYS C 831 23.29 -9.39 21.59
N GLN C 832 22.09 -8.96 21.97
CA GLN C 832 21.95 -7.91 22.96
C GLN C 832 20.79 -8.16 23.93
N TYR C 833 20.20 -9.36 23.93
CA TYR C 833 19.10 -9.61 24.87
C TYR C 833 19.60 -9.73 26.30
N GLY C 834 20.83 -10.19 26.50
CA GLY C 834 21.42 -10.14 27.82
C GLY C 834 21.66 -8.72 28.29
N ASP C 835 22.00 -7.82 27.37
CA ASP C 835 22.14 -6.40 27.71
C ASP C 835 20.78 -5.72 27.86
N CYS C 836 19.77 -6.16 27.10
CA CYS C 836 18.44 -5.57 27.23
C CYS C 836 17.74 -6.02 28.51
N LEU C 837 18.04 -7.23 29.00
CA LEU C 837 17.46 -7.70 30.25
C LEU C 837 18.00 -6.92 31.44
N GLY C 838 19.31 -6.71 31.48
CA GLY C 838 19.91 -5.90 32.53
C GLY C 838 19.67 -4.43 32.30
N ASP C 839 18.80 -3.83 33.11
CA ASP C 839 18.41 -2.43 32.92
C ASP C 839 19.50 -1.53 33.45
N ILE C 840 20.12 -0.76 32.56
CA ILE C 840 21.10 0.25 32.93
C ILE C 840 20.63 1.59 32.36
N ALA C 841 20.65 2.63 33.20
CA ALA C 841 20.16 3.99 32.92
C ALA C 841 18.72 3.98 32.46
N ALA C 842 18.50 4.06 31.16
CA ALA C 842 17.15 4.07 30.58
C ALA C 842 17.07 3.03 29.47
N ARG C 843 15.85 2.83 28.98
CA ARG C 843 15.62 1.87 27.90
C ARG C 843 16.16 2.43 26.58
N ASP C 844 16.90 1.59 25.86
CA ASP C 844 17.51 1.99 24.60
C ASP C 844 16.50 1.95 23.46
N LEU C 845 16.87 2.57 22.34
CA LEU C 845 16.06 2.48 21.14
C LEU C 845 16.14 1.09 20.53
N ILE C 846 17.32 0.47 20.58
CA ILE C 846 17.51 -0.87 20.02
C ILE C 846 16.77 -1.90 20.85
N CYS C 847 16.74 -1.72 22.18
CA CYS C 847 15.96 -2.63 23.04
C CYS C 847 14.46 -2.45 22.81
N ALA C 848 14.02 -1.22 22.52
CA ALA C 848 12.62 -0.99 22.18
C ALA C 848 12.25 -1.60 20.84
N GLN C 849 13.18 -1.57 19.87
CA GLN C 849 12.96 -2.26 18.60
C GLN C 849 12.91 -3.77 18.80
N LYS C 850 13.79 -4.31 19.65
CA LYS C 850 13.88 -5.75 19.84
C LYS C 850 12.67 -6.29 20.60
N PHE C 851 12.16 -5.53 21.56
CA PHE C 851 11.02 -5.97 22.36
C PHE C 851 9.71 -5.96 21.59
N ASN C 852 9.66 -5.32 20.42
CA ASN C 852 8.47 -5.25 19.60
C ASN C 852 8.57 -6.11 18.34
N GLY C 853 9.51 -7.05 18.31
CA GLY C 853 9.57 -8.02 17.24
C GLY C 853 10.41 -7.65 16.05
N LEU C 854 11.24 -6.62 16.14
CA LEU C 854 12.09 -6.18 15.03
C LEU C 854 13.53 -6.59 15.32
N THR C 855 14.16 -7.29 14.37
CA THR C 855 15.45 -7.90 14.59
C THR C 855 16.36 -7.57 13.41
N VAL C 856 17.65 -7.40 13.68
CA VAL C 856 18.67 -7.23 12.65
C VAL C 856 19.53 -8.49 12.62
N LEU C 857 19.67 -9.08 11.43
CA LEU C 857 20.46 -10.27 11.17
C LEU C 857 21.88 -9.91 10.72
N PRO C 858 22.89 -10.64 11.17
CA PRO C 858 24.28 -10.32 10.78
C PRO C 858 24.57 -10.74 9.36
N PRO C 859 25.47 -10.04 8.67
CA PRO C 859 25.82 -10.45 7.31
C PRO C 859 26.65 -11.73 7.28
N LEU C 860 26.66 -12.37 6.11
CA LEU C 860 27.35 -13.65 5.96
C LEU C 860 28.86 -13.47 5.99
N LEU C 861 29.37 -12.42 5.38
CA LEU C 861 30.81 -12.15 5.35
C LEU C 861 31.16 -11.15 6.43
N THR C 862 32.07 -11.52 7.30
CA THR C 862 32.56 -10.62 8.33
C THR C 862 33.51 -9.60 7.72
N ASP C 863 33.87 -8.59 8.50
CA ASP C 863 34.77 -7.53 8.03
C ASP C 863 36.18 -8.06 7.78
N GLU C 864 36.58 -9.12 8.49
CA GLU C 864 37.88 -9.73 8.26
C GLU C 864 37.92 -10.43 6.91
N MET C 865 36.81 -11.04 6.49
CA MET C 865 36.78 -11.71 5.19
C MET C 865 36.77 -10.69 4.05
N ILE C 866 36.06 -9.57 4.22
CA ILE C 866 36.10 -8.49 3.24
C ILE C 866 37.50 -7.90 3.16
N ALA C 867 38.17 -7.76 4.30
CA ALA C 867 39.54 -7.25 4.31
C ALA C 867 40.50 -8.23 3.65
N GLN C 868 40.28 -9.53 3.81
CA GLN C 868 41.12 -10.53 3.15
C GLN C 868 40.92 -10.53 1.63
N TYR C 869 39.66 -10.39 1.18
CA TYR C 869 39.39 -10.19 -0.25
C TYR C 869 40.08 -8.95 -0.80
N THR C 870 40.00 -7.83 -0.08
CA THR C 870 40.64 -6.59 -0.53
C THR C 870 42.16 -6.73 -0.56
N SER C 871 42.73 -7.42 0.44
CA SER C 871 44.17 -7.65 0.47
C SER C 871 44.63 -8.54 -0.67
N ALA C 872 43.84 -9.58 -1.01
CA ALA C 872 44.18 -10.44 -2.13
C ALA C 872 44.11 -9.70 -3.47
N LEU C 873 43.10 -8.84 -3.62
CA LEU C 873 42.98 -8.05 -4.84
C LEU C 873 44.14 -7.05 -4.97
N LEU C 874 44.55 -6.43 -3.85
CA LEU C 874 45.70 -5.52 -3.87
C LEU C 874 46.99 -6.24 -4.19
N ALA C 875 47.22 -7.43 -3.62
CA ALA C 875 48.43 -8.19 -3.91
C ALA C 875 48.47 -8.63 -5.37
N GLY C 876 47.33 -9.05 -5.92
CA GLY C 876 47.26 -9.41 -7.32
C GLY C 876 47.52 -8.24 -8.26
N THR C 877 46.92 -7.08 -7.97
CA THR C 877 47.14 -5.94 -8.86
C THR C 877 48.49 -5.27 -8.65
N ILE C 878 49.17 -5.54 -7.53
CA ILE C 878 50.52 -5.00 -7.36
C ILE C 878 51.54 -5.89 -8.05
N THR C 879 51.43 -7.20 -7.88
CA THR C 879 52.44 -8.08 -8.47
C THR C 879 52.16 -8.37 -9.94
N SER C 880 50.95 -8.82 -10.26
CA SER C 880 50.68 -9.34 -11.59
C SER C 880 50.30 -8.25 -12.58
N GLY C 881 49.37 -7.37 -12.21
CA GLY C 881 48.86 -6.40 -13.14
C GLY C 881 47.43 -6.73 -13.54
N TRP C 882 47.15 -6.84 -14.83
CA TRP C 882 45.85 -7.29 -15.29
C TRP C 882 45.83 -8.77 -15.63
N THR C 883 46.95 -9.48 -15.44
CA THR C 883 47.03 -10.89 -15.81
C THR C 883 46.34 -11.80 -14.80
N PHE C 884 46.19 -11.36 -13.55
CA PHE C 884 45.60 -12.23 -12.54
C PHE C 884 44.09 -12.34 -12.64
N GLY C 885 43.44 -11.43 -13.37
CA GLY C 885 42.00 -11.49 -13.51
C GLY C 885 41.57 -12.12 -14.82
N ALA C 886 42.52 -12.40 -15.70
CA ALA C 886 42.24 -12.99 -17.00
C ALA C 886 42.87 -14.38 -17.15
N GLY C 887 43.19 -15.03 -16.04
CA GLY C 887 43.79 -16.34 -16.08
C GLY C 887 44.67 -16.54 -14.85
N ALA C 888 45.82 -17.17 -15.07
CA ALA C 888 46.79 -17.36 -14.00
C ALA C 888 47.58 -16.08 -13.76
N ALA C 889 48.05 -15.91 -12.53
CA ALA C 889 48.80 -14.72 -12.16
C ALA C 889 50.23 -14.83 -12.67
N LEU C 890 50.61 -13.89 -13.53
CA LEU C 890 51.95 -13.85 -14.11
C LEU C 890 52.69 -12.63 -13.55
N GLN C 891 53.86 -12.87 -12.96
CA GLN C 891 54.59 -11.80 -12.31
C GLN C 891 55.24 -10.88 -13.33
N ILE C 892 55.43 -9.62 -12.93
CA ILE C 892 56.10 -8.60 -13.73
C ILE C 892 56.64 -7.58 -12.73
N PRO C 893 57.81 -6.98 -12.97
CA PRO C 893 58.24 -5.86 -12.11
C PRO C 893 57.30 -4.67 -12.23
N PHE C 894 57.19 -3.91 -11.13
CA PHE C 894 56.18 -2.86 -11.06
C PHE C 894 56.47 -1.69 -11.99
N ALA C 895 57.75 -1.35 -12.18
CA ALA C 895 58.10 -0.31 -13.13
C ALA C 895 57.75 -0.71 -14.56
N MET C 896 57.96 -1.98 -14.89
CA MET C 896 57.60 -2.46 -16.22
C MET C 896 56.08 -2.50 -16.40
N GLN C 897 55.36 -2.84 -15.34
CA GLN C 897 53.90 -2.80 -15.36
C GLN C 897 53.39 -1.38 -15.58
N MET C 898 53.98 -0.40 -14.89
CA MET C 898 53.58 1.00 -15.13
C MET C 898 54.00 1.49 -16.51
N ALA C 899 55.05 0.91 -17.08
CA ALA C 899 55.39 1.25 -18.47
C ALA C 899 54.33 0.73 -19.42
N TYR C 900 53.79 -0.46 -19.15
CA TYR C 900 52.65 -0.98 -19.90
C TYR C 900 51.42 -0.08 -19.74
N ARG C 901 51.16 0.38 -18.52
CA ARG C 901 50.02 1.28 -18.27
C ARG C 901 50.19 2.62 -18.99
N PHE C 902 51.42 3.15 -19.02
CA PHE C 902 51.69 4.38 -19.74
C PHE C 902 51.52 4.20 -21.24
N ASN C 903 51.93 3.03 -21.75
CA ASN C 903 51.74 2.73 -23.17
C ASN C 903 50.26 2.53 -23.50
N GLY C 904 49.45 2.17 -22.51
CA GLY C 904 48.02 1.99 -22.77
C GLY C 904 47.27 3.29 -22.99
N ILE C 905 47.76 4.40 -22.46
CA ILE C 905 47.07 5.68 -22.60
C ILE C 905 47.65 6.53 -23.71
N GLY C 906 48.64 6.05 -24.45
CA GLY C 906 49.20 6.77 -25.55
C GLY C 906 50.49 7.50 -25.29
N VAL C 907 51.15 7.23 -24.16
CA VAL C 907 52.44 7.84 -23.83
C VAL C 907 53.52 6.77 -24.01
N THR C 908 54.63 7.15 -24.63
CA THR C 908 55.74 6.22 -24.85
C THR C 908 56.36 5.83 -23.52
N GLN C 909 56.82 4.57 -23.42
CA GLN C 909 57.25 4.01 -22.15
C GLN C 909 58.60 4.54 -21.67
N ASN C 910 59.34 5.27 -22.50
CA ASN C 910 60.60 5.85 -22.04
C ASN C 910 60.37 7.06 -21.13
N VAL C 911 59.17 7.66 -21.18
CA VAL C 911 58.83 8.77 -20.30
C VAL C 911 58.82 8.32 -18.84
N LEU C 912 58.27 7.12 -18.58
CA LEU C 912 58.34 6.55 -17.24
C LEU C 912 59.77 6.24 -16.83
N TYR C 913 60.56 5.64 -17.72
CA TYR C 913 61.92 5.28 -17.35
C TYR C 913 62.84 6.48 -17.21
N GLU C 914 62.43 7.65 -17.71
CA GLU C 914 63.18 8.87 -17.46
C GLU C 914 62.61 9.73 -16.33
N ASN C 915 61.36 9.50 -15.91
CA ASN C 915 60.76 10.26 -14.82
C ASN C 915 60.22 9.37 -13.72
N GLN C 916 60.85 8.20 -13.49
CA GLN C 916 60.36 7.22 -12.53
C GLN C 916 60.37 7.75 -11.10
N LYS C 917 61.44 8.43 -10.69
CA LYS C 917 61.52 8.96 -9.34
C LYS C 917 60.50 10.09 -9.12
N LEU C 918 60.32 10.93 -10.13
CA LEU C 918 59.32 12.00 -10.05
C LEU C 918 57.90 11.43 -9.97
N ILE C 919 57.63 10.36 -10.73
CA ILE C 919 56.31 9.75 -10.72
C ILE C 919 56.04 9.06 -9.39
N ALA C 920 57.06 8.38 -8.83
CA ALA C 920 56.91 7.76 -7.51
C ALA C 920 56.70 8.80 -6.41
N ASN C 921 57.41 9.93 -6.49
CA ASN C 921 57.23 10.99 -5.50
C ASN C 921 55.85 11.63 -5.61
N GLN C 922 55.35 11.82 -6.84
CA GLN C 922 54.01 12.35 -7.03
C GLN C 922 52.94 11.40 -6.50
N PHE C 923 53.12 10.09 -6.72
CA PHE C 923 52.19 9.11 -6.19
C PHE C 923 52.18 9.08 -4.67
N ASN C 924 53.37 9.16 -4.05
CA ASN C 924 53.45 9.16 -2.60
C ASN C 924 52.85 10.43 -2.00
N SER C 925 53.04 11.57 -2.67
CA SER C 925 52.42 12.81 -2.23
C SER C 925 50.90 12.75 -2.33
N ALA C 926 50.38 12.13 -3.40
CA ALA C 926 48.93 12.00 -3.54
C ALA C 926 48.33 11.07 -2.49
N ILE C 927 49.04 9.99 -2.17
CA ILE C 927 48.58 9.07 -1.12
C ILE C 927 48.59 9.76 0.25
N GLY C 928 49.61 10.57 0.51
CA GLY C 928 49.64 11.35 1.74
C GLY C 928 48.53 12.39 1.81
N LYS C 929 48.17 12.98 0.67
CA LYS C 929 47.05 13.92 0.64
C LYS C 929 45.72 13.22 0.91
N ILE C 930 45.53 12.01 0.38
CA ILE C 930 44.32 11.23 0.68
C ILE C 930 44.27 10.88 2.17
N GLN C 931 45.43 10.55 2.75
CA GLN C 931 45.55 10.28 4.18
C GLN C 931 45.12 11.49 5.03
N ASP C 932 45.64 12.68 4.67
CA ASP C 932 45.30 13.89 5.40
C ASP C 932 43.83 14.28 5.21
N SER C 933 43.29 14.06 4.01
CA SER C 933 41.89 14.38 3.75
C SER C 933 40.95 13.47 4.52
N LEU C 934 41.33 12.20 4.68
CA LEU C 934 40.50 11.31 5.49
C LEU C 934 40.67 11.56 6.98
N SER C 935 41.84 12.03 7.41
CA SER C 935 42.00 12.39 8.82
C SER C 935 41.31 13.70 9.16
N SER C 936 41.10 14.59 8.19
CA SER C 936 40.60 15.94 8.47
C SER C 936 39.09 16.06 8.28
N THR C 937 38.59 15.82 7.07
CA THR C 937 37.21 16.12 6.71
C THR C 937 36.36 14.86 6.75
N ALA C 938 35.18 14.96 7.37
CA ALA C 938 34.27 13.83 7.53
C ALA C 938 33.09 13.86 6.58
N SER C 939 33.05 14.80 5.63
CA SER C 939 31.90 14.99 4.76
C SER C 939 31.98 14.13 3.50
N ALA C 940 33.07 13.41 3.27
CA ALA C 940 33.23 12.61 2.05
C ALA C 940 32.40 11.33 2.10
N LEU C 941 32.20 10.76 3.28
CA LEU C 941 31.59 9.45 3.45
C LEU C 941 30.11 9.54 3.78
N GLY C 942 29.41 10.51 3.18
CA GLY C 942 28.01 10.73 3.50
C GLY C 942 27.07 9.68 2.96
N LYS C 943 27.48 8.92 1.95
CA LYS C 943 26.58 7.94 1.33
C LYS C 943 26.36 6.75 2.24
N LEU C 944 27.43 6.21 2.82
CA LEU C 944 27.29 5.10 3.77
C LEU C 944 26.63 5.54 5.06
N GLN C 945 26.86 6.79 5.47
CA GLN C 945 26.17 7.34 6.63
C GLN C 945 24.68 7.47 6.37
N ASP C 946 24.29 7.87 5.16
CA ASP C 946 22.88 7.92 4.80
C ASP C 946 22.27 6.53 4.75
N VAL C 947 23.05 5.54 4.31
CA VAL C 947 22.60 4.15 4.31
C VAL C 947 22.31 3.66 5.73
N VAL C 948 23.18 4.02 6.69
CA VAL C 948 22.93 3.68 8.09
C VAL C 948 21.72 4.44 8.64
N ASN C 949 21.63 5.74 8.32
CA ASN C 949 20.62 6.61 8.92
C ASN C 949 19.22 6.28 8.46
N HIS C 950 19.05 5.89 7.18
CA HIS C 950 17.73 5.53 6.67
C HIS C 950 17.19 4.29 7.35
N ASN C 951 18.05 3.27 7.54
CA ASN C 951 17.61 2.04 8.17
C ASN C 951 17.38 2.22 9.66
N ALA C 952 18.06 3.18 10.30
CA ALA C 952 17.73 3.48 11.69
C ALA C 952 16.40 4.23 11.81
N GLN C 953 16.19 5.22 10.92
CA GLN C 953 15.00 6.06 11.00
C GLN C 953 13.73 5.29 10.67
N ALA C 954 13.81 4.34 9.72
CA ALA C 954 12.63 3.55 9.37
C ALA C 954 12.18 2.66 10.52
N LEU C 955 13.12 2.03 11.23
CA LEU C 955 12.77 1.21 12.38
C LEU C 955 12.28 2.06 13.54
N ASN C 956 12.84 3.25 13.72
CA ASN C 956 12.34 4.16 14.77
C ASN C 956 10.92 4.61 14.48
N THR C 957 10.60 4.90 13.22
CA THR C 957 9.24 5.23 12.83
C THR C 957 8.28 4.06 13.03
N LEU C 958 8.75 2.83 12.74
CA LEU C 958 7.92 1.64 12.96
C LEU C 958 7.62 1.43 14.43
N VAL C 959 8.58 1.70 15.31
CA VAL C 959 8.31 1.60 16.75
C VAL C 959 7.39 2.72 17.23
N LYS C 960 7.63 3.94 16.77
CA LYS C 960 6.82 5.10 17.17
C LYS C 960 5.37 5.01 16.70
N GLN C 961 5.12 4.29 15.60
CA GLN C 961 3.76 4.09 15.09
C GLN C 961 2.90 3.21 16.00
N LEU C 962 3.47 2.54 17.00
CA LEU C 962 2.69 1.67 17.87
C LEU C 962 1.90 2.44 18.92
N SER C 963 2.15 3.74 19.09
CA SER C 963 1.44 4.53 20.09
C SER C 963 0.22 5.23 19.53
N SER C 964 -0.15 4.97 18.28
CA SER C 964 -1.30 5.60 17.65
C SER C 964 -2.57 4.83 17.98
N LYS C 965 -3.69 5.55 17.98
CA LYS C 965 -4.98 4.97 18.32
C LYS C 965 -5.75 4.46 17.11
N PHE C 966 -5.58 5.13 15.96
CA PHE C 966 -6.26 4.80 14.70
C PHE C 966 -7.79 4.82 14.84
N GLY C 967 -8.28 5.77 15.63
CA GLY C 967 -9.71 5.90 15.86
C GLY C 967 -10.26 5.10 17.03
N ALA C 968 -9.44 4.26 17.66
CA ALA C 968 -9.89 3.48 18.79
C ALA C 968 -9.85 4.34 20.06
N ILE C 969 -10.26 3.74 21.19
CA ILE C 969 -10.29 4.47 22.45
C ILE C 969 -8.94 4.50 23.14
N SER C 970 -8.05 3.57 22.82
CA SER C 970 -6.76 3.48 23.47
C SER C 970 -5.79 2.78 22.54
N SER C 971 -4.52 3.19 22.61
CA SER C 971 -3.47 2.51 21.86
C SER C 971 -2.94 1.29 22.59
N VAL C 972 -3.29 1.11 23.85
CA VAL C 972 -2.85 -0.03 24.63
C VAL C 972 -3.86 -1.15 24.46
N LEU C 973 -3.38 -2.33 24.09
CA LEU C 973 -4.29 -3.43 23.75
C LEU C 973 -4.90 -4.05 25.00
N ASN C 974 -4.10 -4.18 26.06
CA ASN C 974 -4.58 -4.76 27.31
C ASN C 974 -5.62 -3.89 28.00
N ASP C 975 -5.53 -2.57 27.84
CA ASP C 975 -6.55 -1.68 28.38
C ASP C 975 -7.88 -1.85 27.66
N ILE C 976 -7.83 -2.08 26.34
CA ILE C 976 -9.04 -2.39 25.58
C ILE C 976 -9.64 -3.72 26.03
N LEU C 977 -8.79 -4.73 26.24
CA LEU C 977 -9.28 -6.02 26.73
C LEU C 977 -9.88 -5.93 28.13
N SER C 978 -9.27 -5.13 29.01
CA SER C 978 -9.77 -5.03 30.37
C SER C 978 -11.02 -4.16 30.46
N ARG C 979 -11.15 -3.14 29.61
CA ARG C 979 -12.20 -2.15 29.78
C ARG C 979 -13.50 -2.48 29.05
N LEU C 980 -13.48 -3.36 28.07
CA LEU C 980 -14.64 -3.60 27.23
C LEU C 980 -14.98 -5.08 27.16
N ASP C 981 -16.24 -5.37 26.86
CA ASP C 981 -16.68 -6.73 26.59
C ASP C 981 -16.29 -7.12 25.17
N LYS C 982 -16.64 -8.36 24.79
CA LYS C 982 -15.98 -9.04 23.67
C LYS C 982 -16.28 -8.40 22.33
N VAL C 983 -17.51 -7.93 22.10
CA VAL C 983 -17.87 -7.35 20.80
C VAL C 983 -17.20 -6.00 20.60
N GLU C 984 -17.26 -5.13 21.61
CA GLU C 984 -16.64 -3.82 21.51
C GLU C 984 -15.11 -3.92 21.47
N ALA C 985 -14.55 -4.85 22.26
CA ALA C 985 -13.11 -5.11 22.19
C ALA C 985 -12.71 -5.65 20.82
N GLU C 986 -13.56 -6.47 20.20
CA GLU C 986 -13.26 -6.96 18.85
C GLU C 986 -13.25 -5.83 17.83
N VAL C 987 -14.15 -4.86 18.00
CA VAL C 987 -14.17 -3.69 17.10
C VAL C 987 -12.89 -2.86 17.25
N GLN C 988 -12.48 -2.58 18.49
CA GLN C 988 -11.28 -1.77 18.71
C GLN C 988 -10.01 -2.51 18.28
N ILE C 989 -9.95 -3.82 18.53
CA ILE C 989 -8.82 -4.64 18.10
C ILE C 989 -8.73 -4.69 16.57
N ASP C 990 -9.89 -4.73 15.89
CA ASP C 990 -9.88 -4.70 14.44
C ASP C 990 -9.33 -3.39 13.90
N ARG C 991 -9.69 -2.27 14.55
CA ARG C 991 -9.17 -0.96 14.14
C ARG C 991 -7.65 -0.88 14.32
N LEU C 992 -7.15 -1.37 15.47
CA LEU C 992 -5.71 -1.37 15.72
C LEU C 992 -4.96 -2.30 14.78
N ILE C 993 -5.54 -3.47 14.46
CA ILE C 993 -4.92 -4.43 13.56
C ILE C 993 -4.81 -3.85 12.15
N THR C 994 -5.87 -3.17 11.69
CA THR C 994 -5.84 -2.53 10.37
C THR C 994 -4.77 -1.44 10.29
N GLY C 995 -4.68 -0.60 11.33
CA GLY C 995 -3.66 0.44 11.33
C GLY C 995 -2.23 -0.09 11.37
N ARG C 996 -1.99 -1.12 12.19
CA ARG C 996 -0.64 -1.66 12.32
C ARG C 996 -0.22 -2.43 11.06
N LEU C 997 -1.17 -3.13 10.41
CA LEU C 997 -0.87 -3.80 9.15
C LEU C 997 -0.56 -2.79 8.06
N GLN C 998 -1.27 -1.65 8.03
CA GLN C 998 -0.97 -0.60 7.05
C GLN C 998 0.43 -0.03 7.25
N SER C 999 0.81 0.21 8.51
CA SER C 999 2.16 0.74 8.79
C SER C 999 3.25 -0.27 8.40
N LEU C 1000 3.03 -1.55 8.69
CA LEU C 1000 4.01 -2.58 8.37
C LEU C 1000 4.17 -2.76 6.85
N GLN C 1001 3.05 -2.70 6.12
CA GLN C 1001 3.12 -2.81 4.66
C GLN C 1001 3.83 -1.60 4.04
N THR C 1002 3.62 -0.40 4.60
CA THR C 1002 4.35 0.78 4.14
C THR C 1002 5.85 0.64 4.36
N TYR C 1003 6.25 0.10 5.52
CA TYR C 1003 7.66 -0.12 5.80
C TYR C 1003 8.29 -1.11 4.82
N VAL C 1004 7.59 -2.21 4.53
CA VAL C 1004 8.15 -3.24 3.64
C VAL C 1004 8.24 -2.73 2.20
N THR C 1005 7.27 -1.93 1.76
CA THR C 1005 7.33 -1.34 0.41
C THR C 1005 8.50 -0.39 0.26
N GLN C 1006 8.73 0.48 1.26
CA GLN C 1006 9.88 1.39 1.20
C GLN C 1006 11.20 0.63 1.25
N GLN C 1007 11.25 -0.46 2.04
CA GLN C 1007 12.45 -1.29 2.10
C GLN C 1007 12.74 -1.97 0.76
N LEU C 1008 11.70 -2.39 0.04
CA LEU C 1008 11.88 -3.02 -1.25
C LEU C 1008 12.43 -2.04 -2.29
N ILE C 1009 11.92 -0.80 -2.28
CA ILE C 1009 12.41 0.21 -3.22
C ILE C 1009 13.86 0.57 -2.91
N ARG C 1010 14.20 0.70 -1.62
CA ARG C 1010 15.59 0.98 -1.24
C ARG C 1010 16.52 -0.18 -1.58
N ALA C 1011 16.03 -1.42 -1.48
CA ALA C 1011 16.84 -2.58 -1.83
C ALA C 1011 17.12 -2.63 -3.32
N ALA C 1012 16.15 -2.21 -4.14
CA ALA C 1012 16.39 -2.11 -5.58
C ALA C 1012 17.46 -1.08 -5.91
N GLU C 1013 17.42 0.08 -5.23
CA GLU C 1013 18.45 1.11 -5.45
C GLU C 1013 19.83 0.63 -5.01
N ILE C 1014 19.90 -0.08 -3.87
CA ILE C 1014 21.16 -0.61 -3.36
C ILE C 1014 21.71 -1.69 -4.29
N ARG C 1015 20.82 -2.49 -4.90
CA ARG C 1015 21.27 -3.50 -5.86
C ARG C 1015 21.83 -2.86 -7.12
N ALA C 1016 21.24 -1.76 -7.58
CA ALA C 1016 21.80 -1.03 -8.72
C ALA C 1016 23.18 -0.48 -8.41
N SER C 1017 23.36 0.09 -7.21
CA SER C 1017 24.68 0.59 -6.82
C SER C 1017 25.71 -0.54 -6.65
N ALA C 1018 25.27 -1.70 -6.17
CA ALA C 1018 26.18 -2.84 -6.04
C ALA C 1018 26.58 -3.41 -7.39
N ASN C 1019 25.66 -3.40 -8.37
CA ASN C 1019 26.01 -3.79 -9.73
C ASN C 1019 27.05 -2.85 -10.34
N LEU C 1020 26.89 -1.54 -10.08
CA LEU C 1020 27.90 -0.57 -10.54
C LEU C 1020 29.26 -0.80 -9.86
N ALA C 1021 29.24 -1.11 -8.56
CA ALA C 1021 30.49 -1.35 -7.84
C ALA C 1021 31.19 -2.62 -8.32
N ALA C 1022 30.42 -3.66 -8.67
CA ALA C 1022 31.03 -4.87 -9.21
C ALA C 1022 31.61 -4.63 -10.60
N THR C 1023 30.94 -3.81 -11.42
CA THR C 1023 31.49 -3.42 -12.72
C THR C 1023 32.79 -2.63 -12.57
N LYS C 1024 32.84 -1.72 -11.59
CA LYS C 1024 34.06 -0.94 -11.36
C LYS C 1024 35.18 -1.80 -10.77
N MET C 1025 34.83 -2.85 -10.02
CA MET C 1025 35.86 -3.79 -9.59
C MET C 1025 36.43 -4.58 -10.75
N SER C 1026 35.56 -5.04 -11.66
CA SER C 1026 36.02 -5.85 -12.78
C SER C 1026 36.77 -5.04 -13.83
N GLU C 1027 36.46 -3.75 -13.96
CA GLU C 1027 37.00 -2.95 -15.04
C GLU C 1027 38.11 -1.98 -14.65
N CYS C 1028 38.11 -1.47 -13.42
CA CYS C 1028 39.17 -0.56 -13.00
C CYS C 1028 40.32 -1.27 -12.30
N VAL C 1029 40.04 -2.28 -11.49
CA VAL C 1029 41.08 -2.94 -10.70
C VAL C 1029 41.67 -4.12 -11.45
N LEU C 1030 40.83 -4.92 -12.10
CA LEU C 1030 41.30 -6.09 -12.83
C LEU C 1030 41.78 -5.78 -14.24
N GLY C 1031 41.70 -4.54 -14.68
CA GLY C 1031 42.18 -4.14 -15.98
C GLY C 1031 42.39 -2.65 -16.04
N GLN C 1032 42.67 -2.17 -17.24
CA GLN C 1032 42.83 -0.74 -17.50
C GLN C 1032 41.70 -0.26 -18.40
N SER C 1033 41.02 0.80 -17.99
CA SER C 1033 39.79 1.23 -18.63
C SER C 1033 40.05 2.39 -19.58
N LYS C 1034 39.51 2.30 -20.79
CA LYS C 1034 39.57 3.36 -21.78
C LYS C 1034 38.30 4.19 -21.86
N ARG C 1035 37.31 3.89 -21.02
CA ARG C 1035 36.08 4.67 -20.97
C ARG C 1035 36.32 5.98 -20.23
N VAL C 1036 35.79 7.07 -20.79
CA VAL C 1036 36.05 8.41 -20.29
C VAL C 1036 35.25 8.64 -19.02
N ASP C 1037 35.95 9.07 -17.96
CA ASP C 1037 35.44 9.39 -16.61
C ASP C 1037 34.84 8.20 -15.88
N PHE C 1038 34.91 7.02 -16.47
CA PHE C 1038 34.87 5.77 -15.72
C PHE C 1038 36.25 5.57 -15.10
N CYS C 1039 36.26 5.10 -13.86
CA CYS C 1039 37.48 4.88 -13.07
C CYS C 1039 38.29 6.18 -12.89
N GLY C 1040 37.60 7.28 -12.64
CA GLY C 1040 38.24 8.52 -12.25
C GLY C 1040 38.39 9.50 -13.40
N LYS C 1041 38.82 10.71 -13.05
CA LYS C 1041 38.99 11.80 -14.00
C LYS C 1041 40.44 11.89 -14.46
N GLY C 1042 40.63 11.96 -15.76
CA GLY C 1042 41.94 11.87 -16.36
C GLY C 1042 42.10 10.59 -17.18
N TYR C 1043 43.35 10.27 -17.51
CA TYR C 1043 43.68 9.04 -18.19
C TYR C 1043 44.00 7.97 -17.15
N HIS C 1044 43.19 6.92 -17.12
CA HIS C 1044 43.24 5.93 -16.05
C HIS C 1044 44.50 5.08 -16.14
N LEU C 1045 45.20 4.95 -15.01
CA LEU C 1045 46.36 4.07 -14.90
C LEU C 1045 46.11 2.92 -13.94
N MET C 1046 45.77 3.22 -12.69
CA MET C 1046 45.62 2.21 -11.64
C MET C 1046 44.32 2.43 -10.90
N SER C 1047 43.89 1.41 -10.17
CA SER C 1047 42.83 1.57 -9.18
C SER C 1047 43.03 0.56 -8.08
N PHE C 1048 42.73 0.98 -6.85
CA PHE C 1048 42.92 0.12 -5.68
C PHE C 1048 41.63 0.10 -4.86
N PRO C 1049 41.17 -1.08 -4.44
CA PRO C 1049 39.98 -1.15 -3.59
C PRO C 1049 40.32 -1.03 -2.11
N GLN C 1050 39.33 -0.56 -1.34
CA GLN C 1050 39.36 -0.49 0.11
C GLN C 1050 37.96 -0.80 0.62
N SER C 1051 37.88 -1.55 1.72
CA SER C 1051 36.58 -1.84 2.27
C SER C 1051 36.08 -0.68 3.12
N ALA C 1052 34.76 -0.60 3.29
CA ALA C 1052 34.15 0.44 4.09
C ALA C 1052 32.84 -0.10 4.64
N PRO C 1053 32.33 0.46 5.76
CA PRO C 1053 31.02 0.02 6.28
C PRO C 1053 29.88 0.18 5.27
N HIS C 1054 29.33 -0.97 4.88
CA HIS C 1054 28.30 -1.10 3.84
C HIS C 1054 28.77 -0.54 2.50
N GLY C 1055 30.04 -0.69 2.17
CA GLY C 1055 30.46 -0.14 0.88
C GLY C 1055 31.90 -0.40 0.54
N VAL C 1056 32.29 0.15 -0.60
CA VAL C 1056 33.64 0.02 -1.14
C VAL C 1056 34.13 1.41 -1.53
N VAL C 1057 35.45 1.59 -1.44
CA VAL C 1057 36.11 2.85 -1.78
C VAL C 1057 37.20 2.54 -2.79
N PHE C 1058 37.15 3.20 -3.94
CA PHE C 1058 38.14 3.04 -5.00
C PHE C 1058 39.08 4.23 -4.98
N LEU C 1059 40.38 3.95 -4.96
CA LEU C 1059 41.41 4.97 -5.16
C LEU C 1059 41.87 4.87 -6.61
N HIS C 1060 41.53 5.86 -7.41
CA HIS C 1060 41.81 5.88 -8.84
C HIS C 1060 43.06 6.71 -9.09
N VAL C 1061 44.07 6.08 -9.70
CA VAL C 1061 45.32 6.73 -10.04
C VAL C 1061 45.30 7.05 -11.52
N THR C 1062 45.32 8.36 -11.85
CA THR C 1062 45.16 8.85 -13.20
C THR C 1062 46.29 9.80 -13.56
N TYR C 1063 46.45 9.99 -14.87
CA TYR C 1063 47.47 10.82 -15.49
C TYR C 1063 46.82 12.11 -15.97
N VAL C 1064 47.34 13.25 -15.53
CA VAL C 1064 46.80 14.55 -15.90
C VAL C 1064 47.91 15.35 -16.58
N PRO C 1065 47.67 15.96 -17.73
CA PRO C 1065 48.66 16.87 -18.30
C PRO C 1065 48.80 18.16 -17.48
N ALA C 1066 50.01 18.71 -17.46
CA ALA C 1066 50.32 19.77 -16.50
C ALA C 1066 50.64 21.11 -17.14
N GLN C 1067 51.66 21.20 -17.99
CA GLN C 1067 52.20 22.49 -18.43
C GLN C 1067 52.22 22.55 -19.94
N GLU C 1068 51.49 23.51 -20.51
CA GLU C 1068 51.24 23.59 -21.93
C GLU C 1068 52.23 24.51 -22.63
N LYS C 1069 52.23 24.42 -23.96
CA LYS C 1069 53.07 25.28 -24.79
C LYS C 1069 52.43 25.39 -26.17
N ASN C 1070 52.35 26.60 -26.69
CA ASN C 1070 51.76 26.83 -28.00
C ASN C 1070 52.75 26.46 -29.10
N PHE C 1071 52.24 25.84 -30.16
CA PHE C 1071 53.05 25.51 -31.33
C PHE C 1071 52.22 25.73 -32.58
N THR C 1072 52.90 25.92 -33.71
CA THR C 1072 52.23 25.98 -35.00
C THR C 1072 52.29 24.59 -35.63
N THR C 1073 51.15 24.12 -36.13
CA THR C 1073 51.04 22.74 -36.57
C THR C 1073 50.58 22.68 -38.02
N ALA C 1074 50.84 21.54 -38.65
CA ALA C 1074 50.49 21.29 -40.04
C ALA C 1074 49.92 19.89 -40.16
N PRO C 1075 48.98 19.67 -41.08
CA PRO C 1075 48.45 18.31 -41.29
C PRO C 1075 49.40 17.40 -42.06
N ALA C 1076 50.18 17.95 -42.97
CA ALA C 1076 51.07 17.17 -43.82
C ALA C 1076 52.23 18.04 -44.25
N ILE C 1077 53.28 17.38 -44.76
CA ILE C 1077 54.47 18.07 -45.26
C ILE C 1077 54.68 17.74 -46.74
N CYS C 1078 54.81 18.77 -47.55
CA CYS C 1078 55.18 18.61 -48.95
C CYS C 1078 56.69 18.46 -49.08
N HIS C 1079 57.12 17.40 -49.76
CA HIS C 1079 58.55 17.14 -49.96
C HIS C 1079 58.71 16.34 -51.23
N ASP C 1080 59.46 16.90 -52.20
CA ASP C 1080 59.72 16.31 -53.52
C ASP C 1080 58.42 16.01 -54.27
N GLY C 1081 57.43 16.87 -54.09
CA GLY C 1081 56.13 16.63 -54.69
C GLY C 1081 55.33 15.52 -54.06
N LYS C 1082 55.63 15.16 -52.81
CA LYS C 1082 54.94 14.09 -52.11
C LYS C 1082 54.42 14.59 -50.78
N ALA C 1083 53.31 14.02 -50.33
CA ALA C 1083 52.68 14.41 -49.08
C ALA C 1083 53.03 13.40 -47.99
N HIS C 1084 53.62 13.89 -46.90
CA HIS C 1084 54.00 13.06 -45.77
C HIS C 1084 53.08 13.34 -44.59
N PHE C 1085 52.52 12.26 -44.03
CA PHE C 1085 51.67 12.29 -42.85
C PHE C 1085 52.36 11.52 -41.73
N PRO C 1086 52.21 11.94 -40.47
CA PRO C 1086 52.86 11.20 -39.38
C PRO C 1086 52.15 9.90 -39.08
N ARG C 1087 52.93 8.89 -38.71
CA ARG C 1087 52.33 7.61 -38.32
C ARG C 1087 51.66 7.73 -36.96
N GLU C 1088 52.43 8.03 -35.92
CA GLU C 1088 51.91 8.31 -34.59
C GLU C 1088 52.50 9.62 -34.12
N GLY C 1089 51.66 10.62 -33.93
CA GLY C 1089 52.15 11.91 -33.51
C GLY C 1089 51.60 13.07 -34.31
N VAL C 1090 52.31 14.19 -34.28
CA VAL C 1090 51.83 15.44 -34.87
C VAL C 1090 53.05 16.28 -35.22
N PHE C 1091 52.96 16.99 -36.34
CA PHE C 1091 53.99 17.94 -36.74
C PHE C 1091 53.83 19.22 -35.94
N VAL C 1092 54.92 19.70 -35.35
CA VAL C 1092 54.92 20.95 -34.58
C VAL C 1092 56.08 21.82 -35.04
N SER C 1093 55.94 23.11 -34.78
CA SER C 1093 56.99 24.07 -35.08
C SER C 1093 56.94 25.18 -34.05
N ASN C 1094 58.13 25.58 -33.59
CA ASN C 1094 58.30 26.71 -32.69
C ASN C 1094 58.48 28.04 -33.43
N GLY C 1095 58.57 28.01 -34.75
CA GLY C 1095 58.74 29.22 -35.52
C GLY C 1095 59.79 29.09 -36.60
N THR C 1096 60.79 28.23 -36.38
CA THR C 1096 61.88 28.04 -37.33
C THR C 1096 61.96 26.62 -37.87
N HIS C 1097 61.93 25.61 -37.00
CA HIS C 1097 62.15 24.23 -37.40
C HIS C 1097 60.90 23.40 -37.17
N TRP C 1098 60.75 22.34 -37.96
CA TRP C 1098 59.61 21.45 -37.88
C TRP C 1098 60.05 20.12 -37.28
N PHE C 1099 59.28 19.63 -36.32
CA PHE C 1099 59.55 18.36 -35.66
C PHE C 1099 58.27 17.54 -35.63
N VAL C 1100 58.41 16.26 -35.28
CA VAL C 1100 57.28 15.38 -35.05
C VAL C 1100 57.33 14.92 -33.59
N THR C 1101 56.18 14.95 -32.92
CA THR C 1101 56.13 14.64 -31.51
C THR C 1101 54.91 13.77 -31.21
N GLN C 1102 54.94 13.10 -30.07
CA GLN C 1102 53.78 12.37 -29.62
C GLN C 1102 52.73 13.33 -29.07
N ARG C 1103 51.50 12.83 -28.94
CA ARG C 1103 50.35 13.69 -28.72
C ARG C 1103 50.30 14.20 -27.28
N ASN C 1104 50.55 13.33 -26.31
CA ASN C 1104 50.32 13.62 -24.90
C ASN C 1104 51.57 14.08 -24.15
N PHE C 1105 52.70 14.21 -24.83
CA PHE C 1105 53.93 14.65 -24.19
C PHE C 1105 54.78 15.33 -25.25
N TYR C 1106 55.52 16.35 -24.85
CA TYR C 1106 56.35 17.09 -25.79
C TYR C 1106 57.72 16.40 -25.87
N GLU C 1107 57.90 15.61 -26.93
CA GLU C 1107 59.17 14.95 -27.22
C GLU C 1107 59.47 15.20 -28.70
N PRO C 1108 60.08 16.34 -29.03
CA PRO C 1108 60.30 16.66 -30.45
C PRO C 1108 61.41 15.80 -31.06
N GLN C 1109 61.19 15.39 -32.30
CA GLN C 1109 62.09 14.50 -33.00
C GLN C 1109 62.26 14.95 -34.44
N ILE C 1110 63.36 14.54 -35.05
CA ILE C 1110 63.65 14.92 -36.43
C ILE C 1110 62.73 14.14 -37.36
N ILE C 1111 62.09 14.85 -38.29
CA ILE C 1111 61.16 14.24 -39.23
C ILE C 1111 61.94 13.36 -40.20
N THR C 1112 61.62 12.08 -40.22
CA THR C 1112 62.36 11.06 -40.95
C THR C 1112 61.31 10.15 -41.59
N THR C 1113 61.71 9.41 -42.63
CA THR C 1113 60.82 8.43 -43.25
C THR C 1113 60.44 7.28 -42.34
N ASP C 1114 61.12 7.10 -41.20
CA ASP C 1114 60.75 6.06 -40.26
C ASP C 1114 59.59 6.44 -39.35
N ASN C 1115 59.18 7.71 -39.32
CA ASN C 1115 58.01 8.11 -38.55
C ASN C 1115 56.98 8.86 -39.40
N THR C 1116 57.12 8.84 -40.71
CA THR C 1116 56.12 9.41 -41.62
C THR C 1116 55.82 8.40 -42.71
N PHE C 1117 54.66 8.56 -43.34
CA PHE C 1117 54.28 7.76 -44.50
C PHE C 1117 53.80 8.68 -45.61
N VAL C 1118 53.91 8.18 -46.85
CA VAL C 1118 53.63 8.96 -48.05
C VAL C 1118 52.29 8.51 -48.62
N SER C 1119 51.47 9.49 -49.02
CA SER C 1119 50.18 9.18 -49.65
C SER C 1119 49.83 10.30 -50.60
N GLY C 1120 50.07 10.08 -51.89
CA GLY C 1120 49.66 11.02 -52.91
C GLY C 1120 50.57 12.21 -53.03
N ASN C 1121 50.08 13.21 -53.76
CA ASN C 1121 50.80 14.45 -54.00
C ASN C 1121 50.29 15.57 -53.09
N CYS C 1122 50.76 16.79 -53.35
CA CYS C 1122 50.55 17.92 -52.46
C CYS C 1122 49.34 18.78 -52.84
N ASP C 1123 48.57 18.37 -53.85
CA ASP C 1123 47.55 19.24 -54.42
C ASP C 1123 46.18 19.11 -53.76
N VAL C 1124 45.98 18.15 -52.85
CA VAL C 1124 44.66 17.87 -52.32
C VAL C 1124 44.52 18.18 -50.83
N VAL C 1125 45.62 18.35 -50.09
CA VAL C 1125 45.56 18.56 -48.66
C VAL C 1125 45.61 20.06 -48.38
N ILE C 1126 44.63 20.55 -47.61
CA ILE C 1126 44.54 21.95 -47.26
C ILE C 1126 45.44 22.23 -46.06
N GLY C 1127 46.32 23.21 -46.20
CA GLY C 1127 47.22 23.57 -45.12
C GLY C 1127 48.55 22.85 -45.13
N ILE C 1128 48.93 22.23 -46.24
CA ILE C 1128 50.21 21.52 -46.33
C ILE C 1128 51.34 22.53 -46.37
N VAL C 1129 52.45 22.22 -45.71
CA VAL C 1129 53.59 23.12 -45.62
C VAL C 1129 54.78 22.49 -46.33
N ASN C 1130 55.79 23.32 -46.61
CA ASN C 1130 57.00 22.89 -47.30
C ASN C 1130 58.12 22.72 -46.30
N ASN C 1131 58.73 21.53 -46.29
CA ASN C 1131 59.87 21.24 -45.44
C ASN C 1131 60.67 20.13 -46.11
N THR C 1132 61.59 19.54 -45.36
CA THR C 1132 62.42 18.43 -45.84
C THR C 1132 62.28 17.25 -44.90
N VAL C 1133 62.45 16.05 -45.47
CA VAL C 1133 62.33 14.79 -44.73
C VAL C 1133 63.67 14.07 -44.84
N TYR C 1134 64.27 13.78 -43.69
CA TYR C 1134 65.58 13.15 -43.66
C TYR C 1134 65.50 11.69 -44.04
N ASP C 1135 66.52 11.20 -44.74
CA ASP C 1135 66.63 9.81 -45.13
C ASP C 1135 67.88 9.21 -44.49
N PRO C 1136 67.77 8.16 -43.67
CA PRO C 1136 68.97 7.58 -43.05
C PRO C 1136 69.87 6.82 -44.01
N LEU C 1137 69.35 6.42 -45.18
CA LEU C 1137 70.16 5.67 -46.14
C LEU C 1137 71.13 6.55 -46.92
N GLN C 1138 70.87 7.85 -47.01
CA GLN C 1138 71.76 8.74 -47.77
C GLN C 1138 73.16 8.90 -47.18
N PRO C 1139 73.36 9.12 -45.87
CA PRO C 1139 74.76 9.15 -45.40
C PRO C 1139 75.44 7.78 -45.40
N GLU C 1140 74.67 6.69 -45.30
CA GLU C 1140 75.27 5.36 -45.43
C GLU C 1140 75.70 5.08 -46.86
N LEU C 1141 74.95 5.57 -47.84
CA LEU C 1141 75.33 5.40 -49.23
C LEU C 1141 76.48 6.32 -49.61
N ASP C 1142 76.66 7.43 -48.90
CA ASP C 1142 77.75 8.36 -49.15
C ASP C 1142 79.00 8.03 -48.34
N SER C 1143 78.96 6.97 -47.53
CA SER C 1143 80.12 6.57 -46.74
C SER C 1143 80.44 5.09 -46.94
C1 NAG D . -38.78 -1.65 -35.63
C2 NAG D . -37.79 -2.06 -36.73
C3 NAG D . -38.55 -2.52 -37.98
C4 NAG D . -39.55 -3.61 -37.63
C5 NAG D . -40.47 -3.15 -36.50
C6 NAG D . -41.40 -4.25 -36.01
C7 NAG D . -35.55 -1.05 -37.07
C8 NAG D . -34.97 -2.38 -36.71
N2 NAG D . -36.90 -0.96 -37.06
O3 NAG D . -37.62 -2.99 -38.94
O4 NAG D . -40.33 -3.94 -38.76
O5 NAG D . -39.69 -2.75 -35.37
O6 NAG D . -41.64 -5.21 -37.02
O7 NAG D . -34.85 -0.09 -37.34
C1 NAG E . -38.76 -37.34 -1.34
C2 NAG E . -39.63 -38.52 -0.92
C3 NAG E . -38.80 -39.80 -0.91
C4 NAG E . -38.12 -40.01 -2.26
C5 NAG E . -37.32 -38.77 -2.65
C6 NAG E . -36.74 -38.87 -4.05
C7 NAG E . -41.55 -38.30 0.60
C8 NAG E . -42.00 -38.05 2.00
N2 NAG E . -40.23 -38.29 0.38
O3 NAG E . -39.64 -40.92 -0.61
O4 NAG E . -37.25 -41.14 -2.20
O5 NAG E . -38.16 -37.61 -2.62
O6 NAG E . -37.71 -39.33 -4.98
O7 NAG E . -42.35 -38.51 -0.32
C1 NAG F . -51.34 -20.81 23.64
C2 NAG F . -52.70 -20.51 23.02
C3 NAG F . -53.69 -21.62 23.42
C4 NAG F . -53.13 -23.01 23.13
C5 NAG F . -51.71 -23.15 23.66
C6 NAG F . -51.05 -24.46 23.29
C7 NAG F . -53.75 -18.35 22.56
C8 NAG F . -54.21 -17.04 23.15
N2 NAG F . -53.19 -19.21 23.42
O3 NAG F . -54.93 -21.44 22.72
O4 NAG F . -53.96 -24.01 23.71
O5 NAG F . -50.86 -22.10 23.16
O6 NAG F . -51.91 -25.57 23.52
O7 NAG F . -53.89 -18.60 21.37
C1 NAG G . -11.02 -24.83 -30.77
C2 NAG G . -11.59 -26.21 -31.11
C3 NAG G . -10.47 -27.15 -31.55
C4 NAG G . -9.65 -26.53 -32.67
C5 NAG G . -9.17 -25.14 -32.28
C6 NAG G . -8.47 -24.41 -33.41
C7 NAG G . -13.58 -27.24 -30.05
C8 NAG G . -14.25 -27.17 -31.39
N2 NAG G . -12.31 -26.77 -29.98
O3 NAG G . -11.03 -28.39 -31.96
O4 NAG G . -8.53 -27.35 -32.97
O5 NAG G . -10.28 -24.32 -31.89
O6 NAG G . -9.39 -24.00 -34.42
O7 NAG G . -14.14 -27.70 -29.06
C1 NAG H . 37.08 -23.87 -50.05
C2 NAG H . 37.21 -25.33 -49.61
C3 NAG H . 37.18 -26.25 -50.83
C4 NAG H . 35.95 -25.97 -51.69
C5 NAG H . 35.87 -24.50 -52.05
C6 NAG H . 34.62 -24.13 -52.79
C7 NAG H . 38.59 -26.48 -47.93
C8 NAG H . 39.92 -26.54 -47.25
N2 NAG H . 38.45 -25.53 -48.85
O3 NAG H . 37.16 -27.62 -50.41
O4 NAG H . 36.02 -26.74 -52.89
O5 NAG H . 35.88 -23.71 -50.84
O6 NAG H . 34.02 -22.96 -52.26
O7 NAG H . 37.68 -27.27 -47.66
C1 NAG I . 29.95 -10.11 -54.92
C2 NAG I . 28.95 -9.21 -55.65
C3 NAG I . 27.51 -9.59 -55.31
C4 NAG I . 27.27 -11.07 -55.54
C5 NAG I . 28.32 -11.90 -54.80
C6 NAG I . 28.22 -13.38 -55.10
C7 NAG I . 29.16 -7.11 -54.26
C8 NAG I . 29.46 -5.64 -54.36
N2 NAG I . 29.21 -7.78 -55.44
O3 NAG I . 26.61 -8.82 -56.10
O4 NAG I . 25.97 -11.44 -55.10
O5 NAG I . 29.64 -11.50 -55.18
O6 NAG I . 28.69 -13.67 -56.41
O7 NAG I . 28.91 -7.66 -53.19
C1 NAG J . 54.45 -22.18 -55.10
C2 NAG J . 53.54 -23.32 -55.57
C3 NAG J . 54.10 -24.67 -55.13
C4 NAG J . 55.55 -24.82 -55.58
C5 NAG J . 56.38 -23.64 -55.08
C6 NAG J . 57.81 -23.67 -55.59
C7 NAG J . 51.10 -23.25 -55.86
C8 NAG J . 49.78 -23.04 -55.18
N2 NAG J . 52.18 -23.15 -55.08
O3 NAG J . 53.31 -25.71 -55.68
O4 NAG J . 56.10 -26.04 -55.06
O5 NAG J . 55.80 -22.41 -55.54
O6 NAG J . 58.46 -22.43 -55.37
O7 NAG J . 51.19 -23.49 -57.06
C1 NAG K . -21.74 30.79 -24.30
C2 NAG K . -21.50 30.43 -25.76
C3 NAG K . -20.74 31.55 -26.47
C4 NAG K . -21.46 32.88 -26.29
C5 NAG K . -21.69 33.16 -24.81
C6 NAG K . -22.50 34.41 -24.56
C7 NAG K . -21.18 28.14 -26.63
C8 NAG K . -22.45 28.31 -27.42
N2 NAG K . -20.79 29.17 -25.87
O3 NAG K . -20.64 31.24 -27.86
O4 NAG K . -20.67 33.94 -26.84
O5 NAG K . -22.42 32.07 -24.22
O6 NAG K . -21.82 35.57 -25.00
O7 NAG K . -20.52 27.10 -26.70
C1 NAG L . -48.80 -3.01 -10.51
C2 NAG L . -49.84 -4.08 -10.85
C3 NAG L . -49.15 -5.40 -11.22
C4 NAG L . -48.12 -5.18 -12.31
C5 NAG L . -47.15 -4.07 -11.92
C6 NAG L . -46.17 -3.71 -13.02
C7 NAG L . -52.07 -3.97 -9.80
C8 NAG L . -52.86 -4.24 -8.56
N2 NAG L . -50.77 -4.29 -9.73
O3 NAG L . -50.13 -6.34 -11.64
O4 NAG L . -47.39 -6.38 -12.54
O5 NAG L . -47.88 -2.87 -11.61
O6 NAG L . -44.85 -3.58 -12.51
O7 NAG L . -52.57 -3.50 -10.82
C1 NAG M . 25.16 27.05 -42.09
C2 NAG M . 25.56 27.99 -43.24
C3 NAG M . 24.62 29.19 -43.28
C4 NAG M . 23.17 28.75 -43.34
C5 NAG M . 22.86 27.82 -42.17
C6 NAG M . 21.47 27.25 -42.21
C7 NAG M . 27.75 28.66 -44.13
C8 NAG M . 29.14 29.10 -43.80
N2 NAG M . 26.94 28.43 -43.09
O3 NAG M . 24.92 30.00 -44.42
O4 NAG M . 22.30 29.87 -43.27
O5 NAG M . 23.77 26.70 -42.21
O6 NAG M . 21.49 25.83 -42.26
O7 NAG M . 27.38 28.50 -45.29
C1 NAG N . 5.35 -44.18 28.02
C2 NAG N . 6.75 -44.55 27.53
C3 NAG N . 7.37 -45.57 28.47
C4 NAG N . 7.36 -45.05 29.91
C5 NAG N . 5.94 -44.65 30.31
C6 NAG N . 5.88 -43.98 31.67
C7 NAG N . 7.42 -44.59 25.14
C8 NAG N . 8.32 -43.42 25.45
N2 NAG N . 6.70 -45.07 26.17
O3 NAG N . 8.71 -45.84 28.06
O4 NAG N . 7.82 -46.07 30.79
O5 NAG N . 5.42 -43.69 29.37
O6 NAG N . 6.10 -44.93 32.72
O7 NAG N . 7.35 -45.06 24.02
C1 NAG O . -1.52 -1.01 53.62
C2 NAG O . -1.79 -0.38 54.99
C3 NAG O . -0.79 0.74 55.25
C4 NAG O . 0.64 0.22 55.11
C5 NAG O . 0.83 -0.45 53.75
C6 NAG O . 2.18 -1.11 53.61
C7 NAG O . -4.12 -0.51 55.74
C8 NAG O . -5.47 0.15 55.73
N2 NAG O . -3.15 0.13 55.07
O3 NAG O . -0.99 1.27 56.56
O4 NAG O . 1.57 1.29 55.26
O5 NAG O . -0.15 -1.48 53.56
O6 NAG O . 2.87 -1.19 54.85
O7 NAG O . -3.93 -1.56 56.33
C1 NAG P . -33.69 3.10 51.19
C2 NAG P . -34.04 1.62 50.92
C3 NAG P . -35.34 1.26 51.64
C4 NAG P . -35.26 1.60 53.13
C5 NAG P . -34.89 3.07 53.31
C6 NAG P . -34.67 3.45 54.75
C7 NAG P . -33.76 0.22 48.93
C8 NAG P . -33.97 0.12 47.46
N2 NAG P . -34.16 1.36 49.50
O3 NAG P . -35.61 -0.13 51.48
O4 NAG P . -36.50 1.35 53.76
O5 NAG P . -33.66 3.34 52.62
O6 NAG P . -33.35 3.94 54.96
O7 NAG P . -33.26 -0.70 49.59
C1 NAG Q . 26.94 -14.52 26.97
C2 NAG Q . 27.42 -15.28 28.22
C3 NAG Q . 28.89 -14.94 28.49
C4 NAG Q . 29.75 -15.21 27.25
C5 NAG Q . 29.18 -14.46 26.05
C6 NAG Q . 29.90 -14.78 24.76
C7 NAG Q . 26.06 -15.86 30.20
C8 NAG Q . 26.36 -17.30 29.91
N2 NAG Q . 26.60 -14.96 29.37
O3 NAG Q . 29.35 -15.73 29.58
O4 NAG Q . 31.08 -14.79 27.49
O5 NAG Q . 27.81 -14.81 25.85
O6 NAG Q . 29.87 -16.18 24.49
O7 NAG Q . 25.37 -15.52 31.16
C1 NAG R . 65.96 -5.97 -6.49
C2 NAG R . 66.35 -4.89 -5.49
C3 NAG R . 67.50 -5.37 -4.60
C4 NAG R . 67.18 -6.71 -3.95
C5 NAG R . 66.76 -7.72 -5.01
C6 NAG R . 66.31 -9.03 -4.43
C7 NAG R . 66.53 -2.44 -5.62
C8 NAG R . 66.95 -1.28 -6.48
N2 NAG R . 66.70 -3.65 -6.17
O3 NAG R . 67.77 -4.41 -3.59
O4 NAG R . 68.31 -7.20 -3.25
O5 NAG R . 65.66 -7.20 -5.79
O6 NAG R . 64.89 -9.07 -4.30
O7 NAG R . 66.07 -2.29 -4.50
C1 NAG S . 59.06 -19.70 -11.34
C2 NAG S . 58.60 -21.17 -11.34
C3 NAG S . 57.73 -21.48 -10.13
C4 NAG S . 58.45 -21.07 -8.84
C5 NAG S . 58.90 -19.61 -8.91
C6 NAG S . 59.74 -19.21 -7.73
C7 NAG S . 56.83 -21.09 -13.13
C8 NAG S . 56.40 -21.70 -14.42
N2 NAG S . 57.96 -21.57 -12.59
O3 NAG S . 57.42 -22.86 -10.10
O4 NAG S . 57.57 -21.24 -7.72
O5 NAG S . 59.70 -19.39 -10.08
O6 NAG S . 61.12 -19.33 -8.01
O7 NAG S . 56.18 -20.18 -12.60
C1 NAG T . 78.06 -1.73 -19.77
C2 NAG T . 78.60 -1.84 -18.34
C3 NAG T . 79.20 -0.51 -17.89
C4 NAG T . 80.23 -0.01 -18.89
C5 NAG T . 79.62 0.05 -20.29
C6 NAG T . 80.63 0.43 -21.35
C7 NAG T . 77.67 -3.32 -16.61
C8 NAG T . 76.49 -3.61 -15.73
N2 NAG T . 77.55 -2.27 -17.42
O3 NAG T . 79.80 -0.67 -16.61
O4 NAG T . 80.68 1.29 -18.52
O5 NAG T . 79.11 -1.25 -20.64
O6 NAG T . 81.15 -0.72 -22.02
O7 NAG T . 78.68 -4.01 -16.59
C1 NAG U . -8.87 -43.61 -7.13
C2 NAG U . -7.54 -44.35 -6.97
C3 NAG U . -7.21 -45.14 -8.24
C4 NAG U . -8.37 -46.06 -8.61
C5 NAG U . -9.67 -45.27 -8.70
C6 NAG U . -10.87 -46.15 -8.92
C7 NAG U . -5.61 -43.57 -5.61
C8 NAG U . -5.83 -44.79 -4.74
N2 NAG U . -6.46 -43.43 -6.64
O3 NAG U . -6.03 -45.90 -8.03
O4 NAG U . -8.11 -46.69 -9.86
O5 NAG U . -9.90 -44.55 -7.49
O6 NAG U . -10.67 -47.46 -8.41
O7 NAG U . -4.73 -42.77 -5.38
C1 NAG V . -17.08 -30.00 35.74
C2 NAG V . -16.80 -30.17 37.24
C3 NAG V . -15.47 -29.50 37.61
C4 NAG V . -14.35 -29.98 36.71
C5 NAG V . -14.72 -29.82 35.24
C6 NAG V . -13.70 -30.39 34.29
C7 NAG V . -18.82 -30.42 38.61
C8 NAG V . -19.86 -29.70 39.41
N2 NAG V . -17.88 -29.65 38.04
O3 NAG V . -15.17 -29.78 38.97
O4 NAG V . -13.15 -29.25 36.98
O5 NAG V . -15.97 -30.49 34.97
O6 NAG V . -13.37 -29.47 33.26
O7 NAG V . -18.81 -31.63 38.48
C1 NAG W . 29.97 -31.42 -35.72
C2 NAG W . 30.40 -32.43 -36.78
C3 NAG W . 29.34 -33.51 -36.97
C4 NAG W . 28.99 -34.16 -35.64
C5 NAG W . 28.57 -33.09 -34.63
C6 NAG W . 28.31 -33.65 -33.26
C7 NAG W . 31.66 -32.13 -38.88
C8 NAG W . 31.79 -31.32 -40.13
N2 NAG W . 30.67 -31.76 -38.05
O3 NAG W . 29.81 -34.49 -37.89
O4 NAG W . 27.93 -35.09 -35.81
O5 NAG W . 29.63 -32.13 -34.50
O6 NAG W . 29.21 -33.11 -32.29
O7 NAG W . 32.41 -33.05 -38.62
C1 NAG X . 4.07 45.08 27.41
C2 NAG X . 5.36 45.60 26.77
C3 NAG X . 5.53 47.09 27.09
C4 NAG X . 4.29 47.87 26.67
C5 NAG X . 3.04 47.26 27.31
C6 NAG X . 1.75 47.91 26.84
C7 NAG X . 7.42 44.27 26.42
C8 NAG X . 7.20 44.43 24.95
N2 NAG X . 6.52 44.85 27.23
O3 NAG X . 6.67 47.59 26.40
O4 NAG X . 4.40 49.23 27.09
O5 NAG X . 2.95 45.87 26.96
O6 NAG X . 1.79 49.32 26.99
O7 NAG X . 8.37 43.65 26.87
C1 NAG Y . -37.75 38.30 0.38
C2 NAG Y . -39.15 38.85 0.10
C3 NAG Y . -39.28 39.23 -1.38
C4 NAG Y . -38.17 40.19 -1.78
C5 NAG Y . -36.80 39.59 -1.43
C6 NAG Y . -35.66 40.55 -1.69
C7 NAG Y . -40.99 38.06 1.52
C8 NAG Y . -41.99 36.97 1.76
N2 NAG Y . -40.18 37.89 0.47
O3 NAG Y . -40.54 39.85 -1.60
O4 NAG Y . -38.22 40.43 -3.18
O5 NAG Y . -36.76 39.25 -0.04
O6 NAG Y . -35.98 41.86 -1.26
O7 NAG Y . -40.90 39.04 2.25
C1 NAG Z . -54.04 18.59 20.02
C2 NAG Z . -54.30 19.22 21.39
C3 NAG Z . -55.60 20.04 21.36
C4 NAG Z . -55.60 21.03 20.20
C5 NAG Z . -55.32 20.29 18.89
C6 NAG Z . -55.23 21.21 17.69
C7 NAG Z . -53.32 17.85 23.18
C8 NAG Z . -53.57 16.78 24.21
N2 NAG Z . -54.36 18.20 22.43
O3 NAG Z . -55.74 20.73 22.60
O4 NAG Z . -56.86 21.67 20.12
O5 NAG Z . -54.06 19.60 19.00
O6 NAG Z . -56.11 20.79 16.66
O7 NAG Z . -52.22 18.36 23.05
C1 NAG AA . 2.86 39.42 -8.72
C2 NAG AA . 2.16 40.72 -9.16
C3 NAG AA . 2.40 40.96 -10.65
C4 NAG AA . 3.89 40.91 -10.98
C5 NAG AA . 4.52 39.62 -10.46
C6 NAG AA . 6.02 39.58 -10.63
C7 NAG AA . 0.08 41.63 -8.19
C8 NAG AA . 0.89 42.81 -7.72
N2 NAG AA . 0.75 40.68 -8.87
O3 NAG AA . 1.87 42.22 -11.01
O4 NAG AA . 4.08 40.99 -12.38
O5 NAG AA . 4.26 39.47 -9.05
O6 NAG AA . 6.65 40.69 -10.00
O7 NAG AA . -1.12 41.55 -7.97
C1 NAG BA . 42.47 30.22 -41.23
C2 NAG BA . 41.43 30.54 -42.31
C3 NAG BA . 41.62 31.97 -42.84
C4 NAG BA . 41.66 32.97 -41.70
C5 NAG BA . 42.71 32.57 -40.66
C6 NAG BA . 42.73 33.46 -39.45
C7 NAG BA . 40.45 29.28 -44.18
C8 NAG BA . 40.71 28.26 -45.25
N2 NAG BA . 41.50 29.58 -43.40
O3 NAG BA . 40.58 32.31 -43.73
O4 NAG BA . 41.98 34.27 -42.19
O5 NAG BA . 42.44 31.23 -40.20
O6 NAG BA . 42.31 32.76 -38.29
O7 NAG BA . 39.36 29.80 -44.03
C1 NAG CA . 48.71 30.40 -26.45
C2 NAG CA . 49.07 30.87 -25.03
C3 NAG CA . 47.86 31.51 -24.34
C4 NAG CA . 47.29 32.64 -25.21
C5 NAG CA . 46.97 32.11 -26.61
C6 NAG CA . 46.54 33.21 -27.55
C7 NAG CA . 49.06 28.66 -23.83
C8 NAG CA . 49.90 27.75 -22.97
N2 NAG CA . 49.64 29.81 -24.20
O3 NAG CA . 48.26 32.04 -23.09
O4 NAG CA . 46.09 33.14 -24.62
O5 NAG CA . 48.15 31.51 -27.19
O6 NAG CA . 47.66 33.85 -28.14
O7 NAG CA . 47.92 28.33 -24.16
C1 NAG DA . 56.11 24.78 -51.79
C2 NAG DA . 55.38 26.12 -51.96
C3 NAG DA . 54.65 26.16 -53.30
C4 NAG DA . 55.61 25.84 -54.45
C5 NAG DA . 56.33 24.52 -54.19
C6 NAG DA . 57.38 24.21 -55.22
C7 NAG DA . 54.24 27.56 -50.35
C8 NAG DA . 53.24 27.62 -49.22
N2 NAG DA . 54.45 26.35 -50.87
O3 NAG DA . 54.08 27.45 -53.50
O4 NAG DA . 54.90 25.77 -55.68
O5 NAG DA . 56.99 24.56 -52.92
O6 NAG DA . 58.64 24.75 -54.85
O7 NAG DA . 54.81 28.56 -50.76
C1 NAG EA . 20.60 12.78 38.29
C2 NAG EA . 21.56 13.92 37.91
C3 NAG EA . 22.98 13.58 38.35
C4 NAG EA . 23.01 13.22 39.83
C5 NAG EA . 22.00 12.12 40.14
C6 NAG EA . 21.89 11.82 41.62
C7 NAG EA . 21.18 15.36 35.94
C8 NAG EA . 20.83 16.47 36.89
N2 NAG EA . 21.52 14.18 36.47
O3 NAG EA . 23.83 14.68 38.09
O4 NAG EA . 24.32 12.76 40.19
O5 NAG EA . 20.69 12.52 39.70
O6 NAG EA . 23.14 11.39 42.15
O7 NAG EA . 21.16 15.53 34.72
C1 NAG FA . -19.75 32.05 31.95
C2 NAG FA . -20.58 33.33 31.77
C3 NAG FA . -20.61 33.74 30.30
C4 NAG FA . -19.22 33.80 29.70
C5 NAG FA . -18.46 32.50 29.96
C6 NAG FA . -17.03 32.54 29.50
C7 NAG FA . -22.27 33.50 33.54
C8 NAG FA . -23.71 33.26 33.90
N2 NAG FA . -21.92 33.17 32.28
O3 NAG FA . -21.25 35.01 30.18
O4 NAG FA . -19.29 34.03 28.30
O5 NAG FA . -18.44 32.23 31.38
O6 NAG FA . -16.45 31.24 29.49
O7 NAG FA . -21.48 33.96 34.33
C1 NAG GA . 56.03 4.81 3.26
C2 NAG GA . 57.45 5.14 3.73
C3 NAG GA . 57.54 5.02 5.26
C4 NAG GA . 56.46 5.85 5.94
C5 NAG GA . 55.09 5.47 5.39
C6 NAG GA . 53.98 6.34 5.93
C7 NAG GA . 59.45 4.74 2.37
C8 NAG GA . 60.37 3.71 1.79
N2 NAG GA . 58.43 4.27 3.10
O3 NAG GA . 58.83 5.44 5.69
O4 NAG GA . 56.48 5.62 7.34
O5 NAG GA . 55.09 5.63 3.96
O6 NAG GA . 54.05 7.66 5.39
O7 NAG GA . 59.61 5.94 2.18
#